data_8FTX
#
_entry.id   8FTX
#
_entity_poly.entity_id   1
_entity_poly.type   'polypeptide(L)'
_entity_poly.pdbx_seq_one_letter_code
;MTRLSEILDQMTTVLNDLKTVMDAEQQQLSVGQINGSQLQRITEEKSSLLATLDYLEQQRRLEQNAQRSANDDIAERWQA
ITEKTQHLRDLNQHNGWLLEGQIERNQQALEVLKPHQEPTLYGADGQTSVSHRGGKKISIVLFQGPSAGLVPRGSGGIEG
MAQHGALETLKDLAEKEVDDAARLLGEMRRGCQQAEEQLKMLIDYQNEYRSNLN
;
_entity_poly.pdbx_strand_id   A
#
# COMPACT_ATOMS: atom_id res chain seq x y z
N MET A 1 -2.59 -33.48 15.21
CA MET A 1 -2.29 -32.95 13.86
C MET A 1 -3.59 -32.44 13.22
N THR A 2 -3.82 -31.14 13.40
CA THR A 2 -5.03 -30.42 12.95
C THR A 2 -4.83 -28.92 13.27
N ARG A 3 -5.89 -28.08 13.10
CA ARG A 3 -5.93 -26.65 13.50
C ARG A 3 -5.07 -25.75 12.59
N LEU A 4 -3.76 -26.03 12.50
CA LEU A 4 -2.85 -25.41 11.50
C LEU A 4 -3.42 -25.53 10.08
N SER A 5 -3.98 -26.71 9.73
CA SER A 5 -4.60 -26.95 8.42
C SER A 5 -5.66 -25.86 8.07
N GLU A 6 -6.53 -25.55 9.06
CA GLU A 6 -7.60 -24.53 8.93
C GLU A 6 -7.02 -23.10 8.86
N ILE A 7 -6.08 -22.80 9.77
CA ILE A 7 -5.44 -21.46 9.92
C ILE A 7 -4.68 -21.07 8.66
N LEU A 8 -3.91 -22.03 8.15
CA LEU A 8 -3.05 -21.82 6.99
C LEU A 8 -3.90 -21.81 5.70
N ASP A 9 -5.06 -22.52 5.73
CA ASP A 9 -6.05 -22.45 4.65
C ASP A 9 -6.70 -21.05 4.61
N GLN A 10 -6.99 -20.51 5.81
CA GLN A 10 -7.59 -19.18 5.96
C GLN A 10 -6.58 -18.10 5.53
N MET A 11 -5.29 -18.31 5.89
CA MET A 11 -4.20 -17.42 5.47
C MET A 11 -4.16 -17.36 3.93
N THR A 12 -4.01 -18.54 3.28
CA THR A 12 -3.77 -18.64 1.83
C THR A 12 -4.95 -18.09 1.00
N THR A 13 -6.21 -18.32 1.47
CA THR A 13 -7.41 -17.80 0.77
C THR A 13 -7.47 -16.26 0.90
N VAL A 14 -7.09 -15.73 2.09
CA VAL A 14 -6.98 -14.29 2.33
C VAL A 14 -5.84 -13.68 1.48
N LEU A 15 -4.77 -14.47 1.25
CA LEU A 15 -3.61 -14.07 0.42
C LEU A 15 -3.96 -14.05 -1.09
N ASN A 16 -4.92 -14.90 -1.48
CA ASN A 16 -5.49 -14.93 -2.86
C ASN A 16 -6.31 -13.66 -3.10
N ASP A 17 -7.15 -13.33 -2.11
CA ASP A 17 -7.93 -12.09 -2.09
C ASP A 17 -7.00 -10.86 -2.05
N LEU A 18 -5.91 -10.95 -1.27
CA LEU A 18 -4.89 -9.88 -1.17
C LEU A 18 -4.03 -9.81 -2.44
N LYS A 19 -3.94 -10.93 -3.17
CA LYS A 19 -3.29 -10.95 -4.49
C LYS A 19 -4.07 -10.00 -5.40
N THR A 20 -5.39 -10.25 -5.50
CA THR A 20 -6.31 -9.40 -6.26
C THR A 20 -6.30 -7.92 -5.77
N VAL A 21 -6.52 -7.74 -4.45
CA VAL A 21 -6.70 -6.43 -3.80
C VAL A 21 -5.42 -5.57 -3.89
N MET A 22 -4.30 -6.09 -3.35
CA MET A 22 -3.02 -5.34 -3.28
C MET A 22 -2.44 -5.06 -4.68
N ASP A 23 -2.64 -6.00 -5.64
CA ASP A 23 -2.21 -5.79 -7.05
C ASP A 23 -3.07 -4.71 -7.73
N ALA A 24 -4.38 -4.70 -7.41
CA ALA A 24 -5.37 -3.78 -8.02
C ALA A 24 -5.13 -2.33 -7.59
N GLU A 25 -4.89 -2.11 -6.27
CA GLU A 25 -4.55 -0.77 -5.76
C GLU A 25 -3.20 -0.32 -6.33
N GLN A 26 -2.18 -1.23 -6.28
CA GLN A 26 -0.83 -1.01 -6.84
C GLN A 26 -0.91 -0.50 -8.29
N GLN A 27 -1.83 -1.09 -9.08
CA GLN A 27 -2.11 -0.70 -10.47
C GLN A 27 -2.55 0.78 -10.53
N GLN A 28 -3.57 1.13 -9.73
CA GLN A 28 -4.17 2.50 -9.73
C GLN A 28 -3.20 3.57 -9.15
N LEU A 29 -2.16 3.12 -8.44
CA LEU A 29 -1.13 4.03 -7.89
C LEU A 29 -0.04 4.29 -8.95
N SER A 30 0.24 3.25 -9.77
CA SER A 30 1.28 3.31 -10.81
C SER A 30 0.75 3.97 -12.11
N VAL A 31 -0.60 3.96 -12.32
CA VAL A 31 -1.21 4.65 -13.49
C VAL A 31 -1.17 6.17 -13.24
N GLY A 32 -1.24 6.55 -11.94
CA GLY A 32 -1.20 7.94 -11.50
C GLY A 32 -2.57 8.47 -11.14
N GLN A 33 -3.64 7.89 -11.72
CA GLN A 33 -5.03 8.26 -11.40
C GLN A 33 -5.47 7.56 -10.11
N ILE A 34 -5.68 8.37 -9.06
CA ILE A 34 -6.19 7.90 -7.78
C ILE A 34 -7.73 7.95 -7.80
N ASN A 35 -8.35 6.76 -7.81
CA ASN A 35 -9.82 6.62 -7.85
C ASN A 35 -10.35 6.49 -6.41
N GLY A 36 -11.21 7.43 -6.01
CA GLY A 36 -11.61 7.57 -4.59
C GLY A 36 -12.39 6.39 -4.02
N SER A 37 -13.57 6.12 -4.61
CA SER A 37 -14.47 5.03 -4.16
C SER A 37 -13.79 3.67 -4.32
N GLN A 38 -13.11 3.49 -5.46
CA GLN A 38 -12.44 2.24 -5.83
C GLN A 38 -11.36 1.88 -4.80
N LEU A 39 -10.38 2.78 -4.61
CA LEU A 39 -9.25 2.56 -3.68
C LEU A 39 -9.72 2.47 -2.23
N GLN A 40 -10.82 3.18 -1.89
CA GLN A 40 -11.39 3.16 -0.53
C GLN A 40 -11.86 1.75 -0.16
N ARG A 41 -12.59 1.12 -1.10
CA ARG A 41 -13.07 -0.26 -0.95
C ARG A 41 -11.91 -1.27 -0.94
N ILE A 42 -10.93 -1.07 -1.86
CA ILE A 42 -9.76 -1.95 -1.99
C ILE A 42 -8.93 -1.94 -0.68
N THR A 43 -8.57 -0.75 -0.20
CA THR A 43 -7.72 -0.60 1.00
C THR A 43 -8.44 -1.04 2.27
N GLU A 44 -9.78 -0.89 2.29
CA GLU A 44 -10.62 -1.39 3.39
C GLU A 44 -10.49 -2.93 3.48
N GLU A 45 -10.59 -3.58 2.30
CA GLU A 45 -10.41 -5.04 2.19
C GLU A 45 -9.01 -5.44 2.65
N LYS A 46 -7.98 -4.73 2.13
CA LYS A 46 -6.57 -5.03 2.45
C LYS A 46 -6.33 -5.01 3.98
N SER A 47 -6.67 -3.88 4.62
CA SER A 47 -6.40 -3.65 6.05
C SER A 47 -7.14 -4.68 6.95
N SER A 48 -8.39 -5.03 6.58
CA SER A 48 -9.17 -6.06 7.30
C SER A 48 -8.53 -7.45 7.15
N LEU A 49 -8.10 -7.76 5.91
CA LEU A 49 -7.49 -9.05 5.54
C LEU A 49 -6.09 -9.20 6.18
N LEU A 50 -5.40 -8.08 6.41
CA LEU A 50 -4.07 -8.05 7.07
C LEU A 50 -4.21 -8.25 8.58
N ALA A 51 -5.27 -7.64 9.15
CA ALA A 51 -5.65 -7.85 10.56
C ALA A 51 -5.97 -9.34 10.82
N THR A 52 -6.59 -9.96 9.81
CA THR A 52 -6.88 -11.39 9.80
C THR A 52 -5.56 -12.20 9.72
N LEU A 53 -4.66 -11.84 8.77
CA LEU A 53 -3.31 -12.49 8.64
C LEU A 53 -2.55 -12.45 9.98
N ASP A 54 -2.69 -11.30 10.66
CA ASP A 54 -1.98 -10.97 11.90
C ASP A 54 -2.46 -11.86 13.06
N TYR A 55 -3.80 -12.04 13.17
CA TYR A 55 -4.40 -12.91 14.22
C TYR A 55 -4.03 -14.39 13.94
N LEU A 56 -4.05 -14.77 12.65
CA LEU A 56 -3.71 -16.14 12.19
C LEU A 56 -2.21 -16.43 12.37
N GLU A 57 -1.39 -15.38 12.24
CA GLU A 57 0.08 -15.43 12.38
C GLU A 57 0.49 -15.73 13.82
N GLN A 58 -0.01 -14.90 14.76
CA GLN A 58 0.29 -15.07 16.19
C GLN A 58 -0.28 -16.42 16.69
N GLN A 59 -1.50 -16.75 16.23
CA GLN A 59 -2.15 -18.02 16.56
C GLN A 59 -1.39 -19.21 15.93
N ARG A 60 -0.81 -19.00 14.72
CA ARG A 60 -0.01 -20.01 14.00
C ARG A 60 1.20 -20.43 14.86
N ARG A 61 1.88 -19.43 15.44
CA ARG A 61 3.01 -19.66 16.36
C ARG A 61 2.55 -20.39 17.64
N LEU A 62 1.36 -20.02 18.15
CA LEU A 62 0.70 -20.75 19.27
C LEU A 62 0.43 -22.22 18.87
N GLU A 63 0.14 -22.45 17.58
CA GLU A 63 -0.11 -23.79 17.02
C GLU A 63 1.19 -24.48 16.57
N GLN A 64 2.31 -23.74 16.51
CA GLN A 64 3.64 -24.35 16.33
C GLN A 64 4.10 -24.92 17.69
N ASN A 65 3.58 -24.33 18.78
CA ASN A 65 3.72 -24.87 20.14
C ASN A 65 2.68 -26.00 20.41
N ALA A 66 1.43 -25.79 19.97
CA ALA A 66 0.30 -26.71 20.25
C ALA A 66 0.33 -27.94 19.32
N GLN A 67 0.53 -27.68 18.04
CA GLN A 67 0.56 -28.70 16.97
C GLN A 67 1.92 -28.71 16.26
N ARG A 68 2.10 -29.69 15.36
CA ARG A 68 3.22 -29.72 14.41
C ARG A 68 2.70 -30.35 13.09
N SER A 69 3.62 -30.78 12.22
CA SER A 69 3.27 -31.28 10.89
C SER A 69 2.63 -32.70 10.92
N ALA A 70 3.42 -33.74 10.56
CA ALA A 70 2.91 -35.11 10.31
C ALA A 70 1.74 -35.15 9.30
N ASN A 71 1.62 -34.09 8.47
CA ASN A 71 0.45 -33.88 7.59
C ASN A 71 0.85 -33.07 6.35
N ASP A 72 0.39 -33.53 5.17
CA ASP A 72 0.71 -32.89 3.88
C ASP A 72 -0.21 -31.68 3.62
N ASP A 73 -1.43 -31.70 4.20
CA ASP A 73 -2.42 -30.61 4.05
C ASP A 73 -1.83 -29.28 4.54
N ILE A 74 -1.35 -29.30 5.79
CA ILE A 74 -0.67 -28.16 6.44
C ILE A 74 0.55 -27.69 5.59
N ALA A 75 1.24 -28.67 4.96
CA ALA A 75 2.45 -28.42 4.16
C ALA A 75 2.15 -27.71 2.83
N GLU A 76 1.05 -28.11 2.16
CA GLU A 76 0.58 -27.50 0.90
C GLU A 76 0.17 -26.04 1.15
N ARG A 77 -0.57 -25.84 2.25
CA ARG A 77 -1.03 -24.52 2.70
C ARG A 77 0.19 -23.61 3.01
N TRP A 78 1.17 -24.21 3.70
CA TRP A 78 2.44 -23.57 4.10
C TRP A 78 3.21 -23.00 2.88
N GLN A 79 3.38 -23.84 1.84
CA GLN A 79 4.09 -23.46 0.60
C GLN A 79 3.32 -22.34 -0.12
N ALA A 80 1.98 -22.48 -0.15
CA ALA A 80 1.08 -21.48 -0.72
C ALA A 80 1.24 -20.10 -0.02
N ILE A 81 1.41 -20.15 1.32
CA ILE A 81 1.60 -18.95 2.14
C ILE A 81 2.93 -18.27 1.79
N THR A 82 4.05 -19.02 1.86
CA THR A 82 5.40 -18.47 1.62
C THR A 82 5.51 -17.81 0.21
N GLU A 83 4.92 -18.48 -0.80
CA GLU A 83 4.84 -17.98 -2.19
C GLU A 83 4.09 -16.63 -2.25
N LYS A 84 2.83 -16.63 -1.79
CA LYS A 84 1.93 -15.47 -1.89
C LYS A 84 2.43 -14.29 -1.03
N THR A 85 2.85 -14.58 0.21
CA THR A 85 3.41 -13.56 1.13
C THR A 85 4.69 -12.91 0.56
N GLN A 86 5.50 -13.70 -0.17
CA GLN A 86 6.72 -13.19 -0.85
C GLN A 86 6.35 -12.21 -1.99
N HIS A 87 5.40 -12.64 -2.84
CA HIS A 87 4.97 -11.84 -4.01
C HIS A 87 4.22 -10.59 -3.56
N LEU A 88 3.45 -10.72 -2.46
CA LEU A 88 2.70 -9.62 -1.87
C LEU A 88 3.65 -8.61 -1.24
N ARG A 89 4.69 -9.11 -0.54
CA ARG A 89 5.71 -8.26 0.13
C ARG A 89 6.45 -7.42 -0.93
N ASP A 90 6.75 -8.06 -2.07
CA ASP A 90 7.46 -7.44 -3.19
C ASP A 90 6.65 -6.30 -3.82
N LEU A 91 5.42 -6.62 -4.28
CA LEU A 91 4.51 -5.64 -4.90
C LEU A 91 4.06 -4.58 -3.88
N ASN A 92 4.17 -4.94 -2.57
CA ASN A 92 3.85 -4.03 -1.44
C ASN A 92 4.96 -3.00 -1.26
N GLN A 93 6.22 -3.43 -1.47
CA GLN A 93 7.38 -2.54 -1.43
C GLN A 93 7.28 -1.54 -2.58
N HIS A 94 6.88 -2.06 -3.74
CA HIS A 94 6.58 -1.27 -4.93
C HIS A 94 5.37 -0.35 -4.68
N ASN A 95 4.33 -0.89 -3.99
CA ASN A 95 3.06 -0.18 -3.68
C ASN A 95 3.36 1.05 -2.79
N GLY A 96 4.19 0.83 -1.75
CA GLY A 96 4.60 1.90 -0.83
C GLY A 96 5.44 2.96 -1.52
N TRP A 97 6.30 2.53 -2.46
CA TRP A 97 7.10 3.42 -3.31
C TRP A 97 6.20 4.29 -4.22
N LEU A 98 5.14 3.66 -4.77
CA LEU A 98 4.15 4.31 -5.65
C LEU A 98 3.34 5.34 -4.87
N LEU A 99 3.03 4.99 -3.60
CA LEU A 99 2.29 5.87 -2.70
C LEU A 99 3.08 7.13 -2.42
N GLU A 100 4.26 6.97 -1.81
CA GLU A 100 5.11 8.10 -1.40
C GLU A 100 5.52 8.96 -2.61
N GLY A 101 5.65 8.31 -3.77
CA GLY A 101 5.92 8.97 -5.04
C GLY A 101 4.73 9.78 -5.55
N GLN A 102 3.51 9.22 -5.43
CA GLN A 102 2.26 9.86 -5.90
C GLN A 102 1.80 10.97 -4.92
N ILE A 103 2.18 10.80 -3.64
CA ILE A 103 1.88 11.75 -2.56
C ILE A 103 2.76 12.99 -2.76
N GLU A 104 4.08 12.79 -2.96
CA GLU A 104 5.01 13.91 -3.22
C GLU A 104 4.67 14.62 -4.56
N ARG A 105 4.29 13.81 -5.57
CA ARG A 105 3.81 14.32 -6.89
C ARG A 105 2.60 15.25 -6.66
N ASN A 106 1.69 14.81 -5.76
CA ASN A 106 0.50 15.60 -5.36
C ASN A 106 0.93 16.93 -4.72
N GLN A 107 1.97 16.88 -3.85
CA GLN A 107 2.42 18.07 -3.09
C GLN A 107 3.09 19.13 -4.02
N GLN A 108 3.84 18.67 -5.05
CA GLN A 108 4.37 19.57 -6.11
C GLN A 108 3.22 20.14 -6.97
N ALA A 109 2.19 19.31 -7.21
CA ALA A 109 0.99 19.74 -7.95
C ALA A 109 0.23 20.84 -7.19
N LEU A 110 0.20 20.71 -5.84
CA LEU A 110 -0.39 21.74 -4.95
C LEU A 110 0.41 23.03 -5.02
N GLU A 111 1.75 22.91 -5.01
CA GLU A 111 2.70 24.03 -5.21
C GLU A 111 2.42 24.80 -6.52
N VAL A 112 2.11 24.04 -7.59
CA VAL A 112 1.81 24.57 -8.93
C VAL A 112 0.45 25.33 -8.97
N LEU A 113 -0.56 24.83 -8.23
CA LEU A 113 -1.90 25.48 -8.17
C LEU A 113 -1.92 26.64 -7.15
N LYS A 114 -1.06 26.55 -6.14
CA LYS A 114 -0.94 27.56 -5.07
C LYS A 114 -0.04 28.72 -5.54
N PRO A 115 -0.44 30.00 -5.27
CA PRO A 115 0.40 31.16 -5.59
C PRO A 115 1.60 31.29 -4.62
N HIS A 116 2.79 31.61 -5.17
CA HIS A 116 4.02 31.80 -4.37
C HIS A 116 3.85 33.06 -3.47
N GLN A 117 3.63 32.83 -2.16
CA GLN A 117 3.31 33.90 -1.19
C GLN A 117 4.46 34.12 -0.19
N GLU A 118 5.31 33.10 -0.06
CA GLU A 118 6.48 33.08 0.84
C GLU A 118 7.74 32.69 0.04
N PRO A 119 8.99 33.04 0.51
CA PRO A 119 10.27 32.71 -0.21
C PRO A 119 10.45 31.22 -0.59
N THR A 120 9.87 30.84 -1.75
CA THR A 120 10.02 29.52 -2.39
C THR A 120 10.64 29.75 -3.79
N LEU A 121 10.82 28.67 -4.57
CA LEU A 121 11.43 28.74 -5.92
C LEU A 121 10.38 29.21 -6.95
N TYR A 122 9.53 28.27 -7.39
CA TYR A 122 8.54 28.48 -8.45
C TYR A 122 7.79 27.16 -8.67
N GLY A 123 6.51 27.24 -9.08
CA GLY A 123 5.70 26.06 -9.38
C GLY A 123 5.95 25.57 -10.80
N ALA A 124 7.20 25.16 -11.06
CA ALA A 124 7.66 24.74 -12.39
C ALA A 124 7.22 23.31 -12.72
N ASP A 125 7.47 22.90 -13.96
CA ASP A 125 7.27 21.51 -14.42
C ASP A 125 8.59 20.74 -14.29
N GLY A 126 8.54 19.44 -14.57
CA GLY A 126 9.73 18.59 -14.57
C GLY A 126 9.39 17.14 -14.82
N GLN A 127 10.37 16.39 -15.36
CA GLN A 127 10.26 14.94 -15.57
C GLN A 127 11.51 14.24 -15.00
N THR A 128 11.50 14.03 -13.68
CA THR A 128 12.55 13.29 -12.96
C THR A 128 12.29 11.77 -13.10
N SER A 129 13.21 10.95 -12.57
CA SER A 129 13.08 9.49 -12.62
C SER A 129 13.82 8.87 -11.41
N VAL A 130 13.07 8.05 -10.65
CA VAL A 130 13.56 7.29 -9.48
C VAL A 130 12.87 5.91 -9.45
N SER A 131 13.65 4.84 -9.16
CA SER A 131 13.17 3.44 -9.24
C SER A 131 13.80 2.53 -8.16
N HIS A 132 14.43 3.14 -7.14
CA HIS A 132 15.02 2.40 -5.99
C HIS A 132 14.11 2.53 -4.78
N ARG A 133 14.49 1.86 -3.67
CA ARG A 133 13.80 2.00 -2.37
C ARG A 133 14.24 3.31 -1.70
N GLY A 134 13.31 3.90 -0.95
CA GLY A 134 13.53 5.13 -0.24
C GLY A 134 12.20 5.79 0.05
N GLY A 135 12.04 7.04 -0.42
CA GLY A 135 10.83 7.81 -0.15
C GLY A 135 10.93 8.54 1.19
N LYS A 136 9.81 8.50 1.97
CA LYS A 136 9.63 9.14 3.31
C LYS A 136 10.55 10.36 3.58
N LYS A 137 10.14 11.54 3.07
CA LYS A 137 10.84 12.83 3.33
C LYS A 137 9.99 13.62 4.36
N ILE A 138 10.32 14.90 4.59
CA ILE A 138 9.50 15.83 5.38
C ILE A 138 8.21 16.21 4.61
N SER A 139 7.28 16.93 5.29
CA SER A 139 6.03 17.42 4.70
C SER A 139 6.34 18.53 3.68
N ILE A 140 6.25 18.17 2.40
CA ILE A 140 6.70 19.00 1.27
C ILE A 140 5.88 20.31 1.14
N VAL A 141 4.57 20.15 1.27
CA VAL A 141 3.59 21.25 1.19
C VAL A 141 3.14 21.63 2.63
N LEU A 142 2.29 22.67 2.78
CA LEU A 142 1.77 23.10 4.12
C LEU A 142 0.88 22.02 4.77
N PHE A 143 0.28 21.16 3.94
CA PHE A 143 -0.49 19.99 4.41
C PHE A 143 0.48 18.87 4.87
N GLN A 144 -0.03 17.96 5.72
CA GLN A 144 0.75 16.79 6.19
C GLN A 144 0.88 15.76 5.05
N GLY A 145 1.96 15.91 4.25
CA GLY A 145 2.32 14.96 3.19
C GLY A 145 3.81 14.61 3.24
N PRO A 146 4.29 13.88 4.30
CA PRO A 146 5.72 13.57 4.49
C PRO A 146 6.15 12.33 3.68
N SER A 147 6.42 12.54 2.39
CA SER A 147 6.70 11.45 1.46
C SER A 147 7.66 11.93 0.35
N ALA A 148 8.20 10.98 -0.42
CA ALA A 148 9.15 11.28 -1.50
C ALA A 148 9.19 10.19 -2.57
N GLY A 149 9.73 10.56 -3.74
CA GLY A 149 9.95 9.63 -4.86
C GLY A 149 9.09 9.98 -6.06
N LEU A 150 8.80 8.96 -6.87
CA LEU A 150 7.96 9.08 -8.07
C LEU A 150 7.55 7.67 -8.52
N VAL A 151 6.33 7.57 -9.09
CA VAL A 151 5.86 6.36 -9.75
C VAL A 151 6.69 6.12 -11.06
N PRO A 152 7.43 4.97 -11.17
CA PRO A 152 8.31 4.67 -12.35
C PRO A 152 7.57 4.68 -13.70
N ARG A 153 6.27 4.29 -13.69
CA ARG A 153 5.41 4.27 -14.89
C ARG A 153 5.07 5.72 -15.31
N GLY A 154 4.66 6.54 -14.32
CA GLY A 154 4.34 7.94 -14.57
C GLY A 154 5.57 8.82 -14.44
N SER A 155 6.49 8.66 -15.41
CA SER A 155 7.76 9.40 -15.46
C SER A 155 7.52 10.89 -15.79
N GLY A 156 7.17 11.67 -14.76
CA GLY A 156 6.85 13.10 -14.91
C GLY A 156 6.77 13.79 -13.57
N GLY A 157 7.80 13.59 -12.74
CA GLY A 157 7.87 14.19 -11.41
C GLY A 157 8.65 15.49 -11.42
N ILE A 158 8.14 16.52 -10.74
CA ILE A 158 8.80 17.83 -10.64
C ILE A 158 9.96 17.75 -9.63
N GLU A 159 10.96 18.64 -9.77
CA GLU A 159 12.12 18.75 -8.85
C GLU A 159 11.65 18.79 -7.37
N GLY A 160 12.43 18.15 -6.48
CA GLY A 160 12.10 17.99 -5.07
C GLY A 160 12.24 19.29 -4.28
N MET A 161 11.31 20.23 -4.54
CA MET A 161 11.22 21.52 -3.86
C MET A 161 10.22 21.41 -2.70
N ALA A 162 10.38 22.27 -1.69
CA ALA A 162 9.48 22.32 -0.53
C ALA A 162 9.19 23.78 -0.17
N GLN A 163 7.90 24.12 0.01
CA GLN A 163 7.48 25.44 0.50
C GLN A 163 7.59 25.49 2.04
N HIS A 164 7.06 26.55 2.64
CA HIS A 164 7.01 26.73 4.10
C HIS A 164 5.86 27.68 4.46
N GLY A 165 4.80 27.66 3.63
CA GLY A 165 3.63 28.52 3.79
C GLY A 165 2.61 27.96 4.76
N ALA A 166 2.95 27.97 6.06
CA ALA A 166 2.11 27.42 7.14
C ALA A 166 0.99 28.42 7.55
N LEU A 167 0.08 28.68 6.62
CA LEU A 167 -1.11 29.54 6.85
C LEU A 167 -2.19 29.17 5.83
N GLU A 168 -3.44 29.12 6.30
CA GLU A 168 -4.58 28.68 5.49
C GLU A 168 -5.90 29.15 6.11
N THR A 169 -6.97 29.15 5.29
CA THR A 169 -8.29 29.67 5.70
C THR A 169 -9.43 29.04 4.87
N LEU A 170 -9.30 29.03 3.52
CA LEU A 170 -10.31 28.41 2.63
C LEU A 170 -9.63 27.80 1.38
N LYS A 171 -10.00 26.56 1.08
CA LYS A 171 -9.53 25.80 -0.11
C LYS A 171 -10.77 25.40 -0.95
N ASP A 172 -10.59 24.55 -1.97
CA ASP A 172 -11.70 23.99 -2.74
C ASP A 172 -11.24 22.67 -3.43
N LEU A 173 -10.36 22.77 -4.43
CA LEU A 173 -9.87 21.60 -5.18
C LEU A 173 -8.63 20.98 -4.50
N ALA A 174 -7.71 21.86 -4.04
CA ALA A 174 -6.47 21.43 -3.35
C ALA A 174 -6.77 20.62 -2.09
N GLU A 175 -7.86 20.98 -1.38
CA GLU A 175 -8.28 20.28 -0.16
C GLU A 175 -8.77 18.86 -0.48
N LYS A 176 -9.41 18.70 -1.65
CA LYS A 176 -9.92 17.39 -2.14
C LYS A 176 -8.79 16.54 -2.73
N GLU A 177 -7.70 17.19 -3.20
CA GLU A 177 -6.49 16.49 -3.64
C GLU A 177 -5.78 15.87 -2.43
N VAL A 178 -5.69 16.65 -1.35
CA VAL A 178 -5.09 16.21 -0.08
C VAL A 178 -6.01 15.20 0.62
N ASP A 179 -7.33 15.45 0.55
CA ASP A 179 -8.32 14.58 1.19
C ASP A 179 -8.25 13.18 0.58
N ASP A 180 -8.46 13.13 -0.75
CA ASP A 180 -8.52 11.88 -1.50
C ASP A 180 -7.17 11.15 -1.44
N ALA A 181 -6.09 11.84 -1.87
CA ALA A 181 -4.76 11.20 -1.91
C ALA A 181 -4.22 10.95 -0.49
N ALA A 182 -3.98 11.99 0.33
CA ALA A 182 -3.27 11.82 1.62
C ALA A 182 -4.03 10.87 2.58
N ARG A 183 -5.38 10.86 2.55
CA ARG A 183 -6.17 9.94 3.40
C ARG A 183 -6.11 8.50 2.85
N LEU A 184 -6.48 8.28 1.55
CA LEU A 184 -6.50 6.91 0.96
C LEU A 184 -5.09 6.31 0.92
N LEU A 185 -4.17 7.06 0.30
CA LEU A 185 -2.75 6.69 0.17
C LEU A 185 -2.07 6.60 1.54
N GLY A 186 -2.53 7.42 2.51
CA GLY A 186 -2.08 7.31 3.91
C GLY A 186 -2.48 6.00 4.57
N GLU A 187 -3.74 5.57 4.37
CA GLU A 187 -4.26 4.30 4.95
C GLU A 187 -3.64 3.08 4.26
N MET A 188 -3.27 3.25 2.98
CA MET A 188 -2.52 2.24 2.24
C MET A 188 -1.04 2.28 2.62
N ARG A 189 -0.53 3.45 3.05
CA ARG A 189 0.89 3.59 3.46
C ARG A 189 1.13 2.88 4.80
N ARG A 190 0.18 3.06 5.72
CA ARG A 190 0.18 2.44 7.05
C ARG A 190 -0.19 0.95 6.95
N GLY A 191 -1.20 0.67 6.12
CA GLY A 191 -1.66 -0.70 5.85
C GLY A 191 -0.57 -1.55 5.21
N CYS A 192 0.08 -1.00 4.17
CA CYS A 192 1.17 -1.68 3.44
C CYS A 192 2.42 -1.81 4.32
N GLN A 193 2.71 -0.80 5.15
CA GLN A 193 3.77 -0.86 6.17
C GLN A 193 3.63 -2.14 7.02
N GLN A 194 2.42 -2.28 7.62
CA GLN A 194 2.02 -3.47 8.41
C GLN A 194 2.10 -4.76 7.56
N ALA A 195 1.69 -4.66 6.27
CA ALA A 195 1.61 -5.81 5.37
C ALA A 195 3.00 -6.39 5.11
N GLU A 196 3.90 -5.61 4.48
CA GLU A 196 5.24 -6.09 4.12
C GLU A 196 6.04 -6.51 5.34
N GLU A 197 5.83 -5.80 6.48
CA GLU A 197 6.45 -6.14 7.77
C GLU A 197 6.06 -7.57 8.22
N GLN A 198 4.74 -7.85 8.31
CA GLN A 198 4.24 -9.14 8.80
C GLN A 198 4.53 -10.27 7.80
N LEU A 199 4.53 -9.96 6.48
CA LEU A 199 4.72 -10.95 5.40
C LEU A 199 6.19 -11.43 5.35
N LYS A 200 7.15 -10.48 5.43
CA LYS A 200 8.59 -10.80 5.38
C LYS A 200 9.00 -11.55 6.66
N MET A 201 8.38 -11.16 7.81
CA MET A 201 8.64 -11.82 9.10
C MET A 201 7.99 -13.21 9.12
N LEU A 202 6.80 -13.35 8.47
CA LEU A 202 6.10 -14.64 8.29
C LEU A 202 7.07 -15.65 7.68
N ILE A 203 7.56 -15.32 6.46
CA ILE A 203 8.50 -16.15 5.69
C ILE A 203 9.77 -16.43 6.52
N ASP A 204 10.27 -15.37 7.20
CA ASP A 204 11.51 -15.41 7.99
C ASP A 204 11.49 -16.54 9.04
N TYR A 205 10.40 -16.61 9.83
CA TYR A 205 10.25 -17.66 10.87
C TYR A 205 9.64 -18.95 10.29
N GLN A 206 9.02 -18.86 9.09
CA GLN A 206 8.19 -19.93 8.50
C GLN A 206 8.97 -21.24 8.22
N ASN A 207 10.30 -21.14 8.03
CA ASN A 207 11.18 -22.31 7.81
C ASN A 207 11.17 -23.30 9.01
N GLU A 208 10.66 -22.82 10.17
CA GLU A 208 10.52 -23.59 11.42
C GLU A 208 9.62 -24.83 11.22
N TYR A 209 8.64 -24.73 10.30
CA TYR A 209 7.73 -25.82 9.97
C TYR A 209 8.48 -26.93 9.18
N ARG A 210 8.23 -28.21 9.55
CA ARG A 210 8.78 -29.40 8.86
C ARG A 210 7.74 -29.95 7.87
N SER A 211 8.17 -30.79 6.91
CA SER A 211 7.25 -31.55 6.02
C SER A 211 6.48 -32.64 6.82
N ASN A 212 5.75 -33.54 6.13
CA ASN A 212 5.02 -34.67 6.77
C ASN A 212 5.95 -35.49 7.71
N LEU A 213 7.23 -35.58 7.34
CA LEU A 213 8.24 -36.26 8.16
C LEU A 213 8.69 -35.33 9.32
N ASN A 214 8.25 -35.67 10.55
CA ASN A 214 8.58 -34.95 11.78
C ASN A 214 8.18 -35.83 12.99
N MET A 1 -5.81 -33.35 7.63
CA MET A 1 -6.34 -32.03 8.02
C MET A 1 -6.59 -31.98 9.54
N THR A 2 -5.78 -31.17 10.26
CA THR A 2 -5.94 -30.93 11.71
C THR A 2 -5.49 -29.49 12.06
N ARG A 3 -6.36 -28.78 12.83
CA ARG A 3 -6.07 -27.49 13.49
C ARG A 3 -5.43 -26.43 12.55
N LEU A 4 -4.09 -26.53 12.37
CA LEU A 4 -3.31 -25.62 11.53
C LEU A 4 -3.82 -25.63 10.08
N SER A 5 -4.14 -26.83 9.56
CA SER A 5 -4.58 -27.03 8.16
C SER A 5 -5.65 -26.01 7.72
N GLU A 6 -6.69 -25.82 8.58
CA GLU A 6 -7.79 -24.86 8.32
C GLU A 6 -7.30 -23.41 8.41
N ILE A 7 -6.58 -23.07 9.50
CA ILE A 7 -6.12 -21.68 9.78
C ILE A 7 -5.19 -21.17 8.65
N LEU A 8 -4.26 -22.05 8.25
CA LEU A 8 -3.25 -21.80 7.21
C LEU A 8 -3.90 -21.74 5.81
N ASP A 9 -4.94 -22.59 5.60
CA ASP A 9 -5.72 -22.60 4.34
C ASP A 9 -6.47 -21.28 4.16
N GLN A 10 -7.10 -20.84 5.26
CA GLN A 10 -7.82 -19.57 5.31
C GLN A 10 -6.83 -18.40 5.21
N MET A 11 -5.59 -18.62 5.66
CA MET A 11 -4.54 -17.62 5.54
C MET A 11 -4.14 -17.42 4.07
N THR A 12 -3.86 -18.54 3.36
CA THR A 12 -3.37 -18.47 1.97
C THR A 12 -4.48 -18.02 0.98
N THR A 13 -5.77 -18.28 1.32
CA THR A 13 -6.89 -17.73 0.52
C THR A 13 -6.99 -16.20 0.74
N VAL A 14 -6.81 -15.72 2.00
CA VAL A 14 -6.75 -14.26 2.32
C VAL A 14 -5.59 -13.60 1.54
N LEU A 15 -4.47 -14.34 1.42
CA LEU A 15 -3.26 -13.89 0.70
C LEU A 15 -3.53 -13.73 -0.83
N ASN A 16 -4.29 -14.67 -1.39
CA ASN A 16 -4.71 -14.64 -2.82
C ASN A 16 -5.68 -13.46 -3.07
N ASP A 17 -6.57 -13.22 -2.09
CA ASP A 17 -7.52 -12.07 -2.14
C ASP A 17 -6.75 -10.75 -2.05
N LEU A 18 -5.69 -10.72 -1.22
CA LEU A 18 -4.77 -9.57 -1.10
C LEU A 18 -3.98 -9.35 -2.39
N LYS A 19 -3.67 -10.46 -3.11
CA LYS A 19 -3.01 -10.37 -4.43
C LYS A 19 -3.92 -9.58 -5.37
N THR A 20 -5.20 -9.99 -5.45
CA THR A 20 -6.20 -9.36 -6.33
C THR A 20 -6.40 -7.85 -6.01
N VAL A 21 -6.63 -7.56 -4.71
CA VAL A 21 -6.92 -6.19 -4.21
C VAL A 21 -5.71 -5.25 -4.43
N MET A 22 -4.54 -5.69 -3.99
CA MET A 22 -3.31 -4.88 -4.01
C MET A 22 -2.66 -4.85 -5.42
N ASP A 23 -3.05 -5.80 -6.29
CA ASP A 23 -2.74 -5.76 -7.74
C ASP A 23 -3.50 -4.58 -8.37
N ALA A 24 -4.80 -4.48 -8.04
CA ALA A 24 -5.66 -3.35 -8.45
C ALA A 24 -5.08 -2.01 -7.96
N GLU A 25 -4.51 -2.04 -6.74
CA GLU A 25 -3.83 -0.89 -6.11
C GLU A 25 -2.62 -0.40 -6.92
N GLN A 26 -1.63 -1.31 -7.13
CA GLN A 26 -0.36 -0.97 -7.79
C GLN A 26 -0.59 -0.52 -9.24
N GLN A 27 -1.64 -1.07 -9.86
CA GLN A 27 -2.05 -0.67 -11.22
C GLN A 27 -2.71 0.74 -11.22
N GLN A 28 -3.54 1.01 -10.19
CA GLN A 28 -4.29 2.29 -10.03
C GLN A 28 -3.34 3.47 -9.69
N LEU A 29 -2.16 3.15 -9.16
CA LEU A 29 -1.09 4.13 -8.91
C LEU A 29 -0.21 4.29 -10.16
N SER A 30 -0.10 3.19 -10.93
CA SER A 30 0.67 3.15 -12.19
C SER A 30 -0.06 3.89 -13.34
N VAL A 31 -1.36 4.20 -13.16
CA VAL A 31 -2.12 5.02 -14.13
C VAL A 31 -1.91 6.52 -13.84
N GLY A 32 -1.51 6.85 -12.59
CA GLY A 32 -1.20 8.23 -12.19
C GLY A 32 -2.42 9.06 -11.80
N GLN A 33 -3.62 8.50 -11.96
CA GLN A 33 -4.88 9.18 -11.62
C GLN A 33 -5.51 8.49 -10.40
N ILE A 34 -5.62 9.24 -9.30
CA ILE A 34 -6.15 8.73 -8.02
C ILE A 34 -7.69 8.79 -8.03
N ASN A 35 -8.31 7.61 -7.94
CA ASN A 35 -9.77 7.47 -7.90
C ASN A 35 -10.21 7.13 -6.47
N GLY A 36 -11.09 7.99 -5.92
CA GLY A 36 -11.52 7.92 -4.51
C GLY A 36 -12.18 6.61 -4.14
N SER A 37 -13.27 6.27 -4.86
CA SER A 37 -14.11 5.08 -4.57
C SER A 37 -13.31 3.77 -4.74
N GLN A 38 -12.48 3.72 -5.78
CA GLN A 38 -11.69 2.53 -6.14
C GLN A 38 -10.66 2.21 -5.05
N LEU A 39 -9.82 3.21 -4.73
CA LEU A 39 -8.79 3.07 -3.69
C LEU A 39 -9.39 2.98 -2.28
N GLN A 40 -10.65 3.47 -2.10
CA GLN A 40 -11.40 3.31 -0.84
C GLN A 40 -11.65 1.83 -0.60
N ARG A 41 -12.20 1.15 -1.62
CA ARG A 41 -12.48 -0.29 -1.58
C ARG A 41 -11.18 -1.10 -1.37
N ILE A 42 -10.10 -0.66 -2.02
CA ILE A 42 -8.79 -1.32 -1.93
C ILE A 42 -8.17 -1.22 -0.51
N THR A 43 -8.10 0.02 0.05
CA THR A 43 -7.49 0.23 1.39
C THR A 43 -8.37 -0.39 2.50
N GLU A 44 -9.68 -0.49 2.21
CA GLU A 44 -10.66 -1.13 3.09
C GLU A 44 -10.36 -2.65 3.21
N GLU A 45 -10.27 -3.32 2.03
CA GLU A 45 -10.02 -4.77 1.96
C GLU A 45 -8.61 -5.12 2.41
N LYS A 46 -7.61 -4.28 2.07
CA LYS A 46 -6.21 -4.50 2.46
C LYS A 46 -6.09 -4.52 3.99
N SER A 47 -6.63 -3.46 4.63
CA SER A 47 -6.58 -3.31 6.10
C SER A 47 -7.26 -4.49 6.81
N SER A 48 -8.45 -4.86 6.30
CA SER A 48 -9.27 -5.96 6.85
C SER A 48 -8.54 -7.33 6.78
N LEU A 49 -7.97 -7.61 5.60
CA LEU A 49 -7.36 -8.92 5.28
C LEU A 49 -5.99 -9.09 6.01
N LEU A 50 -5.18 -8.00 6.06
CA LEU A 50 -3.89 -7.98 6.83
C LEU A 50 -4.14 -8.12 8.34
N ALA A 51 -5.24 -7.50 8.82
CA ALA A 51 -5.69 -7.62 10.21
C ALA A 51 -6.02 -9.10 10.53
N THR A 52 -6.73 -9.75 9.58
CA THR A 52 -7.06 -11.17 9.70
C THR A 52 -5.79 -12.04 9.61
N LEU A 53 -4.76 -11.63 8.83
CA LEU A 53 -3.47 -12.36 8.75
C LEU A 53 -2.73 -12.39 10.09
N ASP A 54 -2.71 -11.25 10.79
CA ASP A 54 -2.10 -11.14 12.13
C ASP A 54 -2.86 -12.04 13.11
N TYR A 55 -4.21 -11.94 13.06
CA TYR A 55 -5.15 -12.83 13.78
C TYR A 55 -4.82 -14.32 13.54
N LEU A 56 -4.71 -14.70 12.26
CA LEU A 56 -4.49 -16.08 11.81
C LEU A 56 -3.11 -16.57 12.29
N GLU A 57 -2.09 -15.69 12.17
CA GLU A 57 -0.71 -15.99 12.57
C GLU A 57 -0.65 -16.32 14.06
N GLN A 58 -1.22 -15.43 14.89
CA GLN A 58 -1.20 -15.56 16.36
C GLN A 58 -1.86 -16.87 16.80
N GLN A 59 -3.05 -17.17 16.22
CA GLN A 59 -3.81 -18.39 16.54
C GLN A 59 -3.02 -19.65 16.15
N ARG A 60 -2.47 -19.66 14.92
CA ARG A 60 -1.72 -20.79 14.38
C ARG A 60 -0.31 -20.89 15.00
N ARG A 61 0.19 -19.77 15.58
CA ARG A 61 1.48 -19.73 16.29
C ARG A 61 1.35 -20.56 17.57
N LEU A 62 0.30 -20.22 18.36
CA LEU A 62 -0.01 -20.90 19.62
C LEU A 62 -0.36 -22.38 19.33
N GLU A 63 -1.09 -22.57 18.22
CA GLU A 63 -1.58 -23.89 17.78
C GLU A 63 -0.44 -24.76 17.22
N GLN A 64 0.57 -24.13 16.56
CA GLN A 64 1.77 -24.84 16.01
C GLN A 64 2.58 -25.40 17.18
N ASN A 65 2.75 -24.53 18.20
CA ASN A 65 3.46 -24.86 19.43
C ASN A 65 2.67 -25.91 20.26
N ALA A 66 1.33 -25.90 20.12
CA ALA A 66 0.44 -26.87 20.81
C ALA A 66 0.34 -28.22 20.07
N GLN A 67 0.57 -28.20 18.73
CA GLN A 67 0.46 -29.40 17.85
C GLN A 67 1.84 -29.97 17.49
N ARG A 68 1.81 -31.04 16.67
CA ARG A 68 3.00 -31.77 16.19
C ARG A 68 2.98 -31.85 14.65
N SER A 69 3.92 -32.64 14.09
CA SER A 69 4.03 -32.91 12.65
C SER A 69 2.98 -33.96 12.20
N ALA A 70 1.70 -33.64 12.43
CA ALA A 70 0.59 -34.59 12.24
C ALA A 70 0.27 -34.83 10.75
N ASN A 71 -0.02 -33.73 10.00
CA ASN A 71 -0.53 -33.82 8.61
C ASN A 71 0.33 -33.02 7.63
N ASP A 72 0.43 -33.56 6.39
CA ASP A 72 1.15 -32.94 5.27
C ASP A 72 0.42 -31.69 4.76
N ASP A 73 -0.92 -31.63 5.01
CA ASP A 73 -1.79 -30.47 4.64
C ASP A 73 -1.19 -29.17 5.16
N ILE A 74 -0.72 -29.22 6.41
CA ILE A 74 -0.14 -28.09 7.13
C ILE A 74 1.11 -27.57 6.37
N ALA A 75 1.99 -28.49 5.94
CA ALA A 75 3.24 -28.18 5.22
C ALA A 75 2.98 -27.61 3.80
N GLU A 76 1.95 -28.17 3.11
CA GLU A 76 1.49 -27.70 1.80
C GLU A 76 0.97 -26.25 1.86
N ARG A 77 0.26 -25.94 2.95
CA ARG A 77 -0.27 -24.60 3.22
C ARG A 77 0.86 -23.62 3.61
N TRP A 78 1.91 -24.11 4.32
CA TRP A 78 3.12 -23.29 4.62
C TRP A 78 3.79 -22.84 3.31
N GLN A 79 3.87 -23.78 2.33
CA GLN A 79 4.39 -23.49 0.98
C GLN A 79 3.57 -22.39 0.29
N ALA A 80 2.24 -22.59 0.26
CA ALA A 80 1.28 -21.65 -0.36
C ALA A 80 1.39 -20.24 0.26
N ILE A 81 1.55 -20.20 1.60
CA ILE A 81 1.72 -18.96 2.36
C ILE A 81 3.00 -18.23 1.94
N THR A 82 4.17 -18.90 2.01
CA THR A 82 5.49 -18.28 1.75
C THR A 82 5.58 -17.68 0.33
N GLU A 83 5.07 -18.44 -0.65
CA GLU A 83 4.97 -17.99 -2.06
C GLU A 83 4.14 -16.70 -2.17
N LYS A 84 2.87 -16.75 -1.69
CA LYS A 84 1.94 -15.62 -1.76
C LYS A 84 2.49 -14.37 -1.04
N THR A 85 2.87 -14.53 0.24
CA THR A 85 3.43 -13.45 1.10
C THR A 85 4.65 -12.76 0.48
N GLN A 86 5.48 -13.56 -0.21
CA GLN A 86 6.65 -13.07 -0.95
C GLN A 86 6.23 -12.11 -2.08
N HIS A 87 5.28 -12.59 -2.91
CA HIS A 87 4.74 -11.80 -4.04
C HIS A 87 3.97 -10.55 -3.53
N LEU A 88 3.27 -10.70 -2.39
CA LEU A 88 2.46 -9.62 -1.79
C LEU A 88 3.36 -8.50 -1.28
N ARG A 89 4.44 -8.87 -0.58
CA ARG A 89 5.42 -7.91 -0.05
C ARG A 89 6.07 -7.16 -1.21
N ASP A 90 6.38 -7.88 -2.32
CA ASP A 90 6.98 -7.28 -3.53
C ASP A 90 6.05 -6.21 -4.15
N LEU A 91 4.80 -6.57 -4.44
CA LEU A 91 3.84 -5.65 -5.09
C LEU A 91 3.37 -4.53 -4.13
N ASN A 92 3.39 -4.79 -2.80
CA ASN A 92 2.96 -3.80 -1.77
C ASN A 92 4.10 -2.79 -1.48
N GLN A 93 5.37 -3.22 -1.57
CA GLN A 93 6.52 -2.30 -1.37
C GLN A 93 6.68 -1.42 -2.62
N HIS A 94 6.38 -2.03 -3.80
CA HIS A 94 6.32 -1.31 -5.09
C HIS A 94 5.27 -0.20 -5.01
N ASN A 95 4.01 -0.58 -4.68
CA ASN A 95 2.87 0.35 -4.65
C ASN A 95 3.01 1.36 -3.51
N GLY A 96 3.69 0.97 -2.42
CA GLY A 96 3.98 1.87 -1.29
C GLY A 96 4.92 3.01 -1.67
N TRP A 97 5.94 2.66 -2.49
CA TRP A 97 6.87 3.62 -3.07
C TRP A 97 6.14 4.51 -4.11
N LEU A 98 5.16 3.89 -4.83
CA LEU A 98 4.28 4.60 -5.78
C LEU A 98 3.35 5.57 -5.04
N LEU A 99 2.95 5.20 -3.79
CA LEU A 99 2.09 6.05 -2.93
C LEU A 99 2.84 7.32 -2.59
N GLU A 100 4.03 7.16 -1.97
CA GLU A 100 4.88 8.29 -1.52
C GLU A 100 5.22 9.22 -2.71
N GLY A 101 5.58 8.59 -3.83
CA GLY A 101 5.92 9.32 -5.05
C GLY A 101 4.73 10.00 -5.70
N GLN A 102 3.52 9.42 -5.54
CA GLN A 102 2.28 9.98 -6.10
C GLN A 102 1.82 11.18 -5.26
N ILE A 103 1.99 11.07 -3.92
CA ILE A 103 1.66 12.13 -2.95
C ILE A 103 2.54 13.37 -3.22
N GLU A 104 3.84 13.12 -3.46
CA GLU A 104 4.83 14.17 -3.82
C GLU A 104 4.40 14.86 -5.14
N ARG A 105 4.12 14.02 -6.15
CA ARG A 105 3.67 14.43 -7.49
C ARG A 105 2.37 15.29 -7.43
N ASN A 106 1.46 14.91 -6.55
CA ASN A 106 0.17 15.60 -6.39
C ASN A 106 0.32 16.89 -5.55
N GLN A 107 1.28 16.92 -4.59
CA GLN A 107 1.60 18.13 -3.79
C GLN A 107 2.18 19.23 -4.69
N GLN A 108 3.21 18.86 -5.48
CA GLN A 108 3.88 19.78 -6.40
C GLN A 108 2.86 20.30 -7.44
N ALA A 109 1.97 19.38 -7.93
CA ALA A 109 0.86 19.72 -8.82
C ALA A 109 -0.04 20.81 -8.20
N LEU A 110 -0.46 20.59 -6.92
CA LEU A 110 -1.32 21.54 -6.17
C LEU A 110 -0.72 22.96 -6.14
N GLU A 111 0.60 23.06 -5.87
CA GLU A 111 1.29 24.37 -5.83
C GLU A 111 1.24 25.07 -7.21
N VAL A 112 1.50 24.29 -8.29
CA VAL A 112 1.43 24.82 -9.68
C VAL A 112 -0.03 25.23 -10.05
N LEU A 113 -1.02 24.55 -9.44
CA LEU A 113 -2.47 24.82 -9.66
C LEU A 113 -2.90 26.12 -8.96
N LYS A 114 -2.33 26.36 -7.77
CA LYS A 114 -2.59 27.59 -7.02
C LYS A 114 -1.88 28.77 -7.69
N PRO A 115 -2.58 29.94 -7.87
CA PRO A 115 -2.00 31.14 -8.52
C PRO A 115 -0.64 31.55 -7.89
N HIS A 116 0.41 31.60 -8.75
CA HIS A 116 1.78 31.99 -8.34
C HIS A 116 1.81 33.52 -8.09
N GLN A 117 2.97 34.05 -7.65
CA GLN A 117 3.17 35.48 -7.34
C GLN A 117 2.95 36.37 -8.60
N GLU A 118 1.65 36.63 -8.84
CA GLU A 118 1.04 37.40 -9.96
C GLU A 118 -0.31 36.69 -10.25
N PRO A 119 -1.37 36.94 -9.40
CA PRO A 119 -2.67 36.22 -9.50
C PRO A 119 -3.37 36.46 -10.85
N THR A 120 -3.57 35.37 -11.61
CA THR A 120 -4.20 35.39 -12.95
C THR A 120 -5.17 34.19 -13.08
N LEU A 121 -4.62 32.97 -13.03
CA LEU A 121 -5.43 31.72 -13.09
C LEU A 121 -5.59 31.18 -11.66
N TYR A 122 -6.84 30.90 -11.27
CA TYR A 122 -7.18 30.36 -9.95
C TYR A 122 -7.62 28.89 -10.06
N GLY A 123 -6.94 28.02 -9.31
CA GLY A 123 -7.36 26.64 -9.14
C GLY A 123 -6.96 25.73 -10.29
N ALA A 124 -7.69 24.61 -10.43
CA ALA A 124 -7.41 23.56 -11.43
C ALA A 124 -8.62 23.31 -12.32
N ASP A 125 -8.49 22.31 -13.22
CA ASP A 125 -9.58 21.89 -14.12
C ASP A 125 -10.45 20.83 -13.42
N GLY A 126 -11.78 20.91 -13.65
CA GLY A 126 -12.76 20.07 -12.95
C GLY A 126 -12.53 18.57 -13.14
N GLN A 127 -12.92 17.77 -12.12
CA GLN A 127 -12.69 16.32 -12.10
C GLN A 127 -13.78 15.60 -12.92
N THR A 128 -13.42 15.26 -14.16
CA THR A 128 -14.24 14.47 -15.10
C THR A 128 -13.40 13.25 -15.56
N SER A 129 -13.96 12.35 -16.39
CA SER A 129 -13.20 11.27 -17.03
C SER A 129 -12.25 11.85 -18.12
N VAL A 130 -11.19 12.48 -17.63
CA VAL A 130 -10.11 13.12 -18.41
C VAL A 130 -8.78 12.84 -17.68
N SER A 131 -7.68 13.48 -18.12
CA SER A 131 -6.38 13.39 -17.43
C SER A 131 -5.48 14.53 -17.91
N HIS A 132 -5.48 15.64 -17.15
CA HIS A 132 -4.60 16.78 -17.43
C HIS A 132 -3.20 16.43 -16.92
N ARG A 133 -2.41 15.83 -17.81
CA ARG A 133 -1.03 15.40 -17.52
C ARG A 133 -0.06 16.59 -17.60
N GLY A 134 1.16 16.37 -17.12
CA GLY A 134 2.20 17.41 -17.13
C GLY A 134 2.59 17.83 -15.72
N GLY A 135 3.60 18.70 -15.64
CA GLY A 135 4.15 19.17 -14.37
C GLY A 135 5.13 18.16 -13.78
N LYS A 136 6.44 18.45 -13.88
CA LYS A 136 7.50 17.57 -13.30
C LYS A 136 8.58 18.45 -12.67
N LYS A 137 8.36 18.85 -11.40
CA LYS A 137 9.28 19.72 -10.64
C LYS A 137 8.93 19.64 -9.14
N ILE A 138 9.92 19.26 -8.30
CA ILE A 138 9.74 19.22 -6.85
C ILE A 138 9.61 20.64 -6.27
N SER A 139 8.36 21.08 -6.09
CA SER A 139 8.04 22.36 -5.47
C SER A 139 7.70 22.13 -3.99
N ILE A 140 8.60 22.58 -3.10
CA ILE A 140 8.52 22.33 -1.66
C ILE A 140 7.33 23.10 -1.01
N VAL A 141 6.15 22.47 -1.07
CA VAL A 141 4.91 23.01 -0.48
C VAL A 141 4.98 23.14 1.04
N LEU A 142 4.04 23.92 1.57
CA LEU A 142 3.80 24.08 3.01
C LEU A 142 3.33 22.77 3.71
N PHE A 143 2.95 21.74 2.92
CA PHE A 143 2.44 20.44 3.44
C PHE A 143 3.57 19.59 4.08
N GLN A 144 3.30 18.29 4.33
CA GLN A 144 4.16 17.40 5.15
C GLN A 144 5.64 17.32 4.68
N GLY A 145 5.91 17.55 3.38
CA GLY A 145 7.28 17.59 2.84
C GLY A 145 7.43 16.76 1.56
N PRO A 146 7.49 17.39 0.33
CA PRO A 146 7.71 16.66 -0.94
C PRO A 146 9.11 15.99 -1.00
N SER A 147 9.14 14.69 -0.69
CA SER A 147 10.35 13.87 -0.81
C SER A 147 10.54 13.47 -2.29
N ALA A 148 11.50 14.16 -2.97
CA ALA A 148 11.83 14.00 -4.40
C ALA A 148 11.89 12.53 -4.87
N GLY A 149 10.78 12.07 -5.43
CA GLY A 149 10.64 10.71 -5.90
C GLY A 149 9.48 10.60 -6.85
N LEU A 150 9.56 11.33 -7.98
CA LEU A 150 8.53 11.31 -9.04
C LEU A 150 8.60 9.95 -9.74
N VAL A 151 7.88 8.98 -9.16
CA VAL A 151 7.91 7.58 -9.60
C VAL A 151 7.47 7.43 -11.09
N PRO A 152 8.35 6.82 -11.96
CA PRO A 152 8.07 6.64 -13.42
C PRO A 152 6.69 5.98 -13.74
N ARG A 153 6.25 5.05 -12.86
CA ARG A 153 4.92 4.40 -13.00
C ARG A 153 3.80 5.39 -12.64
N GLY A 154 3.97 6.10 -11.52
CA GLY A 154 3.02 7.13 -11.09
C GLY A 154 3.24 8.42 -11.83
N SER A 155 2.80 8.44 -13.11
CA SER A 155 2.93 9.60 -14.01
C SER A 155 2.30 10.86 -13.40
N GLY A 156 1.18 10.64 -12.73
CA GLY A 156 0.44 11.71 -12.07
C GLY A 156 -0.35 12.57 -13.02
N GLY A 157 -1.03 13.55 -12.44
CA GLY A 157 -1.73 14.57 -13.20
C GLY A 157 -1.51 15.93 -12.57
N ILE A 158 -2.33 16.89 -12.98
CA ILE A 158 -2.24 18.27 -12.51
C ILE A 158 -3.63 18.92 -12.74
N GLU A 159 -4.63 18.28 -12.11
CA GLU A 159 -6.05 18.68 -12.19
C GLU A 159 -6.70 18.54 -10.81
N GLY A 160 -7.94 19.05 -10.69
CA GLY A 160 -8.69 18.98 -9.43
C GLY A 160 -9.89 19.94 -9.41
N MET A 161 -10.92 19.57 -8.61
CA MET A 161 -12.15 20.36 -8.47
C MET A 161 -12.52 20.44 -6.98
N ALA A 162 -12.61 21.64 -6.43
CA ALA A 162 -12.98 21.88 -5.02
C ALA A 162 -14.45 21.47 -4.77
N GLN A 163 -14.72 21.00 -3.54
CA GLN A 163 -16.07 20.61 -3.09
C GLN A 163 -16.90 21.87 -2.73
N HIS A 164 -16.54 22.48 -1.58
CA HIS A 164 -17.16 23.69 -0.99
C HIS A 164 -16.69 23.75 0.47
N GLY A 165 -16.53 22.56 1.07
CA GLY A 165 -16.05 22.40 2.43
C GLY A 165 -17.12 21.85 3.34
N ALA A 166 -16.87 20.67 3.95
CA ALA A 166 -17.73 20.09 4.98
C ALA A 166 -17.67 20.94 6.26
N LEU A 167 -18.72 20.85 7.10
CA LEU A 167 -18.83 21.61 8.37
C LEU A 167 -17.71 21.13 9.33
N GLU A 168 -16.54 21.75 9.15
CA GLU A 168 -15.28 21.42 9.81
C GLU A 168 -14.28 22.51 9.39
N THR A 169 -13.98 22.54 8.07
CA THR A 169 -13.18 23.61 7.40
C THR A 169 -13.53 23.62 5.89
N LEU A 170 -13.42 24.81 5.25
CA LEU A 170 -13.74 25.00 3.82
C LEU A 170 -12.67 24.32 2.91
N LYS A 171 -12.86 23.01 2.68
CA LYS A 171 -11.94 22.18 1.87
C LYS A 171 -11.94 22.58 0.38
N ASP A 172 -10.77 23.07 -0.04
CA ASP A 172 -10.45 23.42 -1.44
C ASP A 172 -9.65 22.25 -2.09
N LEU A 173 -8.93 22.53 -3.20
CA LEU A 173 -8.06 21.52 -3.89
C LEU A 173 -7.05 20.89 -2.92
N ALA A 174 -6.37 21.78 -2.18
CA ALA A 174 -5.25 21.43 -1.30
C ALA A 174 -5.70 20.52 -0.14
N GLU A 175 -6.78 20.94 0.56
CA GLU A 175 -7.33 20.15 1.69
C GLU A 175 -7.87 18.80 1.23
N LYS A 176 -8.54 18.75 0.05
CA LYS A 176 -9.07 17.49 -0.49
C LYS A 176 -7.92 16.49 -0.72
N GLU A 177 -6.90 16.91 -1.47
CA GLU A 177 -5.79 16.03 -1.86
C GLU A 177 -5.02 15.51 -0.63
N VAL A 178 -4.62 16.44 0.26
CA VAL A 178 -3.87 16.10 1.49
C VAL A 178 -4.65 15.08 2.37
N ASP A 179 -5.91 15.43 2.69
CA ASP A 179 -6.74 14.64 3.62
C ASP A 179 -7.16 13.29 3.01
N ASP A 180 -7.70 13.34 1.78
CA ASP A 180 -8.27 12.16 1.08
C ASP A 180 -7.17 11.15 0.73
N ALA A 181 -6.01 11.65 0.25
CA ALA A 181 -4.83 10.80 -0.03
C ALA A 181 -4.19 10.31 1.27
N ALA A 182 -4.33 11.06 2.38
CA ALA A 182 -3.95 10.57 3.72
C ALA A 182 -4.78 9.31 4.05
N ARG A 183 -6.09 9.36 3.75
CA ARG A 183 -7.01 8.23 4.00
C ARG A 183 -6.62 7.03 3.12
N LEU A 184 -6.70 7.21 1.79
CA LEU A 184 -6.45 6.14 0.82
C LEU A 184 -4.98 5.70 0.87
N LEU A 185 -4.08 6.62 0.47
CA LEU A 185 -2.66 6.32 0.25
C LEU A 185 -1.92 6.18 1.61
N GLY A 186 -2.43 6.82 2.68
CA GLY A 186 -1.80 6.74 3.99
C GLY A 186 -2.12 5.45 4.70
N GLU A 187 -3.40 4.98 4.63
CA GLU A 187 -3.78 3.67 5.22
C GLU A 187 -3.21 2.51 4.38
N MET A 188 -2.98 2.75 3.06
CA MET A 188 -2.28 1.79 2.20
C MET A 188 -0.76 1.80 2.48
N ARG A 189 -0.22 2.96 2.92
CA ARG A 189 1.20 3.06 3.36
C ARG A 189 1.38 2.32 4.70
N ARG A 190 0.39 2.48 5.60
CA ARG A 190 0.33 1.78 6.89
C ARG A 190 0.33 0.27 6.64
N GLY A 191 -0.56 -0.13 5.71
CA GLY A 191 -0.69 -1.50 5.28
C GLY A 191 0.53 -2.00 4.52
N CYS A 192 1.26 -1.10 3.83
CA CYS A 192 2.52 -1.44 3.12
C CYS A 192 3.62 -1.81 4.12
N GLN A 193 3.72 -1.01 5.21
CA GLN A 193 4.74 -1.19 6.25
C GLN A 193 4.47 -2.45 7.07
N GLN A 194 3.21 -2.61 7.54
CA GLN A 194 2.82 -3.76 8.35
C GLN A 194 2.81 -5.05 7.52
N ALA A 195 2.48 -4.96 6.20
CA ALA A 195 2.59 -6.12 5.30
C ALA A 195 4.06 -6.50 5.13
N GLU A 196 4.93 -5.51 4.86
CA GLU A 196 6.38 -5.70 4.71
C GLU A 196 6.97 -6.52 5.86
N GLU A 197 6.71 -6.04 7.09
CA GLU A 197 7.23 -6.62 8.34
C GLU A 197 6.63 -8.01 8.64
N GLN A 198 5.29 -8.11 8.52
CA GLN A 198 4.52 -9.33 8.90
C GLN A 198 4.89 -10.48 7.95
N LEU A 199 4.76 -10.21 6.63
CA LEU A 199 5.02 -11.19 5.55
C LEU A 199 6.52 -11.62 5.54
N LYS A 200 7.44 -10.65 5.77
CA LYS A 200 8.90 -10.94 5.97
C LYS A 200 9.08 -11.91 7.15
N MET A 201 8.43 -11.58 8.28
CA MET A 201 8.52 -12.36 9.54
C MET A 201 8.06 -13.80 9.29
N LEU A 202 6.98 -13.94 8.46
CA LEU A 202 6.42 -15.24 8.07
C LEU A 202 7.48 -16.09 7.35
N ILE A 203 8.00 -15.56 6.23
CA ILE A 203 8.99 -16.25 5.36
C ILE A 203 10.30 -16.55 6.12
N ASP A 204 10.58 -15.72 7.14
CA ASP A 204 11.76 -15.85 8.00
C ASP A 204 11.63 -17.09 8.92
N TYR A 205 10.58 -17.14 9.77
CA TYR A 205 10.50 -18.12 10.88
C TYR A 205 9.95 -19.49 10.42
N GLN A 206 9.15 -19.50 9.33
CA GLN A 206 8.37 -20.69 8.85
C GLN A 206 9.19 -21.98 8.65
N ASN A 207 10.53 -21.85 8.53
CA ASN A 207 11.46 -22.97 8.29
C ASN A 207 11.61 -23.83 9.57
N GLU A 208 10.52 -24.54 9.91
CA GLU A 208 10.40 -25.34 11.14
C GLU A 208 9.69 -26.65 10.83
N TYR A 209 8.41 -26.53 10.39
CA TYR A 209 7.47 -27.67 10.27
C TYR A 209 7.96 -28.68 9.22
N ARG A 210 8.37 -29.87 9.71
CA ARG A 210 8.90 -30.99 8.91
C ARG A 210 10.18 -30.63 8.14
N SER A 211 10.91 -29.64 8.68
CA SER A 211 12.19 -29.19 8.14
C SER A 211 13.33 -29.86 8.93
N ASN A 212 13.35 -29.66 10.27
CA ASN A 212 14.39 -30.20 11.17
C ASN A 212 13.77 -30.48 12.56
N LEU A 213 13.01 -31.59 12.65
CA LEU A 213 12.29 -31.99 13.88
C LEU A 213 11.75 -33.44 13.77
N ASN A 214 11.11 -33.91 14.86
CA ASN A 214 10.38 -35.19 14.91
C ASN A 214 8.89 -34.90 15.19
N MET A 1 -7.41 -33.62 10.09
CA MET A 1 -7.05 -32.22 9.77
C MET A 1 -8.05 -31.28 10.47
N THR A 2 -7.56 -30.41 11.39
CA THR A 2 -8.43 -29.51 12.16
C THR A 2 -7.78 -28.13 12.39
N ARG A 3 -6.86 -28.05 13.38
CA ARG A 3 -6.32 -26.77 13.91
C ARG A 3 -5.55 -25.98 12.84
N LEU A 4 -4.27 -26.36 12.60
CA LEU A 4 -3.39 -25.67 11.66
C LEU A 4 -3.92 -25.74 10.23
N SER A 5 -4.47 -26.91 9.85
CA SER A 5 -5.01 -27.16 8.49
C SER A 5 -5.98 -26.03 8.06
N GLU A 6 -6.92 -25.71 8.96
CA GLU A 6 -7.90 -24.65 8.73
C GLU A 6 -7.21 -23.26 8.65
N ILE A 7 -6.38 -22.95 9.66
CA ILE A 7 -5.74 -21.61 9.82
C ILE A 7 -4.81 -21.28 8.61
N LEU A 8 -4.08 -22.30 8.14
CA LEU A 8 -3.14 -22.17 7.00
C LEU A 8 -3.91 -22.02 5.69
N ASP A 9 -5.03 -22.77 5.58
CA ASP A 9 -5.96 -22.68 4.44
C ASP A 9 -6.59 -21.28 4.37
N GLN A 10 -6.94 -20.75 5.55
CA GLN A 10 -7.53 -19.41 5.69
C GLN A 10 -6.48 -18.33 5.43
N MET A 11 -5.23 -18.60 5.83
CA MET A 11 -4.10 -17.69 5.57
C MET A 11 -3.92 -17.53 4.05
N THR A 12 -3.71 -18.66 3.34
CA THR A 12 -3.42 -18.65 1.89
C THR A 12 -4.63 -18.14 1.05
N THR A 13 -5.88 -18.37 1.54
CA THR A 13 -7.09 -17.90 0.81
C THR A 13 -7.24 -16.37 0.96
N VAL A 14 -6.94 -15.84 2.17
CA VAL A 14 -6.95 -14.39 2.42
C VAL A 14 -5.83 -13.71 1.62
N LEU A 15 -4.67 -14.41 1.53
CA LEU A 15 -3.50 -13.96 0.74
C LEU A 15 -3.84 -13.90 -0.77
N ASN A 16 -4.66 -14.86 -1.24
CA ASN A 16 -5.10 -14.93 -2.66
C ASN A 16 -6.06 -13.77 -2.97
N ASP A 17 -6.99 -13.49 -2.05
CA ASP A 17 -7.96 -12.39 -2.20
C ASP A 17 -7.22 -11.04 -2.07
N LEU A 18 -6.16 -11.04 -1.25
CA LEU A 18 -5.22 -9.91 -1.12
C LEU A 18 -4.37 -9.76 -2.37
N LYS A 19 -4.13 -10.86 -3.10
CA LYS A 19 -3.44 -10.79 -4.40
C LYS A 19 -4.30 -9.93 -5.33
N THR A 20 -5.61 -10.28 -5.41
CA THR A 20 -6.60 -9.53 -6.18
C THR A 20 -6.66 -8.03 -5.75
N VAL A 21 -6.81 -7.80 -4.43
CA VAL A 21 -6.97 -6.46 -3.84
C VAL A 21 -5.70 -5.59 -4.07
N MET A 22 -4.58 -6.04 -3.49
CA MET A 22 -3.31 -5.29 -3.48
C MET A 22 -2.78 -5.03 -4.91
N ASP A 23 -3.02 -5.98 -5.84
CA ASP A 23 -2.64 -5.81 -7.27
C ASP A 23 -3.56 -4.78 -7.95
N ALA A 24 -4.86 -4.76 -7.58
CA ALA A 24 -5.86 -3.81 -8.13
C ALA A 24 -5.51 -2.35 -7.78
N GLU A 25 -5.20 -2.09 -6.50
CA GLU A 25 -4.81 -0.74 -6.03
C GLU A 25 -3.45 -0.34 -6.59
N GLN A 26 -2.49 -1.28 -6.63
CA GLN A 26 -1.12 -1.05 -7.16
C GLN A 26 -1.18 -0.57 -8.63
N GLN A 27 -2.10 -1.17 -9.39
CA GLN A 27 -2.41 -0.76 -10.79
C GLN A 27 -3.08 0.63 -10.81
N GLN A 28 -4.07 0.82 -9.92
CA GLN A 28 -4.88 2.06 -9.82
C GLN A 28 -4.03 3.28 -9.41
N LEU A 29 -2.86 3.04 -8.79
CA LEU A 29 -1.92 4.12 -8.45
C LEU A 29 -1.04 4.47 -9.65
N SER A 30 -0.63 3.42 -10.40
CA SER A 30 0.36 3.54 -11.48
C SER A 30 -0.28 4.03 -12.79
N VAL A 31 -1.62 4.12 -12.83
CA VAL A 31 -2.35 4.76 -13.95
C VAL A 31 -2.26 6.30 -13.87
N GLY A 32 -1.82 6.81 -12.70
CA GLY A 32 -1.66 8.26 -12.48
C GLY A 32 -2.92 8.94 -11.96
N GLN A 33 -4.09 8.29 -12.20
CA GLN A 33 -5.40 8.80 -11.74
C GLN A 33 -5.74 8.19 -10.38
N ILE A 34 -5.80 9.04 -9.34
CA ILE A 34 -6.23 8.64 -7.99
C ILE A 34 -7.75 8.80 -7.91
N ASN A 35 -8.45 7.68 -7.67
CA ASN A 35 -9.92 7.62 -7.62
C ASN A 35 -10.38 7.34 -6.19
N GLY A 36 -11.16 8.29 -5.63
CA GLY A 36 -11.60 8.25 -4.24
C GLY A 36 -12.34 6.99 -3.85
N SER A 37 -13.42 6.69 -4.60
CA SER A 37 -14.33 5.57 -4.26
C SER A 37 -13.65 4.21 -4.50
N GLN A 38 -12.95 4.08 -5.65
CA GLN A 38 -12.28 2.83 -6.04
C GLN A 38 -11.23 2.45 -4.99
N LEU A 39 -10.25 3.35 -4.77
CA LEU A 39 -9.16 3.12 -3.82
C LEU A 39 -9.66 3.00 -2.37
N GLN A 40 -10.79 3.67 -2.03
CA GLN A 40 -11.42 3.53 -0.69
C GLN A 40 -11.81 2.08 -0.44
N ARG A 41 -12.59 1.52 -1.39
CA ARG A 41 -13.02 0.13 -1.33
C ARG A 41 -11.83 -0.83 -1.27
N ILE A 42 -10.85 -0.64 -2.17
CA ILE A 42 -9.70 -1.55 -2.31
C ILE A 42 -8.81 -1.53 -1.04
N THR A 43 -8.38 -0.33 -0.60
CA THR A 43 -7.46 -0.18 0.56
C THR A 43 -8.14 -0.65 1.86
N GLU A 44 -9.49 -0.52 1.93
CA GLU A 44 -10.28 -0.99 3.10
C GLU A 44 -10.36 -2.52 3.14
N GLU A 45 -10.56 -3.15 1.95
CA GLU A 45 -10.59 -4.62 1.84
C GLU A 45 -9.21 -5.19 2.19
N LYS A 46 -8.14 -4.49 1.75
CA LYS A 46 -6.75 -4.83 2.09
C LYS A 46 -6.59 -4.82 3.61
N SER A 47 -7.00 -3.71 4.22
CA SER A 47 -6.82 -3.43 5.66
C SER A 47 -7.52 -4.49 6.54
N SER A 48 -8.73 -4.90 6.12
CA SER A 48 -9.55 -5.89 6.85
C SER A 48 -8.93 -7.29 6.76
N LEU A 49 -8.49 -7.65 5.55
CA LEU A 49 -7.85 -8.95 5.27
C LEU A 49 -6.46 -9.04 5.93
N LEU A 50 -5.77 -7.89 6.06
CA LEU A 50 -4.47 -7.81 6.77
C LEU A 50 -4.68 -7.99 8.28
N ALA A 51 -5.77 -7.39 8.80
CA ALA A 51 -6.21 -7.56 10.19
C ALA A 51 -6.53 -9.04 10.48
N THR A 52 -7.05 -9.75 9.45
CA THR A 52 -7.30 -11.20 9.54
C THR A 52 -5.98 -11.97 9.44
N LEU A 53 -4.99 -11.48 8.66
CA LEU A 53 -3.64 -12.07 8.62
C LEU A 53 -2.96 -12.00 10.00
N ASP A 54 -3.17 -10.86 10.71
CA ASP A 54 -2.69 -10.67 12.08
C ASP A 54 -3.32 -11.73 13.00
N TYR A 55 -4.66 -11.82 12.93
CA TYR A 55 -5.49 -12.85 13.60
C TYR A 55 -4.91 -14.27 13.35
N LEU A 56 -4.72 -14.59 12.06
CA LEU A 56 -4.29 -15.92 11.59
C LEU A 56 -2.85 -16.21 11.99
N GLU A 57 -2.02 -15.16 12.04
CA GLU A 57 -0.61 -15.25 12.41
C GLU A 57 -0.47 -15.63 13.89
N GLN A 58 -1.25 -14.92 14.74
CA GLN A 58 -1.21 -15.11 16.20
C GLN A 58 -1.69 -16.53 16.56
N GLN A 59 -2.88 -16.90 16.03
CA GLN A 59 -3.48 -18.24 16.25
C GLN A 59 -2.53 -19.36 15.79
N ARG A 60 -2.02 -19.20 14.57
CA ARG A 60 -1.05 -20.14 13.96
C ARG A 60 0.25 -20.20 14.75
N ARG A 61 0.67 -19.09 15.38
CA ARG A 61 1.95 -19.03 16.13
C ARG A 61 1.80 -19.77 17.47
N LEU A 62 0.59 -19.71 18.07
CA LEU A 62 0.24 -20.50 19.27
C LEU A 62 0.31 -22.01 18.92
N GLU A 63 -0.26 -22.35 17.74
CA GLU A 63 -0.27 -23.73 17.21
C GLU A 63 1.13 -24.18 16.73
N GLN A 64 1.93 -23.21 16.25
CA GLN A 64 3.28 -23.47 15.71
C GLN A 64 4.21 -23.83 16.89
N ASN A 65 4.00 -23.11 18.00
CA ASN A 65 4.77 -23.26 19.25
C ASN A 65 4.39 -24.58 19.95
N ALA A 66 3.09 -24.87 20.10
CA ALA A 66 2.63 -26.03 20.89
C ALA A 66 2.55 -27.32 20.03
N GLN A 67 1.87 -27.23 18.87
CA GLN A 67 1.70 -28.39 17.96
C GLN A 67 2.94 -28.57 17.08
N ARG A 68 3.30 -29.84 16.85
CA ARG A 68 4.42 -30.26 16.01
C ARG A 68 3.98 -30.40 14.54
N SER A 69 4.78 -31.10 13.71
CA SER A 69 4.56 -31.21 12.24
C SER A 69 3.12 -31.66 11.91
N ALA A 70 2.70 -32.76 12.57
CA ALA A 70 1.31 -33.26 12.57
C ALA A 70 0.88 -33.91 11.23
N ASN A 71 0.87 -33.12 10.14
CA ASN A 71 0.48 -33.60 8.80
C ASN A 71 1.40 -33.01 7.72
N ASP A 72 1.48 -33.73 6.59
CA ASP A 72 2.18 -33.28 5.37
C ASP A 72 1.40 -32.11 4.72
N ASP A 73 0.06 -32.17 4.90
CA ASP A 73 -0.90 -31.13 4.46
C ASP A 73 -0.46 -29.76 4.93
N ILE A 74 -0.03 -29.73 6.20
CA ILE A 74 0.41 -28.53 6.90
C ILE A 74 1.66 -27.94 6.22
N ALA A 75 2.67 -28.78 5.96
CA ALA A 75 3.94 -28.37 5.32
C ALA A 75 3.70 -27.74 3.91
N GLU A 76 2.81 -28.40 3.14
CA GLU A 76 2.41 -27.94 1.79
C GLU A 76 1.62 -26.62 1.87
N ARG A 77 0.83 -26.44 2.94
CA ARG A 77 0.09 -25.19 3.18
C ARG A 77 1.04 -24.04 3.55
N TRP A 78 2.13 -24.35 4.29
CA TRP A 78 3.19 -23.36 4.58
C TRP A 78 3.88 -22.92 3.27
N GLN A 79 4.03 -23.87 2.32
CA GLN A 79 4.55 -23.58 0.97
C GLN A 79 3.63 -22.57 0.22
N ALA A 80 2.31 -22.83 0.31
CA ALA A 80 1.27 -21.95 -0.27
C ALA A 80 1.35 -20.52 0.30
N ILE A 81 1.52 -20.45 1.64
CA ILE A 81 1.66 -19.19 2.39
C ILE A 81 2.87 -18.41 1.88
N THR A 82 4.04 -19.05 1.89
CA THR A 82 5.32 -18.39 1.55
C THR A 82 5.34 -17.89 0.10
N GLU A 83 4.66 -18.62 -0.78
CA GLU A 83 4.51 -18.24 -2.19
C GLU A 83 3.69 -16.94 -2.33
N LYS A 84 2.49 -16.96 -1.72
CA LYS A 84 1.55 -15.82 -1.75
C LYS A 84 2.14 -14.59 -1.03
N THR A 85 2.77 -14.82 0.13
CA THR A 85 3.34 -13.74 0.97
C THR A 85 4.54 -13.10 0.28
N GLN A 86 5.32 -13.91 -0.46
CA GLN A 86 6.46 -13.44 -1.29
C GLN A 86 5.98 -12.49 -2.37
N HIS A 87 4.96 -12.94 -3.14
CA HIS A 87 4.39 -12.17 -4.25
C HIS A 87 3.76 -10.86 -3.75
N LEU A 88 3.02 -10.96 -2.63
CA LEU A 88 2.38 -9.78 -2.00
C LEU A 88 3.44 -8.81 -1.51
N ARG A 89 4.45 -9.31 -0.79
CA ARG A 89 5.56 -8.52 -0.20
C ARG A 89 6.27 -7.69 -1.29
N ASP A 90 6.48 -8.33 -2.46
CA ASP A 90 7.16 -7.72 -3.61
C ASP A 90 6.32 -6.58 -4.22
N LEU A 91 5.07 -6.91 -4.64
CA LEU A 91 4.16 -5.91 -5.25
C LEU A 91 3.76 -4.81 -4.25
N ASN A 92 3.87 -5.15 -2.93
CA ASN A 92 3.59 -4.24 -1.81
C ASN A 92 4.73 -3.22 -1.67
N GLN A 93 5.97 -3.70 -1.81
CA GLN A 93 7.17 -2.84 -1.82
C GLN A 93 7.05 -1.82 -2.97
N HIS A 94 6.61 -2.33 -4.12
CA HIS A 94 6.35 -1.52 -5.32
C HIS A 94 5.14 -0.57 -5.08
N ASN A 95 4.12 -1.04 -4.34
CA ASN A 95 2.89 -0.27 -4.01
C ASN A 95 3.25 1.00 -3.20
N GLY A 96 4.00 0.79 -2.10
CA GLY A 96 4.41 1.88 -1.20
C GLY A 96 5.39 2.84 -1.84
N TRP A 97 6.25 2.30 -2.73
CA TRP A 97 7.20 3.10 -3.51
C TRP A 97 6.44 4.07 -4.44
N LEU A 98 5.46 3.52 -5.20
CA LEU A 98 4.55 4.29 -6.09
C LEU A 98 3.77 5.35 -5.29
N LEU A 99 3.30 4.95 -4.09
CA LEU A 99 2.54 5.84 -3.19
C LEU A 99 3.33 7.11 -2.88
N GLU A 100 4.50 6.97 -2.23
CA GLU A 100 5.29 8.13 -1.78
C GLU A 100 5.74 8.99 -2.97
N GLY A 101 6.18 8.34 -4.06
CA GLY A 101 6.63 9.07 -5.26
C GLY A 101 5.56 9.99 -5.85
N GLN A 102 4.32 9.46 -5.90
CA GLN A 102 3.16 10.20 -6.42
C GLN A 102 2.56 11.16 -5.36
N ILE A 103 2.87 10.93 -4.07
CA ILE A 103 2.47 11.83 -2.97
C ILE A 103 3.35 13.10 -3.02
N GLU A 104 4.66 12.92 -3.20
CA GLU A 104 5.60 14.03 -3.40
C GLU A 104 5.30 14.79 -4.71
N ARG A 105 4.89 14.04 -5.76
CA ARG A 105 4.43 14.64 -7.03
C ARG A 105 3.06 15.36 -6.84
N ASN A 106 2.22 14.87 -5.91
CA ASN A 106 0.90 15.48 -5.60
C ASN A 106 1.07 16.78 -4.78
N GLN A 107 2.07 16.80 -3.89
CA GLN A 107 2.40 18.00 -3.11
C GLN A 107 3.02 19.04 -4.06
N GLN A 108 3.92 18.56 -4.93
CA GLN A 108 4.54 19.39 -5.99
C GLN A 108 3.44 19.90 -6.97
N ALA A 109 2.35 19.12 -7.12
CA ALA A 109 1.17 19.52 -7.91
C ALA A 109 0.51 20.75 -7.27
N LEU A 110 0.26 20.67 -5.94
CA LEU A 110 -0.32 21.79 -5.15
C LEU A 110 0.59 23.04 -5.19
N GLU A 111 1.91 22.80 -5.32
CA GLU A 111 2.91 23.86 -5.49
C GLU A 111 2.74 24.55 -6.87
N VAL A 112 2.50 23.73 -7.91
CA VAL A 112 2.23 24.23 -9.29
C VAL A 112 0.85 24.93 -9.36
N LEU A 113 -0.12 24.49 -8.51
CA LEU A 113 -1.52 25.02 -8.54
C LEU A 113 -1.63 26.46 -8.01
N LYS A 114 -0.62 26.94 -7.25
CA LYS A 114 -0.63 28.31 -6.71
C LYS A 114 -0.36 29.36 -7.82
N PRO A 115 -0.82 30.64 -7.65
CA PRO A 115 -0.45 31.75 -8.57
C PRO A 115 1.07 32.01 -8.58
N HIS A 116 1.62 32.37 -9.77
CA HIS A 116 3.06 32.65 -9.93
C HIS A 116 3.45 33.96 -9.21
N GLN A 117 4.42 33.88 -8.29
CA GLN A 117 4.89 35.04 -7.50
C GLN A 117 6.35 35.35 -7.83
N GLU A 118 7.26 34.44 -7.43
CA GLU A 118 8.70 34.53 -7.76
C GLU A 118 9.09 33.65 -9.00
N PRO A 119 8.71 32.32 -9.08
CA PRO A 119 9.13 31.46 -10.22
C PRO A 119 8.31 31.71 -11.52
N THR A 120 9.02 31.92 -12.64
CA THR A 120 8.40 32.11 -13.96
C THR A 120 8.13 30.71 -14.59
N LEU A 121 7.07 30.06 -14.09
CA LEU A 121 6.64 28.72 -14.54
C LEU A 121 5.23 28.81 -15.14
N TYR A 122 4.76 27.67 -15.67
CA TYR A 122 3.44 27.54 -16.30
C TYR A 122 2.64 26.43 -15.62
N GLY A 123 1.30 26.62 -15.54
CA GLY A 123 0.40 25.65 -14.92
C GLY A 123 0.27 24.37 -15.72
N ALA A 124 0.17 24.53 -17.07
CA ALA A 124 -0.03 23.42 -18.03
C ALA A 124 -1.29 22.60 -17.71
N ASP A 125 -2.32 23.30 -17.20
CA ASP A 125 -3.61 22.71 -16.83
C ASP A 125 -4.37 22.21 -18.08
N GLY A 126 -5.12 21.12 -17.90
CA GLY A 126 -5.86 20.47 -18.97
C GLY A 126 -7.33 20.35 -18.63
N GLN A 127 -7.66 19.38 -17.76
CA GLN A 127 -9.05 19.08 -17.37
C GLN A 127 -9.01 18.19 -16.11
N THR A 128 -10.05 17.37 -15.84
CA THR A 128 -10.19 16.61 -14.60
C THR A 128 -9.41 15.27 -14.68
N SER A 129 -8.07 15.39 -14.69
CA SER A 129 -7.13 14.24 -14.74
C SER A 129 -7.36 13.38 -16.02
N VAL A 130 -7.75 14.07 -17.13
CA VAL A 130 -8.06 13.42 -18.42
C VAL A 130 -6.77 12.88 -19.07
N SER A 131 -5.64 13.52 -18.74
CA SER A 131 -4.30 13.03 -19.08
C SER A 131 -3.51 12.82 -17.77
N HIS A 132 -2.71 11.76 -17.75
CA HIS A 132 -1.82 11.43 -16.63
C HIS A 132 -0.37 11.65 -17.08
N ARG A 133 -0.01 12.93 -17.24
CA ARG A 133 1.34 13.34 -17.64
C ARG A 133 2.31 13.10 -16.47
N GLY A 134 2.86 11.89 -16.45
CA GLY A 134 3.72 11.43 -15.39
C GLY A 134 5.14 11.97 -15.46
N GLY A 135 5.98 11.46 -14.56
CA GLY A 135 7.31 11.98 -14.34
C GLY A 135 7.32 12.92 -13.14
N LYS A 136 8.52 13.20 -12.63
CA LYS A 136 8.73 14.02 -11.44
C LYS A 136 10.16 14.58 -11.48
N LYS A 137 10.28 15.87 -11.78
CA LYS A 137 11.58 16.56 -11.89
C LYS A 137 12.19 16.76 -10.48
N ILE A 138 11.62 17.71 -9.72
CA ILE A 138 12.10 18.09 -8.37
C ILE A 138 10.89 18.06 -7.40
N SER A 139 11.13 17.64 -6.14
CA SER A 139 10.06 17.52 -5.13
C SER A 139 10.11 18.69 -4.13
N ILE A 140 9.55 19.85 -4.54
CA ILE A 140 9.43 21.05 -3.70
C ILE A 140 7.95 21.42 -3.55
N VAL A 141 7.56 21.78 -2.31
CA VAL A 141 6.22 22.31 -2.01
C VAL A 141 6.32 23.33 -0.85
N LEU A 142 5.36 24.26 -0.81
CA LEU A 142 5.28 25.32 0.22
C LEU A 142 5.08 24.75 1.65
N PHE A 143 4.57 23.50 1.73
CA PHE A 143 4.33 22.84 3.03
C PHE A 143 5.68 22.47 3.68
N GLN A 144 6.33 21.42 3.14
CA GLN A 144 7.64 20.90 3.62
C GLN A 144 8.48 20.39 2.42
N GLY A 145 9.55 19.65 2.73
CA GLY A 145 10.31 18.89 1.74
C GLY A 145 10.68 17.54 2.34
N PRO A 146 9.68 16.60 2.51
CA PRO A 146 9.86 15.35 3.30
C PRO A 146 10.90 14.40 2.67
N SER A 147 10.66 14.06 1.39
CA SER A 147 11.47 13.09 0.66
C SER A 147 11.27 13.30 -0.85
N ALA A 148 11.77 12.34 -1.67
CA ALA A 148 11.49 12.27 -3.10
C ALA A 148 11.52 10.81 -3.54
N GLY A 149 10.34 10.15 -3.46
CA GLY A 149 10.19 8.78 -3.95
C GLY A 149 10.49 8.70 -5.44
N LEU A 150 11.63 8.08 -5.80
CA LEU A 150 12.14 8.06 -7.18
C LEU A 150 11.34 7.06 -8.04
N VAL A 151 10.11 7.46 -8.39
CA VAL A 151 9.28 6.73 -9.35
C VAL A 151 9.48 7.35 -10.76
N PRO A 152 9.96 6.55 -11.76
CA PRO A 152 9.97 7.00 -13.18
C PRO A 152 8.55 7.32 -13.70
N ARG A 153 7.54 6.67 -13.06
CA ARG A 153 6.13 6.82 -13.40
C ARG A 153 5.63 8.25 -13.14
N GLY A 154 5.96 8.78 -11.95
CA GLY A 154 5.39 10.05 -11.47
C GLY A 154 3.86 9.99 -11.38
N SER A 155 3.20 11.12 -11.61
CA SER A 155 1.73 11.21 -11.63
C SER A 155 1.31 12.43 -12.45
N GLY A 156 0.05 12.41 -12.92
CA GLY A 156 -0.49 13.48 -13.76
C GLY A 156 -1.10 14.63 -12.99
N GLY A 157 -0.39 15.07 -11.94
CA GLY A 157 -0.82 16.20 -11.11
C GLY A 157 -0.34 17.53 -11.68
N ILE A 158 -0.67 17.77 -12.96
CA ILE A 158 -0.36 19.05 -13.65
C ILE A 158 -1.69 19.58 -14.28
N GLU A 159 -2.82 19.08 -13.74
CA GLU A 159 -4.18 19.50 -14.14
C GLU A 159 -5.18 19.15 -13.03
N GLY A 160 -6.36 19.80 -13.07
CA GLY A 160 -7.42 19.57 -12.10
C GLY A 160 -8.67 20.36 -12.43
N MET A 161 -9.31 20.93 -11.39
CA MET A 161 -10.52 21.78 -11.53
C MET A 161 -10.45 22.92 -10.52
N ALA A 162 -10.98 24.10 -10.90
CA ALA A 162 -11.18 25.22 -9.98
C ALA A 162 -12.50 25.00 -9.20
N GLN A 163 -12.40 24.11 -8.18
CA GLN A 163 -13.54 23.75 -7.30
C GLN A 163 -14.04 25.01 -6.57
N HIS A 164 -13.21 25.49 -5.64
CA HIS A 164 -13.41 26.76 -4.94
C HIS A 164 -12.10 27.14 -4.23
N GLY A 165 -12.15 28.15 -3.37
CA GLY A 165 -11.00 28.52 -2.55
C GLY A 165 -11.41 29.40 -1.40
N ALA A 166 -10.47 29.69 -0.51
CA ALA A 166 -10.66 30.64 0.60
C ALA A 166 -9.77 31.87 0.39
N LEU A 167 -10.04 32.92 1.18
CA LEU A 167 -9.31 34.19 1.14
C LEU A 167 -7.82 33.94 1.55
N GLU A 168 -7.00 33.62 0.52
CA GLU A 168 -5.54 33.33 0.62
C GLU A 168 -5.25 31.91 1.17
N THR A 169 -6.13 31.37 2.04
CA THR A 169 -5.93 30.06 2.69
C THR A 169 -5.88 28.93 1.63
N LEU A 170 -4.75 28.20 1.62
CA LEU A 170 -4.46 27.12 0.64
C LEU A 170 -5.34 25.88 0.92
N LYS A 171 -6.56 25.90 0.35
CA LYS A 171 -7.55 24.82 0.51
C LYS A 171 -8.53 24.85 -0.67
N ASP A 172 -7.96 24.97 -1.88
CA ASP A 172 -8.73 25.01 -3.14
C ASP A 172 -9.18 23.58 -3.49
N LEU A 173 -8.25 22.82 -4.09
CA LEU A 173 -8.35 21.35 -4.18
C LEU A 173 -7.69 20.71 -2.95
N ALA A 174 -6.79 21.47 -2.29
CA ALA A 174 -5.95 20.96 -1.19
C ALA A 174 -6.78 20.35 -0.06
N GLU A 175 -7.93 20.98 0.27
CA GLU A 175 -8.85 20.47 1.30
C GLU A 175 -9.27 19.01 1.00
N LYS A 176 -9.95 18.81 -0.13
CA LYS A 176 -10.57 17.53 -0.50
C LYS A 176 -9.52 16.49 -0.88
N GLU A 177 -8.52 16.90 -1.68
CA GLU A 177 -7.52 15.97 -2.24
C GLU A 177 -6.56 15.47 -1.14
N VAL A 178 -6.02 16.40 -0.31
CA VAL A 178 -5.10 16.00 0.79
C VAL A 178 -5.87 15.15 1.84
N ASP A 179 -7.13 15.54 2.16
CA ASP A 179 -7.97 14.75 3.10
C ASP A 179 -8.27 13.33 2.54
N ASP A 180 -8.60 13.28 1.23
CA ASP A 180 -9.02 12.04 0.54
C ASP A 180 -7.84 11.09 0.40
N ALA A 181 -6.75 11.59 -0.19
CA ALA A 181 -5.51 10.84 -0.41
C ALA A 181 -4.81 10.47 0.91
N ALA A 182 -5.02 11.27 1.99
CA ALA A 182 -4.53 10.90 3.33
C ALA A 182 -5.30 9.66 3.83
N ARG A 183 -6.62 9.65 3.62
CA ARG A 183 -7.49 8.50 3.96
C ARG A 183 -7.06 7.24 3.16
N LEU A 184 -7.04 7.36 1.81
CA LEU A 184 -6.77 6.24 0.89
C LEU A 184 -5.33 5.76 1.04
N LEU A 185 -4.40 6.67 0.67
CA LEU A 185 -2.99 6.36 0.51
C LEU A 185 -2.31 6.26 1.88
N GLY A 186 -2.89 6.90 2.92
CA GLY A 186 -2.41 6.77 4.29
C GLY A 186 -2.77 5.41 4.88
N GLU A 187 -4.02 4.96 4.67
CA GLU A 187 -4.44 3.59 5.03
C GLU A 187 -3.66 2.55 4.20
N MET A 188 -3.32 2.94 2.96
CA MET A 188 -2.66 2.07 2.00
C MET A 188 -1.18 1.88 2.36
N ARG A 189 -0.51 2.97 2.77
CA ARG A 189 0.93 2.95 3.13
C ARG A 189 1.13 2.48 4.58
N ARG A 190 0.09 2.65 5.42
CA ARG A 190 0.02 2.04 6.75
C ARG A 190 -0.02 0.52 6.58
N GLY A 191 -1.03 0.08 5.81
CA GLY A 191 -1.22 -1.33 5.49
C GLY A 191 -0.10 -1.90 4.66
N CYS A 192 0.59 -1.05 3.87
CA CYS A 192 1.75 -1.46 3.08
C CYS A 192 2.92 -1.83 4.00
N GLN A 193 3.33 -0.87 4.84
CA GLN A 193 4.49 -1.02 5.73
C GLN A 193 4.28 -2.21 6.71
N GLN A 194 3.06 -2.29 7.26
CA GLN A 194 2.68 -3.34 8.21
C GLN A 194 2.61 -4.72 7.53
N ALA A 195 1.95 -4.79 6.35
CA ALA A 195 1.84 -6.06 5.57
C ALA A 195 3.24 -6.60 5.25
N GLU A 196 4.06 -5.75 4.63
CA GLU A 196 5.45 -6.06 4.23
C GLU A 196 6.23 -6.66 5.41
N GLU A 197 6.13 -5.99 6.58
CA GLU A 197 6.79 -6.41 7.83
C GLU A 197 6.28 -7.80 8.33
N GLN A 198 4.95 -8.01 8.26
CA GLN A 198 4.32 -9.28 8.71
C GLN A 198 4.74 -10.43 7.79
N LEU A 199 4.50 -10.27 6.48
CA LEU A 199 4.82 -11.25 5.44
C LEU A 199 6.32 -11.60 5.44
N LYS A 200 7.15 -10.60 5.79
CA LYS A 200 8.61 -10.77 5.98
C LYS A 200 8.87 -11.77 7.12
N MET A 201 8.26 -11.49 8.28
CA MET A 201 8.41 -12.30 9.51
C MET A 201 7.80 -13.72 9.31
N LEU A 202 6.77 -13.82 8.46
CA LEU A 202 6.12 -15.11 8.10
C LEU A 202 7.08 -16.01 7.31
N ILE A 203 7.65 -15.45 6.23
CA ILE A 203 8.65 -16.13 5.38
C ILE A 203 9.93 -16.45 6.18
N ASP A 204 10.17 -15.67 7.24
CA ASP A 204 11.29 -15.90 8.17
C ASP A 204 11.02 -17.09 9.11
N TYR A 205 9.89 -17.05 9.86
CA TYR A 205 9.64 -17.98 11.00
C TYR A 205 9.14 -19.36 10.53
N GLN A 206 8.67 -19.42 9.27
CA GLN A 206 8.25 -20.70 8.62
C GLN A 206 9.41 -21.72 8.54
N ASN A 207 10.65 -21.20 8.41
CA ASN A 207 11.88 -22.02 8.26
C ASN A 207 12.12 -22.90 9.50
N GLU A 208 11.71 -22.36 10.66
CA GLU A 208 11.78 -23.10 11.93
C GLU A 208 10.80 -24.29 11.91
N TYR A 209 9.59 -24.08 11.37
CA TYR A 209 8.50 -25.09 11.42
C TYR A 209 8.73 -26.24 10.43
N ARG A 210 8.65 -25.94 9.10
CA ARG A 210 8.27 -26.91 8.04
C ARG A 210 8.92 -28.32 8.17
N SER A 211 8.05 -29.31 8.45
CA SER A 211 8.37 -30.74 8.43
C SER A 211 7.09 -31.54 8.08
N ASN A 212 7.27 -32.79 7.64
CA ASN A 212 6.16 -33.70 7.25
C ASN A 212 5.49 -34.27 8.53
N LEU A 213 6.16 -35.26 9.16
CA LEU A 213 5.71 -35.83 10.47
C LEU A 213 6.83 -35.66 11.50
N ASN A 214 8.08 -35.86 11.07
CA ASN A 214 9.27 -35.81 11.95
C ASN A 214 10.56 -35.73 11.08
N MET A 1 -2.18 -30.35 14.19
CA MET A 1 -2.74 -30.44 12.81
C MET A 1 -4.18 -29.93 12.76
N THR A 2 -4.91 -30.03 13.89
CA THR A 2 -6.35 -29.74 14.02
C THR A 2 -6.65 -28.30 13.55
N ARG A 3 -5.98 -27.34 14.20
CA ARG A 3 -6.08 -25.92 13.87
C ARG A 3 -5.37 -25.63 12.53
N LEU A 4 -4.14 -26.19 12.36
CA LEU A 4 -3.26 -25.84 11.22
C LEU A 4 -3.91 -26.02 9.84
N SER A 5 -4.64 -27.13 9.62
CA SER A 5 -5.30 -27.39 8.31
C SER A 5 -6.23 -26.20 7.94
N GLU A 6 -7.09 -25.83 8.90
CA GLU A 6 -8.10 -24.77 8.74
C GLU A 6 -7.43 -23.39 8.56
N ILE A 7 -6.53 -23.05 9.51
CA ILE A 7 -5.88 -21.72 9.60
C ILE A 7 -5.01 -21.44 8.38
N LEU A 8 -4.16 -22.42 8.01
CA LEU A 8 -3.21 -22.27 6.90
C LEU A 8 -3.93 -22.24 5.55
N ASP A 9 -5.10 -22.94 5.45
CA ASP A 9 -5.98 -22.86 4.27
C ASP A 9 -6.61 -21.45 4.18
N GLN A 10 -7.04 -20.92 5.34
CA GLN A 10 -7.60 -19.54 5.43
C GLN A 10 -6.49 -18.49 5.23
N MET A 11 -5.25 -18.85 5.58
CA MET A 11 -4.09 -17.96 5.45
C MET A 11 -3.81 -17.74 3.98
N THR A 12 -3.66 -18.87 3.26
CA THR A 12 -3.32 -18.87 1.83
C THR A 12 -4.47 -18.30 0.95
N THR A 13 -5.75 -18.46 1.39
CA THR A 13 -6.87 -17.82 0.66
C THR A 13 -6.83 -16.30 0.83
N VAL A 14 -6.59 -15.82 2.09
CA VAL A 14 -6.53 -14.37 2.40
C VAL A 14 -5.35 -13.71 1.64
N LEU A 15 -4.27 -14.49 1.43
CA LEU A 15 -3.12 -14.08 0.62
C LEU A 15 -3.50 -13.94 -0.88
N ASN A 16 -4.30 -14.90 -1.39
CA ASN A 16 -4.86 -14.86 -2.77
C ASN A 16 -5.81 -13.64 -2.95
N ASP A 17 -6.59 -13.37 -1.89
CA ASP A 17 -7.56 -12.27 -1.87
C ASP A 17 -6.84 -10.93 -1.76
N LEU A 18 -5.69 -10.92 -1.04
CA LEU A 18 -4.80 -9.74 -0.90
C LEU A 18 -4.03 -9.49 -2.19
N LYS A 19 -3.84 -10.54 -3.01
CA LYS A 19 -3.29 -10.37 -4.37
C LYS A 19 -4.32 -9.55 -5.17
N THR A 20 -5.56 -10.05 -5.22
CA THR A 20 -6.67 -9.39 -5.95
C THR A 20 -6.89 -7.93 -5.48
N VAL A 21 -6.93 -7.75 -4.15
CA VAL A 21 -7.19 -6.45 -3.49
C VAL A 21 -6.03 -5.47 -3.74
N MET A 22 -4.81 -5.81 -3.26
CA MET A 22 -3.66 -4.88 -3.33
C MET A 22 -3.25 -4.56 -4.80
N ASP A 23 -3.52 -5.51 -5.73
CA ASP A 23 -3.32 -5.30 -7.17
C ASP A 23 -4.35 -4.30 -7.72
N ALA A 24 -5.63 -4.45 -7.26
CA ALA A 24 -6.75 -3.58 -7.71
C ALA A 24 -6.53 -2.11 -7.31
N GLU A 25 -6.07 -1.86 -6.07
CA GLU A 25 -5.71 -0.49 -5.63
C GLU A 25 -4.46 0.00 -6.39
N GLN A 26 -3.46 -0.90 -6.55
CA GLN A 26 -2.20 -0.62 -7.27
C GLN A 26 -2.45 -0.16 -8.73
N GLN A 27 -3.59 -0.60 -9.33
CA GLN A 27 -4.05 -0.11 -10.65
C GLN A 27 -4.29 1.41 -10.62
N GLN A 28 -5.13 1.87 -9.67
CA GLN A 28 -5.48 3.30 -9.49
C GLN A 28 -4.24 4.17 -9.13
N LEU A 29 -3.22 3.53 -8.54
CA LEU A 29 -1.96 4.20 -8.14
C LEU A 29 -0.99 4.29 -9.35
N SER A 30 -1.18 3.38 -10.33
CA SER A 30 -0.38 3.34 -11.56
C SER A 30 -0.89 4.34 -12.61
N VAL A 31 -2.23 4.50 -12.68
CA VAL A 31 -2.90 5.27 -13.75
C VAL A 31 -2.75 6.80 -13.55
N GLY A 32 -2.54 7.23 -12.28
CA GLY A 32 -2.27 8.64 -11.96
C GLY A 32 -3.54 9.45 -11.65
N GLN A 33 -4.70 8.97 -12.12
CA GLN A 33 -6.00 9.53 -11.76
C GLN A 33 -6.57 8.70 -10.59
N ILE A 34 -6.68 9.36 -9.43
CA ILE A 34 -6.97 8.68 -8.17
C ILE A 34 -8.51 8.57 -7.98
N ASN A 35 -9.00 7.33 -7.80
CA ASN A 35 -10.45 7.06 -7.62
C ASN A 35 -10.72 6.78 -6.14
N GLY A 36 -11.48 7.69 -5.51
CA GLY A 36 -11.63 7.72 -4.05
C GLY A 36 -12.42 6.54 -3.49
N SER A 37 -13.68 6.40 -3.93
CA SER A 37 -14.61 5.39 -3.39
C SER A 37 -14.14 3.96 -3.70
N GLN A 38 -13.47 3.80 -4.86
CA GLN A 38 -12.85 2.53 -5.27
C GLN A 38 -11.79 2.14 -4.24
N LEU A 39 -10.80 3.04 -4.03
CA LEU A 39 -9.70 2.83 -3.07
C LEU A 39 -10.20 2.73 -1.63
N GLN A 40 -11.37 3.34 -1.36
CA GLN A 40 -12.00 3.29 -0.03
C GLN A 40 -12.33 1.83 0.31
N ARG A 41 -13.06 1.19 -0.64
CA ARG A 41 -13.44 -0.23 -0.54
C ARG A 41 -12.18 -1.11 -0.41
N ILE A 42 -11.25 -0.92 -1.36
CA ILE A 42 -10.07 -1.78 -1.54
C ILE A 42 -9.10 -1.66 -0.32
N THR A 43 -8.87 -0.43 0.17
CA THR A 43 -7.91 -0.18 1.28
C THR A 43 -8.48 -0.70 2.61
N GLU A 44 -9.84 -0.66 2.76
CA GLU A 44 -10.52 -1.28 3.92
C GLU A 44 -10.31 -2.80 3.89
N GLU A 45 -10.54 -3.41 2.71
CA GLU A 45 -10.39 -4.85 2.49
C GLU A 45 -8.97 -5.31 2.82
N LYS A 46 -7.96 -4.57 2.30
CA LYS A 46 -6.54 -4.86 2.52
C LYS A 46 -6.21 -4.82 4.02
N SER A 47 -6.60 -3.73 4.70
CA SER A 47 -6.29 -3.48 6.12
C SER A 47 -6.87 -4.59 7.01
N SER A 48 -8.09 -5.04 6.66
CA SER A 48 -8.81 -6.08 7.39
C SER A 48 -8.17 -7.46 7.15
N LEU A 49 -7.74 -7.72 5.89
CA LEU A 49 -7.14 -9.00 5.48
C LEU A 49 -5.71 -9.17 6.06
N LEU A 50 -4.98 -8.05 6.21
CA LEU A 50 -3.64 -8.03 6.86
C LEU A 50 -3.80 -8.24 8.37
N ALA A 51 -4.83 -7.60 8.95
CA ALA A 51 -5.24 -7.83 10.34
C ALA A 51 -5.60 -9.31 10.57
N THR A 52 -6.21 -9.93 9.53
CA THR A 52 -6.59 -11.35 9.55
C THR A 52 -5.34 -12.24 9.41
N LEU A 53 -4.34 -11.84 8.60
CA LEU A 53 -3.05 -12.56 8.49
C LEU A 53 -2.34 -12.67 9.85
N ASP A 54 -2.34 -11.56 10.60
CA ASP A 54 -1.74 -11.48 11.94
C ASP A 54 -2.55 -12.32 12.96
N TYR A 55 -3.90 -12.30 12.79
CA TYR A 55 -4.86 -13.13 13.54
C TYR A 55 -4.58 -14.65 13.31
N LEU A 56 -4.36 -14.99 12.02
CA LEU A 56 -4.14 -16.37 11.56
C LEU A 56 -2.76 -16.86 12.01
N GLU A 57 -1.74 -15.99 11.88
CA GLU A 57 -0.35 -16.32 12.23
C GLU A 57 -0.29 -16.59 13.74
N GLN A 58 -1.01 -15.76 14.51
CA GLN A 58 -1.13 -15.89 15.96
C GLN A 58 -1.68 -17.27 16.32
N GLN A 59 -2.82 -17.63 15.71
CA GLN A 59 -3.52 -18.90 16.00
C GLN A 59 -2.71 -20.15 15.58
N ARG A 60 -2.02 -20.08 14.42
CA ARG A 60 -1.18 -21.21 13.95
C ARG A 60 0.11 -21.34 14.78
N ARG A 61 0.53 -20.20 15.37
CA ARG A 61 1.69 -20.11 16.28
C ARG A 61 1.33 -20.80 17.61
N LEU A 62 0.07 -20.56 18.05
CA LEU A 62 -0.52 -21.17 19.25
C LEU A 62 -0.59 -22.71 19.09
N GLU A 63 -1.10 -23.17 17.94
CA GLU A 63 -1.20 -24.62 17.62
C GLU A 63 0.19 -25.28 17.59
N GLN A 64 1.11 -24.64 16.86
CA GLN A 64 2.47 -25.16 16.60
C GLN A 64 3.26 -25.30 17.92
N ASN A 65 3.08 -24.33 18.84
CA ASN A 65 3.84 -24.27 20.10
C ASN A 65 3.13 -25.01 21.27
N ALA A 66 1.78 -25.07 21.27
CA ALA A 66 1.00 -25.65 22.39
C ALA A 66 0.81 -27.17 22.22
N GLN A 67 0.43 -27.60 21.01
CA GLN A 67 0.19 -29.03 20.72
C GLN A 67 1.27 -29.55 19.75
N ARG A 68 0.91 -29.78 18.48
CA ARG A 68 1.76 -30.45 17.47
C ARG A 68 1.22 -30.13 16.07
N SER A 69 2.13 -30.22 15.10
CA SER A 69 1.80 -30.06 13.69
C SER A 69 1.45 -31.45 13.10
N ALA A 70 2.41 -32.11 12.39
CA ALA A 70 2.27 -33.50 11.85
C ALA A 70 1.02 -33.70 10.93
N ASN A 71 1.15 -33.28 9.65
CA ASN A 71 0.18 -33.56 8.56
C ASN A 71 0.72 -32.98 7.23
N ASP A 72 0.50 -33.70 6.11
CA ASP A 72 0.97 -33.32 4.74
C ASP A 72 0.41 -31.95 4.30
N ASP A 73 -0.89 -31.71 4.61
CA ASP A 73 -1.60 -30.47 4.24
C ASP A 73 -0.89 -29.24 4.79
N ILE A 74 -0.27 -29.39 5.97
CA ILE A 74 0.47 -28.31 6.65
C ILE A 74 1.69 -27.88 5.80
N ALA A 75 2.37 -28.88 5.18
CA ALA A 75 3.54 -28.65 4.32
C ALA A 75 3.15 -27.94 3.02
N GLU A 76 2.09 -28.45 2.34
CA GLU A 76 1.59 -27.86 1.08
C GLU A 76 1.08 -26.42 1.28
N ARG A 77 0.25 -26.23 2.33
CA ARG A 77 -0.35 -24.91 2.63
C ARG A 77 0.73 -23.88 2.98
N TRP A 78 1.67 -24.28 3.87
CA TRP A 78 2.75 -23.39 4.35
C TRP A 78 3.72 -23.02 3.20
N GLN A 79 3.92 -23.96 2.27
CA GLN A 79 4.70 -23.74 1.03
C GLN A 79 4.05 -22.60 0.20
N ALA A 80 2.74 -22.77 -0.03
CA ALA A 80 1.91 -21.79 -0.75
C ALA A 80 1.85 -20.44 -0.02
N ILE A 81 1.90 -20.48 1.34
CA ILE A 81 1.87 -19.28 2.19
C ILE A 81 3.13 -18.43 1.96
N THR A 82 4.31 -19.05 2.14
CA THR A 82 5.61 -18.37 2.05
C THR A 82 5.85 -17.80 0.63
N GLU A 83 5.43 -18.57 -0.39
CA GLU A 83 5.45 -18.12 -1.79
C GLU A 83 4.56 -16.88 -2.01
N LYS A 84 3.29 -16.96 -1.55
CA LYS A 84 2.32 -15.86 -1.72
C LYS A 84 2.75 -14.62 -0.92
N THR A 85 3.28 -14.79 0.30
CA THR A 85 3.73 -13.68 1.16
C THR A 85 4.92 -12.95 0.52
N GLN A 86 5.77 -13.72 -0.18
CA GLN A 86 6.89 -13.18 -1.00
C GLN A 86 6.37 -12.33 -2.16
N HIS A 87 5.42 -12.91 -2.91
CA HIS A 87 4.83 -12.27 -4.11
C HIS A 87 4.03 -11.03 -3.70
N LEU A 88 3.41 -11.09 -2.52
CA LEU A 88 2.60 -9.99 -1.96
C LEU A 88 3.50 -8.91 -1.38
N ARG A 89 4.67 -9.31 -0.86
CA ARG A 89 5.64 -8.34 -0.32
C ARG A 89 6.18 -7.48 -1.47
N ASP A 90 6.46 -8.13 -2.61
CA ASP A 90 7.00 -7.47 -3.82
C ASP A 90 5.93 -6.58 -4.47
N LEU A 91 4.70 -7.11 -4.47
CA LEU A 91 3.48 -6.43 -4.96
C LEU A 91 3.21 -5.18 -4.09
N ASN A 92 3.27 -5.36 -2.77
CA ASN A 92 2.94 -4.32 -1.77
C ASN A 92 4.09 -3.29 -1.66
N GLN A 93 5.29 -3.74 -2.04
CA GLN A 93 6.48 -2.88 -2.19
C GLN A 93 6.26 -1.93 -3.37
N HIS A 94 5.71 -2.49 -4.48
CA HIS A 94 5.35 -1.73 -5.69
C HIS A 94 4.11 -0.84 -5.44
N ASN A 95 3.20 -1.31 -4.56
CA ASN A 95 1.99 -0.56 -4.15
C ASN A 95 2.43 0.71 -3.39
N GLY A 96 3.30 0.49 -2.38
CA GLY A 96 3.89 1.56 -1.57
C GLY A 96 4.80 2.49 -2.36
N TRP A 97 5.42 1.94 -3.43
CA TRP A 97 6.24 2.71 -4.39
C TRP A 97 5.36 3.71 -5.17
N LEU A 98 4.20 3.23 -5.65
CA LEU A 98 3.25 4.05 -6.41
C LEU A 98 2.53 5.05 -5.48
N LEU A 99 2.45 4.71 -4.18
CA LEU A 99 1.97 5.63 -3.13
C LEU A 99 2.94 6.79 -2.94
N GLU A 100 4.26 6.46 -2.87
CA GLU A 100 5.34 7.47 -2.87
C GLU A 100 5.10 8.46 -4.01
N GLY A 101 5.03 7.88 -5.24
CA GLY A 101 4.87 8.63 -6.48
C GLY A 101 3.66 9.54 -6.51
N GLN A 102 2.47 9.01 -6.17
CA GLN A 102 1.20 9.76 -6.29
C GLN A 102 1.06 10.88 -5.24
N ILE A 103 1.57 10.63 -4.02
CA ILE A 103 1.49 11.60 -2.91
C ILE A 103 2.43 12.80 -3.18
N GLU A 104 3.72 12.51 -3.52
CA GLU A 104 4.71 13.56 -3.83
C GLU A 104 4.27 14.36 -5.06
N ARG A 105 3.78 13.64 -6.10
CA ARG A 105 3.37 14.26 -7.38
C ARG A 105 2.14 15.14 -7.17
N ASN A 106 1.22 14.71 -6.27
CA ASN A 106 -0.01 15.49 -5.97
C ASN A 106 0.34 16.82 -5.29
N GLN A 107 1.13 16.75 -4.21
CA GLN A 107 1.53 17.94 -3.40
C GLN A 107 2.40 18.93 -4.21
N GLN A 108 3.33 18.39 -5.01
CA GLN A 108 4.15 19.19 -5.94
C GLN A 108 3.25 19.82 -7.03
N ALA A 109 2.28 19.04 -7.54
CA ALA A 109 1.31 19.51 -8.55
C ALA A 109 0.45 20.64 -8.00
N LEU A 110 0.16 20.60 -6.68
CA LEU A 110 -0.52 21.69 -5.97
C LEU A 110 0.31 22.95 -6.10
N GLU A 111 1.60 22.85 -5.70
CA GLU A 111 2.53 24.00 -5.72
C GLU A 111 2.87 24.49 -7.15
N VAL A 112 2.62 23.65 -8.17
CA VAL A 112 2.78 24.01 -9.60
C VAL A 112 1.51 24.71 -10.14
N LEU A 113 0.32 24.36 -9.61
CA LEU A 113 -0.97 24.87 -10.14
C LEU A 113 -1.47 26.12 -9.38
N LYS A 114 -1.09 26.26 -8.09
CA LYS A 114 -1.62 27.31 -7.19
C LYS A 114 -1.26 28.74 -7.66
N PRO A 115 -2.14 29.77 -7.38
CA PRO A 115 -1.90 31.19 -7.78
C PRO A 115 -0.51 31.76 -7.38
N HIS A 116 0.11 32.46 -8.35
CA HIS A 116 1.33 33.27 -8.11
C HIS A 116 0.91 34.71 -7.67
N GLN A 117 1.91 35.64 -7.57
CA GLN A 117 1.78 37.01 -6.97
C GLN A 117 0.40 37.68 -7.19
N GLU A 118 0.07 37.93 -8.47
CA GLU A 118 -1.27 38.36 -8.88
C GLU A 118 -2.21 37.14 -8.86
N PRO A 119 -3.39 37.20 -8.14
CA PRO A 119 -4.33 36.06 -7.96
C PRO A 119 -4.67 35.35 -9.29
N THR A 120 -4.00 34.22 -9.54
CA THR A 120 -4.14 33.48 -10.79
C THR A 120 -5.36 32.56 -10.75
N LEU A 121 -6.49 33.07 -11.29
CA LEU A 121 -7.69 32.26 -11.54
C LEU A 121 -7.40 31.39 -12.79
N TYR A 122 -6.69 30.28 -12.55
CA TYR A 122 -6.17 29.39 -13.60
C TYR A 122 -7.22 28.32 -13.98
N GLY A 123 -6.89 27.48 -14.99
CA GLY A 123 -7.81 26.47 -15.52
C GLY A 123 -7.12 25.14 -15.79
N ALA A 124 -6.89 24.36 -14.72
CA ALA A 124 -6.29 23.01 -14.80
C ALA A 124 -7.10 22.01 -13.95
N ASP A 125 -8.39 22.33 -13.73
CA ASP A 125 -9.35 21.47 -13.01
C ASP A 125 -9.65 20.20 -13.84
N GLY A 126 -9.42 19.03 -13.22
CA GLY A 126 -9.63 17.74 -13.84
C GLY A 126 -8.72 16.69 -13.23
N GLN A 127 -9.10 16.21 -12.04
CA GLN A 127 -8.30 15.23 -11.25
C GLN A 127 -8.37 13.83 -11.90
N THR A 128 -9.55 13.48 -12.44
CA THR A 128 -9.79 12.21 -13.13
C THR A 128 -9.27 12.27 -14.58
N SER A 129 -7.94 12.30 -14.69
CA SER A 129 -7.22 12.34 -15.97
C SER A 129 -5.78 11.85 -15.73
N VAL A 130 -5.25 11.02 -16.66
CA VAL A 130 -3.88 10.48 -16.59
C VAL A 130 -2.84 11.62 -16.75
N SER A 131 -2.28 12.07 -15.60
CA SER A 131 -1.38 13.23 -15.53
C SER A 131 0.00 12.88 -16.12
N HIS A 132 0.81 12.14 -15.35
CA HIS A 132 2.18 11.74 -15.72
C HIS A 132 2.76 10.85 -14.60
N ARG A 133 3.75 10.00 -14.95
CA ARG A 133 4.44 9.08 -14.02
C ARG A 133 5.44 9.83 -13.11
N GLY A 134 6.01 9.09 -12.14
CA GLY A 134 6.98 9.65 -11.20
C GLY A 134 7.50 8.60 -10.25
N GLY A 135 7.71 8.97 -8.98
CA GLY A 135 8.16 8.04 -7.95
C GLY A 135 9.54 8.37 -7.43
N LYS A 136 9.68 9.53 -6.77
CA LYS A 136 10.89 9.91 -6.01
C LYS A 136 10.46 10.51 -4.67
N LYS A 137 11.28 10.29 -3.63
CA LYS A 137 10.92 10.57 -2.23
C LYS A 137 11.20 12.03 -1.83
N ILE A 138 10.62 12.99 -2.57
CA ILE A 138 10.61 14.41 -2.18
C ILE A 138 9.18 14.95 -2.28
N SER A 139 8.42 14.85 -1.18
CA SER A 139 7.09 15.44 -1.07
C SER A 139 7.24 16.91 -0.61
N ILE A 140 8.00 17.70 -1.41
CA ILE A 140 8.29 19.11 -1.12
C ILE A 140 6.98 19.90 -1.21
N VAL A 141 6.52 20.41 -0.06
CA VAL A 141 5.25 21.11 0.05
C VAL A 141 5.17 21.90 1.36
N LEU A 142 4.42 23.03 1.33
CA LEU A 142 4.20 23.90 2.49
C LEU A 142 3.48 23.18 3.66
N PHE A 143 2.91 21.98 3.39
CA PHE A 143 2.25 21.15 4.42
C PHE A 143 3.29 20.36 5.27
N GLN A 144 4.56 20.86 5.36
CA GLN A 144 5.64 20.26 6.19
C GLN A 144 6.02 18.86 5.65
N GLY A 145 5.85 18.66 4.32
CA GLY A 145 6.05 17.36 3.67
C GLY A 145 7.53 17.02 3.50
N PRO A 146 7.99 15.77 3.88
CA PRO A 146 9.44 15.41 3.91
C PRO A 146 10.08 15.28 2.51
N SER A 147 11.42 15.37 2.45
CA SER A 147 12.18 15.37 1.19
C SER A 147 13.61 14.81 1.39
N ALA A 148 13.79 13.53 1.02
CA ALA A 148 15.10 12.84 1.05
C ALA A 148 15.03 11.61 0.13
N GLY A 149 15.29 11.82 -1.19
CA GLY A 149 15.36 10.72 -2.14
C GLY A 149 15.04 11.14 -3.57
N LEU A 150 15.91 11.96 -4.17
CA LEU A 150 15.79 12.31 -5.60
C LEU A 150 16.34 11.13 -6.43
N VAL A 151 15.51 10.11 -6.66
CA VAL A 151 15.85 8.98 -7.54
C VAL A 151 15.55 9.39 -9.02
N PRO A 152 16.23 8.77 -10.05
CA PRO A 152 16.13 9.21 -11.47
C PRO A 152 14.70 9.28 -12.08
N ARG A 153 13.70 8.67 -11.39
CA ARG A 153 12.28 8.70 -11.84
C ARG A 153 11.79 10.13 -12.07
N GLY A 154 12.01 11.00 -11.06
CA GLY A 154 11.64 12.43 -11.13
C GLY A 154 10.16 12.65 -11.43
N SER A 155 9.86 13.66 -12.27
CA SER A 155 8.50 13.96 -12.78
C SER A 155 8.61 14.87 -14.02
N GLY A 156 7.45 15.12 -14.65
CA GLY A 156 7.36 15.95 -15.85
C GLY A 156 5.94 16.03 -16.38
N GLY A 157 5.79 16.41 -17.67
CA GLY A 157 4.47 16.52 -18.31
C GLY A 157 3.71 17.79 -17.92
N ILE A 158 3.38 17.89 -16.60
CA ILE A 158 2.72 19.06 -16.00
C ILE A 158 3.59 20.33 -16.17
N GLU A 159 2.91 21.51 -16.31
CA GLU A 159 3.53 22.86 -16.47
C GLU A 159 4.11 23.03 -17.89
N GLY A 160 4.01 24.27 -18.41
CA GLY A 160 4.55 24.61 -19.72
C GLY A 160 3.95 25.91 -20.23
N MET A 161 2.70 25.84 -20.71
CA MET A 161 1.95 27.02 -21.16
C MET A 161 1.48 27.83 -19.93
N ALA A 162 1.03 27.11 -18.90
CA ALA A 162 0.63 27.70 -17.61
C ALA A 162 1.73 27.45 -16.57
N GLN A 163 2.22 28.53 -15.94
CA GLN A 163 3.31 28.50 -14.91
C GLN A 163 2.88 29.37 -13.72
N HIS A 164 3.34 28.97 -12.51
CA HIS A 164 2.92 29.58 -11.22
C HIS A 164 4.13 29.64 -10.25
N GLY A 165 3.90 30.20 -9.04
CA GLY A 165 4.99 30.38 -8.06
C GLY A 165 4.48 30.51 -6.64
N ALA A 166 5.41 30.37 -5.67
CA ALA A 166 5.09 30.32 -4.24
C ALA A 166 4.99 31.73 -3.62
N LEU A 167 3.87 32.42 -3.91
CA LEU A 167 3.54 33.71 -3.26
C LEU A 167 2.34 33.51 -2.31
N GLU A 168 1.09 33.57 -2.84
CA GLU A 168 -0.11 33.32 -2.01
C GLU A 168 -0.41 31.82 -1.95
N THR A 169 -0.61 31.31 -0.73
CA THR A 169 -0.66 29.88 -0.42
C THR A 169 -1.98 29.19 -0.86
N LEU A 170 -3.05 29.99 -1.03
CA LEU A 170 -4.43 29.49 -1.24
C LEU A 170 -4.56 28.68 -2.55
N LYS A 171 -4.83 27.36 -2.40
CA LYS A 171 -5.06 26.42 -3.53
C LYS A 171 -6.50 25.85 -3.39
N ASP A 172 -7.32 26.05 -4.43
CA ASP A 172 -8.77 25.72 -4.44
C ASP A 172 -9.07 24.23 -4.14
N LEU A 173 -8.53 23.32 -4.98
CA LEU A 173 -8.87 21.88 -4.97
C LEU A 173 -8.06 21.10 -3.92
N ALA A 174 -6.97 21.73 -3.39
CA ALA A 174 -6.04 21.10 -2.42
C ALA A 174 -6.74 20.49 -1.20
N GLU A 175 -7.95 21.00 -0.90
CA GLU A 175 -8.81 20.43 0.15
C GLU A 175 -9.11 18.95 -0.14
N LYS A 176 -9.75 18.69 -1.30
CA LYS A 176 -10.19 17.33 -1.68
C LYS A 176 -9.01 16.45 -2.14
N GLU A 177 -7.99 17.08 -2.78
CA GLU A 177 -6.79 16.38 -3.25
C GLU A 177 -6.00 15.79 -2.08
N VAL A 178 -5.62 16.65 -1.10
CA VAL A 178 -4.83 16.22 0.08
C VAL A 178 -5.67 15.34 1.00
N ASP A 179 -6.92 15.77 1.30
CA ASP A 179 -7.81 15.03 2.23
C ASP A 179 -8.02 13.59 1.73
N ASP A 180 -8.54 13.45 0.49
CA ASP A 180 -8.91 12.12 -0.05
C ASP A 180 -7.68 11.25 -0.32
N ALA A 181 -6.66 11.79 -1.02
CA ALA A 181 -5.44 11.03 -1.33
C ALA A 181 -4.73 10.60 -0.06
N ALA A 182 -4.31 11.57 0.78
CA ALA A 182 -3.55 11.28 2.02
C ALA A 182 -4.35 10.38 3.00
N ARG A 183 -5.70 10.44 2.96
CA ARG A 183 -6.56 9.54 3.77
C ARG A 183 -6.38 8.08 3.32
N LEU A 184 -6.76 7.80 2.07
CA LEU A 184 -6.79 6.43 1.51
C LEU A 184 -5.38 5.87 1.41
N LEU A 185 -4.52 6.66 0.75
CA LEU A 185 -3.12 6.33 0.49
C LEU A 185 -2.32 6.32 1.79
N GLY A 186 -2.75 7.10 2.81
CA GLY A 186 -2.13 7.06 4.15
C GLY A 186 -2.39 5.75 4.88
N GLU A 187 -3.66 5.28 4.86
CA GLU A 187 -4.04 3.97 5.45
C GLU A 187 -3.38 2.83 4.67
N MET A 188 -3.19 3.07 3.36
CA MET A 188 -2.61 2.13 2.42
C MET A 188 -1.07 2.07 2.60
N ARG A 189 -0.48 3.23 2.97
CA ARG A 189 0.99 3.40 3.14
C ARG A 189 1.45 2.81 4.47
N ARG A 190 0.71 3.13 5.54
CA ARG A 190 0.91 2.51 6.87
C ARG A 190 0.61 1.01 6.77
N GLY A 191 -0.46 0.68 6.03
CA GLY A 191 -0.84 -0.71 5.75
C GLY A 191 0.18 -1.44 4.88
N CYS A 192 0.94 -0.68 4.06
CA CYS A 192 2.07 -1.20 3.26
C CYS A 192 3.24 -1.59 4.16
N GLN A 193 3.55 -0.71 5.13
CA GLN A 193 4.62 -0.95 6.11
C GLN A 193 4.28 -2.15 7.03
N GLN A 194 2.99 -2.25 7.42
CA GLN A 194 2.48 -3.34 8.28
C GLN A 194 2.44 -4.65 7.50
N ALA A 195 2.08 -4.56 6.20
CA ALA A 195 2.01 -5.72 5.30
C ALA A 195 3.39 -6.36 5.20
N GLU A 196 4.38 -5.56 4.73
CA GLU A 196 5.76 -6.02 4.57
C GLU A 196 6.34 -6.54 5.90
N GLU A 197 6.03 -5.86 7.02
CA GLU A 197 6.49 -6.28 8.38
C GLU A 197 6.03 -7.74 8.69
N GLN A 198 4.73 -8.01 8.47
CA GLN A 198 4.12 -9.34 8.73
C GLN A 198 4.71 -10.41 7.79
N LEU A 199 4.65 -10.12 6.46
CA LEU A 199 5.06 -11.06 5.39
C LEU A 199 6.56 -11.41 5.49
N LYS A 200 7.36 -10.41 5.90
CA LYS A 200 8.81 -10.55 6.14
C LYS A 200 9.06 -11.48 7.33
N MET A 201 8.31 -11.22 8.43
CA MET A 201 8.39 -12.00 9.69
C MET A 201 8.00 -13.47 9.43
N LEU A 202 7.03 -13.66 8.52
CA LEU A 202 6.56 -14.99 8.10
C LEU A 202 7.68 -15.75 7.38
N ILE A 203 8.22 -15.16 6.29
CA ILE A 203 9.31 -15.78 5.50
C ILE A 203 10.61 -15.93 6.33
N ASP A 204 10.73 -15.12 7.39
CA ASP A 204 11.90 -15.15 8.29
C ASP A 204 11.81 -16.32 9.29
N TYR A 205 10.64 -16.50 9.94
CA TYR A 205 10.45 -17.56 10.96
C TYR A 205 10.01 -18.89 10.33
N GLN A 206 9.60 -18.83 9.03
CA GLN A 206 8.89 -19.91 8.28
C GLN A 206 9.45 -21.33 8.44
N ASN A 207 10.72 -21.45 8.86
CA ASN A 207 11.27 -22.73 9.31
C ASN A 207 10.57 -23.11 10.64
N GLU A 208 9.31 -23.56 10.49
CA GLU A 208 8.37 -23.83 11.59
C GLU A 208 8.00 -25.31 11.54
N TYR A 209 7.37 -25.70 10.41
CA TYR A 209 6.90 -27.06 10.21
C TYR A 209 8.03 -27.99 9.75
N ARG A 210 8.41 -28.87 10.66
CA ARG A 210 9.21 -30.06 10.39
C ARG A 210 8.82 -31.11 11.43
N SER A 211 8.64 -32.35 10.99
CA SER A 211 8.23 -33.45 11.87
C SER A 211 9.41 -33.92 12.74
N ASN A 212 9.19 -34.02 14.06
CA ASN A 212 10.20 -34.47 15.05
C ASN A 212 9.60 -35.58 15.96
N LEU A 213 8.39 -36.07 15.60
CA LEU A 213 7.63 -37.07 16.39
C LEU A 213 7.96 -38.50 15.90
N ASN A 214 7.58 -38.82 14.65
CA ASN A 214 7.76 -40.17 14.06
C ASN A 214 9.06 -40.22 13.21
N MET A 1 -2.92 -31.67 12.18
CA MET A 1 -4.15 -31.65 12.99
C MET A 1 -5.02 -30.42 12.64
N THR A 2 -6.24 -30.39 13.21
CA THR A 2 -7.33 -29.45 12.83
C THR A 2 -6.95 -27.97 13.00
N ARG A 3 -6.12 -27.67 14.03
CA ARG A 3 -5.66 -26.30 14.34
C ARG A 3 -5.00 -25.64 13.11
N LEU A 4 -3.80 -26.11 12.71
CA LEU A 4 -2.99 -25.44 11.68
C LEU A 4 -3.62 -25.55 10.29
N SER A 5 -4.24 -26.69 9.98
CA SER A 5 -4.85 -26.94 8.65
C SER A 5 -5.80 -25.77 8.27
N GLU A 6 -6.65 -25.38 9.24
CA GLU A 6 -7.58 -24.25 9.09
C GLU A 6 -6.84 -22.90 9.05
N ILE A 7 -5.97 -22.63 10.05
CA ILE A 7 -5.24 -21.33 10.21
C ILE A 7 -4.46 -20.98 8.92
N LEU A 8 -3.82 -22.00 8.35
CA LEU A 8 -2.96 -21.87 7.18
C LEU A 8 -3.78 -21.74 5.90
N ASP A 9 -4.90 -22.51 5.82
CA ASP A 9 -5.82 -22.41 4.67
C ASP A 9 -6.50 -21.03 4.66
N GLN A 10 -6.83 -20.53 5.86
CA GLN A 10 -7.42 -19.20 6.07
C GLN A 10 -6.41 -18.12 5.64
N MET A 11 -5.13 -18.31 5.98
CA MET A 11 -4.07 -17.38 5.59
C MET A 11 -3.92 -17.34 4.06
N THR A 12 -3.77 -18.51 3.41
CA THR A 12 -3.48 -18.60 1.96
C THR A 12 -4.68 -18.11 1.10
N THR A 13 -5.93 -18.26 1.61
CA THR A 13 -7.11 -17.69 0.91
C THR A 13 -7.15 -16.16 1.08
N VAL A 14 -6.83 -15.66 2.29
CA VAL A 14 -6.72 -14.20 2.55
C VAL A 14 -5.58 -13.59 1.68
N LEU A 15 -4.52 -14.38 1.43
CA LEU A 15 -3.39 -13.98 0.58
C LEU A 15 -3.84 -13.86 -0.90
N ASN A 16 -4.69 -14.83 -1.34
CA ASN A 16 -5.29 -14.83 -2.71
C ASN A 16 -6.24 -13.63 -2.89
N ASP A 17 -6.98 -13.31 -1.82
CA ASP A 17 -7.91 -12.17 -1.80
C ASP A 17 -7.13 -10.85 -1.85
N LEU A 18 -6.01 -10.77 -1.09
CA LEU A 18 -5.09 -9.61 -1.14
C LEU A 18 -4.45 -9.46 -2.52
N LYS A 19 -4.23 -10.60 -3.21
CA LYS A 19 -3.71 -10.60 -4.58
C LYS A 19 -4.69 -9.84 -5.49
N THR A 20 -5.96 -10.27 -5.48
CA THR A 20 -7.03 -9.66 -6.31
C THR A 20 -7.24 -8.16 -5.97
N VAL A 21 -7.38 -7.89 -4.65
CA VAL A 21 -7.67 -6.56 -4.09
C VAL A 21 -6.57 -5.54 -4.43
N MET A 22 -5.32 -5.89 -4.10
CA MET A 22 -4.18 -4.96 -4.26
C MET A 22 -3.70 -4.87 -5.72
N ASP A 23 -4.03 -5.87 -6.56
CA ASP A 23 -3.71 -5.85 -8.01
C ASP A 23 -4.66 -4.89 -8.75
N ALA A 24 -5.96 -4.96 -8.40
CA ALA A 24 -6.99 -4.04 -8.91
C ALA A 24 -6.69 -2.58 -8.49
N GLU A 25 -6.27 -2.44 -7.21
CA GLU A 25 -5.82 -1.18 -6.62
C GLU A 25 -4.62 -0.59 -7.39
N GLN A 26 -3.64 -1.46 -7.62
CA GLN A 26 -2.41 -1.18 -8.38
C GLN A 26 -2.74 -0.58 -9.76
N GLN A 27 -3.82 -1.11 -10.39
CA GLN A 27 -4.37 -0.55 -11.63
C GLN A 27 -4.89 0.89 -11.42
N GLN A 28 -5.73 1.09 -10.38
CA GLN A 28 -6.30 2.43 -10.05
C GLN A 28 -5.22 3.44 -9.57
N LEU A 29 -4.02 2.96 -9.22
CA LEU A 29 -2.88 3.82 -8.87
C LEU A 29 -2.08 4.17 -10.14
N SER A 30 -2.04 3.23 -11.11
CA SER A 30 -1.28 3.41 -12.37
C SER A 30 -2.09 4.20 -13.42
N VAL A 31 -3.44 4.30 -13.25
CA VAL A 31 -4.28 5.15 -14.14
C VAL A 31 -4.11 6.64 -13.79
N GLY A 32 -3.62 6.90 -12.55
CA GLY A 32 -3.31 8.25 -12.06
C GLY A 32 -4.51 8.91 -11.38
N GLN A 33 -5.73 8.45 -11.70
CA GLN A 33 -6.98 8.97 -11.11
C GLN A 33 -7.33 8.15 -9.86
N ILE A 34 -7.28 8.81 -8.69
CA ILE A 34 -7.68 8.23 -7.41
C ILE A 34 -9.20 8.40 -7.23
N ASN A 35 -9.92 7.29 -7.07
CA ASN A 35 -11.38 7.29 -6.83
C ASN A 35 -11.64 6.97 -5.35
N GLY A 36 -12.48 7.80 -4.72
CA GLY A 36 -12.75 7.71 -3.29
C GLY A 36 -13.43 6.42 -2.86
N SER A 37 -14.61 6.18 -3.43
CA SER A 37 -15.46 5.00 -3.10
C SER A 37 -14.77 3.68 -3.48
N GLN A 38 -14.08 3.71 -4.65
CA GLN A 38 -13.36 2.54 -5.20
C GLN A 38 -12.24 2.09 -4.25
N LEU A 39 -11.27 2.99 -4.00
CA LEU A 39 -10.09 2.67 -3.18
C LEU A 39 -10.44 2.56 -1.70
N GLN A 40 -11.58 3.14 -1.27
CA GLN A 40 -12.06 2.98 0.12
C GLN A 40 -12.52 1.55 0.34
N ARG A 41 -13.30 1.00 -0.62
CA ARG A 41 -13.76 -0.40 -0.57
C ARG A 41 -12.53 -1.34 -0.58
N ILE A 42 -11.60 -1.04 -1.50
CA ILE A 42 -10.37 -1.84 -1.69
C ILE A 42 -9.49 -1.84 -0.43
N THR A 43 -9.15 -0.65 0.10
CA THR A 43 -8.27 -0.54 1.29
C THR A 43 -8.98 -1.01 2.57
N GLU A 44 -10.32 -1.03 2.56
CA GLU A 44 -11.14 -1.59 3.67
C GLU A 44 -10.96 -3.10 3.72
N GLU A 45 -11.07 -3.74 2.53
CA GLU A 45 -10.85 -5.19 2.39
C GLU A 45 -9.41 -5.53 2.79
N LYS A 46 -8.44 -4.84 2.16
CA LYS A 46 -7.01 -5.05 2.38
C LYS A 46 -6.64 -4.88 3.87
N SER A 47 -7.12 -3.81 4.50
CA SER A 47 -6.79 -3.50 5.92
C SER A 47 -7.33 -4.60 6.85
N SER A 48 -8.57 -5.05 6.56
CA SER A 48 -9.24 -6.13 7.31
C SER A 48 -8.53 -7.48 7.11
N LEU A 49 -8.03 -7.72 5.87
CA LEU A 49 -7.37 -8.98 5.48
C LEU A 49 -5.96 -9.06 6.13
N LEU A 50 -5.24 -7.93 6.16
CA LEU A 50 -3.90 -7.82 6.80
C LEU A 50 -4.02 -7.88 8.33
N ALA A 51 -5.16 -7.37 8.84
CA ALA A 51 -5.50 -7.46 10.28
C ALA A 51 -5.78 -8.91 10.66
N THR A 52 -6.46 -9.65 9.74
CA THR A 52 -6.73 -11.08 9.93
C THR A 52 -5.42 -11.87 9.80
N LEU A 53 -4.50 -11.45 8.91
CA LEU A 53 -3.18 -12.12 8.77
C LEU A 53 -2.36 -11.99 10.06
N ASP A 54 -2.34 -10.77 10.65
CA ASP A 54 -1.68 -10.49 11.95
C ASP A 54 -2.22 -11.46 13.02
N TYR A 55 -3.55 -11.48 13.12
CA TYR A 55 -4.33 -12.44 13.93
C TYR A 55 -3.90 -13.90 13.64
N LEU A 56 -3.83 -14.25 12.34
CA LEU A 56 -3.54 -15.61 11.88
C LEU A 56 -2.10 -15.99 12.24
N GLU A 57 -1.18 -15.00 12.29
CA GLU A 57 0.25 -15.21 12.65
C GLU A 57 0.40 -15.50 14.14
N GLN A 58 -0.39 -14.77 14.95
CA GLN A 58 -0.42 -14.95 16.41
C GLN A 58 -0.80 -16.40 16.75
N GLN A 59 -2.00 -16.81 16.27
CA GLN A 59 -2.50 -18.18 16.52
C GLN A 59 -1.66 -19.23 15.76
N ARG A 60 -1.08 -18.87 14.60
CA ARG A 60 -0.21 -19.77 13.81
C ARG A 60 1.01 -20.17 14.63
N ARG A 61 1.69 -19.13 15.19
CA ARG A 61 2.88 -19.29 16.02
C ARG A 61 2.59 -20.20 17.23
N LEU A 62 1.51 -19.88 17.97
CA LEU A 62 1.13 -20.61 19.19
C LEU A 62 0.82 -22.10 18.88
N GLU A 63 0.03 -22.33 17.83
CA GLU A 63 -0.47 -23.66 17.47
C GLU A 63 0.62 -24.50 16.77
N GLN A 64 1.57 -23.88 16.04
CA GLN A 64 2.66 -24.62 15.36
C GLN A 64 3.74 -25.02 16.37
N ASN A 65 3.92 -24.15 17.37
CA ASN A 65 4.85 -24.38 18.49
C ASN A 65 4.29 -25.51 19.38
N ALA A 66 2.95 -25.50 19.56
CA ALA A 66 2.24 -26.51 20.38
C ALA A 66 2.10 -27.86 19.63
N GLN A 67 1.98 -27.80 18.29
CA GLN A 67 1.81 -29.01 17.44
C GLN A 67 3.18 -29.54 16.98
N ARG A 68 3.23 -30.82 16.59
CA ARG A 68 4.40 -31.42 15.91
C ARG A 68 4.17 -31.40 14.39
N SER A 69 5.03 -32.11 13.63
CA SER A 69 4.91 -32.22 12.16
C SER A 69 3.52 -32.75 11.73
N ALA A 70 3.03 -33.78 12.46
CA ALA A 70 1.62 -34.26 12.40
C ALA A 70 1.19 -34.75 10.98
N ASN A 71 0.84 -33.81 10.09
CA ASN A 71 0.25 -34.10 8.76
C ASN A 71 0.93 -33.22 7.68
N ASP A 72 1.06 -33.76 6.46
CA ASP A 72 1.89 -33.16 5.39
C ASP A 72 1.19 -31.98 4.69
N ASP A 73 -0.16 -32.06 4.56
CA ASP A 73 -0.98 -30.99 3.94
C ASP A 73 -0.72 -29.62 4.60
N ILE A 74 -0.45 -29.67 5.92
CA ILE A 74 -0.07 -28.51 6.73
C ILE A 74 1.20 -27.86 6.13
N ALA A 75 2.23 -28.69 5.90
CA ALA A 75 3.52 -28.26 5.34
C ALA A 75 3.36 -27.70 3.91
N GLU A 76 2.45 -28.29 3.13
CA GLU A 76 2.11 -27.82 1.77
C GLU A 76 1.48 -26.43 1.84
N ARG A 77 0.70 -26.19 2.91
CA ARG A 77 0.10 -24.89 3.19
C ARG A 77 1.19 -23.86 3.58
N TRP A 78 2.21 -24.28 4.35
CA TRP A 78 3.36 -23.41 4.70
C TRP A 78 4.11 -22.95 3.42
N GLN A 79 4.29 -23.89 2.45
CA GLN A 79 4.89 -23.60 1.13
C GLN A 79 4.02 -22.62 0.31
N ALA A 80 2.70 -22.89 0.31
CA ALA A 80 1.70 -22.09 -0.41
C ALA A 80 1.73 -20.64 0.09
N ILE A 81 1.78 -20.50 1.41
CA ILE A 81 1.81 -19.20 2.09
C ILE A 81 3.08 -18.43 1.76
N THR A 82 4.26 -19.08 1.87
CA THR A 82 5.56 -18.40 1.64
C THR A 82 5.68 -17.88 0.19
N GLU A 83 5.17 -18.67 -0.78
CA GLU A 83 5.08 -18.24 -2.20
C GLU A 83 4.19 -16.99 -2.34
N LYS A 84 2.97 -17.08 -1.76
CA LYS A 84 1.97 -15.99 -1.81
C LYS A 84 2.49 -14.70 -1.12
N THR A 85 3.15 -14.86 0.04
CA THR A 85 3.63 -13.72 0.85
C THR A 85 4.81 -13.01 0.17
N GLN A 86 5.63 -13.80 -0.54
CA GLN A 86 6.71 -13.29 -1.40
C GLN A 86 6.14 -12.39 -2.52
N HIS A 87 5.16 -12.96 -3.24
CA HIS A 87 4.53 -12.29 -4.40
C HIS A 87 3.78 -11.02 -3.97
N LEU A 88 3.06 -11.13 -2.83
CA LEU A 88 2.28 -10.02 -2.25
C LEU A 88 3.20 -8.94 -1.72
N ARG A 89 4.36 -9.32 -1.14
CA ARG A 89 5.30 -8.35 -0.59
C ARG A 89 5.86 -7.48 -1.73
N ASP A 90 6.27 -8.14 -2.83
CA ASP A 90 6.90 -7.44 -3.99
C ASP A 90 5.86 -6.55 -4.67
N LEU A 91 4.62 -7.04 -4.68
CA LEU A 91 3.44 -6.33 -5.17
C LEU A 91 3.15 -5.10 -4.26
N ASN A 92 3.32 -5.30 -2.94
CA ASN A 92 2.98 -4.30 -1.90
C ASN A 92 4.06 -3.21 -1.80
N GLN A 93 5.31 -3.59 -2.12
CA GLN A 93 6.43 -2.64 -2.24
C GLN A 93 6.22 -1.80 -3.50
N HIS A 94 5.80 -2.49 -4.58
CA HIS A 94 5.42 -1.85 -5.85
C HIS A 94 4.21 -0.91 -5.64
N ASN A 95 3.26 -1.37 -4.83
CA ASN A 95 2.00 -0.65 -4.53
C ASN A 95 2.30 0.62 -3.73
N GLY A 96 3.16 0.45 -2.70
CA GLY A 96 3.59 1.56 -1.85
C GLY A 96 4.48 2.56 -2.56
N TRP A 97 5.22 2.09 -3.59
CA TRP A 97 6.08 2.93 -4.45
C TRP A 97 5.27 3.61 -5.58
N LEU A 98 4.09 3.02 -5.92
CA LEU A 98 3.11 3.68 -6.82
C LEU A 98 2.45 4.83 -6.07
N LEU A 99 2.09 4.54 -4.80
CA LEU A 99 1.59 5.54 -3.86
C LEU A 99 2.62 6.65 -3.73
N GLU A 100 3.82 6.29 -3.28
CA GLU A 100 4.87 7.23 -2.90
C GLU A 100 5.42 8.00 -4.12
N GLY A 101 5.40 7.34 -5.30
CA GLY A 101 5.84 7.96 -6.55
C GLY A 101 4.85 8.98 -7.07
N GLN A 102 3.55 8.61 -7.06
CA GLN A 102 2.47 9.48 -7.57
C GLN A 102 2.09 10.55 -6.52
N ILE A 103 2.34 10.29 -5.23
CA ILE A 103 2.13 11.26 -4.14
C ILE A 103 3.23 12.31 -4.20
N GLU A 104 4.50 11.88 -4.37
CA GLU A 104 5.67 12.80 -4.51
C GLU A 104 5.46 13.74 -5.72
N ARG A 105 5.10 13.11 -6.86
CA ARG A 105 4.86 13.82 -8.13
C ARG A 105 3.74 14.87 -7.93
N ASN A 106 2.58 14.41 -7.41
CA ASN A 106 1.38 15.26 -7.21
C ASN A 106 1.66 16.36 -6.16
N GLN A 107 2.41 16.02 -5.11
CA GLN A 107 2.75 16.92 -3.97
C GLN A 107 3.49 18.15 -4.48
N GLN A 108 4.61 17.90 -5.17
CA GLN A 108 5.43 18.97 -5.73
C GLN A 108 4.73 19.60 -6.97
N ALA A 109 3.79 18.87 -7.59
CA ALA A 109 2.95 19.40 -8.69
C ALA A 109 1.89 20.40 -8.16
N LEU A 110 1.43 20.18 -6.92
CA LEU A 110 0.53 21.13 -6.21
C LEU A 110 1.35 22.35 -5.78
N GLU A 111 2.62 22.08 -5.46
CA GLU A 111 3.62 23.12 -5.17
C GLU A 111 3.94 23.95 -6.45
N VAL A 112 3.76 23.35 -7.65
CA VAL A 112 3.74 24.10 -8.94
C VAL A 112 2.46 24.97 -9.03
N LEU A 113 1.32 24.41 -8.60
CA LEU A 113 -0.03 25.06 -8.71
C LEU A 113 -0.23 26.20 -7.69
N LYS A 114 0.84 26.60 -6.99
CA LYS A 114 0.81 27.74 -6.06
C LYS A 114 0.88 29.07 -6.86
N PRO A 115 -0.03 30.05 -6.56
CA PRO A 115 0.02 31.40 -7.16
C PRO A 115 1.22 32.21 -6.61
N HIS A 116 1.51 33.35 -7.27
CA HIS A 116 2.66 34.24 -6.96
C HIS A 116 2.74 34.54 -5.44
N GLN A 117 3.72 33.90 -4.78
CA GLN A 117 3.90 33.95 -3.32
C GLN A 117 5.31 33.45 -2.95
N GLU A 118 5.47 32.11 -2.86
CA GLU A 118 6.74 31.48 -2.46
C GLU A 118 7.28 30.63 -3.63
N PRO A 119 8.36 31.09 -4.33
CA PRO A 119 9.10 30.24 -5.27
C PRO A 119 9.85 29.14 -4.48
N THR A 120 9.54 27.88 -4.81
CA THR A 120 10.17 26.72 -4.19
C THR A 120 11.26 26.14 -5.10
N LEU A 121 12.50 26.34 -4.68
CA LEU A 121 13.70 25.82 -5.34
C LEU A 121 13.93 24.35 -4.90
N TYR A 122 13.90 23.39 -5.85
CA TYR A 122 14.32 22.01 -5.58
C TYR A 122 14.56 21.24 -6.90
N GLY A 123 13.51 21.07 -7.71
CA GLY A 123 13.63 20.36 -8.98
C GLY A 123 12.28 19.88 -9.50
N ALA A 124 11.80 18.77 -8.91
CA ALA A 124 10.49 18.13 -9.24
C ALA A 124 10.25 18.05 -10.76
N ASP A 125 10.99 17.15 -11.41
CA ASP A 125 10.93 16.96 -12.86
C ASP A 125 9.56 16.34 -13.26
N GLY A 126 9.10 16.66 -14.49
CA GLY A 126 7.79 16.24 -14.99
C GLY A 126 7.58 14.74 -15.06
N GLN A 127 8.68 13.96 -15.07
CA GLN A 127 8.64 12.49 -15.08
C GLN A 127 8.06 11.94 -13.76
N THR A 128 7.50 10.73 -13.82
CA THR A 128 6.90 10.01 -12.70
C THR A 128 7.39 8.55 -12.72
N SER A 129 7.08 7.78 -11.66
CA SER A 129 7.54 6.40 -11.54
C SER A 129 6.85 5.48 -12.57
N VAL A 130 5.50 5.64 -12.70
CA VAL A 130 4.61 4.80 -13.58
C VAL A 130 5.05 3.34 -13.70
N SER A 131 4.76 2.56 -12.64
CA SER A 131 5.09 1.13 -12.48
C SER A 131 6.58 0.88 -12.11
N HIS A 132 7.51 1.63 -12.74
CA HIS A 132 8.94 1.51 -12.44
C HIS A 132 9.23 2.02 -11.01
N ARG A 133 9.49 1.08 -10.10
CA ARG A 133 9.83 1.38 -8.69
C ARG A 133 11.28 1.91 -8.59
N GLY A 134 11.58 2.66 -7.52
CA GLY A 134 12.90 3.28 -7.35
C GLY A 134 13.26 3.50 -5.90
N GLY A 135 13.91 4.64 -5.61
CA GLY A 135 14.27 5.03 -4.25
C GLY A 135 13.34 6.08 -3.70
N LYS A 136 12.31 5.64 -2.95
CA LYS A 136 11.41 6.56 -2.23
C LYS A 136 11.05 5.99 -0.83
N LYS A 137 11.34 6.79 0.20
CA LYS A 137 10.90 6.53 1.59
C LYS A 137 9.51 7.12 1.84
N ILE A 138 8.88 6.68 2.95
CA ILE A 138 7.54 7.11 3.37
C ILE A 138 7.54 8.60 3.73
N SER A 139 6.90 9.41 2.87
CA SER A 139 6.81 10.87 3.03
C SER A 139 5.36 11.28 3.34
N ILE A 140 5.19 12.19 4.30
CA ILE A 140 3.88 12.80 4.59
C ILE A 140 3.67 13.98 3.63
N VAL A 141 2.40 14.26 3.29
CA VAL A 141 2.01 15.30 2.34
C VAL A 141 2.53 16.71 2.76
N LEU A 142 2.80 17.59 1.74
CA LEU A 142 3.32 18.95 1.96
C LEU A 142 2.38 19.83 2.83
N PHE A 143 1.09 19.43 2.88
CA PHE A 143 0.04 20.15 3.63
C PHE A 143 0.18 19.94 5.16
N GLN A 144 0.91 18.89 5.58
CA GLN A 144 1.10 18.55 7.00
C GLN A 144 2.53 18.02 7.22
N GLY A 145 3.50 18.94 7.38
CA GLY A 145 4.90 18.60 7.67
C GLY A 145 5.52 17.60 6.68
N PRO A 146 5.95 18.05 5.45
CA PRO A 146 6.57 17.16 4.43
C PRO A 146 7.90 16.57 4.94
N SER A 147 7.86 15.29 5.33
CA SER A 147 9.02 14.59 5.92
C SER A 147 10.12 14.40 4.86
N ALA A 148 11.33 14.90 5.20
CA ALA A 148 12.50 14.91 4.31
C ALA A 148 13.03 13.47 4.04
N GLY A 149 13.86 13.34 3.00
CA GLY A 149 14.45 12.05 2.64
C GLY A 149 15.69 12.20 1.77
N LEU A 150 16.60 11.22 1.87
CA LEU A 150 17.86 11.18 1.10
C LEU A 150 17.63 10.51 -0.27
N VAL A 151 16.39 10.63 -0.79
CA VAL A 151 15.95 10.02 -2.07
C VAL A 151 16.50 10.81 -3.29
N PRO A 152 16.64 10.15 -4.49
CA PRO A 152 17.21 10.77 -5.74
C PRO A 152 16.76 12.23 -6.00
N ARG A 153 15.43 12.45 -5.94
CA ARG A 153 14.82 13.77 -6.21
C ARG A 153 14.78 14.67 -4.97
N GLY A 154 14.77 14.04 -3.78
CA GLY A 154 14.43 14.76 -2.54
C GLY A 154 12.95 15.13 -2.50
N SER A 155 12.63 16.29 -1.91
CA SER A 155 11.25 16.82 -1.85
C SER A 155 11.31 18.30 -1.41
N GLY A 156 10.49 19.16 -2.04
CA GLY A 156 10.44 20.58 -1.67
C GLY A 156 9.61 21.41 -2.63
N GLY A 157 9.84 21.20 -3.93
CA GLY A 157 9.14 21.94 -4.99
C GLY A 157 9.78 21.77 -6.34
N ILE A 158 9.33 22.59 -7.31
CA ILE A 158 9.74 22.51 -8.72
C ILE A 158 11.04 23.33 -8.97
N GLU A 159 11.49 23.38 -10.22
CA GLU A 159 12.44 24.38 -10.74
C GLU A 159 11.88 25.79 -10.51
N GLY A 160 12.05 26.28 -9.27
CA GLY A 160 11.66 27.64 -8.88
C GLY A 160 12.80 28.62 -9.06
N MET A 161 14.05 28.08 -9.03
CA MET A 161 15.31 28.84 -9.20
C MET A 161 15.42 30.02 -8.21
N ALA A 162 14.69 29.90 -7.11
CA ALA A 162 14.56 30.93 -6.08
C ALA A 162 13.89 30.30 -4.85
N GLN A 163 14.36 30.67 -3.66
CA GLN A 163 13.84 30.17 -2.38
C GLN A 163 14.06 31.27 -1.33
N HIS A 164 13.11 31.39 -0.39
CA HIS A 164 13.20 32.36 0.72
C HIS A 164 12.31 31.93 1.90
N GLY A 165 11.26 31.17 1.59
CA GLY A 165 10.32 30.70 2.60
C GLY A 165 9.41 29.60 2.07
N ALA A 166 8.59 29.05 2.97
CA ALA A 166 7.68 27.95 2.66
C ALA A 166 6.32 28.20 3.35
N LEU A 167 5.71 29.34 2.97
CA LEU A 167 4.32 29.65 3.35
C LEU A 167 3.39 28.80 2.48
N GLU A 168 3.20 27.53 2.89
CA GLU A 168 2.34 26.56 2.21
C GLU A 168 0.89 27.10 2.23
N THR A 169 0.29 27.24 1.04
CA THR A 169 -1.04 27.80 0.87
C THR A 169 -1.91 26.81 0.08
N LEU A 170 -2.71 26.04 0.83
CA LEU A 170 -3.59 24.99 0.31
C LEU A 170 -4.59 25.55 -0.74
N LYS A 171 -4.77 24.80 -1.84
CA LYS A 171 -5.64 25.18 -2.98
C LYS A 171 -7.01 24.49 -2.89
N ASP A 172 -7.92 24.92 -3.79
CA ASP A 172 -9.37 24.58 -3.76
C ASP A 172 -9.58 23.07 -3.95
N LEU A 173 -9.28 22.59 -5.17
CA LEU A 173 -9.41 21.18 -5.55
C LEU A 173 -8.39 20.33 -4.77
N ALA A 174 -7.21 20.92 -4.51
CA ALA A 174 -6.12 20.28 -3.75
C ALA A 174 -6.59 19.83 -2.35
N GLU A 175 -7.44 20.66 -1.72
CA GLU A 175 -8.00 20.38 -0.39
C GLU A 175 -8.81 19.07 -0.41
N LYS A 176 -9.95 19.09 -1.11
CA LYS A 176 -10.93 17.98 -1.11
C LYS A 176 -10.37 16.69 -1.76
N GLU A 177 -9.50 16.85 -2.77
CA GLU A 177 -9.02 15.74 -3.62
C GLU A 177 -7.85 15.02 -2.95
N VAL A 178 -6.93 15.76 -2.31
CA VAL A 178 -5.79 15.16 -1.59
C VAL A 178 -6.21 14.78 -0.16
N ASP A 179 -7.30 15.38 0.35
CA ASP A 179 -7.91 14.91 1.61
C ASP A 179 -8.48 13.51 1.38
N ASP A 180 -9.30 13.39 0.32
CA ASP A 180 -9.85 12.10 -0.17
C ASP A 180 -8.71 11.11 -0.44
N ALA A 181 -7.81 11.49 -1.37
CA ALA A 181 -6.73 10.62 -1.85
C ALA A 181 -5.81 10.23 -0.72
N ALA A 182 -5.08 11.21 -0.13
CA ALA A 182 -4.05 10.92 0.89
C ALA A 182 -4.62 10.30 2.17
N ARG A 183 -5.95 10.42 2.41
CA ARG A 183 -6.61 9.59 3.46
C ARG A 183 -6.60 8.12 3.04
N LEU A 184 -7.15 7.81 1.83
CA LEU A 184 -7.18 6.43 1.27
C LEU A 184 -5.76 5.84 1.22
N LEU A 185 -4.86 6.65 0.64
CA LEU A 185 -3.46 6.29 0.39
C LEU A 185 -2.70 6.24 1.72
N GLY A 186 -3.17 7.01 2.70
CA GLY A 186 -2.64 6.98 4.07
C GLY A 186 -3.00 5.71 4.82
N GLU A 187 -4.30 5.32 4.75
CA GLU A 187 -4.80 4.09 5.42
C GLU A 187 -4.10 2.86 4.83
N MET A 188 -3.98 2.86 3.50
CA MET A 188 -3.37 1.75 2.75
C MET A 188 -1.83 1.81 2.85
N ARG A 189 -1.27 2.99 3.19
CA ARG A 189 0.16 3.17 3.52
C ARG A 189 0.49 2.47 4.86
N ARG A 190 -0.41 2.64 5.84
CA ARG A 190 -0.27 2.00 7.17
C ARG A 190 -0.36 0.48 7.00
N GLY A 191 -1.34 0.07 6.17
CA GLY A 191 -1.51 -1.31 5.76
C GLY A 191 -0.33 -1.84 4.96
N CYS A 192 0.30 -0.97 4.13
CA CYS A 192 1.47 -1.34 3.30
C CYS A 192 2.71 -1.61 4.16
N GLN A 193 2.88 -0.78 5.19
CA GLN A 193 3.94 -0.92 6.20
C GLN A 193 3.79 -2.30 6.88
N GLN A 194 2.59 -2.51 7.46
CA GLN A 194 2.25 -3.73 8.20
C GLN A 194 2.31 -4.97 7.29
N ALA A 195 1.93 -4.80 6.01
CA ALA A 195 1.90 -5.89 5.02
C ALA A 195 3.31 -6.42 4.78
N GLU A 196 4.21 -5.54 4.33
CA GLU A 196 5.61 -5.90 4.08
C GLU A 196 6.24 -6.55 5.34
N GLU A 197 6.09 -5.87 6.49
CA GLU A 197 6.65 -6.34 7.78
C GLU A 197 6.19 -7.76 8.18
N GLN A 198 4.88 -8.04 8.01
CA GLN A 198 4.30 -9.33 8.44
C GLN A 198 4.69 -10.47 7.50
N LEU A 199 4.77 -10.17 6.19
CA LEU A 199 5.16 -11.18 5.18
C LEU A 199 6.68 -11.50 5.33
N LYS A 200 7.46 -10.49 5.80
CA LYS A 200 8.89 -10.67 6.15
C LYS A 200 9.06 -11.67 7.31
N MET A 201 8.37 -11.39 8.46
CA MET A 201 8.49 -12.26 9.66
C MET A 201 7.92 -13.67 9.41
N LEU A 202 6.89 -13.76 8.54
CA LEU A 202 6.34 -15.06 8.09
C LEU A 202 7.44 -15.91 7.41
N ILE A 203 8.03 -15.33 6.34
CA ILE A 203 9.09 -15.99 5.54
C ILE A 203 10.38 -16.21 6.40
N ASP A 204 10.49 -15.45 7.50
CA ASP A 204 11.60 -15.60 8.48
C ASP A 204 11.39 -16.84 9.38
N TYR A 205 10.25 -16.89 10.12
CA TYR A 205 10.04 -17.89 11.20
C TYR A 205 9.49 -19.22 10.68
N GLN A 206 8.99 -19.24 9.42
CA GLN A 206 8.36 -20.45 8.82
C GLN A 206 9.22 -21.74 8.93
N ASN A 207 10.55 -21.58 8.98
CA ASN A 207 11.50 -22.72 9.03
C ASN A 207 11.44 -23.46 10.39
N GLU A 208 10.83 -22.80 11.41
CA GLU A 208 10.55 -23.41 12.75
C GLU A 208 9.66 -24.65 12.65
N TYR A 209 8.92 -24.78 11.55
CA TYR A 209 8.01 -25.91 11.33
C TYR A 209 8.39 -26.63 10.01
N ARG A 210 8.25 -27.96 10.01
CA ARG A 210 8.39 -28.79 8.80
C ARG A 210 7.60 -30.09 8.98
N SER A 211 7.04 -30.63 7.87
CA SER A 211 6.33 -31.91 7.87
C SER A 211 6.54 -32.62 6.53
N ASN A 212 7.57 -33.48 6.46
CA ASN A 212 7.88 -34.28 5.26
C ASN A 212 7.47 -35.74 5.48
N LEU A 213 6.18 -35.99 5.27
CA LEU A 213 5.57 -37.33 5.25
C LEU A 213 5.88 -37.96 3.88
N ASN A 214 5.71 -37.17 2.82
CA ASN A 214 6.04 -37.56 1.44
C ASN A 214 6.77 -36.40 0.73
N MET A 1 -5.78 -32.09 8.07
CA MET A 1 -7.22 -31.95 8.45
C MET A 1 -7.36 -31.37 9.89
N THR A 2 -6.21 -31.11 10.56
CA THR A 2 -6.18 -30.49 11.91
C THR A 2 -6.54 -28.98 11.84
N ARG A 3 -6.83 -28.34 13.02
CA ARG A 3 -7.17 -26.90 13.11
C ARG A 3 -6.19 -25.98 12.35
N LEU A 4 -4.88 -26.32 12.38
CA LEU A 4 -3.87 -25.61 11.57
C LEU A 4 -4.28 -25.63 10.09
N SER A 5 -4.57 -26.82 9.53
CA SER A 5 -4.93 -26.99 8.10
C SER A 5 -6.05 -26.00 7.66
N GLU A 6 -7.04 -25.81 8.56
CA GLU A 6 -8.16 -24.86 8.39
C GLU A 6 -7.66 -23.39 8.36
N ILE A 7 -6.90 -23.02 9.41
CA ILE A 7 -6.36 -21.64 9.61
C ILE A 7 -5.45 -21.23 8.43
N LEU A 8 -4.64 -22.20 7.97
CA LEU A 8 -3.62 -21.99 6.92
C LEU A 8 -4.28 -21.91 5.54
N ASP A 9 -5.38 -22.65 5.38
CA ASP A 9 -6.28 -22.54 4.22
C ASP A 9 -6.85 -21.11 4.14
N GLN A 10 -7.28 -20.60 5.31
CA GLN A 10 -7.81 -19.24 5.44
C GLN A 10 -6.69 -18.20 5.15
N MET A 11 -5.45 -18.47 5.60
CA MET A 11 -4.32 -17.57 5.36
C MET A 11 -4.04 -17.45 3.86
N THR A 12 -3.89 -18.61 3.18
CA THR A 12 -3.46 -18.66 1.78
C THR A 12 -4.55 -18.11 0.82
N THR A 13 -5.85 -18.24 1.19
CA THR A 13 -6.94 -17.63 0.40
C THR A 13 -6.95 -16.09 0.58
N VAL A 14 -6.70 -15.62 1.83
CA VAL A 14 -6.56 -14.17 2.13
C VAL A 14 -5.32 -13.59 1.40
N LEU A 15 -4.26 -14.41 1.25
CA LEU A 15 -3.04 -14.04 0.51
C LEU A 15 -3.33 -13.83 -0.99
N ASN A 16 -4.17 -14.73 -1.56
CA ASN A 16 -4.61 -14.65 -2.97
C ASN A 16 -5.45 -13.38 -3.23
N ASP A 17 -6.35 -13.09 -2.28
CA ASP A 17 -7.20 -11.89 -2.33
C ASP A 17 -6.37 -10.62 -2.15
N LEU A 18 -5.32 -10.68 -1.30
CA LEU A 18 -4.34 -9.58 -1.12
C LEU A 18 -3.46 -9.44 -2.35
N LYS A 19 -3.29 -10.52 -3.12
CA LYS A 19 -2.58 -10.47 -4.40
C LYS A 19 -3.38 -9.63 -5.39
N THR A 20 -4.70 -9.91 -5.51
CA THR A 20 -5.62 -9.16 -6.40
C THR A 20 -5.78 -7.69 -5.97
N VAL A 21 -6.02 -7.48 -4.67
CA VAL A 21 -6.24 -6.15 -4.06
C VAL A 21 -4.97 -5.29 -4.17
N MET A 22 -3.83 -5.82 -3.71
CA MET A 22 -2.57 -5.07 -3.70
C MET A 22 -1.94 -4.96 -5.10
N ASP A 23 -2.35 -5.84 -6.05
CA ASP A 23 -2.03 -5.67 -7.49
C ASP A 23 -2.80 -4.47 -8.04
N ALA A 24 -4.07 -4.35 -7.64
CA ALA A 24 -4.96 -3.27 -8.08
C ALA A 24 -4.42 -1.89 -7.66
N GLU A 25 -3.98 -1.75 -6.38
CA GLU A 25 -3.35 -0.48 -5.90
C GLU A 25 -2.00 -0.25 -6.58
N GLN A 26 -1.16 -1.32 -6.69
CA GLN A 26 0.14 -1.25 -7.39
C GLN A 26 -0.04 -0.68 -8.81
N GLN A 27 -1.16 -1.08 -9.44
CA GLN A 27 -1.56 -0.64 -10.78
C GLN A 27 -1.96 0.85 -10.77
N GLN A 28 -2.74 1.28 -9.75
CA GLN A 28 -3.18 2.70 -9.61
C GLN A 28 -1.99 3.64 -9.28
N LEU A 29 -0.95 3.08 -8.69
CA LEU A 29 0.29 3.80 -8.38
C LEU A 29 1.25 3.73 -9.59
N SER A 30 1.04 2.71 -10.44
CA SER A 30 1.83 2.49 -11.67
C SER A 30 1.31 3.36 -12.83
N VAL A 31 0.00 3.70 -12.83
CA VAL A 31 -0.61 4.55 -13.88
C VAL A 31 -0.22 6.04 -13.69
N GLY A 32 0.25 6.38 -12.47
CA GLY A 32 0.72 7.73 -12.14
C GLY A 32 -0.36 8.65 -11.63
N GLN A 33 -1.63 8.29 -11.88
CA GLN A 33 -2.80 9.11 -11.55
C GLN A 33 -3.62 8.44 -10.44
N ILE A 34 -3.79 9.15 -9.30
CA ILE A 34 -4.48 8.62 -8.11
C ILE A 34 -6.01 8.78 -8.25
N ASN A 35 -6.73 7.66 -8.08
CA ASN A 35 -8.21 7.63 -8.03
C ASN A 35 -8.64 7.34 -6.59
N GLY A 36 -9.36 8.30 -5.98
CA GLY A 36 -9.73 8.24 -4.57
C GLY A 36 -10.64 7.05 -4.23
N SER A 37 -11.78 6.94 -4.95
CA SER A 37 -12.81 5.91 -4.70
C SER A 37 -12.26 4.48 -4.90
N GLN A 38 -11.43 4.34 -5.94
CA GLN A 38 -10.78 3.08 -6.31
C GLN A 38 -9.89 2.61 -5.16
N LEU A 39 -8.93 3.46 -4.77
CA LEU A 39 -8.00 3.16 -3.66
C LEU A 39 -8.71 3.13 -2.30
N GLN A 40 -9.92 3.71 -2.20
CA GLN A 40 -10.74 3.65 -0.97
C GLN A 40 -11.17 2.20 -0.73
N ARG A 41 -11.78 1.59 -1.78
CA ARG A 41 -12.14 0.16 -1.75
C ARG A 41 -10.89 -0.70 -1.46
N ILE A 42 -9.81 -0.43 -2.23
CA ILE A 42 -8.59 -1.25 -2.21
C ILE A 42 -7.91 -1.21 -0.82
N THR A 43 -7.66 0.00 -0.27
CA THR A 43 -6.95 0.13 1.03
C THR A 43 -7.83 -0.40 2.19
N GLU A 44 -9.17 -0.35 2.02
CA GLU A 44 -10.12 -0.96 2.97
C GLU A 44 -9.92 -2.49 2.99
N GLU A 45 -9.93 -3.11 1.80
CA GLU A 45 -9.74 -4.56 1.62
C GLU A 45 -8.33 -4.98 2.11
N LYS A 46 -7.33 -4.13 1.80
CA LYS A 46 -5.91 -4.36 2.15
C LYS A 46 -5.75 -4.46 3.68
N SER A 47 -6.16 -3.38 4.36
CA SER A 47 -6.05 -3.23 5.82
C SER A 47 -6.83 -4.34 6.56
N SER A 48 -8.02 -4.69 6.03
CA SER A 48 -8.90 -5.71 6.61
C SER A 48 -8.28 -7.12 6.54
N LEU A 49 -7.76 -7.46 5.35
CA LEU A 49 -7.20 -8.79 5.07
C LEU A 49 -5.85 -8.99 5.80
N LEU A 50 -5.07 -7.91 5.96
CA LEU A 50 -3.81 -7.92 6.76
C LEU A 50 -4.11 -8.11 8.25
N ALA A 51 -5.21 -7.45 8.71
CA ALA A 51 -5.73 -7.59 10.07
C ALA A 51 -6.17 -9.04 10.33
N THR A 52 -6.80 -9.67 9.31
CA THR A 52 -7.23 -11.06 9.38
C THR A 52 -6.01 -12.00 9.40
N LEU A 53 -4.95 -11.70 8.62
CA LEU A 53 -3.69 -12.48 8.61
C LEU A 53 -3.01 -12.46 9.98
N ASP A 54 -3.07 -11.30 10.66
CA ASP A 54 -2.51 -11.12 12.01
C ASP A 54 -3.31 -11.96 13.04
N TYR A 55 -4.64 -11.91 12.90
CA TYR A 55 -5.60 -12.74 13.67
C TYR A 55 -5.33 -14.26 13.42
N LEU A 56 -5.11 -14.60 12.14
CA LEU A 56 -4.84 -15.97 11.68
C LEU A 56 -3.47 -16.43 12.15
N GLU A 57 -2.52 -15.48 12.27
CA GLU A 57 -1.17 -15.75 12.75
C GLU A 57 -1.20 -16.05 14.25
N GLN A 58 -2.06 -15.32 15.00
CA GLN A 58 -2.23 -15.55 16.46
C GLN A 58 -2.76 -16.97 16.70
N GLN A 59 -3.84 -17.33 15.99
CA GLN A 59 -4.42 -18.69 16.04
C GLN A 59 -3.37 -19.74 15.64
N ARG A 60 -2.79 -19.55 14.44
CA ARG A 60 -1.76 -20.43 13.83
C ARG A 60 -0.59 -20.69 14.80
N ARG A 61 -0.10 -19.62 15.44
CA ARG A 61 1.09 -19.65 16.30
C ARG A 61 0.79 -20.47 17.58
N LEU A 62 -0.38 -20.18 18.17
CA LEU A 62 -0.87 -20.89 19.38
C LEU A 62 -1.13 -22.38 19.08
N GLU A 63 -1.62 -22.67 17.85
CA GLU A 63 -1.97 -24.04 17.42
C GLU A 63 -0.75 -24.83 16.93
N GLN A 64 0.32 -24.14 16.48
CA GLN A 64 1.58 -24.82 16.05
C GLN A 64 2.51 -25.00 17.27
N ASN A 65 2.23 -24.26 18.35
CA ASN A 65 2.88 -24.49 19.64
C ASN A 65 2.20 -25.70 20.32
N ALA A 66 0.85 -25.69 20.33
CA ALA A 66 0.03 -26.71 21.01
C ALA A 66 -0.03 -28.03 20.22
N GLN A 67 0.14 -27.96 18.89
CA GLN A 67 0.10 -29.14 17.99
C GLN A 67 1.25 -29.10 16.99
N ARG A 68 1.91 -30.26 16.80
CA ARG A 68 2.99 -30.45 15.83
C ARG A 68 2.42 -30.71 14.41
N SER A 69 3.30 -31.11 13.47
CA SER A 69 2.91 -31.32 12.06
C SER A 69 1.84 -32.44 11.96
N ALA A 70 2.28 -33.73 11.87
CA ALA A 70 1.40 -34.90 11.76
C ALA A 70 0.47 -34.87 10.52
N ASN A 71 0.67 -33.89 9.62
CA ASN A 71 -0.23 -33.58 8.51
C ASN A 71 0.60 -33.24 7.26
N ASP A 72 0.14 -33.73 6.11
CA ASP A 72 0.63 -33.29 4.80
C ASP A 72 0.22 -31.83 4.61
N ASP A 73 -1.05 -31.56 5.00
CA ASP A 73 -1.74 -30.27 4.83
C ASP A 73 -0.85 -29.10 5.26
N ILE A 74 -0.40 -29.15 6.53
CA ILE A 74 0.32 -28.03 7.18
C ILE A 74 1.61 -27.67 6.42
N ALA A 75 2.33 -28.70 5.93
CA ALA A 75 3.60 -28.52 5.21
C ALA A 75 3.36 -27.94 3.80
N GLU A 76 2.31 -28.46 3.11
CA GLU A 76 1.91 -27.99 1.77
C GLU A 76 1.38 -26.55 1.84
N ARG A 77 0.69 -26.24 2.96
CA ARG A 77 0.08 -24.94 3.20
C ARG A 77 1.15 -23.92 3.57
N TRP A 78 2.14 -24.32 4.39
CA TRP A 78 3.25 -23.43 4.80
C TRP A 78 4.15 -23.08 3.61
N GLN A 79 4.36 -24.06 2.70
CA GLN A 79 5.11 -23.84 1.45
C GLN A 79 4.33 -22.91 0.49
N ALA A 80 3.00 -23.15 0.36
CA ALA A 80 2.11 -22.32 -0.45
C ALA A 80 2.10 -20.89 0.09
N ILE A 81 1.96 -20.77 1.42
CA ILE A 81 1.93 -19.49 2.14
C ILE A 81 3.23 -18.72 1.89
N THR A 82 4.40 -19.39 1.95
CA THR A 82 5.70 -18.72 1.72
C THR A 82 5.85 -18.21 0.28
N GLU A 83 5.31 -18.96 -0.70
CA GLU A 83 5.25 -18.52 -2.11
C GLU A 83 4.46 -17.21 -2.23
N LYS A 84 3.19 -17.24 -1.77
CA LYS A 84 2.27 -16.09 -1.86
C LYS A 84 2.79 -14.89 -1.04
N THR A 85 3.32 -15.14 0.17
CA THR A 85 3.78 -14.06 1.09
C THR A 85 5.06 -13.39 0.56
N GLN A 86 5.93 -14.17 -0.12
CA GLN A 86 7.17 -13.65 -0.72
C GLN A 86 6.85 -12.79 -1.96
N HIS A 87 5.85 -13.26 -2.74
CA HIS A 87 5.31 -12.49 -3.89
C HIS A 87 4.68 -11.18 -3.37
N LEU A 88 3.91 -11.30 -2.27
CA LEU A 88 3.24 -10.16 -1.63
C LEU A 88 4.24 -9.24 -0.93
N ARG A 89 5.38 -9.80 -0.49
CA ARG A 89 6.45 -9.04 0.20
C ARG A 89 7.16 -8.11 -0.77
N ASP A 90 7.47 -8.65 -1.97
CA ASP A 90 8.18 -7.92 -3.04
C ASP A 90 7.22 -6.93 -3.71
N LEU A 91 5.95 -7.37 -3.84
CA LEU A 91 4.83 -6.53 -4.29
C LEU A 91 4.65 -5.35 -3.31
N ASN A 92 4.71 -5.67 -2.01
CA ASN A 92 4.57 -4.70 -0.91
C ASN A 92 5.73 -3.69 -0.89
N GLN A 93 6.93 -4.19 -1.22
CA GLN A 93 8.14 -3.37 -1.32
C GLN A 93 7.96 -2.32 -2.43
N HIS A 94 7.54 -2.79 -3.61
CA HIS A 94 7.23 -1.94 -4.77
C HIS A 94 6.07 -0.99 -4.46
N ASN A 95 5.07 -1.50 -3.70
CA ASN A 95 3.90 -0.73 -3.26
C ASN A 95 4.36 0.50 -2.45
N GLY A 96 5.27 0.25 -1.49
CA GLY A 96 5.83 1.29 -0.63
C GLY A 96 6.59 2.35 -1.44
N TRP A 97 7.47 1.90 -2.36
CA TRP A 97 8.25 2.80 -3.22
C TRP A 97 7.34 3.64 -4.15
N LEU A 98 6.25 3.01 -4.64
CA LEU A 98 5.26 3.66 -5.52
C LEU A 98 4.43 4.69 -4.72
N LEU A 99 4.27 4.45 -3.39
CA LEU A 99 3.62 5.41 -2.48
C LEU A 99 4.48 6.65 -2.31
N GLU A 100 5.77 6.45 -1.99
CA GLU A 100 6.75 7.55 -1.83
C GLU A 100 6.77 8.43 -3.11
N GLY A 101 6.75 7.70 -4.25
CA GLY A 101 6.65 8.31 -5.57
C GLY A 101 5.39 9.17 -5.71
N GLN A 102 4.21 8.57 -5.54
CA GLN A 102 2.92 9.23 -5.78
C GLN A 102 2.67 10.43 -4.83
N ILE A 103 3.05 10.27 -3.56
CA ILE A 103 2.87 11.31 -2.53
C ILE A 103 3.73 12.54 -2.88
N GLU A 104 5.02 12.30 -3.25
CA GLU A 104 5.97 13.38 -3.61
C GLU A 104 5.58 14.04 -4.95
N ARG A 105 5.29 13.22 -5.97
CA ARG A 105 5.02 13.71 -7.34
C ARG A 105 3.74 14.54 -7.38
N ASN A 106 2.68 14.04 -6.71
CA ASN A 106 1.41 14.78 -6.56
C ASN A 106 1.67 16.08 -5.80
N GLN A 107 2.23 16.00 -4.57
CA GLN A 107 2.48 17.16 -3.68
C GLN A 107 3.15 18.35 -4.42
N GLN A 108 4.29 18.05 -5.07
CA GLN A 108 5.08 19.05 -5.79
C GLN A 108 4.35 19.58 -7.03
N ALA A 109 3.78 18.69 -7.86
CA ALA A 109 3.06 19.10 -9.09
C ALA A 109 1.80 19.92 -8.75
N LEU A 110 1.19 19.63 -7.59
CA LEU A 110 -0.03 20.30 -7.11
C LEU A 110 0.31 21.61 -6.40
N GLU A 111 1.58 21.73 -6.00
CA GLU A 111 2.15 22.98 -5.49
C GLU A 111 2.40 23.99 -6.65
N VAL A 112 2.97 23.51 -7.77
CA VAL A 112 3.37 24.36 -8.94
C VAL A 112 2.13 24.79 -9.79
N LEU A 113 0.94 24.24 -9.48
CA LEU A 113 -0.33 24.47 -10.24
C LEU A 113 -0.59 25.95 -10.59
N LYS A 114 -0.49 26.83 -9.59
CA LYS A 114 -0.76 28.27 -9.75
C LYS A 114 0.45 28.94 -10.45
N PRO A 115 0.21 29.92 -11.40
CA PRO A 115 1.28 30.80 -11.92
C PRO A 115 1.86 31.70 -10.80
N HIS A 116 3.15 32.06 -10.93
CA HIS A 116 3.94 32.73 -9.85
C HIS A 116 3.20 33.99 -9.30
N GLN A 117 2.58 33.81 -8.10
CA GLN A 117 1.67 34.78 -7.44
C GLN A 117 0.79 35.60 -8.41
N GLU A 118 -0.23 34.93 -8.98
CA GLU A 118 -1.22 35.57 -9.86
C GLU A 118 -2.63 35.43 -9.23
N PRO A 119 -3.41 36.55 -9.12
CA PRO A 119 -4.82 36.50 -8.63
C PRO A 119 -5.74 35.77 -9.64
N THR A 120 -5.78 34.44 -9.50
CA THR A 120 -6.52 33.56 -10.42
C THR A 120 -7.93 33.27 -9.86
N LEU A 121 -8.97 33.42 -10.71
CA LEU A 121 -10.38 33.21 -10.34
C LEU A 121 -10.67 31.72 -10.13
N TYR A 122 -10.17 30.88 -11.06
CA TYR A 122 -10.23 29.41 -10.95
C TYR A 122 -8.82 28.85 -11.24
N GLY A 123 -8.53 28.59 -12.54
CA GLY A 123 -7.24 28.05 -13.00
C GLY A 123 -6.86 26.74 -12.31
N ALA A 124 -6.17 26.88 -11.16
CA ALA A 124 -5.70 25.75 -10.34
C ALA A 124 -5.34 26.22 -8.91
N ASP A 125 -5.86 27.40 -8.52
CA ASP A 125 -5.58 28.03 -7.22
C ASP A 125 -6.72 27.76 -6.23
N GLY A 126 -6.37 27.88 -4.94
CA GLY A 126 -7.30 27.85 -3.83
C GLY A 126 -6.90 28.91 -2.83
N GLN A 127 -5.57 28.93 -2.52
CA GLN A 127 -4.93 29.92 -1.61
C GLN A 127 -5.55 29.87 -0.19
N THR A 128 -6.15 28.71 0.11
CA THR A 128 -6.81 28.42 1.39
C THR A 128 -5.85 27.65 2.32
N SER A 129 -6.34 27.27 3.51
CA SER A 129 -5.54 26.59 4.53
C SER A 129 -6.43 25.68 5.42
N VAL A 130 -6.58 24.41 5.00
CA VAL A 130 -7.23 23.35 5.79
C VAL A 130 -6.25 22.83 6.86
N SER A 131 -6.79 22.52 8.04
CA SER A 131 -6.03 21.95 9.17
C SER A 131 -6.83 20.83 9.85
N HIS A 132 -6.18 20.11 10.79
CA HIS A 132 -6.75 18.99 11.57
C HIS A 132 -7.14 17.78 10.66
N ARG A 133 -6.55 17.75 9.44
CA ARG A 133 -6.82 16.73 8.39
C ARG A 133 -8.28 16.86 7.89
N GLY A 134 -8.49 17.44 6.70
CA GLY A 134 -9.83 17.75 6.20
C GLY A 134 -10.08 17.21 4.78
N GLY A 135 -9.81 15.91 4.60
CA GLY A 135 -10.10 15.20 3.34
C GLY A 135 -11.53 14.68 3.28
N LYS A 136 -12.50 15.55 3.59
CA LYS A 136 -13.95 15.27 3.50
C LYS A 136 -14.59 16.09 2.38
N LYS A 137 -13.91 17.17 1.94
CA LYS A 137 -14.27 17.88 0.71
C LYS A 137 -14.07 16.91 -0.47
N ILE A 138 -15.07 16.83 -1.38
CA ILE A 138 -15.01 15.95 -2.56
C ILE A 138 -13.72 16.27 -3.34
N SER A 139 -12.75 15.35 -3.21
CA SER A 139 -11.42 15.50 -3.77
C SER A 139 -11.47 15.36 -5.30
N ILE A 140 -11.89 16.47 -5.94
CA ILE A 140 -11.84 16.62 -7.38
C ILE A 140 -10.36 16.64 -7.81
N VAL A 141 -9.92 15.49 -8.32
CA VAL A 141 -8.60 15.35 -8.89
C VAL A 141 -8.53 16.24 -10.14
N LEU A 142 -7.79 17.33 -9.99
CA LEU A 142 -7.60 18.38 -10.99
C LEU A 142 -6.85 17.87 -12.25
N PHE A 143 -6.11 16.78 -12.07
CA PHE A 143 -5.44 16.04 -13.16
C PHE A 143 -6.32 14.82 -13.49
N GLN A 144 -5.79 13.83 -14.24
CA GLN A 144 -6.54 12.61 -14.58
C GLN A 144 -6.84 11.81 -13.29
N GLY A 145 -8.12 11.48 -13.10
CA GLY A 145 -8.59 10.92 -11.84
C GLY A 145 -10.11 10.75 -11.81
N PRO A 146 -10.92 11.86 -11.97
CA PRO A 146 -12.39 11.79 -11.92
C PRO A 146 -12.95 11.20 -13.23
N SER A 147 -13.06 9.86 -13.27
CA SER A 147 -13.69 9.13 -14.40
C SER A 147 -15.19 9.46 -14.45
N ALA A 148 -15.79 9.60 -13.26
CA ALA A 148 -17.17 10.05 -13.07
C ALA A 148 -17.22 11.01 -11.86
N GLY A 149 -16.91 12.29 -12.13
CA GLY A 149 -16.85 13.32 -11.09
C GLY A 149 -18.21 13.88 -10.71
N LEU A 150 -18.43 14.08 -9.40
CA LEU A 150 -19.73 14.52 -8.85
C LEU A 150 -19.93 16.04 -9.07
N VAL A 151 -18.84 16.81 -8.95
CA VAL A 151 -18.91 18.29 -9.05
C VAL A 151 -18.79 18.75 -10.53
N PRO A 152 -19.59 19.79 -10.97
CA PRO A 152 -19.56 20.34 -12.36
C PRO A 152 -18.18 20.92 -12.78
N ARG A 153 -17.29 21.12 -11.80
CA ARG A 153 -15.94 21.68 -12.03
C ARG A 153 -15.09 20.73 -12.92
N GLY A 154 -15.30 19.41 -12.77
CA GLY A 154 -14.65 18.40 -13.62
C GLY A 154 -13.18 18.18 -13.27
N SER A 155 -12.31 19.11 -13.71
CA SER A 155 -10.87 19.15 -13.42
C SER A 155 -10.37 20.60 -13.58
N GLY A 156 -9.03 20.81 -13.51
CA GLY A 156 -8.44 22.15 -13.69
C GLY A 156 -7.05 22.25 -13.06
N GLY A 157 -6.01 21.91 -13.84
CA GLY A 157 -4.64 21.85 -13.34
C GLY A 157 -3.74 22.99 -13.86
N ILE A 158 -2.43 22.72 -13.89
CA ILE A 158 -1.39 23.68 -14.29
C ILE A 158 -1.50 24.03 -15.80
N GLU A 159 -1.15 25.27 -16.15
CA GLU A 159 -1.26 25.80 -17.53
C GLU A 159 -0.03 25.28 -18.33
N GLY A 160 -0.26 24.84 -19.58
CA GLY A 160 0.73 24.07 -20.35
C GLY A 160 1.43 24.83 -21.47
N MET A 161 1.09 26.11 -21.69
CA MET A 161 1.81 26.96 -22.67
C MET A 161 2.97 27.66 -21.96
N ALA A 162 2.64 28.36 -20.88
CA ALA A 162 3.59 29.11 -20.05
C ALA A 162 4.01 28.26 -18.84
N GLN A 163 5.31 28.28 -18.52
CA GLN A 163 5.90 27.51 -17.41
C GLN A 163 5.61 28.23 -16.07
N HIS A 164 5.32 27.44 -15.02
CA HIS A 164 4.93 27.97 -13.69
C HIS A 164 6.03 27.72 -12.66
N GLY A 165 6.01 28.57 -11.61
CA GLY A 165 6.92 28.44 -10.47
C GLY A 165 6.36 29.16 -9.25
N ALA A 166 5.40 28.50 -8.57
CA ALA A 166 4.78 29.01 -7.34
C ALA A 166 4.80 27.92 -6.26
N LEU A 167 4.81 28.36 -4.98
CA LEU A 167 4.80 27.47 -3.81
C LEU A 167 3.34 27.17 -3.39
N GLU A 168 3.12 26.82 -2.08
CA GLU A 168 1.80 26.48 -1.50
C GLU A 168 1.37 25.08 -1.95
N THR A 169 1.69 24.05 -1.14
CA THR A 169 1.14 22.71 -1.36
C THR A 169 -0.38 22.75 -1.13
N LEU A 170 -0.79 23.16 0.08
CA LEU A 170 -2.21 23.33 0.43
C LEU A 170 -2.82 24.51 -0.38
N LYS A 171 -3.76 24.15 -1.29
CA LYS A 171 -4.31 25.07 -2.29
C LYS A 171 -5.63 24.47 -2.87
N ASP A 172 -6.66 24.43 -1.97
CA ASP A 172 -8.01 23.80 -2.18
C ASP A 172 -7.97 22.41 -2.85
N LEU A 173 -7.80 22.40 -4.20
CA LEU A 173 -7.73 21.18 -5.03
C LEU A 173 -6.67 20.22 -4.46
N ALA A 174 -5.49 20.82 -4.21
CA ALA A 174 -4.32 20.11 -3.71
C ALA A 174 -4.48 19.68 -2.24
N GLU A 175 -5.29 20.43 -1.45
CA GLU A 175 -5.55 20.08 -0.03
C GLU A 175 -6.25 18.73 0.06
N LYS A 176 -7.49 18.71 -0.48
CA LYS A 176 -8.37 17.54 -0.42
C LYS A 176 -7.80 16.33 -1.20
N GLU A 177 -7.06 16.60 -2.31
CA GLU A 177 -6.42 15.52 -3.10
C GLU A 177 -5.29 14.86 -2.26
N VAL A 178 -4.33 15.67 -1.78
CA VAL A 178 -3.15 15.18 -1.02
C VAL A 178 -3.53 14.72 0.42
N ASP A 179 -4.68 15.20 0.94
CA ASP A 179 -5.17 14.81 2.30
C ASP A 179 -5.84 13.43 2.22
N ASP A 180 -6.66 13.26 1.16
CA ASP A 180 -7.32 11.98 0.85
C ASP A 180 -6.28 10.95 0.40
N ALA A 181 -5.23 11.42 -0.29
CA ALA A 181 -4.08 10.58 -0.66
C ALA A 181 -3.29 10.19 0.59
N ALA A 182 -3.13 11.13 1.54
CA ALA A 182 -2.47 10.85 2.82
C ALA A 182 -3.29 9.82 3.64
N ARG A 183 -4.63 9.85 3.46
CA ARG A 183 -5.56 8.92 4.09
C ARG A 183 -5.34 7.49 3.54
N LEU A 184 -5.49 7.36 2.21
CA LEU A 184 -5.39 6.08 1.50
C LEU A 184 -3.96 5.54 1.57
N LEU A 185 -3.04 6.31 0.96
CA LEU A 185 -1.61 5.96 0.82
C LEU A 185 -0.91 5.92 2.20
N GLY A 186 -1.44 6.66 3.20
CA GLY A 186 -0.91 6.60 4.57
C GLY A 186 -1.26 5.30 5.28
N GLU A 187 -2.55 4.88 5.21
CA GLU A 187 -3.01 3.59 5.77
C GLU A 187 -2.47 2.41 4.95
N MET A 188 -2.09 2.72 3.70
CA MET A 188 -1.47 1.77 2.78
C MET A 188 0.05 1.64 3.09
N ARG A 189 0.66 2.75 3.59
CA ARG A 189 2.10 2.80 3.97
C ARG A 189 2.31 2.11 5.33
N ARG A 190 1.39 2.37 6.27
CA ARG A 190 1.32 1.66 7.56
C ARG A 190 1.00 0.18 7.29
N GLY A 191 0.00 -0.03 6.42
CA GLY A 191 -0.36 -1.35 5.92
C GLY A 191 0.80 -2.06 5.23
N CYS A 192 1.68 -1.27 4.58
CA CYS A 192 2.86 -1.77 3.88
C CYS A 192 3.88 -2.33 4.88
N GLN A 193 4.22 -1.52 5.91
CA GLN A 193 5.21 -1.88 6.93
C GLN A 193 4.79 -3.19 7.66
N GLN A 194 3.53 -3.20 8.16
CA GLN A 194 2.99 -4.34 8.93
C GLN A 194 2.80 -5.59 8.04
N ALA A 195 2.51 -5.38 6.73
CA ALA A 195 2.36 -6.48 5.77
C ALA A 195 3.67 -7.22 5.62
N GLU A 196 4.72 -6.51 5.17
CA GLU A 196 6.05 -7.11 4.95
C GLU A 196 6.58 -7.75 6.23
N GLU A 197 6.30 -7.09 7.38
CA GLU A 197 6.72 -7.58 8.70
C GLU A 197 6.14 -8.98 8.99
N GLN A 198 4.80 -9.11 8.95
CA GLN A 198 4.11 -10.38 9.32
C GLN A 198 4.38 -11.50 8.29
N LEU A 199 4.44 -11.13 6.99
CA LEU A 199 4.60 -12.09 5.87
C LEU A 199 6.01 -12.70 5.86
N LYS A 200 7.03 -11.83 6.05
CA LYS A 200 8.45 -12.24 6.07
C LYS A 200 8.77 -13.01 7.37
N MET A 201 8.10 -12.61 8.47
CA MET A 201 8.17 -13.31 9.77
C MET A 201 7.58 -14.75 9.65
N LEU A 202 6.47 -14.87 8.87
CA LEU A 202 5.86 -16.18 8.52
C LEU A 202 6.92 -17.08 7.84
N ILE A 203 7.52 -16.54 6.76
CA ILE A 203 8.56 -17.23 5.95
C ILE A 203 9.75 -17.71 6.82
N ASP A 204 10.13 -16.89 7.82
CA ASP A 204 11.24 -17.18 8.74
C ASP A 204 10.89 -18.34 9.70
N TYR A 205 9.81 -18.18 10.47
CA TYR A 205 9.53 -19.07 11.62
C TYR A 205 8.94 -20.42 11.19
N GLN A 206 8.32 -20.46 9.99
CA GLN A 206 7.67 -21.68 9.46
C GLN A 206 8.69 -22.80 9.20
N ASN A 207 9.98 -22.42 9.01
CA ASN A 207 11.09 -23.40 8.85
C ASN A 207 11.18 -24.27 10.11
N GLU A 208 10.38 -25.36 10.10
CA GLU A 208 10.13 -26.19 11.27
C GLU A 208 9.43 -27.50 10.83
N TYR A 209 8.24 -27.36 10.21
CA TYR A 209 7.41 -28.52 9.79
C TYR A 209 7.72 -28.94 8.35
N ARG A 210 8.39 -30.08 8.22
CA ARG A 210 8.63 -30.75 6.95
C ARG A 210 8.58 -32.26 7.23
N SER A 211 7.38 -32.73 7.58
CA SER A 211 7.11 -34.14 7.91
C SER A 211 5.61 -34.43 7.88
N ASN A 212 5.23 -35.48 7.14
CA ASN A 212 3.87 -36.02 7.13
C ASN A 212 3.88 -37.36 7.90
N LEU A 213 3.32 -37.37 9.12
CA LEU A 213 3.33 -38.54 10.01
C LEU A 213 1.95 -38.71 10.65
N ASN A 214 1.09 -39.49 10.00
CA ASN A 214 -0.27 -39.81 10.47
C ASN A 214 -0.57 -41.28 10.14
N MET A 1 -5.17 -33.58 13.94
CA MET A 1 -4.93 -32.21 13.42
C MET A 1 -6.24 -31.63 12.88
N THR A 2 -6.43 -30.30 13.05
CA THR A 2 -7.64 -29.58 12.62
C THR A 2 -7.40 -28.07 12.61
N ARG A 3 -6.68 -27.57 13.66
CA ARG A 3 -6.36 -26.15 13.83
C ARG A 3 -5.52 -25.61 12.68
N LEU A 4 -4.30 -26.16 12.48
CA LEU A 4 -3.38 -25.67 11.44
C LEU A 4 -4.02 -25.74 10.06
N SER A 5 -4.54 -26.91 9.67
CA SER A 5 -5.22 -27.12 8.39
C SER A 5 -6.26 -25.98 8.08
N GLU A 6 -7.10 -25.70 9.10
CA GLU A 6 -8.12 -24.62 9.08
C GLU A 6 -7.47 -23.24 8.86
N ILE A 7 -6.60 -22.84 9.81
CA ILE A 7 -6.07 -21.45 9.91
C ILE A 7 -5.16 -21.13 8.71
N LEU A 8 -4.34 -22.13 8.30
CA LEU A 8 -3.44 -22.03 7.13
C LEU A 8 -4.25 -21.83 5.85
N ASP A 9 -5.33 -22.63 5.68
CA ASP A 9 -6.24 -22.52 4.51
C ASP A 9 -6.89 -21.11 4.47
N GLN A 10 -7.38 -20.68 5.63
CA GLN A 10 -8.05 -19.38 5.78
C GLN A 10 -7.06 -18.23 5.64
N MET A 11 -5.80 -18.46 6.00
CA MET A 11 -4.76 -17.44 5.92
C MET A 11 -4.37 -17.23 4.46
N THR A 12 -4.16 -18.34 3.72
CA THR A 12 -3.73 -18.29 2.31
C THR A 12 -4.87 -17.81 1.40
N THR A 13 -6.16 -17.97 1.83
CA THR A 13 -7.31 -17.40 1.09
C THR A 13 -7.40 -15.87 1.32
N VAL A 14 -7.10 -15.41 2.56
CA VAL A 14 -6.97 -13.96 2.86
C VAL A 14 -5.83 -13.34 2.03
N LEU A 15 -4.68 -14.05 2.00
CA LEU A 15 -3.46 -13.62 1.27
C LEU A 15 -3.71 -13.55 -0.25
N ASN A 16 -4.46 -14.54 -0.78
CA ASN A 16 -4.79 -14.65 -2.22
C ASN A 16 -5.75 -13.51 -2.63
N ASP A 17 -6.70 -13.20 -1.74
CA ASP A 17 -7.65 -12.11 -1.96
C ASP A 17 -6.92 -10.77 -1.90
N LEU A 18 -5.97 -10.65 -0.96
CA LEU A 18 -5.09 -9.48 -0.82
C LEU A 18 -4.12 -9.37 -2.01
N LYS A 19 -3.83 -10.50 -2.67
CA LYS A 19 -3.04 -10.50 -3.89
C LYS A 19 -3.84 -9.77 -4.97
N THR A 20 -5.12 -10.14 -5.11
CA THR A 20 -6.06 -9.48 -6.04
C THR A 20 -6.28 -7.98 -5.69
N VAL A 21 -6.53 -7.69 -4.40
CA VAL A 21 -6.86 -6.33 -3.87
C VAL A 21 -5.65 -5.38 -4.01
N MET A 22 -4.49 -5.82 -3.55
CA MET A 22 -3.27 -4.99 -3.53
C MET A 22 -2.59 -4.93 -4.92
N ASP A 23 -2.93 -5.89 -5.82
CA ASP A 23 -2.58 -5.80 -7.26
C ASP A 23 -3.43 -4.71 -7.96
N ALA A 24 -4.74 -4.69 -7.64
CA ALA A 24 -5.68 -3.67 -8.14
C ALA A 24 -5.26 -2.26 -7.65
N GLU A 25 -4.74 -2.23 -6.42
CA GLU A 25 -4.17 -1.04 -5.77
C GLU A 25 -2.94 -0.56 -6.55
N GLN A 26 -1.96 -1.48 -6.71
CA GLN A 26 -0.69 -1.26 -7.44
C GLN A 26 -0.93 -0.65 -8.83
N GLN A 27 -1.98 -1.15 -9.51
CA GLN A 27 -2.44 -0.66 -10.82
C GLN A 27 -2.93 0.80 -10.72
N GLN A 28 -3.82 1.04 -9.74
CA GLN A 28 -4.46 2.37 -9.52
C GLN A 28 -3.43 3.45 -9.09
N LEU A 29 -2.25 2.99 -8.65
CA LEU A 29 -1.14 3.87 -8.24
C LEU A 29 -0.14 4.07 -9.38
N SER A 30 0.02 3.03 -10.23
CA SER A 30 0.94 3.08 -11.39
C SER A 30 0.33 3.90 -12.54
N VAL A 31 -1.02 4.06 -12.52
CA VAL A 31 -1.73 4.97 -13.44
C VAL A 31 -1.54 6.44 -12.95
N GLY A 32 -1.31 6.59 -11.64
CA GLY A 32 -1.02 7.89 -11.01
C GLY A 32 -2.26 8.70 -10.70
N GLN A 33 -3.43 8.06 -10.85
CA GLN A 33 -4.73 8.72 -10.67
C GLN A 33 -5.43 8.09 -9.45
N ILE A 34 -5.64 8.88 -8.39
CA ILE A 34 -6.26 8.39 -7.15
C ILE A 34 -7.78 8.57 -7.21
N ASN A 35 -8.49 7.43 -7.29
CA ASN A 35 -9.96 7.41 -7.33
C ASN A 35 -10.48 6.91 -5.98
N GLY A 36 -11.31 7.75 -5.34
CA GLY A 36 -11.84 7.54 -4.02
C GLY A 36 -12.56 6.22 -3.87
N SER A 37 -13.53 5.98 -4.76
CA SER A 37 -14.38 4.77 -4.77
C SER A 37 -13.52 3.48 -4.84
N GLN A 38 -12.62 3.44 -5.84
CA GLN A 38 -11.77 2.28 -6.14
C GLN A 38 -10.90 1.92 -4.94
N LEU A 39 -10.14 2.91 -4.48
CA LEU A 39 -9.22 2.73 -3.36
C LEU A 39 -9.95 2.66 -2.03
N GLN A 40 -11.24 3.06 -1.96
CA GLN A 40 -12.04 2.92 -0.72
C GLN A 40 -12.38 1.44 -0.48
N ARG A 41 -12.87 0.74 -1.55
CA ARG A 41 -13.13 -0.71 -1.45
C ARG A 41 -11.81 -1.47 -1.22
N ILE A 42 -10.73 -1.01 -1.89
CA ILE A 42 -9.39 -1.59 -1.76
C ILE A 42 -8.83 -1.42 -0.33
N THR A 43 -8.88 -0.20 0.24
CA THR A 43 -8.30 0.08 1.57
C THR A 43 -9.15 -0.54 2.69
N GLU A 44 -10.45 -0.75 2.42
CA GLU A 44 -11.38 -1.38 3.36
C GLU A 44 -11.00 -2.87 3.52
N GLU A 45 -10.96 -3.57 2.36
CA GLU A 45 -10.58 -4.99 2.29
C GLU A 45 -9.16 -5.20 2.83
N LYS A 46 -8.23 -4.36 2.35
CA LYS A 46 -6.81 -4.43 2.71
C LYS A 46 -6.61 -4.27 4.23
N SER A 47 -7.26 -3.27 4.82
CA SER A 47 -7.12 -2.96 6.25
C SER A 47 -7.59 -4.14 7.12
N SER A 48 -8.85 -4.57 6.88
CA SER A 48 -9.50 -5.62 7.70
C SER A 48 -8.79 -6.99 7.53
N LEU A 49 -8.42 -7.33 6.29
CA LEU A 49 -7.80 -8.64 5.97
C LEU A 49 -6.37 -8.75 6.51
N LEU A 50 -5.58 -7.66 6.47
CA LEU A 50 -4.22 -7.61 7.06
C LEU A 50 -4.29 -7.72 8.60
N ALA A 51 -5.31 -7.05 9.17
CA ALA A 51 -5.63 -7.17 10.61
C ALA A 51 -5.99 -8.62 10.97
N THR A 52 -6.71 -9.29 10.05
CA THR A 52 -7.09 -10.70 10.20
C THR A 52 -5.84 -11.59 10.05
N LEU A 53 -4.83 -11.15 9.26
CA LEU A 53 -3.54 -11.86 9.16
C LEU A 53 -2.78 -11.81 10.49
N ASP A 54 -2.88 -10.67 11.22
CA ASP A 54 -2.34 -10.59 12.61
C ASP A 54 -3.02 -11.65 13.48
N TYR A 55 -4.36 -11.65 13.45
CA TYR A 55 -5.22 -12.64 14.14
C TYR A 55 -4.82 -14.11 13.78
N LEU A 56 -4.71 -14.37 12.46
CA LEU A 56 -4.48 -15.71 11.88
C LEU A 56 -3.10 -16.20 12.29
N GLU A 57 -2.05 -15.47 11.85
CA GLU A 57 -0.63 -15.76 12.14
C GLU A 57 -0.39 -16.02 13.63
N GLN A 58 -1.01 -15.19 14.49
CA GLN A 58 -0.90 -15.32 15.96
C GLN A 58 -1.40 -16.71 16.42
N GLN A 59 -2.71 -16.99 16.18
CA GLN A 59 -3.37 -18.25 16.60
C GLN A 59 -2.69 -19.48 15.95
N ARG A 60 -2.26 -19.28 14.71
CA ARG A 60 -1.61 -20.27 13.84
C ARG A 60 -0.26 -20.71 14.43
N ARG A 61 0.54 -19.70 14.82
CA ARG A 61 1.92 -19.89 15.29
C ARG A 61 1.91 -20.57 16.68
N LEU A 62 0.90 -20.20 17.50
CA LEU A 62 0.67 -20.83 18.81
C LEU A 62 0.38 -22.34 18.62
N GLU A 63 -0.62 -22.63 17.78
CA GLU A 63 -1.04 -24.00 17.49
C GLU A 63 0.08 -24.81 16.80
N GLN A 64 0.89 -24.14 15.96
CA GLN A 64 1.98 -24.77 15.19
C GLN A 64 3.13 -25.20 16.10
N ASN A 65 3.39 -24.35 17.11
CA ASN A 65 4.37 -24.63 18.18
C ASN A 65 3.92 -25.87 18.97
N ALA A 66 2.61 -25.91 19.27
CA ALA A 66 1.99 -27.01 20.04
C ALA A 66 1.73 -28.27 19.15
N GLN A 67 1.74 -28.10 17.81
CA GLN A 67 1.37 -29.18 16.86
C GLN A 67 2.59 -30.01 16.42
N ARG A 68 2.28 -31.18 15.85
CA ARG A 68 3.22 -32.02 15.09
C ARG A 68 3.25 -31.50 13.64
N SER A 69 4.09 -32.11 12.78
CA SER A 69 3.99 -31.94 11.33
C SER A 69 2.67 -32.52 10.83
N ALA A 70 2.30 -33.68 11.41
CA ALA A 70 0.96 -34.28 11.33
C ALA A 70 0.67 -34.87 9.93
N ASN A 71 0.40 -33.98 8.95
CA ASN A 71 -0.02 -34.39 7.59
C ASN A 71 0.56 -33.42 6.54
N ASP A 72 0.70 -33.93 5.29
CA ASP A 72 1.26 -33.19 4.14
C ASP A 72 0.47 -31.90 3.81
N ASP A 73 -0.83 -31.90 4.18
CA ASP A 73 -1.74 -30.75 4.01
C ASP A 73 -1.16 -29.50 4.66
N ILE A 74 -0.69 -29.64 5.92
CA ILE A 74 -0.12 -28.53 6.71
C ILE A 74 1.15 -27.98 6.03
N ALA A 75 1.98 -28.89 5.49
CA ALA A 75 3.24 -28.55 4.80
C ALA A 75 3.00 -27.70 3.54
N GLU A 76 2.01 -28.13 2.73
CA GLU A 76 1.70 -27.49 1.44
C GLU A 76 0.87 -26.20 1.65
N ARG A 77 0.01 -26.19 2.68
CA ARG A 77 -0.78 -24.98 3.04
C ARG A 77 0.14 -23.89 3.58
N TRP A 78 1.21 -24.31 4.30
CA TRP A 78 2.27 -23.40 4.79
C TRP A 78 3.09 -22.86 3.61
N GLN A 79 3.42 -23.72 2.64
CA GLN A 79 4.13 -23.30 1.42
C GLN A 79 3.27 -22.34 0.57
N ALA A 80 1.94 -22.59 0.55
CA ALA A 80 0.97 -21.77 -0.20
C ALA A 80 0.89 -20.36 0.41
N ILE A 81 0.90 -20.31 1.76
CA ILE A 81 1.00 -19.05 2.53
C ILE A 81 2.24 -18.28 2.10
N THR A 82 3.42 -18.92 2.22
CA THR A 82 4.72 -18.26 2.01
C THR A 82 4.94 -17.83 0.55
N GLU A 83 4.26 -18.54 -0.38
CA GLU A 83 4.22 -18.16 -1.80
C GLU A 83 3.46 -16.83 -1.95
N LYS A 84 2.21 -16.81 -1.43
CA LYS A 84 1.37 -15.61 -1.46
C LYS A 84 2.09 -14.42 -0.80
N THR A 85 2.67 -14.64 0.40
CA THR A 85 3.36 -13.61 1.19
C THR A 85 4.57 -13.04 0.43
N GLN A 86 5.26 -13.92 -0.32
CA GLN A 86 6.40 -13.53 -1.19
C GLN A 86 5.94 -12.54 -2.28
N HIS A 87 4.88 -12.93 -3.03
CA HIS A 87 4.32 -12.10 -4.14
C HIS A 87 3.73 -10.79 -3.58
N LEU A 88 3.15 -10.87 -2.36
CA LEU A 88 2.59 -9.71 -1.65
C LEU A 88 3.70 -8.76 -1.21
N ARG A 89 4.84 -9.33 -0.83
CA ARG A 89 6.04 -8.57 -0.41
C ARG A 89 6.61 -7.76 -1.59
N ASP A 90 6.59 -8.37 -2.80
CA ASP A 90 6.95 -7.67 -4.05
C ASP A 90 6.04 -6.45 -4.26
N LEU A 91 4.71 -6.72 -4.32
CA LEU A 91 3.73 -5.67 -4.64
C LEU A 91 3.52 -4.66 -3.50
N ASN A 92 3.89 -5.03 -2.24
CA ASN A 92 3.96 -4.09 -1.09
C ASN A 92 5.15 -3.12 -1.21
N GLN A 93 6.31 -3.62 -1.66
CA GLN A 93 7.48 -2.74 -1.91
C GLN A 93 7.14 -1.72 -3.02
N HIS A 94 6.55 -2.27 -4.12
CA HIS A 94 6.00 -1.48 -5.23
C HIS A 94 4.99 -0.47 -4.68
N ASN A 95 4.05 -0.98 -3.85
CA ASN A 95 2.97 -0.21 -3.22
C ASN A 95 3.52 1.02 -2.49
N GLY A 96 4.51 0.80 -1.61
CA GLY A 96 5.09 1.87 -0.79
C GLY A 96 5.71 2.98 -1.63
N TRP A 97 6.50 2.58 -2.67
CA TRP A 97 7.07 3.53 -3.66
C TRP A 97 5.96 4.33 -4.35
N LEU A 98 4.92 3.61 -4.77
CA LEU A 98 3.79 4.17 -5.51
C LEU A 98 2.95 5.10 -4.63
N LEU A 99 2.82 4.79 -3.32
CA LEU A 99 1.99 5.56 -2.37
C LEU A 99 2.62 6.91 -2.08
N GLU A 100 3.84 6.87 -1.49
CA GLU A 100 4.53 8.09 -1.04
C GLU A 100 4.97 8.92 -2.26
N GLY A 101 5.36 8.20 -3.33
CA GLY A 101 5.68 8.82 -4.60
C GLY A 101 4.49 9.56 -5.20
N GLN A 102 3.30 8.94 -5.12
CA GLN A 102 2.06 9.56 -5.58
C GLN A 102 1.73 10.81 -4.76
N ILE A 103 1.75 10.69 -3.42
CA ILE A 103 1.35 11.77 -2.50
C ILE A 103 2.21 13.04 -2.74
N GLU A 104 3.54 12.86 -2.78
CA GLU A 104 4.50 13.97 -3.02
C GLU A 104 4.42 14.56 -4.44
N ARG A 105 4.29 13.69 -5.47
CA ARG A 105 4.24 14.13 -6.88
C ARG A 105 2.93 14.90 -7.17
N ASN A 106 1.83 14.36 -6.63
CA ASN A 106 0.48 14.84 -6.90
C ASN A 106 0.20 16.12 -6.10
N GLN A 107 0.84 16.23 -4.91
CA GLN A 107 0.81 17.45 -4.09
C GLN A 107 1.72 18.52 -4.72
N GLN A 108 2.83 18.07 -5.33
CA GLN A 108 3.73 18.95 -6.11
C GLN A 108 2.94 19.55 -7.30
N ALA A 109 2.04 18.72 -7.88
CA ALA A 109 1.13 19.14 -8.96
C ALA A 109 0.11 20.18 -8.45
N LEU A 110 -0.38 19.99 -7.20
CA LEU A 110 -1.23 21.00 -6.49
C LEU A 110 -0.46 22.32 -6.32
N GLU A 111 0.83 22.17 -5.99
CA GLU A 111 1.73 23.28 -5.63
C GLU A 111 2.04 24.15 -6.87
N VAL A 112 2.16 23.49 -8.04
CA VAL A 112 2.37 24.18 -9.34
C VAL A 112 1.15 25.07 -9.70
N LEU A 113 -0.06 24.62 -9.28
CA LEU A 113 -1.32 25.35 -9.55
C LEU A 113 -1.63 26.42 -8.48
N LYS A 114 -0.61 26.79 -7.66
CA LYS A 114 -0.71 27.92 -6.74
C LYS A 114 -0.87 29.24 -7.56
N PRO A 115 -1.99 30.02 -7.35
CA PRO A 115 -2.30 31.25 -8.14
C PRO A 115 -1.16 32.30 -8.12
N HIS A 116 -0.94 32.95 -9.29
CA HIS A 116 0.09 34.00 -9.43
C HIS A 116 -0.56 35.39 -9.28
N GLN A 117 -0.34 35.99 -8.09
CA GLN A 117 -0.68 37.40 -7.72
C GLN A 117 -2.09 37.85 -8.13
N GLU A 118 -3.00 36.87 -8.31
CA GLU A 118 -4.38 37.09 -8.79
C GLU A 118 -5.34 36.20 -7.97
N PRO A 119 -6.68 36.55 -7.90
CA PRO A 119 -7.69 35.71 -7.21
C PRO A 119 -8.16 34.51 -8.07
N THR A 120 -7.17 33.81 -8.67
CA THR A 120 -7.39 32.61 -9.48
C THR A 120 -7.65 31.41 -8.54
N LEU A 121 -8.93 31.17 -8.24
CA LEU A 121 -9.39 30.06 -7.40
C LEU A 121 -9.30 28.74 -8.20
N TYR A 122 -9.53 27.60 -7.52
CA TYR A 122 -9.62 26.25 -8.12
C TYR A 122 -8.23 25.70 -8.50
N GLY A 123 -7.72 24.79 -7.64
CA GLY A 123 -6.50 24.02 -7.92
C GLY A 123 -6.84 22.68 -8.57
N ALA A 124 -6.10 21.61 -8.21
CA ALA A 124 -6.35 20.26 -8.74
C ALA A 124 -7.10 19.41 -7.69
N ASP A 125 -7.98 18.54 -8.18
CA ASP A 125 -8.72 17.55 -7.37
C ASP A 125 -8.99 16.34 -8.27
N GLY A 126 -8.56 15.16 -7.82
CA GLY A 126 -8.67 13.94 -8.63
C GLY A 126 -9.54 12.87 -8.02
N GLN A 127 -10.33 13.28 -6.99
CA GLN A 127 -11.14 12.38 -6.16
C GLN A 127 -11.98 11.36 -6.97
N THR A 128 -12.58 11.82 -8.08
CA THR A 128 -13.40 10.95 -8.94
C THR A 128 -12.55 10.25 -10.01
N SER A 129 -11.89 11.06 -10.85
CA SER A 129 -11.12 10.57 -12.02
C SER A 129 -10.32 11.73 -12.62
N VAL A 130 -9.05 11.44 -12.96
CA VAL A 130 -8.13 12.39 -13.60
C VAL A 130 -7.15 11.64 -14.51
N SER A 131 -6.29 12.38 -15.20
CA SER A 131 -5.30 11.85 -16.14
C SER A 131 -3.91 12.51 -15.97
N HIS A 132 -3.75 13.40 -14.96
CA HIS A 132 -2.47 14.14 -14.75
C HIS A 132 -1.36 13.21 -14.19
N ARG A 133 -0.33 12.96 -15.02
CA ARG A 133 0.87 12.18 -14.65
C ARG A 133 1.99 13.12 -14.14
N GLY A 134 3.19 12.54 -13.94
CA GLY A 134 4.37 13.28 -13.53
C GLY A 134 5.63 12.41 -13.61
N GLY A 135 6.45 12.43 -12.56
CA GLY A 135 7.77 11.80 -12.57
C GLY A 135 7.80 10.34 -12.15
N LYS A 136 9.01 9.86 -11.81
CA LYS A 136 9.30 8.44 -11.47
C LYS A 136 9.07 8.19 -9.95
N LYS A 137 7.90 8.68 -9.45
CA LYS A 137 7.49 8.54 -8.02
C LYS A 137 8.53 9.16 -7.06
N ILE A 138 9.35 10.09 -7.59
CA ILE A 138 10.40 10.79 -6.82
C ILE A 138 10.14 12.30 -6.95
N SER A 139 9.58 12.88 -5.89
CA SER A 139 9.25 14.31 -5.79
C SER A 139 9.28 14.75 -4.33
N ILE A 140 9.38 16.08 -4.13
CA ILE A 140 9.24 16.72 -2.81
C ILE A 140 8.09 17.75 -2.86
N VAL A 141 7.61 18.15 -1.68
CA VAL A 141 6.50 19.10 -1.52
C VAL A 141 6.52 19.66 -0.08
N LEU A 142 5.69 20.69 0.21
CA LEU A 142 5.61 21.32 1.55
C LEU A 142 5.16 20.32 2.64
N PHE A 143 4.56 19.19 2.24
CA PHE A 143 4.14 18.11 3.15
C PHE A 143 5.35 17.24 3.55
N GLN A 144 5.91 16.51 2.56
CA GLN A 144 7.03 15.56 2.77
C GLN A 144 7.90 15.50 1.50
N GLY A 145 8.76 14.47 1.42
CA GLY A 145 9.64 14.25 0.26
C GLY A 145 10.63 13.13 0.54
N PRO A 146 10.40 11.87 0.04
CA PRO A 146 11.34 10.75 0.25
C PRO A 146 12.70 11.01 -0.41
N SER A 147 12.64 11.57 -1.64
CA SER A 147 13.81 11.96 -2.43
C SER A 147 13.42 13.07 -3.42
N ALA A 148 14.38 13.95 -3.71
CA ALA A 148 14.27 15.00 -4.73
C ALA A 148 15.06 14.56 -5.98
N GLY A 149 14.42 14.59 -7.15
CA GLY A 149 15.04 14.12 -8.40
C GLY A 149 14.46 14.80 -9.62
N LEU A 150 15.32 15.50 -10.40
CA LEU A 150 14.94 16.19 -11.64
C LEU A 150 14.59 15.13 -12.71
N VAL A 151 13.30 14.81 -12.79
CA VAL A 151 12.74 13.91 -13.81
C VAL A 151 12.52 14.68 -15.13
N PRO A 152 12.92 14.08 -16.30
CA PRO A 152 12.80 14.75 -17.63
C PRO A 152 11.33 15.00 -18.05
N ARG A 153 10.39 14.32 -17.37
CA ARG A 153 8.96 14.56 -17.53
C ARG A 153 8.60 15.88 -16.82
N GLY A 154 8.93 15.94 -15.52
CA GLY A 154 8.53 17.05 -14.65
C GLY A 154 7.12 16.85 -14.11
N SER A 155 6.52 17.95 -13.60
CA SER A 155 5.12 17.99 -13.19
C SER A 155 4.48 19.22 -13.84
N GLY A 156 3.93 19.01 -15.05
CA GLY A 156 3.38 20.09 -15.87
C GLY A 156 2.11 19.67 -16.58
N GLY A 157 1.32 20.68 -17.01
CA GLY A 157 0.01 20.45 -17.62
C GLY A 157 -0.95 19.79 -16.66
N ILE A 158 -1.06 20.34 -15.43
CA ILE A 158 -1.90 19.75 -14.38
C ILE A 158 -3.35 20.25 -14.56
N GLU A 159 -4.29 19.32 -14.43
CA GLU A 159 -5.73 19.58 -14.60
C GLU A 159 -6.31 20.33 -13.40
N GLY A 160 -7.54 20.83 -13.57
CA GLY A 160 -8.32 21.39 -12.47
C GLY A 160 -8.91 20.27 -11.59
N MET A 161 -10.18 20.44 -11.19
CA MET A 161 -10.86 19.49 -10.29
C MET A 161 -11.68 18.46 -11.07
N ALA A 162 -12.10 17.40 -10.36
CA ALA A 162 -13.00 16.35 -10.88
C ALA A 162 -14.39 16.52 -10.27
N GLN A 163 -14.47 16.37 -8.93
CA GLN A 163 -15.72 16.43 -8.15
C GLN A 163 -15.38 16.49 -6.65
N HIS A 164 -15.71 17.62 -6.00
CA HIS A 164 -15.38 17.87 -4.58
C HIS A 164 -16.32 17.05 -3.67
N GLY A 165 -15.73 16.25 -2.78
CA GLY A 165 -16.48 15.52 -1.75
C GLY A 165 -16.50 16.26 -0.43
N ALA A 166 -17.00 17.51 -0.49
CA ALA A 166 -17.07 18.42 0.68
C ALA A 166 -18.41 18.25 1.42
N LEU A 167 -18.97 17.01 1.37
CA LEU A 167 -20.22 16.62 2.07
C LEU A 167 -20.07 16.76 3.61
N GLU A 168 -18.83 16.59 4.08
CA GLU A 168 -18.46 16.65 5.49
C GLU A 168 -18.27 18.12 5.95
N THR A 169 -17.56 18.89 5.10
CA THR A 169 -17.15 20.28 5.38
C THR A 169 -16.38 20.80 4.14
N LEU A 170 -16.26 22.13 4.01
CA LEU A 170 -15.55 22.75 2.88
C LEU A 170 -14.04 22.49 2.99
N LYS A 171 -13.59 21.40 2.36
CA LYS A 171 -12.18 21.13 2.11
C LYS A 171 -11.83 21.66 0.72
N ASP A 172 -10.69 22.36 0.62
CA ASP A 172 -10.18 22.93 -0.63
C ASP A 172 -9.83 21.80 -1.62
N LEU A 173 -9.75 22.12 -2.92
CA LEU A 173 -9.47 21.12 -3.97
C LEU A 173 -8.12 20.43 -3.75
N ALA A 174 -7.11 21.23 -3.35
CA ALA A 174 -5.79 20.70 -2.96
C ALA A 174 -5.92 19.77 -1.75
N GLU A 175 -6.75 20.18 -0.79
CA GLU A 175 -6.99 19.44 0.45
C GLU A 175 -7.95 18.25 0.24
N LYS A 176 -8.63 18.19 -0.92
CA LYS A 176 -9.52 17.08 -1.31
C LYS A 176 -8.73 15.98 -2.03
N GLU A 177 -7.79 16.42 -2.89
CA GLU A 177 -6.79 15.55 -3.54
C GLU A 177 -5.95 14.86 -2.44
N VAL A 178 -5.55 15.66 -1.42
CA VAL A 178 -4.83 15.17 -0.23
C VAL A 178 -5.79 14.38 0.67
N ASP A 179 -7.08 14.78 0.77
CA ASP A 179 -8.05 14.06 1.63
C ASP A 179 -8.11 12.58 1.24
N ASP A 180 -8.32 12.33 -0.05
CA ASP A 180 -8.37 10.98 -0.60
C ASP A 180 -6.98 10.30 -0.62
N ALA A 181 -5.90 11.05 -0.94
CA ALA A 181 -4.53 10.47 -0.93
C ALA A 181 -4.12 10.05 0.50
N ALA A 182 -4.04 11.03 1.42
CA ALA A 182 -3.71 10.81 2.85
C ALA A 182 -4.55 9.69 3.49
N ARG A 183 -5.88 9.75 3.30
CA ARG A 183 -6.82 8.75 3.87
C ARG A 183 -6.54 7.34 3.32
N LEU A 184 -6.73 7.17 2.00
CA LEU A 184 -6.71 5.86 1.34
C LEU A 184 -5.28 5.31 1.35
N LEU A 185 -4.36 6.10 0.74
CA LEU A 185 -2.94 5.72 0.60
C LEU A 185 -2.27 5.59 1.98
N GLY A 186 -2.69 6.43 2.95
CA GLY A 186 -2.13 6.42 4.29
C GLY A 186 -2.48 5.15 5.08
N GLU A 187 -3.76 4.73 5.04
CA GLU A 187 -4.20 3.49 5.72
C GLU A 187 -3.63 2.25 5.02
N MET A 188 -3.41 2.38 3.70
CA MET A 188 -2.79 1.32 2.90
C MET A 188 -1.24 1.33 3.04
N ARG A 189 -0.67 2.46 3.51
CA ARG A 189 0.76 2.58 3.83
C ARG A 189 1.04 1.99 5.21
N ARG A 190 0.13 2.28 6.16
CA ARG A 190 0.04 1.58 7.45
C ARG A 190 -0.05 0.08 7.20
N GLY A 191 -1.03 -0.28 6.35
CA GLY A 191 -1.25 -1.66 5.95
C GLY A 191 -0.06 -2.28 5.25
N CYS A 192 0.66 -1.47 4.43
CA CYS A 192 1.82 -1.93 3.65
C CYS A 192 2.95 -2.36 4.59
N GLN A 193 3.25 -1.51 5.60
CA GLN A 193 4.32 -1.74 6.57
C GLN A 193 4.00 -2.93 7.50
N GLN A 194 2.72 -2.98 7.94
CA GLN A 194 2.22 -4.06 8.83
C GLN A 194 2.21 -5.41 8.10
N ALA A 195 1.87 -5.35 6.80
CA ALA A 195 1.92 -6.50 5.90
C ALA A 195 3.36 -7.00 5.84
N GLU A 196 4.28 -6.07 5.50
CA GLU A 196 5.72 -6.37 5.39
C GLU A 196 6.29 -7.03 6.64
N GLU A 197 5.85 -6.59 7.83
CA GLU A 197 6.23 -7.22 9.12
C GLU A 197 5.77 -8.69 9.17
N GLN A 198 4.47 -8.91 8.86
CA GLN A 198 3.85 -10.26 8.80
C GLN A 198 4.60 -11.20 7.84
N LEU A 199 4.68 -10.78 6.57
CA LEU A 199 5.20 -11.61 5.46
C LEU A 199 6.69 -11.94 5.70
N LYS A 200 7.43 -10.93 6.20
CA LYS A 200 8.85 -11.04 6.54
C LYS A 200 9.09 -12.11 7.59
N MET A 201 8.43 -11.98 8.76
CA MET A 201 8.65 -12.90 9.88
C MET A 201 8.28 -14.36 9.51
N LEU A 202 7.19 -14.52 8.72
CA LEU A 202 6.75 -15.85 8.22
C LEU A 202 7.85 -16.53 7.41
N ILE A 203 8.29 -15.86 6.32
CA ILE A 203 9.33 -16.36 5.40
C ILE A 203 10.71 -16.47 6.10
N ASP A 204 10.91 -15.66 7.16
CA ASP A 204 12.19 -15.60 7.91
C ASP A 204 12.37 -16.85 8.79
N TYR A 205 11.32 -17.26 9.53
CA TYR A 205 11.38 -18.47 10.39
C TYR A 205 10.96 -19.74 9.62
N GLN A 206 10.36 -19.55 8.40
CA GLN A 206 9.75 -20.62 7.56
C GLN A 206 10.54 -21.94 7.55
N ASN A 207 11.87 -21.86 7.40
CA ASN A 207 12.75 -23.04 7.38
C ASN A 207 12.98 -23.53 8.83
N GLU A 208 11.93 -24.12 9.38
CA GLU A 208 11.85 -24.67 10.74
C GLU A 208 10.78 -25.74 10.73
N TYR A 209 9.55 -25.34 10.31
CA TYR A 209 8.48 -26.30 10.06
C TYR A 209 8.78 -27.03 8.73
N ARG A 210 8.96 -28.35 8.84
CA ARG A 210 9.13 -29.25 7.69
C ARG A 210 8.15 -30.44 7.84
N SER A 211 8.09 -31.30 6.81
CA SER A 211 7.15 -32.44 6.78
C SER A 211 7.84 -33.72 7.31
N ASN A 212 7.54 -34.06 8.57
CA ASN A 212 8.02 -35.29 9.22
C ASN A 212 6.78 -36.08 9.71
N LEU A 213 6.44 -37.18 9.00
CA LEU A 213 5.20 -37.94 9.25
C LEU A 213 5.32 -38.83 10.51
N ASN A 214 4.17 -39.11 11.16
CA ASN A 214 4.10 -39.90 12.40
C ASN A 214 2.83 -40.79 12.36
N MET A 1 -5.47 -31.17 11.21
CA MET A 1 -5.89 -31.84 12.45
C MET A 1 -6.20 -30.77 13.53
N THR A 2 -7.35 -30.09 13.33
CA THR A 2 -7.93 -29.12 14.29
C THR A 2 -7.14 -27.78 14.39
N ARG A 3 -5.94 -27.81 15.01
CA ARG A 3 -5.23 -26.60 15.51
C ARG A 3 -4.80 -25.65 14.36
N LEU A 4 -3.73 -26.01 13.64
CA LEU A 4 -3.14 -25.16 12.59
C LEU A 4 -3.99 -25.17 11.31
N SER A 5 -4.42 -26.38 10.88
CA SER A 5 -5.00 -26.62 9.53
C SER A 5 -6.06 -25.59 9.11
N GLU A 6 -7.06 -25.34 9.98
CA GLU A 6 -8.17 -24.39 9.71
C GLU A 6 -7.62 -22.95 9.50
N ILE A 7 -6.67 -22.55 10.39
CA ILE A 7 -6.05 -21.20 10.37
C ILE A 7 -5.15 -21.03 9.13
N LEU A 8 -4.62 -22.15 8.61
CA LEU A 8 -3.77 -22.18 7.41
C LEU A 8 -4.59 -22.00 6.13
N ASP A 9 -5.79 -22.61 6.11
CA ASP A 9 -6.78 -22.40 5.04
C ASP A 9 -7.27 -20.95 5.04
N GLN A 10 -7.52 -20.43 6.25
CA GLN A 10 -7.90 -19.03 6.46
C GLN A 10 -6.79 -18.08 6.00
N MET A 11 -5.52 -18.43 6.28
CA MET A 11 -4.36 -17.64 5.87
C MET A 11 -4.32 -17.53 4.33
N THR A 12 -4.25 -18.69 3.65
CA THR A 12 -4.08 -18.76 2.18
C THR A 12 -5.30 -18.19 1.41
N THR A 13 -6.51 -18.27 2.00
CA THR A 13 -7.73 -17.74 1.37
C THR A 13 -7.76 -16.19 1.46
N VAL A 14 -7.30 -15.64 2.60
CA VAL A 14 -7.15 -14.19 2.79
C VAL A 14 -6.00 -13.66 1.89
N LEU A 15 -4.95 -14.49 1.68
CA LEU A 15 -3.83 -14.17 0.76
C LEU A 15 -4.33 -14.10 -0.70
N ASN A 16 -5.30 -14.99 -1.05
CA ASN A 16 -5.94 -15.02 -2.39
C ASN A 16 -6.75 -13.74 -2.65
N ASP A 17 -7.57 -13.36 -1.66
CA ASP A 17 -8.38 -12.13 -1.73
C ASP A 17 -7.48 -10.88 -1.80
N LEU A 18 -6.40 -10.88 -1.00
CA LEU A 18 -5.37 -9.81 -1.02
C LEU A 18 -4.62 -9.77 -2.34
N LYS A 19 -4.49 -10.93 -3.00
CA LYS A 19 -3.89 -11.01 -4.34
C LYS A 19 -4.77 -10.20 -5.30
N THR A 20 -6.08 -10.50 -5.33
CA THR A 20 -7.06 -9.81 -6.20
C THR A 20 -7.16 -8.30 -5.89
N VAL A 21 -7.35 -7.96 -4.60
CA VAL A 21 -7.59 -6.57 -4.14
C VAL A 21 -6.38 -5.68 -4.41
N MET A 22 -5.18 -6.17 -4.03
CA MET A 22 -3.94 -5.39 -4.13
C MET A 22 -3.35 -5.44 -5.56
N ASP A 23 -3.81 -6.41 -6.39
CA ASP A 23 -3.57 -6.43 -7.85
C ASP A 23 -4.36 -5.30 -8.53
N ALA A 24 -5.63 -5.12 -8.07
CA ALA A 24 -6.52 -4.03 -8.52
C ALA A 24 -5.97 -2.66 -8.06
N GLU A 25 -5.36 -2.67 -6.86
CA GLU A 25 -4.62 -1.52 -6.29
C GLU A 25 -3.49 -1.12 -7.24
N GLN A 26 -2.63 -2.12 -7.54
CA GLN A 26 -1.47 -1.99 -8.45
C GLN A 26 -1.89 -1.34 -9.78
N GLN A 27 -3.03 -1.80 -10.33
CA GLN A 27 -3.61 -1.26 -11.56
C GLN A 27 -4.02 0.23 -11.38
N GLN A 28 -4.84 0.48 -10.35
CA GLN A 28 -5.47 1.80 -10.05
C GLN A 28 -4.43 2.89 -9.65
N LEU A 29 -3.21 2.47 -9.31
CA LEU A 29 -2.13 3.41 -8.94
C LEU A 29 -1.14 3.62 -10.10
N SER A 30 -0.97 2.59 -10.96
CA SER A 30 -0.08 2.66 -12.13
C SER A 30 -0.71 3.47 -13.28
N VAL A 31 -2.04 3.69 -13.19
CA VAL A 31 -2.77 4.53 -14.16
C VAL A 31 -2.51 6.05 -13.92
N GLY A 32 -2.03 6.38 -12.70
CA GLY A 32 -1.72 7.78 -12.33
C GLY A 32 -2.94 8.52 -11.78
N GLN A 33 -4.14 8.03 -12.12
CA GLN A 33 -5.41 8.63 -11.74
C GLN A 33 -5.93 7.94 -10.47
N ILE A 34 -6.02 8.70 -9.37
CA ILE A 34 -6.55 8.22 -8.10
C ILE A 34 -8.08 8.30 -8.12
N ASN A 35 -8.74 7.13 -8.15
CA ASN A 35 -10.19 7.01 -8.01
C ASN A 35 -10.54 6.67 -6.57
N GLY A 36 -11.22 7.63 -5.90
CA GLY A 36 -11.48 7.58 -4.47
C GLY A 36 -12.35 6.41 -4.05
N SER A 37 -13.43 6.16 -4.81
CA SER A 37 -14.43 5.11 -4.50
C SER A 37 -13.80 3.70 -4.66
N GLN A 38 -13.07 3.51 -5.79
CA GLN A 38 -12.36 2.24 -6.10
C GLN A 38 -11.37 1.92 -4.98
N LEU A 39 -10.51 2.90 -4.67
CA LEU A 39 -9.48 2.77 -3.62
C LEU A 39 -10.08 2.77 -2.21
N GLN A 40 -11.33 3.24 -2.05
CA GLN A 40 -12.04 3.13 -0.76
C GLN A 40 -12.30 1.66 -0.46
N ARG A 41 -12.86 0.94 -1.48
CA ARG A 41 -13.02 -0.52 -1.39
C ARG A 41 -11.67 -1.20 -1.15
N ILE A 42 -10.69 -0.86 -2.00
CA ILE A 42 -9.37 -1.49 -2.01
C ILE A 42 -8.62 -1.32 -0.67
N THR A 43 -8.56 -0.09 -0.12
CA THR A 43 -7.81 0.18 1.13
C THR A 43 -8.53 -0.40 2.35
N GLU A 44 -9.89 -0.46 2.30
CA GLU A 44 -10.70 -1.05 3.38
C GLU A 44 -10.53 -2.58 3.42
N GLU A 45 -10.51 -3.22 2.22
CA GLU A 45 -10.30 -4.67 2.10
C GLU A 45 -8.87 -5.02 2.51
N LYS A 46 -7.91 -4.22 2.00
CA LYS A 46 -6.47 -4.39 2.27
C LYS A 46 -6.20 -4.42 3.78
N SER A 47 -6.63 -3.33 4.46
CA SER A 47 -6.38 -3.12 5.89
C SER A 47 -7.11 -4.17 6.76
N SER A 48 -8.36 -4.52 6.39
CA SER A 48 -9.17 -5.54 7.11
C SER A 48 -8.52 -6.93 7.04
N LEU A 49 -8.09 -7.30 5.82
CA LEU A 49 -7.53 -8.64 5.52
C LEU A 49 -6.11 -8.78 6.10
N LEU A 50 -5.33 -7.68 6.12
CA LEU A 50 -3.98 -7.64 6.73
C LEU A 50 -4.06 -7.65 8.27
N ALA A 51 -5.16 -7.06 8.80
CA ALA A 51 -5.49 -7.12 10.24
C ALA A 51 -5.86 -8.55 10.64
N THR A 52 -6.57 -9.25 9.73
CA THR A 52 -6.93 -10.66 9.92
C THR A 52 -5.68 -11.53 9.78
N LEU A 53 -4.75 -11.17 8.86
CA LEU A 53 -3.46 -11.88 8.72
C LEU A 53 -2.65 -11.79 10.02
N ASP A 54 -2.67 -10.59 10.63
CA ASP A 54 -2.03 -10.30 11.93
C ASP A 54 -2.57 -11.27 13.01
N TYR A 55 -3.90 -11.32 13.10
CA TYR A 55 -4.65 -12.29 13.92
C TYR A 55 -4.23 -13.75 13.60
N LEU A 56 -4.15 -14.06 12.30
CA LEU A 56 -3.93 -15.43 11.78
C LEU A 56 -2.49 -15.90 12.05
N GLU A 57 -1.51 -14.99 11.98
CA GLU A 57 -0.08 -15.35 12.10
C GLU A 57 0.32 -15.49 13.57
N GLN A 58 -0.30 -14.65 14.42
CA GLN A 58 -0.22 -14.77 15.89
C GLN A 58 -0.73 -16.17 16.31
N GLN A 59 -1.93 -16.51 15.79
CA GLN A 59 -2.54 -17.83 16.02
C GLN A 59 -1.67 -18.96 15.45
N ARG A 60 -1.18 -18.79 14.20
CA ARG A 60 -0.30 -19.76 13.51
C ARG A 60 0.97 -20.08 14.31
N ARG A 61 1.48 -19.08 15.04
CA ARG A 61 2.70 -19.23 15.86
C ARG A 61 2.39 -20.04 17.14
N LEU A 62 1.28 -19.66 17.80
CA LEU A 62 0.78 -20.39 18.99
C LEU A 62 0.48 -21.86 18.63
N GLU A 63 -0.08 -22.03 17.43
CA GLU A 63 -0.57 -23.32 16.93
C GLU A 63 0.51 -24.11 16.21
N GLN A 64 1.65 -23.50 15.82
CA GLN A 64 2.82 -24.30 15.33
C GLN A 64 3.53 -24.89 16.55
N ASN A 65 3.46 -24.14 17.68
CA ASN A 65 3.96 -24.61 18.98
C ASN A 65 3.00 -25.68 19.58
N ALA A 66 1.69 -25.55 19.30
CA ALA A 66 0.64 -26.49 19.80
C ALA A 66 0.54 -27.77 18.92
N GLN A 67 0.50 -27.58 17.59
CA GLN A 67 0.33 -28.69 16.61
C GLN A 67 1.65 -29.47 16.50
N ARG A 68 1.54 -30.80 16.63
CA ARG A 68 2.70 -31.70 16.74
C ARG A 68 3.08 -32.28 15.36
N SER A 69 4.05 -31.63 14.68
CA SER A 69 4.82 -32.14 13.50
C SER A 69 4.01 -32.93 12.42
N ALA A 70 3.53 -34.13 12.81
CA ALA A 70 2.81 -35.11 11.94
C ALA A 70 1.69 -34.51 11.03
N ASN A 71 1.12 -33.35 11.41
CA ASN A 71 0.11 -32.65 10.57
C ASN A 71 0.81 -32.07 9.32
N ASP A 72 0.64 -32.77 8.18
CA ASP A 72 1.35 -32.44 6.92
C ASP A 72 0.80 -31.16 6.26
N ASP A 73 -0.42 -30.74 6.67
CA ASP A 73 -1.05 -29.49 6.19
C ASP A 73 -0.17 -28.28 6.49
N ILE A 74 0.65 -28.39 7.55
CA ILE A 74 1.61 -27.37 7.94
C ILE A 74 2.61 -27.16 6.80
N ALA A 75 3.34 -28.23 6.44
CA ALA A 75 4.40 -28.18 5.42
C ALA A 75 3.83 -27.71 4.05
N GLU A 76 2.74 -28.37 3.61
CA GLU A 76 2.09 -28.09 2.31
C GLU A 76 1.64 -26.63 2.20
N ARG A 77 0.80 -26.21 3.17
CA ARG A 77 0.15 -24.90 3.12
C ARG A 77 1.17 -23.78 3.35
N TRP A 78 2.14 -24.03 4.25
CA TRP A 78 3.22 -23.06 4.55
C TRP A 78 4.07 -22.73 3.31
N GLN A 79 4.36 -23.76 2.48
CA GLN A 79 5.04 -23.55 1.17
C GLN A 79 4.15 -22.69 0.24
N ALA A 80 2.85 -23.05 0.19
CA ALA A 80 1.84 -22.30 -0.58
C ALA A 80 1.70 -20.83 -0.10
N ILE A 81 1.86 -20.67 1.22
CA ILE A 81 1.76 -19.38 1.91
C ILE A 81 2.96 -18.51 1.56
N THR A 82 4.19 -19.09 1.56
CA THR A 82 5.41 -18.35 1.22
C THR A 82 5.41 -17.89 -0.24
N GLU A 83 4.83 -18.71 -1.13
CA GLU A 83 4.64 -18.35 -2.54
C GLU A 83 3.69 -17.14 -2.68
N LYS A 84 2.54 -17.21 -1.98
CA LYS A 84 1.53 -16.14 -1.99
C LYS A 84 2.09 -14.84 -1.38
N THR A 85 2.70 -14.94 -0.18
CA THR A 85 3.22 -13.78 0.57
C THR A 85 4.40 -13.12 -0.17
N GLN A 86 5.15 -13.95 -0.92
CA GLN A 86 6.19 -13.49 -1.88
C GLN A 86 5.55 -12.58 -2.95
N HIS A 87 4.50 -13.11 -3.61
CA HIS A 87 3.77 -12.38 -4.66
C HIS A 87 3.09 -11.13 -4.10
N LEU A 88 2.59 -11.21 -2.86
CA LEU A 88 1.86 -10.10 -2.20
C LEU A 88 2.83 -9.00 -1.82
N ARG A 89 4.00 -9.40 -1.30
CA ARG A 89 5.07 -8.47 -0.90
C ARG A 89 5.62 -7.75 -2.14
N ASP A 90 5.64 -8.49 -3.27
CA ASP A 90 6.12 -8.01 -4.57
C ASP A 90 5.17 -6.94 -5.16
N LEU A 91 3.87 -7.25 -5.22
CA LEU A 91 2.87 -6.32 -5.75
C LEU A 91 2.63 -5.14 -4.77
N ASN A 92 2.83 -5.40 -3.45
CA ASN A 92 2.81 -4.35 -2.40
C ASN A 92 3.93 -3.33 -2.59
N GLN A 93 5.17 -3.80 -2.83
CA GLN A 93 6.33 -2.90 -2.99
C GLN A 93 6.19 -2.12 -4.31
N HIS A 94 5.58 -2.75 -5.34
CA HIS A 94 5.26 -2.06 -6.60
C HIS A 94 4.24 -0.91 -6.36
N ASN A 95 3.05 -1.27 -5.82
CA ASN A 95 1.92 -0.34 -5.64
C ASN A 95 2.23 0.71 -4.58
N GLY A 96 3.09 0.34 -3.62
CA GLY A 96 3.52 1.23 -2.54
C GLY A 96 4.46 2.31 -3.03
N TRP A 97 5.40 1.92 -3.93
CA TRP A 97 6.29 2.88 -4.61
C TRP A 97 5.48 3.83 -5.50
N LEU A 98 4.45 3.28 -6.18
CA LEU A 98 3.49 4.06 -6.98
C LEU A 98 2.79 5.10 -6.11
N LEU A 99 2.41 4.69 -4.88
CA LEU A 99 1.79 5.58 -3.87
C LEU A 99 2.71 6.74 -3.49
N GLU A 100 4.00 6.45 -3.32
CA GLU A 100 5.03 7.47 -3.04
C GLU A 100 5.06 8.50 -4.19
N GLY A 101 4.96 7.99 -5.43
CA GLY A 101 4.83 8.83 -6.61
C GLY A 101 3.58 9.69 -6.59
N GLN A 102 2.46 9.09 -6.14
CA GLN A 102 1.13 9.74 -6.11
C GLN A 102 1.06 10.90 -5.08
N ILE A 103 1.69 10.72 -3.89
CA ILE A 103 1.76 11.78 -2.87
C ILE A 103 2.68 12.93 -3.37
N GLU A 104 3.85 12.55 -3.95
CA GLU A 104 4.83 13.54 -4.44
C GLU A 104 4.23 14.36 -5.61
N ARG A 105 3.49 13.69 -6.49
CA ARG A 105 2.95 14.31 -7.70
C ARG A 105 1.67 15.10 -7.41
N ASN A 106 0.98 14.73 -6.32
CA ASN A 106 -0.13 15.52 -5.74
C ASN A 106 0.45 16.85 -5.23
N GLN A 107 1.61 16.73 -4.55
CA GLN A 107 2.37 17.86 -4.02
C GLN A 107 2.91 18.77 -5.16
N GLN A 108 3.33 18.13 -6.28
CA GLN A 108 3.75 18.85 -7.52
C GLN A 108 2.56 19.55 -8.18
N ALA A 109 1.37 18.92 -8.12
CA ALA A 109 0.13 19.47 -8.69
C ALA A 109 -0.28 20.74 -7.93
N LEU A 110 -0.01 20.73 -6.60
CA LEU A 110 -0.17 21.91 -5.74
C LEU A 110 0.86 22.98 -6.13
N GLU A 111 2.10 22.54 -6.42
CA GLU A 111 3.19 23.43 -6.89
C GLU A 111 2.95 23.97 -8.33
N VAL A 112 2.07 23.32 -9.11
CA VAL A 112 1.62 23.84 -10.42
C VAL A 112 0.58 24.96 -10.23
N LEU A 113 -0.32 24.74 -9.25
CA LEU A 113 -1.49 25.62 -9.04
C LEU A 113 -1.23 26.72 -7.98
N LYS A 114 -0.09 26.64 -7.28
CA LYS A 114 0.29 27.67 -6.29
C LYS A 114 0.65 28.99 -6.99
N PRO A 115 0.36 30.16 -6.38
CA PRO A 115 0.71 31.48 -6.94
C PRO A 115 2.20 31.82 -6.70
N HIS A 116 2.70 32.83 -7.42
CA HIS A 116 4.04 33.39 -7.17
C HIS A 116 4.07 34.15 -5.83
N GLN A 117 5.27 34.56 -5.45
CA GLN A 117 5.54 35.42 -4.29
C GLN A 117 6.92 36.03 -4.55
N GLU A 118 7.89 35.11 -4.74
CA GLU A 118 9.27 35.40 -5.19
C GLU A 118 9.81 34.25 -6.10
N PRO A 119 9.74 32.91 -5.71
CA PRO A 119 10.23 31.80 -6.59
C PRO A 119 9.52 31.73 -7.96
N THR A 120 10.31 31.41 -9.00
CA THR A 120 9.84 31.25 -10.38
C THR A 120 9.15 29.87 -10.55
N LEU A 121 7.82 29.85 -10.33
CA LEU A 121 7.01 28.63 -10.45
C LEU A 121 5.51 29.00 -10.53
N TYR A 122 4.88 28.61 -11.65
CA TYR A 122 3.43 28.66 -11.86
C TYR A 122 3.11 28.03 -13.23
N GLY A 123 2.25 27.01 -13.26
CA GLY A 123 1.69 26.48 -14.50
C GLY A 123 2.40 25.25 -15.04
N ALA A 124 1.63 24.49 -15.84
CA ALA A 124 2.04 23.22 -16.47
C ALA A 124 0.85 22.71 -17.29
N ASP A 125 -0.31 22.77 -16.64
CA ASP A 125 -1.62 22.40 -17.20
C ASP A 125 -2.70 23.06 -16.33
N GLY A 126 -3.98 23.02 -16.77
CA GLY A 126 -5.09 23.54 -16.00
C GLY A 126 -5.26 22.83 -14.67
N GLN A 127 -5.45 21.49 -14.72
CA GLN A 127 -5.62 20.62 -13.52
C GLN A 127 -5.76 19.12 -13.90
N THR A 128 -5.46 18.79 -15.18
CA THR A 128 -5.63 17.42 -15.70
C THR A 128 -4.66 16.45 -15.01
N SER A 129 -5.22 15.46 -14.29
CA SER A 129 -4.44 14.43 -13.59
C SER A 129 -3.96 13.37 -14.58
N VAL A 130 -2.85 13.71 -15.28
CA VAL A 130 -2.18 12.83 -16.25
C VAL A 130 -1.55 11.60 -15.52
N SER A 131 -1.03 10.60 -16.24
CA SER A 131 -0.23 9.50 -15.65
C SER A 131 1.21 9.97 -15.32
N HIS A 132 2.00 9.10 -14.66
CA HIS A 132 3.44 9.36 -14.38
C HIS A 132 4.20 8.03 -14.41
N ARG A 133 5.45 8.07 -14.91
CA ARG A 133 6.33 6.87 -14.99
C ARG A 133 7.80 7.22 -14.67
N GLY A 134 8.17 8.51 -14.77
CA GLY A 134 9.56 8.95 -14.64
C GLY A 134 10.03 9.12 -13.19
N GLY A 135 10.27 7.98 -12.50
CA GLY A 135 10.80 7.99 -11.12
C GLY A 135 9.75 8.29 -10.06
N LYS A 136 9.81 7.55 -8.94
CA LYS A 136 8.86 7.71 -7.81
C LYS A 136 9.46 7.12 -6.50
N LYS A 137 9.66 7.98 -5.48
CA LYS A 137 10.23 7.57 -4.15
C LYS A 137 9.60 8.34 -2.97
N ILE A 138 10.13 8.01 -1.75
CA ILE A 138 9.54 8.33 -0.44
C ILE A 138 9.19 9.83 -0.31
N SER A 139 7.91 10.14 -0.12
CA SER A 139 7.43 11.53 -0.04
C SER A 139 6.22 11.66 0.89
N ILE A 140 6.16 12.81 1.58
CA ILE A 140 4.98 13.26 2.34
C ILE A 140 4.73 14.74 1.96
N VAL A 141 3.44 15.12 1.82
CA VAL A 141 2.98 16.42 1.30
C VAL A 141 3.67 17.65 1.99
N LEU A 142 3.78 18.77 1.22
CA LEU A 142 4.49 20.00 1.64
C LEU A 142 3.81 20.73 2.84
N PHE A 143 2.63 20.25 3.27
CA PHE A 143 1.94 20.74 4.47
C PHE A 143 2.66 20.26 5.75
N GLN A 144 3.43 19.15 5.62
CA GLN A 144 4.40 18.66 6.63
C GLN A 144 3.72 18.33 7.98
N GLY A 145 2.45 17.86 7.90
CA GLY A 145 1.64 17.52 9.09
C GLY A 145 2.30 16.45 9.98
N PRO A 146 2.48 15.19 9.47
CA PRO A 146 3.31 14.16 10.15
C PRO A 146 4.82 14.41 9.94
N SER A 147 5.66 13.40 10.27
CA SER A 147 7.11 13.46 10.02
C SER A 147 7.37 13.40 8.50
N ALA A 148 7.45 14.59 7.87
CA ALA A 148 7.51 14.74 6.40
C ALA A 148 8.80 14.15 5.83
N GLY A 149 8.76 12.83 5.53
CA GLY A 149 9.85 12.15 4.86
C GLY A 149 9.72 12.27 3.36
N LEU A 150 10.02 13.46 2.83
CA LEU A 150 9.91 13.77 1.38
C LEU A 150 11.30 13.86 0.74
N VAL A 151 11.44 13.30 -0.47
CA VAL A 151 12.65 13.44 -1.29
C VAL A 151 12.75 14.90 -1.84
N PRO A 152 13.84 15.66 -1.48
CA PRO A 152 14.02 17.09 -1.93
C PRO A 152 14.19 17.22 -3.45
N ARG A 153 14.66 16.13 -4.08
CA ARG A 153 14.80 16.01 -5.54
C ARG A 153 13.42 16.05 -6.25
N GLY A 154 12.43 15.37 -5.64
CA GLY A 154 11.12 15.16 -6.26
C GLY A 154 11.07 13.89 -7.12
N SER A 155 9.86 13.51 -7.52
CA SER A 155 9.57 12.33 -8.37
C SER A 155 8.93 12.81 -9.70
N GLY A 156 8.08 13.85 -9.62
CA GLY A 156 7.49 14.50 -10.79
C GLY A 156 5.97 14.39 -10.83
N GLY A 157 5.30 15.52 -11.16
CA GLY A 157 3.85 15.59 -11.28
C GLY A 157 3.36 15.53 -12.72
N ILE A 158 3.55 16.64 -13.47
CA ILE A 158 3.12 16.78 -14.88
C ILE A 158 4.26 17.40 -15.72
N GLU A 159 4.48 18.72 -15.52
CA GLU A 159 5.47 19.52 -16.28
C GLU A 159 6.05 20.62 -15.37
N GLY A 160 7.30 21.05 -15.65
CA GLY A 160 8.03 21.98 -14.79
C GLY A 160 8.61 21.25 -13.58
N MET A 161 7.70 21.00 -12.60
CA MET A 161 7.91 20.08 -11.46
C MET A 161 9.16 20.41 -10.63
N ALA A 162 9.02 21.38 -9.72
CA ALA A 162 10.10 21.84 -8.84
C ALA A 162 9.50 22.28 -7.52
N GLN A 163 9.85 21.58 -6.43
CA GLN A 163 9.40 21.90 -5.06
C GLN A 163 10.02 23.22 -4.58
N HIS A 164 9.19 24.06 -3.95
CA HIS A 164 9.59 25.35 -3.37
C HIS A 164 8.89 25.57 -2.03
N GLY A 165 7.59 25.21 -1.98
CA GLY A 165 6.73 25.52 -0.85
C GLY A 165 6.40 27.01 -0.83
N ALA A 166 7.31 27.80 -0.22
CA ALA A 166 7.33 29.28 -0.27
C ALA A 166 6.04 29.90 0.33
N LEU A 167 5.00 30.00 -0.52
CA LEU A 167 3.70 30.54 -0.14
C LEU A 167 2.63 29.94 -1.07
N GLU A 168 1.67 29.24 -0.47
CA GLU A 168 0.42 28.82 -1.11
C GLU A 168 -0.69 28.85 -0.05
N THR A 169 -1.94 28.91 -0.49
CA THR A 169 -3.10 28.90 0.39
C THR A 169 -4.32 28.31 -0.35
N LEU A 170 -4.34 28.44 -1.70
CA LEU A 170 -5.49 28.10 -2.55
C LEU A 170 -5.74 26.58 -2.54
N LYS A 171 -6.66 26.16 -1.66
CA LYS A 171 -7.04 24.76 -1.44
C LYS A 171 -8.51 24.56 -1.85
N ASP A 172 -8.74 24.39 -3.16
CA ASP A 172 -10.07 24.06 -3.71
C ASP A 172 -10.11 22.57 -4.08
N LEU A 173 -9.06 22.10 -4.78
CA LEU A 173 -8.86 20.68 -5.09
C LEU A 173 -8.09 20.00 -3.96
N ALA A 174 -7.11 20.76 -3.39
CA ALA A 174 -6.20 20.27 -2.34
C ALA A 174 -6.94 19.70 -1.12
N GLU A 175 -8.15 20.23 -0.85
CA GLU A 175 -9.01 19.73 0.24
C GLU A 175 -9.33 18.25 0.06
N LYS A 176 -10.14 17.94 -0.96
CA LYS A 176 -10.62 16.57 -1.21
C LYS A 176 -9.46 15.64 -1.59
N GLU A 177 -8.54 16.14 -2.44
CA GLU A 177 -7.41 15.35 -2.94
C GLU A 177 -6.44 14.98 -1.82
N VAL A 178 -5.85 15.98 -1.12
CA VAL A 178 -4.78 15.70 -0.13
C VAL A 178 -5.33 14.97 1.12
N ASP A 179 -6.56 15.33 1.56
CA ASP A 179 -7.20 14.67 2.71
C ASP A 179 -7.48 13.19 2.39
N ASP A 180 -8.27 12.95 1.32
CA ASP A 180 -8.74 11.59 0.99
C ASP A 180 -7.60 10.71 0.45
N ALA A 181 -6.61 11.32 -0.21
CA ALA A 181 -5.41 10.59 -0.68
C ALA A 181 -4.52 10.19 0.50
N ALA A 182 -4.40 11.07 1.51
CA ALA A 182 -3.67 10.72 2.75
C ALA A 182 -4.32 9.50 3.42
N ARG A 183 -5.68 9.50 3.45
CA ARG A 183 -6.47 8.39 4.00
C ARG A 183 -6.24 7.08 3.21
N LEU A 184 -6.61 7.08 1.92
CA LEU A 184 -6.55 5.89 1.05
C LEU A 184 -5.11 5.41 0.89
N LEU A 185 -4.29 6.29 0.30
CA LEU A 185 -2.91 5.97 -0.11
C LEU A 185 -2.00 5.80 1.12
N GLY A 186 -2.30 6.54 2.22
CA GLY A 186 -1.50 6.47 3.43
C GLY A 186 -1.75 5.20 4.24
N GLU A 187 -3.03 4.74 4.30
CA GLU A 187 -3.37 3.45 4.95
C GLU A 187 -2.91 2.27 4.09
N MET A 188 -2.81 2.49 2.77
CA MET A 188 -2.25 1.49 1.86
C MET A 188 -0.71 1.41 1.99
N ARG A 189 -0.02 2.54 2.25
CA ARG A 189 1.46 2.52 2.50
C ARG A 189 1.76 1.94 3.89
N ARG A 190 0.91 2.31 4.87
CA ARG A 190 1.00 1.85 6.27
C ARG A 190 0.84 0.32 6.31
N GLY A 191 -0.30 -0.13 5.76
CA GLY A 191 -0.64 -1.55 5.68
C GLY A 191 0.33 -2.34 4.81
N CYS A 192 0.83 -1.72 3.72
CA CYS A 192 1.82 -2.35 2.81
C CYS A 192 3.11 -2.71 3.55
N GLN A 193 3.63 -1.74 4.32
CA GLN A 193 4.90 -1.89 5.01
C GLN A 193 4.79 -2.90 6.17
N GLN A 194 3.72 -2.76 6.98
CA GLN A 194 3.49 -3.64 8.14
C GLN A 194 3.15 -5.07 7.70
N ALA A 195 2.48 -5.18 6.52
CA ALA A 195 2.26 -6.46 5.84
C ALA A 195 3.60 -7.10 5.52
N GLU A 196 4.47 -6.34 4.82
CA GLU A 196 5.78 -6.80 4.36
C GLU A 196 6.64 -7.34 5.52
N GLU A 197 6.64 -6.61 6.65
CA GLU A 197 7.37 -7.01 7.86
C GLU A 197 6.82 -8.33 8.41
N GLN A 198 5.48 -8.44 8.41
CA GLN A 198 4.77 -9.67 8.83
C GLN A 198 5.05 -10.85 7.87
N LEU A 199 5.17 -10.56 6.57
CA LEU A 199 5.38 -11.59 5.54
C LEU A 199 6.84 -12.08 5.59
N LYS A 200 7.74 -11.20 6.04
CA LYS A 200 9.14 -11.55 6.33
C LYS A 200 9.21 -12.47 7.56
N MET A 201 8.40 -12.16 8.59
CA MET A 201 8.22 -12.99 9.79
C MET A 201 7.69 -14.39 9.42
N LEU A 202 6.70 -14.44 8.52
CA LEU A 202 6.06 -15.67 8.05
C LEU A 202 7.02 -16.55 7.23
N ILE A 203 7.71 -15.96 6.24
CA ILE A 203 8.66 -16.71 5.37
C ILE A 203 9.90 -17.18 6.20
N ASP A 204 10.28 -16.38 7.22
CA ASP A 204 11.40 -16.71 8.13
C ASP A 204 11.05 -17.90 9.04
N TYR A 205 9.92 -17.79 9.75
CA TYR A 205 9.50 -18.80 10.75
C TYR A 205 9.02 -20.09 10.04
N GLN A 206 8.67 -19.94 8.73
CA GLN A 206 8.31 -21.08 7.86
C GLN A 206 9.54 -21.92 7.56
N ASN A 207 10.61 -21.22 7.08
CA ASN A 207 11.91 -21.77 6.56
C ASN A 207 11.95 -23.31 6.43
N GLU A 208 12.07 -23.96 7.59
CA GLU A 208 11.97 -25.41 7.74
C GLU A 208 11.11 -25.68 8.98
N TYR A 209 9.91 -26.26 8.80
CA TYR A 209 9.05 -26.60 9.95
C TYR A 209 9.62 -27.84 10.66
N ARG A 210 9.88 -27.68 11.96
CA ARG A 210 10.45 -28.73 12.80
C ARG A 210 10.11 -28.40 14.27
N SER A 211 10.60 -29.23 15.22
CA SER A 211 10.46 -28.93 16.66
C SER A 211 11.41 -27.76 17.04
N ASN A 212 10.94 -26.53 16.75
CA ASN A 212 11.73 -25.29 16.94
C ASN A 212 10.93 -24.26 17.73
N LEU A 213 11.65 -23.42 18.47
CA LEU A 213 11.08 -22.36 19.32
C LEU A 213 11.59 -21.00 18.83
N ASN A 214 10.75 -20.25 18.10
CA ASN A 214 11.11 -18.95 17.51
C ASN A 214 9.85 -18.06 17.35
N MET A 1 -4.60 -33.16 7.49
CA MET A 1 -5.10 -31.82 7.88
C MET A 1 -5.43 -31.78 9.37
N THR A 2 -4.50 -31.19 10.15
CA THR A 2 -4.69 -30.89 11.59
C THR A 2 -5.22 -29.42 11.71
N ARG A 3 -5.30 -28.88 12.96
CA ARG A 3 -5.76 -27.50 13.25
C ARG A 3 -5.17 -26.44 12.29
N LEU A 4 -3.85 -26.58 12.02
CA LEU A 4 -3.09 -25.60 11.24
C LEU A 4 -3.58 -25.48 9.81
N SER A 5 -3.82 -26.63 9.13
CA SER A 5 -4.22 -26.66 7.69
C SER A 5 -5.47 -25.79 7.42
N GLU A 6 -6.37 -25.77 8.41
CA GLU A 6 -7.59 -24.96 8.40
C GLU A 6 -7.24 -23.45 8.39
N ILE A 7 -6.45 -23.05 9.40
CA ILE A 7 -6.06 -21.64 9.66
C ILE A 7 -5.14 -21.12 8.54
N LEU A 8 -4.34 -22.03 7.96
CA LEU A 8 -3.37 -21.72 6.89
C LEU A 8 -4.10 -21.61 5.56
N ASP A 9 -5.22 -22.35 5.42
CA ASP A 9 -6.11 -22.24 4.25
C ASP A 9 -6.79 -20.87 4.28
N GLN A 10 -7.17 -20.44 5.51
CA GLN A 10 -7.74 -19.10 5.74
C GLN A 10 -6.70 -18.02 5.39
N MET A 11 -5.41 -18.29 5.71
CA MET A 11 -4.30 -17.41 5.33
C MET A 11 -4.25 -17.23 3.82
N THR A 12 -4.04 -18.35 3.09
CA THR A 12 -3.75 -18.31 1.63
C THR A 12 -4.95 -17.79 0.81
N THR A 13 -6.20 -17.96 1.32
CA THR A 13 -7.40 -17.41 0.67
C THR A 13 -7.47 -15.87 0.91
N VAL A 14 -7.11 -15.40 2.13
CA VAL A 14 -6.99 -13.95 2.43
C VAL A 14 -5.80 -13.33 1.65
N LEU A 15 -4.77 -14.15 1.38
CA LEU A 15 -3.58 -13.74 0.60
C LEU A 15 -3.97 -13.60 -0.91
N ASN A 16 -4.93 -14.44 -1.36
CA ASN A 16 -5.54 -14.36 -2.71
C ASN A 16 -6.37 -13.07 -2.86
N ASP A 17 -7.11 -12.72 -1.79
CA ASP A 17 -7.84 -11.45 -1.73
C ASP A 17 -6.87 -10.26 -1.81
N LEU A 18 -5.80 -10.31 -0.98
CA LEU A 18 -4.72 -9.30 -0.95
C LEU A 18 -3.99 -9.19 -2.29
N LYS A 19 -3.95 -10.31 -3.05
CA LYS A 19 -3.44 -10.29 -4.43
C LYS A 19 -4.34 -9.38 -5.30
N THR A 20 -5.65 -9.67 -5.33
CA THR A 20 -6.61 -8.89 -6.14
C THR A 20 -6.59 -7.38 -5.76
N VAL A 21 -6.68 -7.13 -4.44
CA VAL A 21 -6.81 -5.80 -3.84
C VAL A 21 -5.55 -4.95 -4.06
N MET A 22 -4.37 -5.51 -3.71
CA MET A 22 -3.10 -4.74 -3.72
C MET A 22 -2.45 -4.70 -5.12
N ASP A 23 -2.86 -5.61 -6.02
CA ASP A 23 -2.48 -5.54 -7.46
C ASP A 23 -3.27 -4.40 -8.15
N ALA A 24 -4.57 -4.28 -7.80
CA ALA A 24 -5.42 -3.16 -8.23
C ALA A 24 -4.89 -1.82 -7.68
N GLU A 25 -4.38 -1.87 -6.43
CA GLU A 25 -3.70 -0.76 -5.74
C GLU A 25 -2.51 -0.25 -6.54
N GLN A 26 -1.62 -1.21 -6.90
CA GLN A 26 -0.43 -0.96 -7.73
C GLN A 26 -0.81 -0.33 -9.08
N GLN A 27 -1.94 -0.79 -9.64
CA GLN A 27 -2.49 -0.27 -10.90
C GLN A 27 -2.93 1.20 -10.77
N GLN A 28 -3.68 1.52 -9.70
CA GLN A 28 -4.21 2.89 -9.46
C GLN A 28 -3.08 3.91 -9.17
N LEU A 29 -1.95 3.41 -8.66
CA LEU A 29 -0.75 4.22 -8.39
C LEU A 29 0.18 4.24 -9.62
N SER A 30 -0.05 3.30 -10.56
CA SER A 30 0.67 3.24 -11.86
C SER A 30 0.04 4.19 -12.90
N VAL A 31 -1.30 4.40 -12.83
CA VAL A 31 -2.05 5.18 -13.84
C VAL A 31 -1.81 6.70 -13.69
N GLY A 32 -1.26 7.11 -12.53
CA GLY A 32 -0.90 8.51 -12.27
C GLY A 32 -2.06 9.34 -11.72
N GLN A 33 -3.28 8.81 -11.85
CA GLN A 33 -4.51 9.51 -11.42
C GLN A 33 -5.14 8.79 -10.22
N ILE A 34 -5.23 9.51 -9.11
CA ILE A 34 -5.77 8.98 -7.84
C ILE A 34 -7.30 9.02 -7.85
N ASN A 35 -7.90 7.81 -7.88
CA ASN A 35 -9.35 7.61 -7.84
C ASN A 35 -9.76 7.22 -6.42
N GLY A 36 -10.52 8.12 -5.76
CA GLY A 36 -10.86 8.00 -4.34
C GLY A 36 -11.63 6.74 -3.99
N SER A 37 -12.64 6.40 -4.82
CA SER A 37 -13.52 5.25 -4.61
C SER A 37 -12.73 3.93 -4.63
N GLN A 38 -11.82 3.81 -5.61
CA GLN A 38 -11.02 2.61 -5.83
C GLN A 38 -10.08 2.36 -4.64
N LEU A 39 -9.26 3.38 -4.32
CA LEU A 39 -8.29 3.29 -3.21
C LEU A 39 -8.99 3.18 -1.84
N GLN A 40 -10.23 3.71 -1.74
CA GLN A 40 -11.07 3.58 -0.52
C GLN A 40 -11.35 2.11 -0.25
N ARG A 41 -11.96 1.46 -1.27
CA ARG A 41 -12.27 0.02 -1.25
C ARG A 41 -11.02 -0.79 -0.88
N ILE A 42 -9.93 -0.51 -1.61
CA ILE A 42 -8.64 -1.20 -1.49
C ILE A 42 -8.05 -1.11 -0.06
N THR A 43 -7.93 0.12 0.49
CA THR A 43 -7.25 0.33 1.79
C THR A 43 -8.08 -0.25 2.95
N GLU A 44 -9.44 -0.19 2.82
CA GLU A 44 -10.36 -0.77 3.83
C GLU A 44 -10.28 -2.30 3.84
N GLU A 45 -10.29 -2.90 2.62
CA GLU A 45 -10.21 -4.36 2.43
C GLU A 45 -8.90 -4.87 3.01
N LYS A 46 -7.77 -4.33 2.49
CA LYS A 46 -6.42 -4.78 2.89
C LYS A 46 -6.18 -4.59 4.39
N SER A 47 -6.78 -3.52 4.99
CA SER A 47 -6.69 -3.28 6.44
C SER A 47 -7.35 -4.44 7.21
N SER A 48 -8.55 -4.84 6.76
CA SER A 48 -9.32 -5.95 7.35
C SER A 48 -8.62 -7.31 7.09
N LEU A 49 -8.00 -7.45 5.91
CA LEU A 49 -7.35 -8.69 5.47
C LEU A 49 -6.05 -8.93 6.25
N LEU A 50 -5.28 -7.85 6.48
CA LEU A 50 -4.02 -7.88 7.26
C LEU A 50 -4.32 -8.03 8.76
N ALA A 51 -5.46 -7.48 9.19
CA ALA A 51 -5.98 -7.66 10.56
C ALA A 51 -6.35 -9.13 10.81
N THR A 52 -6.91 -9.79 9.78
CA THR A 52 -7.24 -11.21 9.85
C THR A 52 -5.95 -12.06 9.75
N LEU A 53 -4.94 -11.64 8.94
CA LEU A 53 -3.62 -12.32 8.88
C LEU A 53 -2.95 -12.32 10.26
N ASP A 54 -3.07 -11.17 10.96
CA ASP A 54 -2.57 -10.96 12.34
C ASP A 54 -3.27 -11.95 13.30
N TYR A 55 -4.60 -12.01 13.19
CA TYR A 55 -5.48 -12.93 13.93
C TYR A 55 -5.03 -14.41 13.71
N LEU A 56 -4.96 -14.81 12.43
CA LEU A 56 -4.60 -16.17 11.99
C LEU A 56 -3.18 -16.53 12.44
N GLU A 57 -2.28 -15.53 12.36
CA GLU A 57 -0.87 -15.62 12.78
C GLU A 57 -0.75 -16.04 14.24
N GLN A 58 -1.43 -15.31 15.13
CA GLN A 58 -1.42 -15.62 16.58
C GLN A 58 -1.98 -17.02 16.85
N GLN A 59 -3.19 -17.30 16.30
CA GLN A 59 -3.90 -18.57 16.53
C GLN A 59 -3.02 -19.77 16.16
N ARG A 60 -2.54 -19.79 14.89
CA ARG A 60 -1.79 -20.92 14.34
C ARG A 60 -0.35 -20.97 14.87
N ARG A 61 0.19 -19.84 15.37
CA ARG A 61 1.54 -19.83 15.99
C ARG A 61 1.51 -20.61 17.32
N LEU A 62 0.44 -20.37 18.10
CA LEU A 62 0.18 -21.10 19.35
C LEU A 62 -0.07 -22.60 19.03
N GLU A 63 -0.81 -22.84 17.95
CA GLU A 63 -1.11 -24.20 17.46
C GLU A 63 0.10 -24.84 16.73
N GLN A 64 1.10 -24.03 16.33
CA GLN A 64 2.34 -24.55 15.69
C GLN A 64 3.30 -25.04 16.77
N ASN A 65 3.30 -24.33 17.91
CA ASN A 65 4.03 -24.73 19.12
C ASN A 65 3.31 -25.93 19.80
N ALA A 66 1.96 -25.99 19.69
CA ALA A 66 1.14 -27.08 20.24
C ALA A 66 1.28 -28.38 19.42
N GLN A 67 1.25 -28.24 18.08
CA GLN A 67 1.43 -29.37 17.14
C GLN A 67 2.93 -29.61 16.88
N ARG A 68 3.25 -30.80 16.34
CA ARG A 68 4.64 -31.27 16.09
C ARG A 68 4.77 -31.75 14.64
N SER A 69 4.63 -30.79 13.71
CA SER A 69 4.76 -30.98 12.25
C SER A 69 3.76 -32.03 11.68
N ALA A 70 4.20 -33.31 11.55
CA ALA A 70 3.40 -34.41 10.95
C ALA A 70 3.07 -34.13 9.47
N ASN A 71 1.95 -33.41 9.22
CA ASN A 71 1.28 -33.34 7.90
C ASN A 71 2.16 -32.83 6.76
N ASP A 72 1.98 -33.48 5.60
CA ASP A 72 2.50 -33.03 4.31
C ASP A 72 1.71 -31.79 3.87
N ASP A 73 0.38 -31.87 4.00
CA ASP A 73 -0.56 -30.87 3.47
C ASP A 73 -0.38 -29.49 4.14
N ILE A 74 -0.07 -29.48 5.45
CA ILE A 74 0.19 -28.24 6.21
C ILE A 74 1.52 -27.60 5.75
N ALA A 75 2.55 -28.45 5.50
CA ALA A 75 3.86 -27.98 5.01
C ALA A 75 3.75 -27.43 3.57
N GLU A 76 2.90 -28.06 2.76
CA GLU A 76 2.58 -27.61 1.39
C GLU A 76 1.75 -26.31 1.43
N ARG A 77 0.89 -26.19 2.46
CA ARG A 77 0.06 -25.00 2.66
C ARG A 77 0.96 -23.82 3.09
N TRP A 78 2.01 -24.14 3.89
CA TRP A 78 3.11 -23.20 4.21
C TRP A 78 3.88 -22.77 2.95
N GLN A 79 4.12 -23.70 2.02
CA GLN A 79 4.76 -23.40 0.73
C GLN A 79 3.95 -22.32 -0.04
N ALA A 80 2.62 -22.54 -0.10
CA ALA A 80 1.67 -21.59 -0.71
C ALA A 80 1.72 -20.21 -0.03
N ILE A 81 1.78 -20.23 1.32
CA ILE A 81 1.84 -19.00 2.15
C ILE A 81 3.15 -18.23 1.89
N THR A 82 4.30 -18.90 2.02
CA THR A 82 5.63 -18.27 1.90
C THR A 82 5.81 -17.60 0.53
N GLU A 83 5.37 -18.31 -0.53
CA GLU A 83 5.37 -17.80 -1.91
C GLU A 83 4.50 -16.53 -1.99
N LYS A 84 3.24 -16.65 -1.52
CA LYS A 84 2.23 -15.60 -1.68
C LYS A 84 2.61 -14.36 -0.88
N THR A 85 3.08 -14.56 0.35
CA THR A 85 3.47 -13.49 1.29
C THR A 85 4.70 -12.72 0.75
N GLN A 86 5.63 -13.45 0.11
CA GLN A 86 6.78 -12.85 -0.59
C GLN A 86 6.31 -11.99 -1.78
N HIS A 87 5.35 -12.55 -2.54
CA HIS A 87 4.83 -11.94 -3.78
C HIS A 87 4.03 -10.66 -3.46
N LEU A 88 3.28 -10.72 -2.34
CA LEU A 88 2.45 -9.60 -1.84
C LEU A 88 3.34 -8.48 -1.30
N ARG A 89 4.39 -8.89 -0.57
CA ARG A 89 5.40 -7.97 -0.02
C ARG A 89 6.09 -7.20 -1.16
N ASP A 90 6.35 -7.93 -2.27
CA ASP A 90 6.99 -7.39 -3.47
C ASP A 90 6.10 -6.30 -4.11
N LEU A 91 4.86 -6.66 -4.49
CA LEU A 91 3.95 -5.76 -5.24
C LEU A 91 3.47 -4.56 -4.38
N ASN A 92 3.31 -4.79 -3.05
CA ASN A 92 2.77 -3.78 -2.12
C ASN A 92 3.86 -2.78 -1.68
N GLN A 93 5.11 -3.24 -1.47
CA GLN A 93 6.24 -2.33 -1.17
C GLN A 93 6.57 -1.51 -2.42
N HIS A 94 6.49 -2.18 -3.60
CA HIS A 94 6.69 -1.54 -4.90
C HIS A 94 5.67 -0.39 -5.11
N ASN A 95 4.39 -0.65 -4.77
CA ASN A 95 3.33 0.37 -4.87
C ASN A 95 3.38 1.36 -3.70
N GLY A 96 4.14 1.00 -2.65
CA GLY A 96 4.54 1.96 -1.61
C GLY A 96 5.54 3.00 -2.15
N TRP A 97 6.43 2.54 -3.04
CA TRP A 97 7.37 3.42 -3.78
C TRP A 97 6.58 4.23 -4.85
N LEU A 98 5.52 3.61 -5.42
CA LEU A 98 4.59 4.30 -6.33
C LEU A 98 3.66 5.25 -5.54
N LEU A 99 3.43 4.96 -4.23
CA LEU A 99 2.74 5.89 -3.30
C LEU A 99 3.53 7.18 -3.21
N GLU A 100 4.85 7.04 -2.95
CA GLU A 100 5.82 8.17 -2.89
C GLU A 100 5.84 8.96 -4.20
N GLY A 101 5.75 8.22 -5.32
CA GLY A 101 5.63 8.83 -6.64
C GLY A 101 4.39 9.68 -6.79
N GLN A 102 3.26 9.18 -6.29
CA GLN A 102 1.96 9.85 -6.37
C GLN A 102 1.79 10.94 -5.29
N ILE A 103 2.52 10.83 -4.17
CA ILE A 103 2.51 11.83 -3.10
C ILE A 103 3.23 13.08 -3.64
N GLU A 104 4.44 12.89 -4.18
CA GLU A 104 5.21 13.98 -4.82
C GLU A 104 4.47 14.60 -6.01
N ARG A 105 3.94 13.73 -6.90
CA ARG A 105 3.17 14.12 -8.09
C ARG A 105 2.05 15.11 -7.69
N ASN A 106 1.19 14.67 -6.76
CA ASN A 106 0.01 15.42 -6.32
C ASN A 106 0.38 16.64 -5.44
N GLN A 107 1.48 16.53 -4.67
CA GLN A 107 1.90 17.57 -3.67
C GLN A 107 2.36 18.84 -4.40
N GLN A 108 3.31 18.64 -5.32
CA GLN A 108 3.91 19.74 -6.09
C GLN A 108 2.96 20.18 -7.23
N ALA A 109 2.05 19.26 -7.64
CA ALA A 109 0.91 19.64 -8.49
C ALA A 109 0.07 20.69 -7.80
N LEU A 110 -0.27 20.45 -6.49
CA LEU A 110 -1.04 21.40 -5.65
C LEU A 110 -0.34 22.76 -5.52
N GLU A 111 1.01 22.73 -5.48
CA GLU A 111 1.85 23.96 -5.56
C GLU A 111 1.54 24.76 -6.85
N VAL A 112 1.49 24.04 -7.98
CA VAL A 112 1.16 24.65 -9.29
C VAL A 112 -0.37 24.97 -9.40
N LEU A 113 -1.20 24.25 -8.60
CA LEU A 113 -2.67 24.48 -8.54
C LEU A 113 -3.01 25.66 -7.62
N LYS A 114 -2.01 26.15 -6.88
CA LYS A 114 -2.13 27.38 -6.10
C LYS A 114 -2.17 28.57 -7.08
N PRO A 115 -3.22 29.45 -7.01
CA PRO A 115 -3.23 30.69 -7.80
C PRO A 115 -1.99 31.55 -7.46
N HIS A 116 -1.17 31.81 -8.49
CA HIS A 116 0.04 32.62 -8.36
C HIS A 116 -0.26 34.09 -8.69
N GLN A 117 0.75 34.97 -8.50
CA GLN A 117 0.66 36.41 -8.78
C GLN A 117 0.42 36.66 -10.29
N GLU A 118 -0.16 37.84 -10.62
CA GLU A 118 -0.40 38.30 -12.00
C GLU A 118 0.91 38.16 -12.84
N PRO A 119 1.00 37.14 -13.75
CA PRO A 119 2.24 36.78 -14.44
C PRO A 119 2.40 37.55 -15.76
N THR A 120 3.21 37.01 -16.67
CA THR A 120 3.38 37.55 -18.02
C THR A 120 3.81 36.41 -18.96
N LEU A 121 4.71 35.54 -18.46
CA LEU A 121 5.16 34.32 -19.14
C LEU A 121 4.97 33.13 -18.18
N TYR A 122 4.14 32.16 -18.58
CA TYR A 122 3.85 30.95 -17.80
C TYR A 122 3.85 29.72 -18.71
N GLY A 123 4.47 28.63 -18.23
CA GLY A 123 4.47 27.34 -18.94
C GLY A 123 3.31 26.45 -18.53
N ALA A 124 2.69 26.79 -17.39
CA ALA A 124 1.55 26.06 -16.81
C ALA A 124 0.61 27.03 -16.08
N ASP A 125 -0.71 26.75 -16.15
CA ASP A 125 -1.78 27.58 -15.53
C ASP A 125 -1.82 27.43 -13.98
N GLY A 126 -2.85 28.06 -13.37
CA GLY A 126 -3.08 27.95 -11.93
C GLY A 126 -3.89 26.71 -11.54
N GLN A 127 -5.04 26.92 -10.87
CA GLN A 127 -5.88 25.81 -10.34
C GLN A 127 -6.56 25.04 -11.50
N THR A 128 -6.36 23.72 -11.49
CA THR A 128 -6.81 22.80 -12.56
C THR A 128 -6.90 21.37 -11.96
N SER A 129 -6.85 20.32 -12.80
CA SER A 129 -6.76 18.92 -12.35
C SER A 129 -5.41 18.65 -11.64
N VAL A 130 -5.34 17.60 -10.80
CA VAL A 130 -4.09 17.24 -10.07
C VAL A 130 -3.06 16.56 -11.00
N SER A 131 -3.56 16.08 -12.16
CA SER A 131 -2.70 15.53 -13.24
C SER A 131 -1.94 16.65 -14.00
N HIS A 132 -2.26 17.92 -13.67
CA HIS A 132 -1.63 19.10 -14.27
C HIS A 132 -0.11 19.13 -13.96
N ARG A 133 0.68 18.82 -14.99
CA ARG A 133 2.15 18.78 -14.91
C ARG A 133 2.77 20.19 -15.03
N GLY A 134 4.10 20.24 -14.92
CA GLY A 134 4.85 21.49 -15.03
C GLY A 134 6.34 21.22 -14.95
N GLY A 135 7.09 21.54 -16.02
CA GLY A 135 8.53 21.32 -16.08
C GLY A 135 9.31 22.36 -15.30
N LYS A 136 9.28 22.25 -13.96
CA LYS A 136 10.03 23.14 -13.05
C LYS A 136 10.81 22.30 -12.01
N LYS A 137 10.29 21.08 -11.71
CA LYS A 137 10.95 20.02 -10.89
C LYS A 137 11.22 20.48 -9.43
N ILE A 138 12.22 21.38 -9.26
CA ILE A 138 12.52 22.06 -7.97
C ILE A 138 11.24 22.73 -7.42
N SER A 139 10.67 22.16 -6.35
CA SER A 139 9.37 22.58 -5.80
C SER A 139 9.33 22.34 -4.27
N ILE A 140 9.26 23.44 -3.49
CA ILE A 140 9.06 23.38 -2.02
C ILE A 140 7.68 23.98 -1.71
N VAL A 141 6.65 23.11 -1.69
CA VAL A 141 5.26 23.51 -1.38
C VAL A 141 5.08 23.66 0.15
N LEU A 142 4.05 24.45 0.58
CA LEU A 142 3.76 24.69 2.02
C LEU A 142 3.26 23.41 2.74
N PHE A 143 2.83 22.40 1.95
CA PHE A 143 2.47 21.08 2.46
C PHE A 143 3.76 20.30 2.72
N GLN A 144 4.41 20.59 3.86
CA GLN A 144 5.65 19.95 4.25
C GLN A 144 5.37 18.49 4.63
N GLY A 145 6.15 17.59 4.04
CA GLY A 145 5.93 16.15 4.14
C GLY A 145 6.43 15.46 2.87
N PRO A 146 7.78 15.31 2.71
CA PRO A 146 8.39 14.86 1.43
C PRO A 146 8.32 13.35 1.22
N SER A 147 8.78 12.92 0.03
CA SER A 147 8.88 11.51 -0.36
C SER A 147 9.82 11.38 -1.56
N ALA A 148 10.22 10.15 -1.89
CA ALA A 148 11.14 9.89 -3.03
C ALA A 148 10.71 8.62 -3.76
N GLY A 149 10.18 8.81 -4.97
CA GLY A 149 9.72 7.70 -5.81
C GLY A 149 9.04 8.20 -7.05
N LEU A 150 8.72 7.27 -7.96
CA LEU A 150 7.98 7.55 -9.21
C LEU A 150 7.77 6.21 -9.93
N VAL A 151 6.73 6.12 -10.79
CA VAL A 151 6.49 4.93 -11.61
C VAL A 151 7.72 4.63 -12.53
N PRO A 152 8.18 3.33 -12.64
CA PRO A 152 9.39 2.95 -13.44
C PRO A 152 9.25 3.26 -14.95
N ARG A 153 8.01 3.54 -15.38
CA ARG A 153 7.70 3.99 -16.74
C ARG A 153 8.34 5.37 -17.00
N GLY A 154 8.31 6.25 -15.98
CA GLY A 154 8.98 7.55 -16.01
C GLY A 154 8.08 8.67 -16.50
N SER A 155 7.84 9.66 -15.64
CA SER A 155 7.02 10.84 -15.96
C SER A 155 7.41 11.99 -15.02
N GLY A 156 6.87 11.97 -13.78
CA GLY A 156 7.19 12.97 -12.76
C GLY A 156 6.81 14.40 -13.13
N GLY A 157 7.82 15.17 -13.61
CA GLY A 157 7.65 16.58 -13.93
C GLY A 157 7.95 17.46 -12.75
N ILE A 158 7.32 17.12 -11.61
CA ILE A 158 7.48 17.80 -10.32
C ILE A 158 7.43 16.77 -9.18
N GLU A 159 8.58 16.13 -8.93
CA GLU A 159 8.85 15.33 -7.73
C GLU A 159 9.83 16.14 -6.87
N GLY A 160 9.28 17.18 -6.22
CA GLY A 160 10.07 18.26 -5.64
C GLY A 160 10.94 17.86 -4.45
N MET A 161 10.31 17.16 -3.49
CA MET A 161 10.86 16.82 -2.17
C MET A 161 10.94 18.11 -1.34
N ALA A 162 9.91 18.32 -0.51
CA ALA A 162 9.76 19.53 0.32
C ALA A 162 10.44 19.34 1.69
N GLN A 163 10.17 20.26 2.63
CA GLN A 163 10.64 20.16 4.03
C GLN A 163 9.70 19.28 4.85
N HIS A 164 9.96 19.17 6.16
CA HIS A 164 9.11 18.40 7.10
C HIS A 164 8.64 19.29 8.25
N GLY A 165 7.40 19.04 8.73
CA GLY A 165 6.84 19.79 9.87
C GLY A 165 5.83 20.85 9.44
N ALA A 166 4.61 20.40 9.05
CA ALA A 166 3.47 21.27 8.76
C ALA A 166 2.17 20.46 8.80
N LEU A 167 1.96 19.60 7.77
CA LEU A 167 0.73 18.76 7.60
C LEU A 167 -0.57 19.60 7.49
N GLU A 168 -0.43 20.91 7.24
CA GLU A 168 -1.56 21.86 7.13
C GLU A 168 -1.91 22.09 5.65
N THR A 169 -3.22 22.22 5.34
CA THR A 169 -3.68 22.52 3.96
C THR A 169 -4.46 23.85 3.93
N LEU A 170 -4.25 24.61 2.83
CA LEU A 170 -5.02 25.85 2.56
C LEU A 170 -6.37 25.52 1.89
N LYS A 171 -7.32 26.47 1.98
CA LYS A 171 -8.74 26.23 1.66
C LYS A 171 -9.08 26.39 0.16
N ASP A 172 -9.07 25.23 -0.56
CA ASP A 172 -9.46 25.11 -1.98
C ASP A 172 -9.51 23.60 -2.35
N LEU A 173 -9.23 23.26 -3.64
CA LEU A 173 -9.12 21.85 -4.12
C LEU A 173 -8.13 21.03 -3.26
N ALA A 174 -7.10 21.72 -2.75
CA ALA A 174 -6.04 21.14 -1.92
C ALA A 174 -6.59 20.51 -0.63
N GLU A 175 -7.73 21.01 -0.11
CA GLU A 175 -8.36 20.43 1.08
C GLU A 175 -8.82 18.99 0.83
N LYS A 176 -9.58 18.76 -0.26
CA LYS A 176 -10.06 17.40 -0.59
C LYS A 176 -8.96 16.51 -1.17
N GLU A 177 -7.88 17.12 -1.70
CA GLU A 177 -6.72 16.33 -2.16
C GLU A 177 -5.98 15.75 -0.95
N VAL A 178 -5.60 16.62 0.01
CA VAL A 178 -4.93 16.20 1.26
C VAL A 178 -5.85 15.27 2.09
N ASP A 179 -7.14 15.64 2.20
CA ASP A 179 -8.15 14.88 2.99
C ASP A 179 -8.27 13.45 2.45
N ASP A 180 -8.70 13.35 1.17
CA ASP A 180 -9.05 12.09 0.54
C ASP A 180 -7.81 11.25 0.30
N ALA A 181 -6.82 11.82 -0.46
CA ALA A 181 -5.59 11.08 -0.78
C ALA A 181 -4.84 10.68 0.49
N ALA A 182 -4.43 11.65 1.37
CA ALA A 182 -3.56 11.31 2.52
C ALA A 182 -4.27 10.39 3.54
N ARG A 183 -5.63 10.37 3.54
CA ARG A 183 -6.42 9.35 4.27
C ARG A 183 -6.14 7.94 3.69
N LEU A 184 -6.40 7.80 2.36
CA LEU A 184 -6.28 6.52 1.63
C LEU A 184 -4.82 6.05 1.62
N LEU A 185 -3.94 6.90 1.04
CA LEU A 185 -2.47 6.71 1.04
C LEU A 185 -1.93 6.50 2.47
N GLY A 186 -2.60 7.12 3.47
CA GLY A 186 -2.24 6.94 4.88
C GLY A 186 -2.34 5.50 5.38
N GLU A 187 -3.55 4.91 5.36
CA GLU A 187 -3.76 3.52 5.86
C GLU A 187 -3.24 2.47 4.87
N MET A 188 -3.04 2.89 3.62
CA MET A 188 -2.41 2.06 2.57
C MET A 188 -0.89 2.03 2.75
N ARG A 189 -0.31 3.13 3.30
CA ARG A 189 1.14 3.21 3.66
C ARG A 189 1.39 2.41 4.94
N ARG A 190 0.48 2.60 5.93
CA ARG A 190 0.47 1.82 7.18
C ARG A 190 0.28 0.34 6.86
N GLY A 191 -0.61 0.08 5.88
CA GLY A 191 -0.88 -1.26 5.39
C GLY A 191 0.26 -1.82 4.55
N CYS A 192 1.05 -0.93 3.92
CA CYS A 192 2.23 -1.33 3.13
C CYS A 192 3.34 -1.89 4.04
N GLN A 193 3.67 -1.10 5.09
CA GLN A 193 4.73 -1.45 6.06
C GLN A 193 4.26 -2.58 7.01
N GLN A 194 2.96 -2.58 7.37
CA GLN A 194 2.37 -3.63 8.25
C GLN A 194 2.32 -4.96 7.52
N ALA A 195 1.91 -4.91 6.22
CA ALA A 195 1.92 -6.10 5.37
C ALA A 195 3.33 -6.69 5.34
N GLU A 196 4.29 -5.87 4.86
CA GLU A 196 5.71 -6.26 4.74
C GLU A 196 6.27 -6.89 6.03
N GLU A 197 5.88 -6.30 7.19
CA GLU A 197 6.33 -6.74 8.52
C GLU A 197 5.75 -8.13 8.89
N GLN A 198 4.42 -8.31 8.66
CA GLN A 198 3.70 -9.57 8.96
C GLN A 198 4.22 -10.71 8.06
N LEU A 199 4.27 -10.42 6.75
CA LEU A 199 4.66 -11.37 5.72
C LEU A 199 6.12 -11.82 5.90
N LYS A 200 7.01 -10.87 6.28
CA LYS A 200 8.43 -11.14 6.60
C LYS A 200 8.55 -12.07 7.83
N MET A 201 7.77 -11.75 8.88
CA MET A 201 7.72 -12.52 10.14
C MET A 201 7.34 -14.00 9.87
N LEU A 202 6.33 -14.19 9.02
CA LEU A 202 5.84 -15.51 8.62
C LEU A 202 6.89 -16.29 7.80
N ILE A 203 7.49 -15.62 6.80
CA ILE A 203 8.58 -16.19 5.94
C ILE A 203 9.82 -16.57 6.80
N ASP A 204 10.01 -15.83 7.89
CA ASP A 204 11.11 -16.06 8.84
C ASP A 204 10.82 -17.28 9.74
N TYR A 205 9.63 -17.27 10.37
CA TYR A 205 9.30 -18.19 11.48
C TYR A 205 8.84 -19.57 10.98
N GLN A 206 8.36 -19.64 9.71
CA GLN A 206 7.82 -20.88 9.10
C GLN A 206 8.84 -22.02 9.09
N ASN A 207 10.14 -21.65 9.19
CA ASN A 207 11.24 -22.61 9.29
C ASN A 207 11.11 -23.37 10.62
N GLU A 208 10.37 -24.47 10.53
CA GLU A 208 9.97 -25.32 11.65
C GLU A 208 9.33 -26.57 11.04
N TYR A 209 8.43 -26.33 10.08
CA TYR A 209 7.59 -27.38 9.50
C TYR A 209 8.34 -28.22 8.45
N ARG A 210 7.99 -29.50 8.43
CA ARG A 210 8.51 -30.49 7.48
C ARG A 210 7.47 -31.62 7.34
N SER A 211 7.21 -32.01 6.09
CA SER A 211 6.39 -33.18 5.77
C SER A 211 7.02 -34.47 6.36
N ASN A 212 6.25 -35.25 7.12
CA ASN A 212 6.80 -36.42 7.87
C ASN A 212 5.74 -37.54 7.99
N LEU A 213 4.66 -37.28 8.75
CA LEU A 213 3.52 -38.22 8.96
C LEU A 213 2.23 -37.60 8.36
N ASN A 214 1.07 -38.14 8.77
CA ASN A 214 -0.25 -37.56 8.46
C ASN A 214 -1.12 -37.62 9.74
N MET A 1 -2.38 -31.04 14.59
CA MET A 1 -2.50 -30.94 13.12
C MET A 1 -3.76 -30.15 12.70
N THR A 2 -4.87 -30.37 13.44
CA THR A 2 -6.24 -29.95 13.05
C THR A 2 -6.37 -28.43 12.93
N ARG A 3 -5.89 -27.71 13.96
CA ARG A 3 -6.02 -26.27 14.04
C ARG A 3 -5.12 -25.59 13.02
N LEU A 4 -3.84 -26.05 12.94
CA LEU A 4 -2.86 -25.55 11.95
C LEU A 4 -3.48 -25.57 10.54
N SER A 5 -3.86 -26.77 10.06
CA SER A 5 -4.42 -26.99 8.71
C SER A 5 -5.51 -25.94 8.36
N GLU A 6 -6.39 -25.66 9.35
CA GLU A 6 -7.49 -24.68 9.24
C GLU A 6 -6.94 -23.25 9.06
N ILE A 7 -6.12 -22.80 10.03
CA ILE A 7 -5.59 -21.40 10.10
C ILE A 7 -4.67 -21.09 8.90
N LEU A 8 -4.00 -22.14 8.39
CA LEU A 8 -3.13 -22.06 7.22
C LEU A 8 -3.97 -21.84 5.95
N ASP A 9 -5.07 -22.62 5.84
CA ASP A 9 -6.08 -22.47 4.76
C ASP A 9 -6.67 -21.04 4.77
N GLN A 10 -6.98 -20.54 5.98
CA GLN A 10 -7.54 -19.19 6.20
C GLN A 10 -6.51 -18.10 5.82
N MET A 11 -5.24 -18.33 6.21
CA MET A 11 -4.13 -17.42 5.88
C MET A 11 -3.98 -17.29 4.35
N THR A 12 -3.79 -18.43 3.66
CA THR A 12 -3.52 -18.45 2.20
C THR A 12 -4.73 -17.96 1.36
N THR A 13 -5.97 -18.16 1.86
CA THR A 13 -7.18 -17.66 1.16
C THR A 13 -7.28 -16.13 1.27
N VAL A 14 -6.97 -15.59 2.47
CA VAL A 14 -6.93 -14.13 2.71
C VAL A 14 -5.81 -13.49 1.86
N LEU A 15 -4.68 -14.22 1.73
CA LEU A 15 -3.54 -13.83 0.87
C LEU A 15 -3.95 -13.80 -0.62
N ASN A 16 -4.83 -14.74 -1.03
CA ASN A 16 -5.36 -14.84 -2.42
C ASN A 16 -6.23 -13.61 -2.76
N ASP A 17 -7.14 -13.27 -1.84
CA ASP A 17 -8.03 -12.10 -2.00
C ASP A 17 -7.18 -10.82 -2.05
N LEU A 18 -6.22 -10.71 -1.12
CA LEU A 18 -5.25 -9.60 -1.07
C LEU A 18 -4.33 -9.58 -2.29
N LYS A 19 -4.11 -10.75 -2.92
CA LYS A 19 -3.31 -10.84 -4.15
C LYS A 19 -4.05 -10.07 -5.25
N THR A 20 -5.35 -10.38 -5.41
CA THR A 20 -6.22 -9.70 -6.39
C THR A 20 -6.36 -8.18 -6.08
N VAL A 21 -6.63 -7.86 -4.80
CA VAL A 21 -6.94 -6.48 -4.33
C VAL A 21 -5.70 -5.57 -4.41
N MET A 22 -4.58 -6.04 -3.85
CA MET A 22 -3.32 -5.27 -3.76
C MET A 22 -2.57 -5.22 -5.11
N ASP A 23 -2.86 -6.18 -6.02
CA ASP A 23 -2.40 -6.09 -7.44
C ASP A 23 -3.19 -5.00 -8.19
N ALA A 24 -4.53 -5.00 -8.01
CA ALA A 24 -5.43 -3.98 -8.58
C ALA A 24 -5.09 -2.59 -8.01
N GLU A 25 -4.68 -2.57 -6.74
CA GLU A 25 -4.17 -1.38 -6.04
C GLU A 25 -2.95 -0.83 -6.79
N GLN A 26 -1.94 -1.72 -6.95
CA GLN A 26 -0.68 -1.42 -7.67
C GLN A 26 -0.95 -0.85 -9.08
N GLN A 27 -1.99 -1.39 -9.75
CA GLN A 27 -2.40 -0.97 -11.10
C GLN A 27 -2.98 0.46 -11.09
N GLN A 28 -3.92 0.72 -10.17
CA GLN A 28 -4.60 2.03 -10.02
C GLN A 28 -3.64 3.13 -9.50
N LEU A 29 -2.50 2.70 -8.93
CA LEU A 29 -1.43 3.61 -8.52
C LEU A 29 -0.43 3.81 -9.67
N SER A 30 -0.29 2.78 -10.53
CA SER A 30 0.57 2.83 -11.72
C SER A 30 0.05 3.87 -12.74
N VAL A 31 -1.29 4.08 -12.75
CA VAL A 31 -1.95 5.04 -13.66
C VAL A 31 -1.74 6.50 -13.16
N GLY A 32 -1.38 6.65 -11.87
CA GLY A 32 -1.02 7.95 -11.29
C GLY A 32 -2.22 8.80 -10.85
N GLN A 33 -3.40 8.53 -11.44
CA GLN A 33 -4.64 9.25 -11.13
C GLN A 33 -5.39 8.52 -10.03
N ILE A 34 -5.52 9.19 -8.88
CA ILE A 34 -6.15 8.63 -7.68
C ILE A 34 -7.66 8.89 -7.75
N ASN A 35 -8.44 7.79 -7.76
CA ASN A 35 -9.91 7.84 -7.80
C ASN A 35 -10.46 7.21 -6.52
N GLY A 36 -11.45 7.92 -5.91
CA GLY A 36 -11.96 7.59 -4.59
C GLY A 36 -12.53 6.19 -4.47
N SER A 37 -13.56 5.90 -5.29
CA SER A 37 -14.34 4.64 -5.25
C SER A 37 -13.45 3.38 -5.29
N GLN A 38 -12.58 3.34 -6.31
CA GLN A 38 -11.67 2.22 -6.59
C GLN A 38 -10.84 1.88 -5.33
N LEU A 39 -10.06 2.88 -4.89
CA LEU A 39 -9.11 2.72 -3.79
C LEU A 39 -9.80 2.68 -2.43
N GLN A 40 -11.06 3.15 -2.36
CA GLN A 40 -11.85 3.15 -1.11
C GLN A 40 -12.23 1.71 -0.75
N ARG A 41 -12.81 0.99 -1.71
CA ARG A 41 -13.18 -0.42 -1.50
C ARG A 41 -11.92 -1.33 -1.47
N ILE A 42 -10.84 -0.89 -2.16
CA ILE A 42 -9.52 -1.55 -2.10
C ILE A 42 -8.90 -1.43 -0.69
N THR A 43 -8.85 -0.21 -0.11
CA THR A 43 -8.22 0.01 1.22
C THR A 43 -9.10 -0.53 2.35
N GLU A 44 -10.42 -0.63 2.08
CA GLU A 44 -11.37 -1.28 2.98
C GLU A 44 -11.03 -2.78 3.11
N GLU A 45 -11.02 -3.48 1.95
CA GLU A 45 -10.74 -4.92 1.89
C GLU A 45 -9.30 -5.22 2.38
N LYS A 46 -8.36 -4.36 1.96
CA LYS A 46 -6.93 -4.45 2.31
C LYS A 46 -6.73 -4.45 3.84
N SER A 47 -7.16 -3.35 4.48
CA SER A 47 -6.95 -3.12 5.92
C SER A 47 -7.67 -4.19 6.78
N SER A 48 -8.90 -4.56 6.37
CA SER A 48 -9.70 -5.57 7.10
C SER A 48 -9.03 -6.96 7.04
N LEU A 49 -8.47 -7.30 5.86
CA LEU A 49 -7.81 -8.60 5.64
C LEU A 49 -6.41 -8.66 6.27
N LEU A 50 -5.74 -7.49 6.41
CA LEU A 50 -4.43 -7.40 7.10
C LEU A 50 -4.62 -7.55 8.62
N ALA A 51 -5.76 -7.02 9.11
CA ALA A 51 -6.22 -7.21 10.50
C ALA A 51 -6.41 -8.71 10.78
N THR A 52 -7.10 -9.38 9.83
CA THR A 52 -7.30 -10.82 9.89
C THR A 52 -5.95 -11.57 9.78
N LEU A 53 -5.02 -11.10 8.92
CA LEU A 53 -3.69 -11.74 8.77
C LEU A 53 -2.90 -11.75 10.09
N ASP A 54 -2.86 -10.62 10.83
CA ASP A 54 -2.09 -10.55 12.09
C ASP A 54 -2.79 -11.38 13.19
N TYR A 55 -4.15 -11.45 13.16
CA TYR A 55 -4.93 -12.38 14.02
C TYR A 55 -4.52 -13.85 13.73
N LEU A 56 -4.52 -14.20 12.43
CA LEU A 56 -4.18 -15.55 11.93
C LEU A 56 -2.73 -15.89 12.23
N GLU A 57 -1.87 -14.86 12.17
CA GLU A 57 -0.42 -14.98 12.37
C GLU A 57 -0.15 -15.42 13.80
N GLN A 58 -0.70 -14.65 14.76
CA GLN A 58 -0.57 -14.91 16.21
C GLN A 58 -1.07 -16.32 16.57
N GLN A 59 -2.31 -16.61 16.14
CA GLN A 59 -3.00 -17.88 16.43
C GLN A 59 -2.25 -19.09 15.83
N ARG A 60 -1.73 -18.90 14.60
CA ARG A 60 -0.99 -19.95 13.86
C ARG A 60 0.38 -20.18 14.51
N ARG A 61 1.00 -19.09 15.02
CA ARG A 61 2.31 -19.15 15.66
C ARG A 61 2.23 -20.00 16.94
N LEU A 62 1.20 -19.68 17.77
CA LEU A 62 0.85 -20.47 18.95
C LEU A 62 0.69 -21.96 18.56
N GLU A 63 -0.07 -22.20 17.49
CA GLU A 63 -0.39 -23.54 16.99
C GLU A 63 0.79 -24.27 16.31
N GLN A 64 1.83 -23.55 15.82
CA GLN A 64 3.00 -24.24 15.22
C GLN A 64 4.04 -24.59 16.29
N ASN A 65 3.99 -23.88 17.42
CA ASN A 65 4.72 -24.28 18.64
C ASN A 65 3.91 -25.38 19.40
N ALA A 66 2.58 -25.37 19.24
CA ALA A 66 1.68 -26.33 19.90
C ALA A 66 1.60 -27.68 19.15
N GLN A 67 1.62 -27.63 17.80
CA GLN A 67 1.38 -28.81 16.93
C GLN A 67 2.58 -29.07 16.01
N ARG A 68 2.89 -30.36 15.81
CA ARG A 68 3.79 -30.84 14.73
C ARG A 68 2.98 -30.96 13.42
N SER A 69 3.58 -31.54 12.37
CA SER A 69 2.87 -31.75 11.11
C SER A 69 1.87 -32.91 11.25
N ALA A 70 2.36 -34.17 11.18
CA ALA A 70 1.50 -35.39 11.14
C ALA A 70 0.48 -35.32 9.97
N ASN A 71 0.82 -34.49 8.98
CA ASN A 71 -0.07 -34.06 7.90
C ASN A 71 0.74 -33.24 6.88
N ASP A 72 0.86 -33.77 5.66
CA ASP A 72 1.59 -33.12 4.54
C ASP A 72 0.92 -31.83 4.09
N ASP A 73 -0.42 -31.75 4.27
CA ASP A 73 -1.22 -30.58 3.87
C ASP A 73 -0.76 -29.33 4.63
N ILE A 74 -0.34 -29.47 5.90
CA ILE A 74 0.19 -28.36 6.72
C ILE A 74 1.40 -27.69 6.01
N ALA A 75 2.36 -28.54 5.60
CA ALA A 75 3.60 -28.10 4.90
C ALA A 75 3.27 -27.52 3.51
N GLU A 76 2.22 -28.09 2.87
CA GLU A 76 1.73 -27.66 1.55
C GLU A 76 1.10 -26.25 1.63
N ARG A 77 0.30 -26.04 2.68
CA ARG A 77 -0.39 -24.77 2.95
C ARG A 77 0.62 -23.68 3.31
N TRP A 78 1.64 -24.06 4.10
CA TRP A 78 2.68 -23.12 4.57
C TRP A 78 3.60 -22.74 3.39
N GLN A 79 3.82 -23.68 2.45
CA GLN A 79 4.53 -23.41 1.18
C GLN A 79 3.74 -22.36 0.37
N ALA A 80 2.41 -22.55 0.33
CA ALA A 80 1.48 -21.60 -0.29
C ALA A 80 1.54 -20.23 0.41
N ILE A 81 1.62 -20.24 1.75
CA ILE A 81 1.71 -19.00 2.55
C ILE A 81 2.96 -18.21 2.16
N THR A 82 4.13 -18.87 2.23
CA THR A 82 5.42 -18.23 1.92
C THR A 82 5.48 -17.72 0.45
N GLU A 83 4.81 -18.46 -0.47
CA GLU A 83 4.70 -18.06 -1.88
C GLU A 83 3.89 -16.77 -2.01
N LYS A 84 2.63 -16.82 -1.54
CA LYS A 84 1.66 -15.71 -1.67
C LYS A 84 2.11 -14.47 -0.87
N THR A 85 2.87 -14.67 0.22
CA THR A 85 3.41 -13.56 1.04
C THR A 85 4.60 -12.90 0.34
N GLN A 86 5.39 -13.70 -0.42
CA GLN A 86 6.45 -13.17 -1.30
C GLN A 86 5.84 -12.36 -2.46
N HIS A 87 4.74 -12.89 -3.05
CA HIS A 87 4.00 -12.24 -4.16
C HIS A 87 3.45 -10.90 -3.68
N LEU A 88 2.82 -10.92 -2.49
CA LEU A 88 2.27 -9.74 -1.85
C LEU A 88 3.37 -8.74 -1.52
N ARG A 89 4.44 -9.20 -0.85
CA ARG A 89 5.57 -8.33 -0.41
C ARG A 89 6.23 -7.62 -1.62
N ASP A 90 6.23 -8.30 -2.77
CA ASP A 90 6.74 -7.77 -4.05
C ASP A 90 5.83 -6.64 -4.59
N LEU A 91 4.56 -6.95 -4.84
CA LEU A 91 3.59 -5.93 -5.33
C LEU A 91 3.34 -4.83 -4.27
N ASN A 92 3.64 -5.15 -3.00
CA ASN A 92 3.47 -4.25 -1.83
C ASN A 92 4.55 -3.17 -1.82
N GLN A 93 5.82 -3.59 -1.97
CA GLN A 93 6.95 -2.64 -2.03
C GLN A 93 6.82 -1.77 -3.29
N HIS A 94 6.27 -2.37 -4.37
CA HIS A 94 5.99 -1.66 -5.64
C HIS A 94 4.90 -0.59 -5.44
N ASN A 95 3.73 -1.01 -4.92
CA ASN A 95 2.55 -0.11 -4.78
C ASN A 95 2.79 0.93 -3.68
N GLY A 96 3.60 0.55 -2.68
CA GLY A 96 3.98 1.44 -1.58
C GLY A 96 4.94 2.53 -2.05
N TRP A 97 5.86 2.18 -2.96
CA TRP A 97 6.76 3.14 -3.62
C TRP A 97 5.94 4.13 -4.46
N LEU A 98 4.92 3.59 -5.16
CA LEU A 98 3.96 4.38 -5.95
C LEU A 98 3.16 5.33 -5.04
N LEU A 99 2.81 4.86 -3.82
CA LEU A 99 2.07 5.68 -2.84
C LEU A 99 2.90 6.90 -2.42
N GLU A 100 4.04 6.64 -1.76
CA GLU A 100 4.93 7.69 -1.19
C GLU A 100 5.40 8.67 -2.27
N GLY A 101 5.76 8.08 -3.42
CA GLY A 101 6.23 8.83 -4.55
C GLY A 101 5.20 9.77 -5.13
N GLN A 102 3.97 9.27 -5.29
CA GLN A 102 2.85 10.03 -5.88
C GLN A 102 2.14 10.91 -4.85
N ILE A 103 2.36 10.65 -3.56
CA ILE A 103 1.88 11.54 -2.48
C ILE A 103 2.74 12.82 -2.51
N GLU A 104 4.09 12.65 -2.59
CA GLU A 104 5.01 13.78 -2.71
C GLU A 104 4.80 14.50 -4.06
N ARG A 105 4.49 13.70 -5.11
CA ARG A 105 4.16 14.21 -6.46
C ARG A 105 2.93 15.11 -6.42
N ASN A 106 1.86 14.61 -5.77
CA ASN A 106 0.55 15.30 -5.67
C ASN A 106 0.70 16.61 -4.89
N GLN A 107 1.40 16.54 -3.75
CA GLN A 107 1.72 17.72 -2.91
C GLN A 107 2.46 18.80 -3.74
N GLN A 108 3.46 18.33 -4.50
CA GLN A 108 4.35 19.21 -5.30
C GLN A 108 3.60 19.74 -6.54
N ALA A 109 2.67 18.95 -7.09
CA ALA A 109 1.84 19.36 -8.23
C ALA A 109 0.89 20.49 -7.79
N LEU A 110 0.34 20.34 -6.57
CA LEU A 110 -0.48 21.35 -5.90
C LEU A 110 0.34 22.60 -5.59
N GLU A 111 1.65 22.42 -5.31
CA GLU A 111 2.59 23.54 -5.08
C GLU A 111 2.72 24.38 -6.38
N VAL A 112 2.90 23.68 -7.52
CA VAL A 112 3.04 24.31 -8.85
C VAL A 112 1.73 25.00 -9.30
N LEU A 113 0.60 24.39 -8.94
CA LEU A 113 -0.74 24.84 -9.38
C LEU A 113 -1.45 25.66 -8.29
N LYS A 114 -0.75 25.92 -7.16
CA LYS A 114 -1.29 26.74 -6.05
C LYS A 114 -1.34 28.20 -6.50
N PRO A 115 -2.49 28.91 -6.33
CA PRO A 115 -2.68 30.29 -6.85
C PRO A 115 -1.57 31.29 -6.45
N HIS A 116 -1.30 32.21 -7.37
CA HIS A 116 -0.33 33.31 -7.18
C HIS A 116 -1.00 34.44 -6.38
N GLN A 117 -0.17 35.38 -5.86
CA GLN A 117 -0.62 36.54 -5.05
C GLN A 117 -1.80 37.30 -5.73
N GLU A 118 -2.91 37.40 -4.95
CA GLU A 118 -4.19 38.10 -5.26
C GLU A 118 -5.35 37.11 -5.62
N PRO A 119 -5.39 36.39 -6.82
CA PRO A 119 -6.53 35.52 -7.17
C PRO A 119 -6.34 34.06 -6.68
N THR A 120 -7.46 33.35 -6.43
CA THR A 120 -7.46 31.95 -5.95
C THR A 120 -8.02 31.00 -7.03
N LEU A 121 -7.12 30.49 -7.90
CA LEU A 121 -7.48 29.55 -8.99
C LEU A 121 -7.20 28.11 -8.56
N TYR A 122 -7.99 27.15 -9.09
CA TYR A 122 -7.82 25.71 -8.87
C TYR A 122 -8.70 24.88 -9.83
N GLY A 123 -8.13 23.83 -10.44
CA GLY A 123 -8.87 22.92 -11.32
C GLY A 123 -7.95 22.16 -12.27
N ALA A 124 -7.37 21.05 -11.78
CA ALA A 124 -6.45 20.22 -12.58
C ALA A 124 -6.37 18.80 -12.00
N ASP A 125 -5.82 18.65 -10.79
CA ASP A 125 -5.65 17.33 -10.11
C ASP A 125 -6.67 17.16 -8.97
N GLY A 126 -6.87 15.90 -8.55
CA GLY A 126 -7.78 15.56 -7.45
C GLY A 126 -9.10 15.02 -7.96
N GLN A 127 -10.05 15.93 -8.27
CA GLN A 127 -11.40 15.56 -8.77
C GLN A 127 -11.37 15.34 -10.30
N THR A 128 -10.63 14.29 -10.71
CA THR A 128 -10.42 13.95 -12.13
C THR A 128 -9.89 12.51 -12.27
N SER A 129 -9.90 12.01 -13.51
CA SER A 129 -9.26 10.75 -13.90
C SER A 129 -8.58 10.95 -15.28
N VAL A 130 -7.68 9.99 -15.62
CA VAL A 130 -6.89 9.95 -16.89
C VAL A 130 -6.25 11.32 -17.27
N SER A 131 -5.93 12.13 -16.25
CA SER A 131 -5.27 13.44 -16.41
C SER A 131 -3.77 13.25 -16.71
N HIS A 132 -3.01 14.36 -16.69
CA HIS A 132 -1.57 14.34 -16.92
C HIS A 132 -0.85 13.53 -15.83
N ARG A 133 -0.52 12.27 -16.18
CA ARG A 133 0.29 11.38 -15.34
C ARG A 133 1.74 11.85 -15.38
N GLY A 134 2.05 12.87 -14.55
CA GLY A 134 3.36 13.47 -14.51
C GLY A 134 3.49 14.59 -13.49
N GLY A 135 4.69 15.17 -13.42
CA GLY A 135 5.06 16.09 -12.34
C GLY A 135 5.64 15.32 -11.16
N LYS A 136 6.57 15.91 -10.42
CA LYS A 136 7.21 15.29 -9.23
C LYS A 136 8.21 16.28 -8.63
N LYS A 137 9.27 16.57 -9.42
CA LYS A 137 10.33 17.55 -9.08
C LYS A 137 10.82 17.39 -7.61
N ILE A 138 11.20 18.51 -6.99
CA ILE A 138 11.35 18.63 -5.53
C ILE A 138 10.95 20.07 -5.16
N SER A 139 9.99 20.22 -4.24
CA SER A 139 9.54 21.52 -3.74
C SER A 139 9.09 21.35 -2.28
N ILE A 140 9.49 22.29 -1.43
CA ILE A 140 9.09 22.33 -0.02
C ILE A 140 7.66 22.92 0.06
N VAL A 141 6.66 22.03 0.02
CA VAL A 141 5.25 22.42 0.14
C VAL A 141 4.93 22.63 1.63
N LEU A 142 4.01 23.55 1.92
CA LEU A 142 3.60 23.91 3.30
C LEU A 142 2.69 22.82 3.98
N PHE A 143 2.67 21.59 3.41
CA PHE A 143 1.79 20.50 3.88
C PHE A 143 2.47 19.69 5.00
N GLN A 144 3.33 18.71 4.63
CA GLN A 144 3.88 17.71 5.57
C GLN A 144 5.41 17.62 5.44
N GLY A 145 6.01 16.69 6.22
CA GLY A 145 7.46 16.49 6.23
C GLY A 145 7.98 15.81 4.95
N PRO A 146 9.34 15.84 4.70
CA PRO A 146 9.95 15.31 3.46
C PRO A 146 9.82 13.77 3.34
N SER A 147 8.70 13.33 2.74
CA SER A 147 8.44 11.93 2.43
C SER A 147 9.08 11.59 1.08
N ALA A 148 10.41 11.41 1.10
CA ALA A 148 11.24 11.21 -0.11
C ALA A 148 10.83 9.92 -0.84
N GLY A 149 10.33 10.09 -2.06
CA GLY A 149 9.95 9.00 -2.94
C GLY A 149 9.84 9.49 -4.37
N LEU A 150 10.76 9.08 -5.25
CA LEU A 150 10.80 9.53 -6.64
C LEU A 150 10.14 8.45 -7.52
N VAL A 151 8.91 8.74 -8.01
CA VAL A 151 8.26 7.91 -9.05
C VAL A 151 8.71 8.41 -10.45
N PRO A 152 8.95 7.46 -11.43
CA PRO A 152 9.47 7.81 -12.78
C PRO A 152 8.43 8.59 -13.63
N ARG A 153 7.16 8.58 -13.16
CA ARG A 153 6.03 9.30 -13.78
C ARG A 153 6.32 10.81 -13.94
N GLY A 154 7.14 11.34 -13.01
CA GLY A 154 7.34 12.78 -12.87
C GLY A 154 8.28 13.42 -13.87
N SER A 155 8.86 12.61 -14.79
CA SER A 155 9.79 13.10 -15.81
C SER A 155 9.11 14.13 -16.76
N GLY A 156 7.80 13.97 -16.95
CA GLY A 156 6.99 14.96 -17.65
C GLY A 156 6.30 15.88 -16.65
N GLY A 157 6.92 17.05 -16.39
CA GLY A 157 6.40 18.02 -15.39
C GLY A 157 5.18 18.81 -15.88
N ILE A 158 4.97 19.99 -15.28
CA ILE A 158 3.82 20.88 -15.62
C ILE A 158 4.33 22.10 -16.42
N GLU A 159 3.93 22.17 -17.71
CA GLU A 159 4.30 23.26 -18.62
C GLU A 159 3.34 24.45 -18.48
N GLY A 160 2.04 24.17 -18.71
CA GLY A 160 1.00 25.19 -18.75
C GLY A 160 0.62 25.73 -17.38
N MET A 161 1.36 26.76 -16.94
CA MET A 161 1.13 27.49 -15.68
C MET A 161 1.81 28.87 -15.79
N ALA A 162 1.16 29.90 -15.21
CA ALA A 162 1.70 31.28 -15.21
C ALA A 162 2.78 31.40 -14.11
N GLN A 163 2.32 31.36 -12.84
CA GLN A 163 3.19 31.41 -11.66
C GLN A 163 2.36 31.03 -10.41
N HIS A 164 3.04 30.53 -9.37
CA HIS A 164 2.40 30.04 -8.15
C HIS A 164 2.97 30.70 -6.89
N GLY A 165 2.40 30.32 -5.75
CA GLY A 165 2.90 30.69 -4.42
C GLY A 165 2.42 29.68 -3.39
N ALA A 166 2.34 30.08 -2.12
CA ALA A 166 1.74 29.28 -1.05
C ALA A 166 0.51 30.00 -0.51
N LEU A 167 0.73 31.24 -0.02
CA LEU A 167 -0.33 32.17 0.47
C LEU A 167 -1.13 31.61 1.67
N GLU A 168 -0.65 30.47 2.23
CA GLU A 168 -1.38 29.68 3.24
C GLU A 168 -2.74 29.18 2.71
N THR A 169 -2.88 29.12 1.36
CA THR A 169 -4.11 28.71 0.68
C THR A 169 -4.29 27.18 0.78
N LEU A 170 -5.22 26.79 1.66
CA LEU A 170 -5.65 25.39 1.83
C LEU A 170 -6.98 25.20 1.06
N LYS A 171 -7.79 26.29 1.00
CA LYS A 171 -9.10 26.29 0.31
C LYS A 171 -8.92 26.39 -1.21
N ASP A 172 -8.60 25.24 -1.81
CA ASP A 172 -8.44 25.04 -3.25
C ASP A 172 -8.46 23.52 -3.50
N LEU A 173 -7.77 23.03 -4.55
CA LEU A 173 -7.61 21.58 -4.80
C LEU A 173 -6.96 20.89 -3.59
N ALA A 174 -5.98 21.60 -2.96
CA ALA A 174 -5.13 21.08 -1.87
C ALA A 174 -5.93 20.38 -0.75
N GLU A 175 -7.04 21.01 -0.33
CA GLU A 175 -7.91 20.48 0.73
C GLU A 175 -8.44 19.09 0.36
N LYS A 176 -9.23 19.02 -0.72
CA LYS A 176 -9.90 17.79 -1.17
C LYS A 176 -8.88 16.70 -1.57
N GLU A 177 -7.84 17.11 -2.30
CA GLU A 177 -6.84 16.21 -2.89
C GLU A 177 -6.08 15.49 -1.76
N VAL A 178 -5.43 16.27 -0.89
CA VAL A 178 -4.56 15.74 0.17
C VAL A 178 -5.37 15.00 1.25
N ASP A 179 -6.61 15.46 1.52
CA ASP A 179 -7.53 14.78 2.46
C ASP A 179 -7.84 13.34 2.00
N ASP A 180 -8.39 13.25 0.78
CA ASP A 180 -8.87 11.98 0.20
C ASP A 180 -7.68 11.02 -0.03
N ALA A 181 -6.53 11.60 -0.46
CA ALA A 181 -5.29 10.84 -0.67
C ALA A 181 -4.62 10.44 0.66
N ALA A 182 -4.81 11.24 1.73
CA ALA A 182 -4.29 10.89 3.08
C ALA A 182 -4.98 9.63 3.57
N ARG A 183 -6.31 9.60 3.41
CA ARG A 183 -7.13 8.43 3.80
C ARG A 183 -6.74 7.19 2.98
N LEU A 184 -6.96 7.26 1.65
CA LEU A 184 -6.74 6.13 0.75
C LEU A 184 -5.26 5.72 0.75
N LEU A 185 -4.40 6.64 0.29
CA LEU A 185 -2.97 6.35 0.04
C LEU A 185 -2.19 6.24 1.36
N GLY A 186 -2.55 7.08 2.36
CA GLY A 186 -1.81 7.12 3.62
C GLY A 186 -2.07 5.89 4.47
N GLU A 187 -3.33 5.43 4.53
CA GLU A 187 -3.70 4.23 5.31
C GLU A 187 -3.38 2.94 4.53
N MET A 188 -3.28 3.03 3.18
CA MET A 188 -2.72 1.93 2.36
C MET A 188 -1.19 1.88 2.54
N ARG A 189 -0.54 3.03 2.81
CA ARG A 189 0.93 3.10 3.04
C ARG A 189 1.26 2.50 4.42
N ARG A 190 0.42 2.85 5.42
CA ARG A 190 0.51 2.27 6.77
C ARG A 190 0.32 0.76 6.68
N GLY A 191 -0.78 0.36 6.00
CA GLY A 191 -1.12 -1.04 5.81
C GLY A 191 -0.10 -1.78 4.95
N CYS A 192 0.56 -1.05 4.03
CA CYS A 192 1.62 -1.59 3.16
C CYS A 192 2.83 -2.00 4.01
N GLN A 193 3.24 -1.09 4.90
CA GLN A 193 4.40 -1.29 5.78
C GLN A 193 4.13 -2.42 6.79
N GLN A 194 2.93 -2.38 7.44
CA GLN A 194 2.47 -3.40 8.41
C GLN A 194 2.47 -4.80 7.77
N ALA A 195 1.87 -4.87 6.55
CA ALA A 195 1.79 -6.09 5.75
C ALA A 195 3.19 -6.65 5.52
N GLU A 196 4.06 -5.82 4.91
CA GLU A 196 5.41 -6.20 4.50
C GLU A 196 6.23 -6.82 5.66
N GLU A 197 6.12 -6.19 6.85
CA GLU A 197 6.77 -6.69 8.08
C GLU A 197 6.26 -8.10 8.43
N GLN A 198 4.92 -8.27 8.52
CA GLN A 198 4.28 -9.55 8.89
C GLN A 198 4.66 -10.67 7.90
N LEU A 199 4.55 -10.37 6.60
CA LEU A 199 4.71 -11.36 5.50
C LEU A 199 6.17 -11.86 5.41
N LYS A 200 7.12 -10.91 5.51
CA LYS A 200 8.56 -11.20 5.60
C LYS A 200 8.83 -12.15 6.78
N MET A 201 8.24 -11.81 7.94
CA MET A 201 8.41 -12.58 9.19
C MET A 201 7.75 -13.97 9.10
N LEU A 202 6.71 -14.12 8.24
CA LEU A 202 6.05 -15.42 7.99
C LEU A 202 7.03 -16.36 7.26
N ILE A 203 7.65 -15.84 6.19
CA ILE A 203 8.66 -16.55 5.39
C ILE A 203 9.92 -16.87 6.23
N ASP A 204 10.22 -15.94 7.16
CA ASP A 204 11.39 -16.01 8.06
C ASP A 204 11.19 -17.12 9.13
N TYR A 205 10.12 -17.01 9.94
CA TYR A 205 9.89 -17.91 11.09
C TYR A 205 9.41 -19.31 10.66
N GLN A 206 9.00 -19.42 9.37
CA GLN A 206 8.80 -20.71 8.68
C GLN A 206 9.97 -21.67 8.94
N ASN A 207 11.20 -21.13 8.80
CA ASN A 207 12.45 -21.89 8.98
C ASN A 207 12.70 -22.15 10.49
N GLU A 208 11.89 -23.07 11.03
CA GLU A 208 11.82 -23.40 12.46
C GLU A 208 10.85 -24.57 12.64
N TYR A 209 9.67 -24.40 12.02
CA TYR A 209 8.62 -25.41 12.02
C TYR A 209 9.05 -26.57 11.09
N ARG A 210 9.17 -27.77 11.68
CA ARG A 210 9.58 -28.98 10.96
C ARG A 210 9.23 -30.22 11.79
N SER A 211 10.11 -30.56 12.76
CA SER A 211 9.99 -31.75 13.62
C SER A 211 10.78 -31.52 14.91
N ASN A 212 10.27 -32.00 16.05
CA ASN A 212 10.97 -31.93 17.36
C ASN A 212 10.76 -33.25 18.14
N LEU A 213 11.83 -34.06 18.19
CA LEU A 213 11.86 -35.36 18.88
C LEU A 213 13.31 -35.86 19.02
N ASN A 214 13.51 -36.85 19.91
CA ASN A 214 14.82 -37.44 20.21
C ASN A 214 14.59 -38.76 20.99
N MET A 1 -2.15 -32.47 14.86
CA MET A 1 -3.55 -32.74 14.42
C MET A 1 -3.91 -31.75 13.30
N THR A 2 -5.22 -31.52 13.07
CA THR A 2 -5.71 -30.51 12.10
C THR A 2 -5.23 -29.09 12.53
N ARG A 3 -6.08 -28.30 13.27
CA ARG A 3 -5.76 -26.93 13.78
C ARG A 3 -5.20 -26.03 12.66
N LEU A 4 -3.89 -26.17 12.42
CA LEU A 4 -3.15 -25.46 11.38
C LEU A 4 -3.65 -25.77 9.96
N SER A 5 -4.22 -26.97 9.72
CA SER A 5 -4.80 -27.30 8.40
C SER A 5 -5.81 -26.20 7.97
N GLU A 6 -6.73 -25.88 8.90
CA GLU A 6 -7.76 -24.85 8.69
C GLU A 6 -7.14 -23.43 8.70
N ILE A 7 -6.32 -23.11 9.74
CA ILE A 7 -5.73 -21.76 9.93
C ILE A 7 -4.91 -21.35 8.69
N LEU A 8 -4.05 -22.28 8.22
CA LEU A 8 -3.20 -22.10 7.05
C LEU A 8 -4.05 -21.91 5.78
N ASP A 9 -5.13 -22.71 5.64
CA ASP A 9 -6.05 -22.58 4.49
C ASP A 9 -6.75 -21.20 4.48
N GLN A 10 -7.07 -20.70 5.70
CA GLN A 10 -7.67 -19.39 5.90
C GLN A 10 -6.68 -18.27 5.54
N MET A 11 -5.39 -18.47 5.88
CA MET A 11 -4.34 -17.51 5.53
C MET A 11 -4.24 -17.36 4.02
N THR A 12 -4.04 -18.50 3.33
CA THR A 12 -3.78 -18.51 1.88
C THR A 12 -5.00 -17.99 1.07
N THR A 13 -6.24 -18.24 1.56
CA THR A 13 -7.45 -17.71 0.89
C THR A 13 -7.52 -16.16 1.06
N VAL A 14 -7.15 -15.65 2.27
CA VAL A 14 -7.05 -14.19 2.52
C VAL A 14 -5.93 -13.56 1.65
N LEU A 15 -4.83 -14.32 1.43
CA LEU A 15 -3.69 -13.90 0.58
C LEU A 15 -4.10 -13.78 -0.90
N ASN A 16 -5.01 -14.69 -1.32
CA ASN A 16 -5.56 -14.73 -2.69
C ASN A 16 -6.43 -13.48 -2.95
N ASP A 17 -7.30 -13.18 -1.98
CA ASP A 17 -8.14 -11.96 -1.98
C ASP A 17 -7.26 -10.69 -1.99
N LEU A 18 -6.19 -10.70 -1.16
CA LEU A 18 -5.22 -9.59 -1.05
C LEU A 18 -4.34 -9.48 -2.30
N LYS A 19 -4.15 -10.61 -3.02
CA LYS A 19 -3.42 -10.61 -4.29
C LYS A 19 -4.23 -9.77 -5.28
N THR A 20 -5.54 -10.05 -5.35
CA THR A 20 -6.47 -9.32 -6.24
C THR A 20 -6.59 -7.82 -5.86
N VAL A 21 -6.82 -7.55 -4.55
CA VAL A 21 -7.06 -6.18 -4.02
C VAL A 21 -5.81 -5.29 -4.20
N MET A 22 -4.63 -5.84 -3.86
CA MET A 22 -3.38 -5.07 -3.84
C MET A 22 -2.70 -5.03 -5.23
N ASP A 23 -3.06 -5.97 -6.13
CA ASP A 23 -2.69 -5.88 -7.58
C ASP A 23 -3.47 -4.73 -8.24
N ALA A 24 -4.78 -4.67 -7.94
CA ALA A 24 -5.69 -3.60 -8.38
C ALA A 24 -5.22 -2.23 -7.82
N GLU A 25 -4.72 -2.27 -6.57
CA GLU A 25 -4.11 -1.14 -5.87
C GLU A 25 -2.95 -0.58 -6.69
N GLN A 26 -1.95 -1.46 -6.95
CA GLN A 26 -0.72 -1.10 -7.69
C GLN A 26 -1.04 -0.46 -9.05
N GLN A 27 -2.00 -1.08 -9.77
CA GLN A 27 -2.41 -0.63 -11.11
C GLN A 27 -3.01 0.79 -11.09
N GLN A 28 -3.96 1.03 -10.15
CA GLN A 28 -4.69 2.31 -10.06
C GLN A 28 -3.85 3.41 -9.37
N LEU A 29 -2.67 3.03 -8.86
CA LEU A 29 -1.64 3.97 -8.40
C LEU A 29 -0.60 4.21 -9.52
N SER A 30 -0.47 3.23 -10.42
CA SER A 30 0.38 3.31 -11.62
C SER A 30 -0.28 4.19 -12.71
N VAL A 31 -1.62 4.36 -12.65
CA VAL A 31 -2.34 5.27 -13.57
C VAL A 31 -2.09 6.73 -13.14
N GLY A 32 -1.77 6.94 -11.85
CA GLY A 32 -1.39 8.25 -11.32
C GLY A 32 -2.56 9.15 -10.95
N GLN A 33 -3.74 8.87 -11.55
CA GLN A 33 -5.00 9.55 -11.23
C GLN A 33 -5.63 8.79 -10.06
N ILE A 34 -5.77 9.47 -8.91
CA ILE A 34 -6.28 8.84 -7.68
C ILE A 34 -7.81 8.72 -7.75
N ASN A 35 -8.28 7.46 -7.81
CA ASN A 35 -9.69 7.10 -7.87
C ASN A 35 -10.20 6.87 -6.44
N GLY A 36 -11.13 7.75 -6.01
CA GLY A 36 -11.62 7.76 -4.62
C GLY A 36 -12.28 6.45 -4.19
N SER A 37 -13.37 6.07 -4.90
CA SER A 37 -14.18 4.87 -4.56
C SER A 37 -13.40 3.55 -4.78
N GLN A 38 -12.54 3.54 -5.82
CA GLN A 38 -11.68 2.39 -6.16
C GLN A 38 -10.74 2.07 -5.00
N LEU A 39 -9.93 3.07 -4.64
CA LEU A 39 -8.94 2.93 -3.57
C LEU A 39 -9.62 2.90 -2.20
N GLN A 40 -10.90 3.33 -2.11
CA GLN A 40 -11.70 3.25 -0.86
C GLN A 40 -11.99 1.79 -0.51
N ARG A 41 -12.59 1.05 -1.48
CA ARG A 41 -12.89 -0.39 -1.30
C ARG A 41 -11.58 -1.16 -1.10
N ILE A 42 -10.53 -0.76 -1.87
CA ILE A 42 -9.19 -1.38 -1.77
C ILE A 42 -8.62 -1.23 -0.36
N THR A 43 -8.44 0.03 0.12
CA THR A 43 -7.76 0.31 1.41
C THR A 43 -8.51 -0.30 2.61
N GLU A 44 -9.85 -0.41 2.47
CA GLU A 44 -10.72 -1.10 3.45
C GLU A 44 -10.31 -2.59 3.51
N GLU A 45 -10.45 -3.31 2.36
CA GLU A 45 -10.12 -4.76 2.24
C GLU A 45 -8.64 -5.02 2.57
N LYS A 46 -7.81 -4.02 2.26
CA LYS A 46 -6.35 -4.03 2.43
C LYS A 46 -6.03 -4.27 3.92
N SER A 47 -6.42 -3.28 4.75
CA SER A 47 -6.10 -3.26 6.18
C SER A 47 -6.90 -4.32 6.97
N SER A 48 -8.16 -4.58 6.54
CA SER A 48 -9.10 -5.50 7.23
C SER A 48 -8.66 -6.96 7.06
N LEU A 49 -8.27 -7.35 5.83
CA LEU A 49 -7.77 -8.70 5.53
C LEU A 49 -6.37 -8.90 6.16
N LEU A 50 -5.53 -7.83 6.19
CA LEU A 50 -4.22 -7.86 6.90
C LEU A 50 -4.41 -7.98 8.44
N ALA A 51 -5.54 -7.46 8.95
CA ALA A 51 -5.90 -7.58 10.37
C ALA A 51 -6.27 -9.03 10.70
N THR A 52 -7.00 -9.66 9.76
CA THR A 52 -7.34 -11.09 9.86
C THR A 52 -6.08 -11.95 9.71
N LEU A 53 -5.11 -11.52 8.85
CA LEU A 53 -3.80 -12.21 8.73
C LEU A 53 -3.08 -12.24 10.07
N ASP A 54 -2.83 -11.06 10.68
CA ASP A 54 -2.19 -10.92 12.01
C ASP A 54 -2.89 -11.80 13.07
N TYR A 55 -4.24 -11.80 13.05
CA TYR A 55 -5.09 -12.70 13.87
C TYR A 55 -4.72 -14.19 13.64
N LEU A 56 -4.66 -14.56 12.36
CA LEU A 56 -4.34 -15.92 11.89
C LEU A 56 -2.90 -16.28 12.26
N GLU A 57 -1.98 -15.29 12.22
CA GLU A 57 -0.53 -15.49 12.37
C GLU A 57 -0.15 -15.72 13.83
N GLN A 58 -0.83 -15.00 14.75
CA GLN A 58 -0.71 -15.23 16.19
C GLN A 58 -1.22 -16.64 16.50
N GLN A 59 -2.44 -16.96 15.99
CA GLN A 59 -3.12 -18.26 16.18
C GLN A 59 -2.30 -19.43 15.54
N ARG A 60 -1.62 -19.10 14.43
CA ARG A 60 -0.82 -20.05 13.62
C ARG A 60 0.44 -20.40 14.38
N ARG A 61 1.05 -19.39 15.02
CA ARG A 61 2.26 -19.55 15.82
C ARG A 61 1.91 -20.26 17.16
N LEU A 62 0.69 -20.01 17.69
CA LEU A 62 0.18 -20.69 18.90
C LEU A 62 0.17 -22.20 18.66
N GLU A 63 -0.44 -22.61 17.54
CA GLU A 63 -0.53 -24.02 17.15
C GLU A 63 0.78 -24.55 16.53
N GLN A 64 1.69 -23.63 16.13
CA GLN A 64 3.08 -24.01 15.76
C GLN A 64 3.82 -24.53 17.00
N ASN A 65 3.52 -23.95 18.18
CA ASN A 65 4.07 -24.42 19.48
C ASN A 65 3.20 -25.54 20.09
N ALA A 66 1.89 -25.52 19.82
CA ALA A 66 0.92 -26.46 20.45
C ALA A 66 0.99 -27.86 19.82
N GLN A 67 1.19 -27.90 18.49
CA GLN A 67 1.36 -29.16 17.73
C GLN A 67 2.60 -29.07 16.83
N ARG A 68 2.88 -30.17 16.13
CA ARG A 68 3.87 -30.23 15.04
C ARG A 68 3.14 -30.46 13.70
N SER A 69 3.92 -30.49 12.59
CA SER A 69 3.39 -30.64 11.23
C SER A 69 2.72 -32.03 11.06
N ALA A 70 3.56 -33.09 10.92
CA ALA A 70 3.13 -34.51 10.73
C ALA A 70 2.28 -34.69 9.44
N ASN A 71 1.03 -34.18 9.46
CA ASN A 71 0.16 -34.06 8.28
C ASN A 71 0.85 -33.17 7.23
N ASP A 72 1.12 -33.73 6.03
CA ASP A 72 1.91 -33.06 4.98
C ASP A 72 1.12 -31.92 4.31
N ASP A 73 -0.22 -31.90 4.51
CA ASP A 73 -1.08 -30.78 4.06
C ASP A 73 -0.61 -29.47 4.68
N ILE A 74 -0.25 -29.53 5.99
CA ILE A 74 0.30 -28.38 6.74
C ILE A 74 1.56 -27.83 6.03
N ALA A 75 2.45 -28.74 5.60
CA ALA A 75 3.74 -28.39 4.97
C ALA A 75 3.52 -27.67 3.62
N GLU A 76 2.72 -28.30 2.73
CA GLU A 76 2.50 -27.78 1.35
C GLU A 76 1.69 -26.45 1.40
N ARG A 77 0.77 -26.36 2.38
CA ARG A 77 -0.12 -25.20 2.57
C ARG A 77 0.68 -23.98 3.06
N TRP A 78 1.61 -24.26 3.99
CA TRP A 78 2.48 -23.24 4.61
C TRP A 78 3.51 -22.70 3.59
N GLN A 79 3.98 -23.59 2.68
CA GLN A 79 4.86 -23.19 1.56
C GLN A 79 4.09 -22.29 0.57
N ALA A 80 2.82 -22.69 0.30
CA ALA A 80 1.89 -21.94 -0.57
C ALA A 80 1.66 -20.51 -0.04
N ILE A 81 1.48 -20.43 1.30
CA ILE A 81 1.30 -19.17 2.03
C ILE A 81 2.52 -18.27 1.81
N THR A 82 3.70 -18.76 2.23
CA THR A 82 4.94 -17.98 2.21
C THR A 82 5.36 -17.55 0.78
N GLU A 83 4.91 -18.32 -0.22
CA GLU A 83 5.06 -17.97 -1.64
C GLU A 83 4.22 -16.71 -1.96
N LYS A 84 2.92 -16.77 -1.59
CA LYS A 84 1.98 -15.65 -1.78
C LYS A 84 2.42 -14.42 -0.98
N THR A 85 2.87 -14.62 0.27
CA THR A 85 3.27 -13.52 1.18
C THR A 85 4.52 -12.80 0.68
N GLN A 86 5.43 -13.60 0.06
CA GLN A 86 6.61 -13.08 -0.64
C GLN A 86 6.20 -12.12 -1.76
N HIS A 87 5.30 -12.61 -2.64
CA HIS A 87 4.82 -11.84 -3.80
C HIS A 87 3.88 -10.68 -3.37
N LEU A 88 3.19 -10.81 -2.21
CA LEU A 88 2.28 -9.76 -1.70
C LEU A 88 3.08 -8.59 -1.19
N ARG A 89 4.14 -8.92 -0.41
CA ARG A 89 5.12 -7.95 0.08
C ARG A 89 5.74 -7.21 -1.11
N ASP A 90 6.14 -7.98 -2.15
CA ASP A 90 6.79 -7.47 -3.36
C ASP A 90 5.91 -6.42 -4.08
N LEU A 91 4.69 -6.82 -4.45
CA LEU A 91 3.77 -5.98 -5.25
C LEU A 91 3.30 -4.74 -4.45
N ASN A 92 3.12 -4.93 -3.13
CA ASN A 92 2.68 -3.85 -2.22
C ASN A 92 3.84 -2.89 -1.89
N GLN A 93 5.07 -3.38 -2.00
CA GLN A 93 6.30 -2.57 -1.86
C GLN A 93 6.50 -1.73 -3.14
N HIS A 94 6.11 -2.32 -4.30
CA HIS A 94 6.11 -1.61 -5.59
C HIS A 94 5.18 -0.41 -5.49
N ASN A 95 3.88 -0.66 -5.17
CA ASN A 95 2.88 0.41 -5.08
C ASN A 95 3.10 1.29 -3.85
N GLY A 96 3.82 0.76 -2.83
CA GLY A 96 4.16 1.54 -1.63
C GLY A 96 5.10 2.68 -1.96
N TRP A 97 6.12 2.39 -2.77
CA TRP A 97 7.07 3.39 -3.28
C TRP A 97 6.40 4.26 -4.38
N LEU A 98 5.40 3.68 -5.10
CA LEU A 98 4.54 4.46 -6.02
C LEU A 98 3.68 5.45 -5.23
N LEU A 99 3.26 5.06 -3.98
CA LEU A 99 2.49 5.93 -3.07
C LEU A 99 3.33 7.15 -2.71
N GLU A 100 4.50 6.89 -2.11
CA GLU A 100 5.41 7.95 -1.64
C GLU A 100 5.77 8.92 -2.79
N GLY A 101 6.15 8.33 -3.94
CA GLY A 101 6.55 9.08 -5.13
C GLY A 101 5.44 9.97 -5.72
N GLN A 102 4.22 9.41 -5.83
CA GLN A 102 3.07 10.13 -6.42
C GLN A 102 2.62 11.23 -5.48
N ILE A 103 2.70 11.00 -4.14
CA ILE A 103 2.32 12.00 -3.11
C ILE A 103 3.28 13.20 -3.17
N GLU A 104 4.58 12.93 -3.39
CA GLU A 104 5.59 13.97 -3.63
C GLU A 104 5.20 14.84 -4.83
N ARG A 105 4.92 14.19 -5.99
CA ARG A 105 4.64 14.90 -7.26
C ARG A 105 3.19 15.46 -7.32
N ASN A 106 2.26 14.91 -6.50
CA ASN A 106 0.84 15.37 -6.47
C ASN A 106 0.70 16.60 -5.57
N GLN A 107 1.40 16.59 -4.42
CA GLN A 107 1.50 17.77 -3.53
C GLN A 107 2.23 18.90 -4.27
N GLN A 108 3.34 18.53 -4.97
CA GLN A 108 4.06 19.43 -5.88
C GLN A 108 3.10 20.06 -6.88
N ALA A 109 2.28 19.21 -7.53
CA ALA A 109 1.29 19.64 -8.52
C ALA A 109 0.32 20.67 -7.93
N LEU A 110 -0.15 20.39 -6.69
CA LEU A 110 -1.02 21.30 -5.93
C LEU A 110 -0.40 22.70 -5.80
N GLU A 111 0.92 22.73 -5.53
CA GLU A 111 1.71 23.98 -5.44
C GLU A 111 1.89 24.64 -6.83
N VAL A 112 2.13 23.81 -7.86
CA VAL A 112 2.52 24.29 -9.21
C VAL A 112 1.38 25.08 -9.89
N LEU A 113 0.12 24.60 -9.83
CA LEU A 113 -1.03 25.32 -10.49
C LEU A 113 -1.72 26.29 -9.50
N LYS A 114 -1.22 26.30 -8.24
CA LYS A 114 -1.75 27.14 -7.15
C LYS A 114 -1.48 28.62 -7.46
N PRO A 115 -2.54 29.48 -7.62
CA PRO A 115 -2.39 30.87 -8.07
C PRO A 115 -1.39 31.72 -7.24
N HIS A 116 -0.41 32.32 -7.93
CA HIS A 116 0.49 33.33 -7.36
C HIS A 116 -0.33 34.59 -7.07
N GLN A 117 -0.75 34.77 -5.80
CA GLN A 117 -1.65 35.85 -5.34
C GLN A 117 -1.71 35.89 -3.80
N GLU A 118 -1.78 37.10 -3.26
CA GLU A 118 -2.09 37.35 -1.83
C GLU A 118 -3.64 37.33 -1.58
N PRO A 119 -4.53 37.90 -2.50
CA PRO A 119 -6.01 37.70 -2.41
C PRO A 119 -6.39 36.22 -2.61
N THR A 120 -7.54 35.84 -2.03
CA THR A 120 -8.01 34.44 -1.98
C THR A 120 -8.50 33.94 -3.36
N LEU A 121 -7.57 33.34 -4.12
CA LEU A 121 -7.86 32.72 -5.43
C LEU A 121 -8.11 31.20 -5.26
N TYR A 122 -9.19 30.73 -5.90
CA TYR A 122 -9.76 29.37 -5.71
C TYR A 122 -8.82 28.25 -6.20
N GLY A 123 -8.39 28.37 -7.46
CA GLY A 123 -7.54 27.36 -8.11
C GLY A 123 -7.28 27.73 -9.57
N ALA A 124 -6.63 26.82 -10.33
CA ALA A 124 -6.34 27.04 -11.76
C ALA A 124 -7.61 26.78 -12.61
N ASP A 125 -8.10 25.53 -12.62
CA ASP A 125 -9.45 25.22 -13.13
C ASP A 125 -10.44 25.27 -11.96
N GLY A 126 -10.19 24.44 -10.95
CA GLY A 126 -11.07 24.28 -9.79
C GLY A 126 -11.17 22.84 -9.36
N GLN A 127 -11.93 22.56 -8.28
CA GLN A 127 -12.07 21.19 -7.74
C GLN A 127 -12.83 20.29 -8.74
N THR A 128 -12.10 19.35 -9.34
CA THR A 128 -12.61 18.43 -10.36
C THR A 128 -11.80 17.12 -10.34
N SER A 129 -12.11 16.21 -11.29
CA SER A 129 -11.38 14.96 -11.48
C SER A 129 -10.02 15.26 -12.14
N VAL A 130 -9.04 15.65 -11.30
CA VAL A 130 -7.68 16.01 -11.75
C VAL A 130 -7.00 14.79 -12.44
N SER A 131 -6.93 14.87 -13.79
CA SER A 131 -6.36 13.81 -14.63
C SER A 131 -4.82 13.73 -14.48
N HIS A 132 -4.23 12.59 -14.90
CA HIS A 132 -2.78 12.37 -14.82
C HIS A 132 -2.07 13.05 -16.02
N ARG A 133 -1.91 14.36 -15.90
CA ARG A 133 -1.37 15.22 -16.98
C ARG A 133 0.15 15.35 -16.80
N GLY A 134 0.57 15.88 -15.65
CA GLY A 134 1.98 16.06 -15.33
C GLY A 134 2.19 17.13 -14.26
N GLY A 135 3.42 17.64 -14.18
CA GLY A 135 3.78 18.69 -13.22
C GLY A 135 5.20 19.17 -13.43
N LYS A 136 6.15 18.60 -12.67
CA LYS A 136 7.57 18.96 -12.71
C LYS A 136 8.35 17.94 -11.82
N LYS A 137 9.59 18.28 -11.43
CA LYS A 137 10.34 17.55 -10.40
C LYS A 137 10.98 18.60 -9.45
N ILE A 138 10.35 18.83 -8.28
CA ILE A 138 10.94 19.62 -7.17
C ILE A 138 10.98 18.72 -5.91
N SER A 139 11.92 19.02 -5.01
CA SER A 139 12.19 18.19 -3.83
C SER A 139 11.42 18.68 -2.58
N ILE A 140 11.04 19.97 -2.54
CA ILE A 140 10.30 20.58 -1.41
C ILE A 140 8.97 21.16 -1.92
N VAL A 141 7.87 20.84 -1.20
CA VAL A 141 6.55 21.45 -1.38
C VAL A 141 6.16 22.21 -0.08
N LEU A 142 5.20 23.14 -0.19
CA LEU A 142 4.69 23.94 0.94
C LEU A 142 4.00 23.08 2.02
N PHE A 143 3.56 21.86 1.63
CA PHE A 143 3.02 20.87 2.58
C PHE A 143 4.16 20.17 3.32
N GLN A 144 3.93 19.84 4.60
CA GLN A 144 4.86 19.04 5.40
C GLN A 144 4.99 17.62 4.80
N GLY A 145 6.20 17.29 4.31
CA GLY A 145 6.46 16.01 3.66
C GLY A 145 7.76 16.04 2.90
N PRO A 146 8.88 15.44 3.43
CA PRO A 146 10.17 15.37 2.72
C PRO A 146 10.12 14.35 1.55
N SER A 147 10.68 14.76 0.40
CA SER A 147 10.76 13.92 -0.80
C SER A 147 11.68 12.71 -0.55
N ALA A 148 11.15 11.50 -0.78
CA ALA A 148 11.90 10.25 -0.71
C ALA A 148 12.66 10.03 -2.03
N GLY A 149 11.91 10.15 -3.16
CA GLY A 149 12.46 10.00 -4.49
C GLY A 149 11.34 9.72 -5.49
N LEU A 150 10.63 10.78 -5.93
CA LEU A 150 9.46 10.65 -6.80
C LEU A 150 9.85 10.09 -8.18
N VAL A 151 9.19 8.99 -8.54
CA VAL A 151 9.41 8.29 -9.81
C VAL A 151 8.66 8.97 -10.97
N PRO A 152 9.11 8.78 -12.25
CA PRO A 152 8.36 9.21 -13.47
C PRO A 152 6.91 8.69 -13.55
N ARG A 153 6.63 7.57 -12.83
CA ARG A 153 5.29 6.96 -12.76
C ARG A 153 4.29 7.85 -11.96
N GLY A 154 4.84 8.77 -11.14
CA GLY A 154 4.02 9.78 -10.46
C GLY A 154 3.38 10.77 -11.44
N SER A 155 2.34 11.48 -11.01
CA SER A 155 1.54 12.35 -11.91
C SER A 155 1.12 13.67 -11.21
N GLY A 156 0.24 14.43 -11.87
CA GLY A 156 -0.32 15.65 -11.31
C GLY A 156 -1.43 16.20 -12.19
N GLY A 157 -2.31 17.02 -11.60
CA GLY A 157 -3.47 17.58 -12.30
C GLY A 157 -3.20 18.95 -12.90
N ILE A 158 -1.96 19.19 -13.38
CA ILE A 158 -1.58 20.47 -13.99
C ILE A 158 -2.14 20.56 -15.41
N GLU A 159 -3.21 21.35 -15.55
CA GLU A 159 -3.79 21.69 -16.87
C GLU A 159 -3.20 23.03 -17.36
N GLY A 160 -2.66 23.84 -16.38
CA GLY A 160 -2.06 25.14 -16.66
C GLY A 160 -3.06 26.14 -17.24
N MET A 161 -4.27 26.20 -16.66
CA MET A 161 -5.39 26.99 -17.24
C MET A 161 -5.30 28.48 -16.82
N ALA A 162 -5.44 28.75 -15.50
CA ALA A 162 -5.45 30.12 -14.97
C ALA A 162 -4.01 30.67 -14.90
N GLN A 163 -3.22 30.09 -13.98
CA GLN A 163 -1.85 30.53 -13.70
C GLN A 163 -1.10 29.48 -12.84
N HIS A 164 0.14 29.83 -12.47
CA HIS A 164 1.01 29.04 -11.58
C HIS A 164 1.35 29.87 -10.33
N GLY A 165 2.07 29.26 -9.36
CA GLY A 165 2.54 30.00 -8.17
C GLY A 165 2.84 29.09 -6.99
N ALA A 166 2.41 29.53 -5.76
CA ALA A 166 2.66 28.81 -4.50
C ALA A 166 1.97 29.49 -3.28
N LEU A 167 1.83 30.85 -3.36
CA LEU A 167 1.45 31.74 -2.22
C LEU A 167 0.23 31.22 -1.43
N GLU A 168 0.41 31.08 -0.10
CA GLU A 168 -0.62 30.64 0.84
C GLU A 168 -1.72 31.71 0.97
N THR A 169 -2.95 31.32 0.57
CA THR A 169 -4.08 32.25 0.50
C THR A 169 -5.43 31.49 0.51
N LEU A 170 -5.47 30.33 -0.18
CA LEU A 170 -6.69 29.51 -0.33
C LEU A 170 -6.26 28.09 -0.76
N LYS A 171 -6.90 27.06 -0.20
CA LYS A 171 -6.51 25.65 -0.40
C LYS A 171 -7.73 24.76 -0.73
N ASP A 172 -8.36 25.00 -1.90
CA ASP A 172 -9.51 24.20 -2.39
C ASP A 172 -9.05 22.82 -2.90
N LEU A 173 -8.22 22.83 -3.96
CA LEU A 173 -7.62 21.61 -4.53
C LEU A 173 -6.80 20.87 -3.47
N ALA A 174 -6.08 21.66 -2.66
CA ALA A 174 -5.25 21.15 -1.57
C ALA A 174 -6.11 20.48 -0.47
N GLU A 175 -7.34 20.99 -0.25
CA GLU A 175 -8.27 20.42 0.75
C GLU A 175 -8.59 18.96 0.38
N LYS A 176 -9.23 18.79 -0.81
CA LYS A 176 -9.69 17.48 -1.27
C LYS A 176 -8.53 16.52 -1.52
N GLU A 177 -7.39 17.04 -1.99
CA GLU A 177 -6.26 16.20 -2.43
C GLU A 177 -5.49 15.66 -1.23
N VAL A 178 -5.15 16.55 -0.27
CA VAL A 178 -4.41 16.14 0.95
C VAL A 178 -5.30 15.22 1.81
N ASP A 179 -6.62 15.51 1.87
CA ASP A 179 -7.58 14.69 2.65
C ASP A 179 -7.78 13.29 2.04
N ASP A 180 -8.03 13.25 0.72
CA ASP A 180 -8.34 12.00 -0.04
C ASP A 180 -7.08 11.11 -0.13
N ALA A 181 -5.93 11.74 -0.44
CA ALA A 181 -4.64 11.05 -0.56
C ALA A 181 -4.19 10.50 0.80
N ALA A 182 -4.28 11.32 1.87
CA ALA A 182 -3.91 10.89 3.23
C ALA A 182 -4.77 9.68 3.65
N ARG A 183 -6.08 9.77 3.37
CA ARG A 183 -7.06 8.71 3.70
C ARG A 183 -6.68 7.38 3.00
N LEU A 184 -6.72 7.38 1.67
CA LEU A 184 -6.57 6.16 0.86
C LEU A 184 -5.13 5.67 0.90
N LEU A 185 -4.22 6.55 0.45
CA LEU A 185 -2.79 6.23 0.28
C LEU A 185 -2.10 6.06 1.64
N GLY A 186 -2.57 6.80 2.68
CA GLY A 186 -1.99 6.71 4.01
C GLY A 186 -2.39 5.44 4.75
N GLU A 187 -3.64 4.96 4.56
CA GLU A 187 -4.07 3.68 5.19
C GLU A 187 -3.53 2.46 4.39
N MET A 188 -3.23 2.66 3.09
CA MET A 188 -2.51 1.65 2.28
C MET A 188 -1.01 1.67 2.61
N ARG A 189 -0.49 2.81 3.12
CA ARG A 189 0.88 2.92 3.67
C ARG A 189 0.97 2.17 5.00
N ARG A 190 -0.05 2.36 5.88
CA ARG A 190 -0.19 1.61 7.14
C ARG A 190 -0.17 0.12 6.85
N GLY A 191 -1.03 -0.27 5.90
CA GLY A 191 -1.13 -1.63 5.45
C GLY A 191 0.14 -2.13 4.76
N CYS A 192 0.91 -1.22 4.10
CA CYS A 192 2.16 -1.58 3.41
C CYS A 192 3.24 -2.01 4.42
N GLN A 193 3.32 -1.28 5.54
CA GLN A 193 4.28 -1.56 6.62
C GLN A 193 3.89 -2.84 7.39
N GLN A 194 2.58 -2.95 7.70
CA GLN A 194 2.00 -4.11 8.41
C GLN A 194 2.21 -5.39 7.59
N ALA A 195 1.78 -5.33 6.31
CA ALA A 195 1.93 -6.44 5.35
C ALA A 195 3.38 -6.88 5.26
N GLU A 196 4.27 -5.93 4.89
CA GLU A 196 5.70 -6.22 4.68
C GLU A 196 6.31 -6.96 5.88
N GLU A 197 6.14 -6.39 7.10
CA GLU A 197 6.77 -6.93 8.32
C GLU A 197 6.21 -8.32 8.71
N GLN A 198 4.86 -8.47 8.69
CA GLN A 198 4.19 -9.70 9.20
C GLN A 198 4.40 -10.88 8.23
N LEU A 199 4.33 -10.59 6.92
CA LEU A 199 4.52 -11.59 5.86
C LEU A 199 6.01 -12.04 5.79
N LYS A 200 6.91 -11.06 6.00
CA LYS A 200 8.36 -11.28 6.08
C LYS A 200 8.71 -12.17 7.30
N MET A 201 8.01 -11.93 8.43
CA MET A 201 8.26 -12.68 9.68
C MET A 201 7.70 -14.11 9.58
N LEU A 202 6.63 -14.30 8.74
CA LEU A 202 6.13 -15.64 8.36
C LEU A 202 7.25 -16.46 7.68
N ILE A 203 7.81 -15.85 6.61
CA ILE A 203 8.91 -16.45 5.82
C ILE A 203 10.18 -16.63 6.71
N ASP A 204 10.30 -15.78 7.75
CA ASP A 204 11.43 -15.82 8.71
C ASP A 204 11.38 -17.10 9.57
N TYR A 205 10.25 -17.34 10.31
CA TYR A 205 10.15 -18.52 11.20
C TYR A 205 9.79 -19.80 10.42
N GLN A 206 9.38 -19.66 9.13
CA GLN A 206 8.97 -20.78 8.25
C GLN A 206 9.87 -22.04 8.36
N ASN A 207 11.21 -21.81 8.46
CA ASN A 207 12.23 -22.89 8.52
C ASN A 207 11.95 -23.94 9.63
N GLU A 208 11.27 -23.49 10.71
CA GLU A 208 10.81 -24.31 11.84
C GLU A 208 10.06 -25.57 11.36
N TYR A 209 9.00 -25.37 10.56
CA TYR A 209 8.00 -26.42 10.26
C TYR A 209 8.40 -27.30 9.07
N ARG A 210 9.36 -26.83 8.26
CA ARG A 210 9.84 -27.53 7.05
C ARG A 210 8.66 -27.73 6.07
N SER A 211 8.37 -26.66 5.31
CA SER A 211 7.21 -26.58 4.42
C SER A 211 7.49 -27.26 3.07
N ASN A 212 7.52 -28.61 3.07
CA ASN A 212 7.81 -29.41 1.85
C ASN A 212 7.39 -30.88 2.05
N LEU A 213 6.81 -31.47 0.99
CA LEU A 213 6.44 -32.89 0.96
C LEU A 213 7.66 -33.70 0.46
N ASN A 214 8.27 -34.46 1.39
CA ASN A 214 9.45 -35.31 1.11
C ASN A 214 8.99 -36.78 0.93
N MET A 1 -3.19 -32.10 16.79
CA MET A 1 -3.41 -31.47 15.47
C MET A 1 -4.91 -31.30 15.18
N THR A 2 -5.29 -30.08 14.75
CA THR A 2 -6.65 -29.74 14.31
C THR A 2 -6.67 -28.32 13.72
N ARG A 3 -5.92 -27.42 14.36
CA ARG A 3 -5.93 -25.99 14.04
C ARG A 3 -5.18 -25.68 12.74
N LEU A 4 -3.86 -26.06 12.64
CA LEU A 4 -2.97 -25.67 11.50
C LEU A 4 -3.65 -25.90 10.12
N SER A 5 -4.34 -27.04 9.96
CA SER A 5 -5.07 -27.37 8.71
C SER A 5 -6.00 -26.20 8.29
N GLU A 6 -6.91 -25.84 9.22
CA GLU A 6 -7.90 -24.76 9.03
C GLU A 6 -7.23 -23.38 8.92
N ILE A 7 -6.27 -23.09 9.85
CA ILE A 7 -5.62 -21.76 9.97
C ILE A 7 -4.87 -21.41 8.69
N LEU A 8 -3.99 -22.33 8.27
CA LEU A 8 -3.10 -22.13 7.13
C LEU A 8 -3.90 -22.11 5.82
N ASP A 9 -5.02 -22.89 5.79
CA ASP A 9 -6.02 -22.79 4.70
C ASP A 9 -6.63 -21.38 4.65
N GLN A 10 -6.98 -20.85 5.84
CA GLN A 10 -7.57 -19.51 5.98
C GLN A 10 -6.54 -18.42 5.69
N MET A 11 -5.23 -18.72 5.90
CA MET A 11 -4.17 -17.77 5.57
C MET A 11 -4.08 -17.66 4.05
N THR A 12 -3.78 -18.79 3.37
CA THR A 12 -3.57 -18.81 1.90
C THR A 12 -4.80 -18.31 1.11
N THR A 13 -6.03 -18.50 1.67
CA THR A 13 -7.25 -17.94 1.05
C THR A 13 -7.29 -16.40 1.23
N VAL A 14 -6.98 -15.91 2.46
CA VAL A 14 -6.91 -14.45 2.74
C VAL A 14 -5.77 -13.78 1.95
N LEU A 15 -4.70 -14.55 1.67
CA LEU A 15 -3.53 -14.10 0.89
C LEU A 15 -3.88 -14.02 -0.60
N ASN A 16 -4.76 -14.94 -1.05
CA ASN A 16 -5.33 -14.94 -2.43
C ASN A 16 -6.21 -13.68 -2.64
N ASP A 17 -7.03 -13.38 -1.62
CA ASP A 17 -7.88 -12.17 -1.59
C ASP A 17 -6.99 -10.91 -1.64
N LEU A 18 -5.94 -10.90 -0.80
CA LEU A 18 -4.93 -9.82 -0.74
C LEU A 18 -4.16 -9.71 -2.06
N LYS A 19 -4.00 -10.83 -2.78
CA LYS A 19 -3.32 -10.82 -4.09
C LYS A 19 -4.18 -10.02 -5.06
N THR A 20 -5.47 -10.37 -5.17
CA THR A 20 -6.44 -9.70 -6.07
C THR A 20 -6.60 -8.20 -5.70
N VAL A 21 -6.79 -7.95 -4.39
CA VAL A 21 -7.07 -6.61 -3.84
C VAL A 21 -5.85 -5.68 -3.98
N MET A 22 -4.67 -6.16 -3.51
CA MET A 22 -3.44 -5.32 -3.47
C MET A 22 -2.74 -5.24 -4.84
N ASP A 23 -3.04 -6.19 -5.76
CA ASP A 23 -2.56 -6.11 -7.17
C ASP A 23 -3.39 -5.06 -7.92
N ALA A 24 -4.72 -5.07 -7.70
CA ALA A 24 -5.63 -4.03 -8.23
C ALA A 24 -5.25 -2.65 -7.68
N GLU A 25 -4.86 -2.63 -6.37
CA GLU A 25 -4.31 -1.45 -5.67
C GLU A 25 -3.12 -0.88 -6.43
N GLN A 26 -2.12 -1.78 -6.62
CA GLN A 26 -0.87 -1.52 -7.34
C GLN A 26 -1.16 -0.89 -8.72
N GLN A 27 -2.18 -1.42 -9.41
CA GLN A 27 -2.57 -0.94 -10.74
C GLN A 27 -3.24 0.46 -10.70
N GLN A 28 -4.12 0.71 -9.71
CA GLN A 28 -4.83 2.03 -9.56
C GLN A 28 -3.86 3.15 -9.14
N LEU A 29 -2.67 2.75 -8.68
CA LEU A 29 -1.57 3.68 -8.37
C LEU A 29 -0.62 3.80 -9.59
N SER A 30 -0.54 2.71 -10.37
CA SER A 30 0.30 2.61 -11.58
C SER A 30 -0.34 3.36 -12.77
N VAL A 31 -1.67 3.59 -12.72
CA VAL A 31 -2.40 4.34 -13.78
C VAL A 31 -2.11 5.86 -13.64
N GLY A 32 -1.62 6.26 -12.47
CA GLY A 32 -1.24 7.65 -12.19
C GLY A 32 -2.37 8.46 -11.57
N GLN A 33 -3.61 8.03 -11.78
CA GLN A 33 -4.80 8.74 -11.30
C GLN A 33 -5.46 7.94 -10.17
N ILE A 34 -5.73 8.63 -9.06
CA ILE A 34 -6.34 8.01 -7.87
C ILE A 34 -7.84 7.80 -8.08
N ASN A 35 -8.24 6.52 -8.13
CA ASN A 35 -9.65 6.11 -8.20
C ASN A 35 -10.16 5.91 -6.76
N GLY A 36 -10.86 6.93 -6.24
CA GLY A 36 -11.25 7.03 -4.83
C GLY A 36 -12.04 5.84 -4.30
N SER A 37 -13.19 5.57 -4.92
CA SER A 37 -14.13 4.52 -4.51
C SER A 37 -13.47 3.13 -4.54
N GLN A 38 -12.69 2.88 -5.59
CA GLN A 38 -11.98 1.60 -5.80
C GLN A 38 -10.95 1.37 -4.69
N LEU A 39 -10.02 2.34 -4.54
CA LEU A 39 -8.94 2.28 -3.52
C LEU A 39 -9.51 2.29 -2.10
N GLN A 40 -10.74 2.81 -1.93
CA GLN A 40 -11.44 2.84 -0.63
C GLN A 40 -11.86 1.42 -0.24
N ARG A 41 -12.52 0.70 -1.19
CA ARG A 41 -12.88 -0.72 -1.02
C ARG A 41 -11.63 -1.56 -0.79
N ILE A 42 -10.59 -1.25 -1.59
CA ILE A 42 -9.30 -1.95 -1.58
C ILE A 42 -8.62 -1.84 -0.21
N THR A 43 -8.42 -0.60 0.30
CA THR A 43 -7.68 -0.37 1.55
C THR A 43 -8.47 -0.86 2.78
N GLU A 44 -9.81 -0.89 2.65
CA GLU A 44 -10.71 -1.46 3.67
C GLU A 44 -10.48 -2.99 3.78
N GLU A 45 -10.60 -3.67 2.61
CA GLU A 45 -10.38 -5.13 2.51
C GLU A 45 -8.96 -5.48 2.97
N LYS A 46 -7.98 -4.66 2.50
CA LYS A 46 -6.55 -4.81 2.78
C LYS A 46 -6.32 -4.92 4.29
N SER A 47 -6.73 -3.86 5.02
CA SER A 47 -6.52 -3.74 6.47
C SER A 47 -7.24 -4.86 7.24
N SER A 48 -8.47 -5.22 6.80
CA SER A 48 -9.28 -6.27 7.46
C SER A 48 -8.65 -7.68 7.31
N LEU A 49 -8.07 -7.92 6.12
CA LEU A 49 -7.44 -9.20 5.78
C LEU A 49 -6.10 -9.36 6.53
N LEU A 50 -5.35 -8.24 6.64
CA LEU A 50 -4.06 -8.17 7.39
C LEU A 50 -4.31 -8.34 8.91
N ALA A 51 -5.47 -7.84 9.37
CA ALA A 51 -5.94 -8.00 10.75
C ALA A 51 -6.24 -9.49 11.03
N THR A 52 -6.90 -10.15 10.05
CA THR A 52 -7.21 -11.58 10.15
C THR A 52 -5.92 -12.42 10.06
N LEU A 53 -4.91 -11.95 9.29
CA LEU A 53 -3.59 -12.61 9.21
C LEU A 53 -2.91 -12.61 10.57
N ASP A 54 -2.91 -11.44 11.25
CA ASP A 54 -2.33 -11.30 12.61
C ASP A 54 -3.03 -12.24 13.62
N TYR A 55 -4.36 -12.33 13.49
CA TYR A 55 -5.21 -13.33 14.19
C TYR A 55 -4.70 -14.77 13.92
N LEU A 56 -4.52 -15.08 12.63
CA LEU A 56 -4.08 -16.39 12.15
C LEU A 56 -2.63 -16.68 12.58
N GLU A 57 -1.80 -15.62 12.71
CA GLU A 57 -0.38 -15.70 13.13
C GLU A 57 -0.30 -16.14 14.58
N GLN A 58 -1.16 -15.53 15.41
CA GLN A 58 -1.32 -15.90 16.83
C GLN A 58 -1.67 -17.39 16.95
N GLN A 59 -2.74 -17.78 16.23
CA GLN A 59 -3.32 -19.13 16.31
C GLN A 59 -2.32 -20.22 15.82
N ARG A 60 -1.66 -19.96 14.65
CA ARG A 60 -0.73 -20.94 14.03
C ARG A 60 0.57 -21.05 14.83
N ARG A 61 1.00 -19.94 15.47
CA ARG A 61 2.23 -19.90 16.29
C ARG A 61 2.04 -20.76 17.56
N LEU A 62 0.86 -20.61 18.20
CA LEU A 62 0.47 -21.41 19.39
C LEU A 62 0.46 -22.92 19.06
N GLU A 63 -0.35 -23.27 18.03
CA GLU A 63 -0.54 -24.66 17.59
C GLU A 63 0.81 -25.28 17.19
N GLN A 64 1.52 -24.64 16.23
CA GLN A 64 2.84 -25.10 15.71
C GLN A 64 3.86 -25.32 16.83
N ASN A 65 3.82 -24.45 17.86
CA ASN A 65 4.74 -24.56 19.02
C ASN A 65 4.46 -25.87 19.80
N ALA A 66 3.17 -26.18 20.00
CA ALA A 66 2.75 -27.40 20.73
C ALA A 66 2.55 -28.63 19.80
N GLN A 67 2.60 -28.43 18.46
CA GLN A 67 2.23 -29.47 17.46
C GLN A 67 3.31 -29.61 16.36
N ARG A 68 3.68 -30.87 16.06
CA ARG A 68 4.64 -31.23 14.99
C ARG A 68 3.99 -31.17 13.60
N SER A 69 4.71 -31.73 12.58
CA SER A 69 4.28 -31.74 11.18
C SER A 69 2.96 -32.50 11.01
N ALA A 70 2.98 -33.79 11.38
CA ALA A 70 1.80 -34.68 11.44
C ALA A 70 1.23 -35.03 10.05
N ASN A 71 0.61 -34.05 9.37
CA ASN A 71 -0.04 -34.27 8.05
C ASN A 71 0.61 -33.39 6.97
N ASP A 72 0.63 -33.92 5.74
CA ASP A 72 1.33 -33.32 4.57
C ASP A 72 0.60 -32.07 4.04
N ASP A 73 -0.76 -32.05 4.17
CA ASP A 73 -1.61 -30.89 3.78
C ASP A 73 -1.17 -29.60 4.51
N ILE A 74 -0.74 -29.75 5.79
CA ILE A 74 -0.26 -28.63 6.60
C ILE A 74 1.03 -28.03 5.98
N ALA A 75 1.93 -28.91 5.51
CA ALA A 75 3.21 -28.52 4.89
C ALA A 75 3.01 -27.93 3.48
N GLU A 76 1.95 -28.40 2.77
CA GLU A 76 1.55 -27.86 1.45
C GLU A 76 0.94 -26.45 1.61
N ARG A 77 0.13 -26.30 2.68
CA ARG A 77 -0.51 -25.03 3.06
C ARG A 77 0.55 -24.04 3.57
N TRP A 78 1.60 -24.60 4.18
CA TRP A 78 2.77 -23.84 4.66
C TRP A 78 3.52 -23.22 3.46
N GLN A 79 3.76 -24.06 2.42
CA GLN A 79 4.35 -23.62 1.15
C GLN A 79 3.47 -22.56 0.46
N ALA A 80 2.14 -22.78 0.54
CA ALA A 80 1.12 -21.89 -0.03
C ALA A 80 1.21 -20.48 0.58
N ILE A 81 1.39 -20.44 1.91
CA ILE A 81 1.56 -19.18 2.64
C ILE A 81 2.84 -18.47 2.20
N THR A 82 3.99 -19.14 2.35
CA THR A 82 5.33 -18.56 2.10
C THR A 82 5.45 -17.95 0.68
N GLU A 83 4.86 -18.68 -0.30
CA GLU A 83 4.77 -18.23 -1.70
C GLU A 83 3.89 -16.97 -1.83
N LYS A 84 2.62 -17.06 -1.39
CA LYS A 84 1.65 -15.95 -1.54
C LYS A 84 2.16 -14.69 -0.82
N THR A 85 2.53 -14.84 0.48
CA THR A 85 3.13 -13.76 1.31
C THR A 85 4.33 -13.08 0.60
N GLN A 86 5.22 -13.90 -0.01
CA GLN A 86 6.36 -13.41 -0.83
C GLN A 86 5.89 -12.47 -1.97
N HIS A 87 4.93 -12.97 -2.77
CA HIS A 87 4.43 -12.26 -3.95
C HIS A 87 3.60 -11.02 -3.55
N LEU A 88 3.01 -11.09 -2.34
CA LEU A 88 2.26 -9.97 -1.73
C LEU A 88 3.22 -8.86 -1.37
N ARG A 89 4.31 -9.22 -0.64
CA ARG A 89 5.36 -8.26 -0.24
C ARG A 89 6.01 -7.61 -1.46
N ASP A 90 6.08 -8.37 -2.57
CA ASP A 90 6.59 -7.87 -3.84
C ASP A 90 5.70 -6.71 -4.37
N LEU A 91 4.41 -7.02 -4.65
CA LEU A 91 3.48 -6.03 -5.23
C LEU A 91 3.08 -4.92 -4.23
N ASN A 92 3.20 -5.23 -2.92
CA ASN A 92 2.82 -4.30 -1.84
C ASN A 92 3.94 -3.28 -1.59
N GLN A 93 5.19 -3.75 -1.62
CA GLN A 93 6.39 -2.87 -1.54
C GLN A 93 6.43 -1.95 -2.77
N HIS A 94 6.07 -2.53 -3.93
CA HIS A 94 6.01 -1.80 -5.20
C HIS A 94 4.88 -0.75 -5.17
N ASN A 95 3.68 -1.12 -4.69
CA ASN A 95 2.53 -0.18 -4.65
C ASN A 95 2.77 0.89 -3.57
N GLY A 96 3.50 0.52 -2.49
CA GLY A 96 3.88 1.45 -1.44
C GLY A 96 4.81 2.52 -1.99
N TRP A 97 5.73 2.08 -2.87
CA TRP A 97 6.67 2.96 -3.60
C TRP A 97 5.89 3.88 -4.56
N LEU A 98 4.79 3.32 -5.16
CA LEU A 98 3.89 4.07 -6.06
C LEU A 98 3.12 5.15 -5.28
N LEU A 99 2.70 4.82 -4.03
CA LEU A 99 2.03 5.77 -3.10
C LEU A 99 2.92 6.98 -2.88
N GLU A 100 4.15 6.68 -2.42
CA GLU A 100 5.19 7.69 -2.14
C GLU A 100 5.52 8.51 -3.40
N GLY A 101 5.42 7.85 -4.57
CA GLY A 101 5.61 8.51 -5.87
C GLY A 101 4.52 9.51 -6.23
N GLN A 102 3.25 9.17 -5.95
CA GLN A 102 2.10 10.06 -6.26
C GLN A 102 1.99 11.21 -5.25
N ILE A 103 2.44 10.95 -4.02
CA ILE A 103 2.52 11.96 -2.95
C ILE A 103 3.69 12.93 -3.24
N GLU A 104 4.79 12.37 -3.81
CA GLU A 104 5.94 13.16 -4.35
C GLU A 104 5.44 14.13 -5.44
N ARG A 105 4.66 13.55 -6.37
CA ARG A 105 4.14 14.25 -7.54
C ARG A 105 3.28 15.43 -7.13
N ASN A 106 2.22 15.12 -6.37
CA ASN A 106 1.19 16.11 -6.02
C ASN A 106 1.73 17.13 -5.01
N GLN A 107 2.77 16.76 -4.22
CA GLN A 107 3.52 17.73 -3.38
C GLN A 107 4.13 18.80 -4.28
N GLN A 108 4.99 18.29 -5.21
CA GLN A 108 5.75 19.12 -6.15
C GLN A 108 4.80 19.96 -6.98
N ALA A 109 3.66 19.36 -7.37
CA ALA A 109 2.63 20.00 -8.17
C ALA A 109 2.07 21.21 -7.42
N LEU A 110 1.55 21.00 -6.19
CA LEU A 110 0.95 22.07 -5.36
C LEU A 110 1.93 23.25 -5.14
N GLU A 111 3.23 22.93 -5.09
CA GLU A 111 4.30 23.95 -4.98
C GLU A 111 4.56 24.73 -6.31
N VAL A 112 4.51 24.04 -7.49
CA VAL A 112 4.75 24.72 -8.82
C VAL A 112 3.48 25.47 -9.29
N LEU A 113 2.34 24.80 -9.13
CA LEU A 113 1.01 25.29 -9.53
C LEU A 113 0.70 26.63 -8.85
N LYS A 114 1.11 26.72 -7.57
CA LYS A 114 0.96 27.90 -6.73
C LYS A 114 1.57 29.14 -7.45
N PRO A 115 0.71 30.12 -7.89
CA PRO A 115 1.15 31.29 -8.70
C PRO A 115 2.20 32.16 -7.98
N HIS A 116 3.33 32.41 -8.66
CA HIS A 116 4.44 33.24 -8.13
C HIS A 116 4.09 34.74 -8.28
N GLN A 117 4.07 35.47 -7.14
CA GLN A 117 3.84 36.92 -7.05
C GLN A 117 2.45 37.33 -7.61
N GLU A 118 2.33 37.40 -8.94
CA GLU A 118 1.08 37.77 -9.65
C GLU A 118 0.20 36.50 -9.83
N PRO A 119 -0.96 36.39 -9.09
CA PRO A 119 -1.84 35.22 -9.17
C PRO A 119 -2.97 35.35 -10.22
N THR A 120 -3.09 34.34 -11.09
CA THR A 120 -4.25 34.19 -11.98
C THR A 120 -5.33 33.35 -11.24
N LEU A 121 -4.84 32.27 -10.58
CA LEU A 121 -5.54 31.54 -9.50
C LEU A 121 -6.84 30.84 -9.98
N TYR A 122 -6.74 29.53 -10.29
CA TYR A 122 -7.90 28.66 -10.65
C TYR A 122 -7.69 27.25 -10.10
N GLY A 123 -6.46 26.75 -10.21
CA GLY A 123 -6.14 25.34 -9.92
C GLY A 123 -6.25 24.48 -11.16
N ALA A 124 -5.20 23.70 -11.46
CA ALA A 124 -5.16 22.81 -12.62
C ALA A 124 -5.74 21.44 -12.23
N ASP A 125 -7.05 21.27 -12.44
CA ASP A 125 -7.75 19.99 -12.21
C ASP A 125 -7.46 19.02 -13.36
N GLY A 126 -7.90 17.77 -13.19
CA GLY A 126 -7.62 16.71 -14.16
C GLY A 126 -6.25 16.10 -13.90
N GLN A 127 -6.14 15.44 -12.72
CA GLN A 127 -4.93 14.72 -12.30
C GLN A 127 -4.81 13.47 -13.19
N THR A 128 -4.10 13.65 -14.31
CA THR A 128 -3.93 12.63 -15.36
C THR A 128 -2.85 11.63 -14.92
N SER A 129 -1.58 12.03 -14.98
CA SER A 129 -0.44 11.14 -14.70
C SER A 129 0.42 11.71 -13.56
N VAL A 130 1.30 10.86 -13.01
CA VAL A 130 2.17 11.20 -11.87
C VAL A 130 3.63 10.77 -12.14
N SER A 131 4.50 11.07 -11.17
CA SER A 131 5.78 10.41 -11.03
C SER A 131 5.50 9.01 -10.43
N HIS A 132 5.69 7.96 -11.27
CA HIS A 132 5.30 6.57 -10.97
C HIS A 132 5.89 6.11 -9.63
N ARG A 133 7.19 6.32 -9.47
CA ARG A 133 7.91 6.12 -8.19
C ARG A 133 8.59 7.43 -7.77
N GLY A 134 9.00 7.50 -6.49
CA GLY A 134 9.61 8.69 -5.91
C GLY A 134 9.16 8.84 -4.46
N GLY A 135 9.45 10.01 -3.86
CA GLY A 135 8.94 10.39 -2.53
C GLY A 135 9.43 9.53 -1.39
N LYS A 136 8.77 9.71 -0.23
CA LYS A 136 9.06 8.96 1.01
C LYS A 136 7.75 8.73 1.78
N LYS A 137 7.79 7.80 2.74
CA LYS A 137 6.66 7.52 3.66
C LYS A 137 6.40 8.73 4.57
N ILE A 138 5.23 9.37 4.39
CA ILE A 138 4.86 10.60 5.11
C ILE A 138 3.45 10.42 5.73
N SER A 139 3.28 10.94 6.94
CA SER A 139 2.02 10.86 7.71
C SER A 139 1.24 12.18 7.65
N ILE A 140 1.99 13.29 7.74
CA ILE A 140 1.43 14.66 7.68
C ILE A 140 1.12 15.02 6.19
N VAL A 141 0.57 16.23 5.96
CA VAL A 141 0.29 16.77 4.62
C VAL A 141 1.54 16.71 3.68
N LEU A 142 1.27 16.58 2.37
CA LEU A 142 2.26 16.38 1.28
C LEU A 142 3.45 17.36 1.40
N PHE A 143 3.12 18.65 1.31
CA PHE A 143 4.08 19.76 1.33
C PHE A 143 4.66 19.95 2.74
N GLN A 144 5.77 19.26 2.97
CA GLN A 144 6.52 19.23 4.23
C GLN A 144 8.00 19.00 3.91
N GLY A 145 8.28 18.01 3.05
CA GLY A 145 9.63 17.69 2.61
C GLY A 145 9.62 16.70 1.45
N PRO A 146 9.74 17.19 0.16
CA PRO A 146 9.85 16.30 -1.04
C PRO A 146 11.19 15.55 -1.09
N SER A 147 11.23 14.47 -1.90
CA SER A 147 12.45 13.67 -2.06
C SER A 147 13.25 14.14 -3.29
N ALA A 148 12.54 14.54 -4.37
CA ALA A 148 13.18 14.95 -5.64
C ALA A 148 12.21 15.81 -6.48
N GLY A 149 11.07 15.21 -6.89
CA GLY A 149 10.08 15.87 -7.74
C GLY A 149 10.43 15.80 -9.24
N LEU A 150 9.41 15.71 -10.11
CA LEU A 150 9.60 15.63 -11.59
C LEU A 150 8.96 16.86 -12.29
N VAL A 151 8.45 16.67 -13.54
CA VAL A 151 8.02 17.74 -14.47
C VAL A 151 7.05 18.78 -13.82
N PRO A 152 7.17 20.10 -14.17
CA PRO A 152 6.45 21.19 -13.45
C PRO A 152 4.90 21.13 -13.59
N ARG A 153 4.41 20.43 -14.64
CA ARG A 153 2.95 20.30 -14.92
C ARG A 153 2.19 19.58 -13.77
N GLY A 154 2.86 18.59 -13.15
CA GLY A 154 2.30 17.89 -11.99
C GLY A 154 1.06 17.05 -12.31
N SER A 155 -0.12 17.67 -12.17
CA SER A 155 -1.42 17.04 -12.45
C SER A 155 -1.65 16.90 -13.96
N GLY A 156 -1.40 18.00 -14.70
CA GLY A 156 -1.61 18.02 -16.15
C GLY A 156 -1.34 19.39 -16.78
N GLY A 157 -1.65 20.46 -16.01
CA GLY A 157 -1.42 21.84 -16.45
C GLY A 157 -0.74 22.66 -15.37
N ILE A 158 -0.38 23.91 -15.69
CA ILE A 158 0.29 24.82 -14.74
C ILE A 158 -0.66 25.96 -14.29
N GLU A 159 -1.35 25.69 -13.17
CA GLU A 159 -2.22 26.68 -12.50
C GLU A 159 -2.57 26.12 -11.11
N GLY A 160 -2.64 27.01 -10.11
CA GLY A 160 -2.95 26.62 -8.74
C GLY A 160 -3.66 27.72 -8.00
N MET A 161 -3.41 27.80 -6.69
CA MET A 161 -4.04 28.78 -5.80
C MET A 161 -2.95 29.38 -4.90
N ALA A 162 -2.74 30.71 -5.02
CA ALA A 162 -1.72 31.44 -4.24
C ALA A 162 -2.18 31.55 -2.79
N GLN A 163 -1.83 30.50 -2.02
CA GLN A 163 -2.25 30.32 -0.63
C GLN A 163 -1.07 29.70 0.15
N HIS A 164 -0.91 30.13 1.42
CA HIS A 164 0.27 29.77 2.23
C HIS A 164 0.10 28.40 2.89
N GLY A 165 0.48 27.35 2.13
CA GLY A 165 0.54 25.98 2.63
C GLY A 165 -0.82 25.38 2.95
N ALA A 166 -1.02 25.04 4.23
CA ALA A 166 -2.26 24.42 4.75
C ALA A 166 -2.96 25.36 5.74
N LEU A 167 -2.64 26.67 5.65
CA LEU A 167 -3.23 27.72 6.51
C LEU A 167 -4.76 27.81 6.26
N GLU A 168 -5.54 27.49 7.31
CA GLU A 168 -7.03 27.46 7.27
C GLU A 168 -7.59 26.35 6.34
N THR A 169 -6.70 25.48 5.79
CA THR A 169 -7.05 24.29 4.96
C THR A 169 -7.63 24.64 3.56
N LEU A 170 -8.08 25.90 3.34
CA LEU A 170 -8.78 26.31 2.10
C LEU A 170 -7.86 26.23 0.86
N LYS A 171 -8.30 25.43 -0.15
CA LYS A 171 -7.58 25.19 -1.43
C LYS A 171 -8.43 24.36 -2.43
N ASP A 172 -9.73 24.18 -2.10
CA ASP A 172 -10.81 23.65 -3.00
C ASP A 172 -10.46 22.31 -3.71
N LEU A 173 -9.70 22.38 -4.81
CA LEU A 173 -9.26 21.18 -5.58
C LEU A 173 -8.29 20.37 -4.72
N ALA A 174 -7.26 21.05 -4.22
CA ALA A 174 -6.21 20.46 -3.38
C ALA A 174 -6.76 20.08 -1.99
N GLU A 175 -7.95 20.61 -1.61
CA GLU A 175 -8.67 20.24 -0.36
C GLU A 175 -9.08 18.76 -0.39
N LYS A 176 -9.90 18.40 -1.39
CA LYS A 176 -10.41 17.04 -1.56
C LYS A 176 -9.32 16.12 -2.16
N GLU A 177 -8.32 16.73 -2.83
CA GLU A 177 -7.15 15.98 -3.32
C GLU A 177 -6.31 15.46 -2.14
N VAL A 178 -5.96 16.37 -1.20
CA VAL A 178 -5.14 16.00 -0.02
C VAL A 178 -5.94 15.11 0.95
N ASP A 179 -7.26 15.37 1.06
CA ASP A 179 -8.15 14.60 1.96
C ASP A 179 -8.21 13.13 1.50
N ASP A 180 -8.64 12.95 0.23
CA ASP A 180 -8.89 11.63 -0.35
C ASP A 180 -7.58 10.85 -0.59
N ALA A 181 -6.50 11.55 -1.02
CA ALA A 181 -5.19 10.92 -1.20
C ALA A 181 -4.61 10.47 0.15
N ALA A 182 -4.46 11.41 1.11
CA ALA A 182 -3.90 11.08 2.45
C ALA A 182 -4.71 9.96 3.14
N ARG A 183 -6.04 9.93 2.88
CA ARG A 183 -6.93 8.89 3.42
C ARG A 183 -6.56 7.52 2.84
N LEU A 184 -6.69 7.37 1.51
CA LEU A 184 -6.53 6.08 0.84
C LEU A 184 -5.06 5.64 0.87
N LEU A 185 -4.20 6.53 0.35
CA LEU A 185 -2.75 6.29 0.26
C LEU A 185 -2.14 6.10 1.67
N GLY A 186 -2.64 6.86 2.67
CA GLY A 186 -2.17 6.75 4.05
C GLY A 186 -2.55 5.44 4.72
N GLU A 187 -3.77 4.94 4.44
CA GLU A 187 -4.26 3.64 4.99
C GLU A 187 -3.61 2.46 4.24
N MET A 188 -3.26 2.68 2.95
CA MET A 188 -2.55 1.68 2.13
C MET A 188 -1.05 1.68 2.44
N ARG A 189 -0.53 2.81 2.97
CA ARG A 189 0.89 2.94 3.39
C ARG A 189 1.07 2.35 4.79
N ARG A 190 0.06 2.58 5.65
CA ARG A 190 -0.07 1.95 6.98
C ARG A 190 -0.16 0.43 6.79
N GLY A 191 -1.09 0.06 5.89
CA GLY A 191 -1.34 -1.32 5.52
C GLY A 191 -0.13 -1.98 4.87
N CYS A 192 0.59 -1.20 4.03
CA CYS A 192 1.79 -1.69 3.33
C CYS A 192 2.89 -2.05 4.32
N GLN A 193 3.10 -1.16 5.31
CA GLN A 193 4.15 -1.29 6.32
C GLN A 193 3.92 -2.53 7.20
N GLN A 194 2.69 -2.66 7.75
CA GLN A 194 2.34 -3.80 8.63
C GLN A 194 2.29 -5.11 7.84
N ALA A 195 1.90 -5.06 6.55
CA ALA A 195 1.82 -6.24 5.68
C ALA A 195 3.23 -6.80 5.45
N GLU A 196 4.12 -5.98 4.85
CA GLU A 196 5.50 -6.40 4.54
C GLU A 196 6.23 -6.88 5.81
N GLU A 197 5.93 -6.25 6.96
CA GLU A 197 6.52 -6.62 8.26
C GLU A 197 6.06 -8.03 8.76
N GLN A 198 4.72 -8.26 8.77
CA GLN A 198 4.13 -9.50 9.34
C GLN A 198 4.39 -10.71 8.42
N LEU A 199 4.33 -10.45 7.10
CA LEU A 199 4.57 -11.46 6.06
C LEU A 199 6.07 -11.81 6.00
N LYS A 200 6.94 -10.81 6.30
CA LYS A 200 8.39 -11.04 6.49
C LYS A 200 8.60 -12.00 7.67
N MET A 201 7.92 -11.70 8.79
CA MET A 201 8.03 -12.48 10.04
C MET A 201 7.58 -13.94 9.80
N LEU A 202 6.55 -14.11 8.94
CA LEU A 202 6.08 -15.43 8.52
C LEU A 202 7.15 -16.21 7.73
N ILE A 203 7.69 -15.54 6.68
CA ILE A 203 8.74 -16.13 5.80
C ILE A 203 10.07 -16.39 6.57
N ASP A 204 10.25 -15.68 7.69
CA ASP A 204 11.44 -15.84 8.56
C ASP A 204 11.23 -16.98 9.59
N TYR A 205 10.04 -17.00 10.20
CA TYR A 205 9.71 -17.91 11.33
C TYR A 205 9.30 -19.30 10.82
N GLN A 206 8.93 -19.39 9.52
CA GLN A 206 8.41 -20.63 8.89
C GLN A 206 9.40 -21.81 8.93
N ASN A 207 10.71 -21.50 9.08
CA ASN A 207 11.79 -22.51 9.13
C ASN A 207 11.62 -23.44 10.35
N GLU A 208 11.02 -22.91 11.44
CA GLU A 208 10.76 -23.66 12.69
C GLU A 208 9.90 -24.90 12.42
N TYR A 209 8.76 -24.71 11.72
CA TYR A 209 7.90 -25.82 11.30
C TYR A 209 8.57 -26.58 10.16
N ARG A 210 9.25 -27.66 10.53
CA ARG A 210 9.88 -28.60 9.60
C ARG A 210 9.89 -29.98 10.28
N SER A 211 9.97 -31.05 9.48
CA SER A 211 10.06 -32.43 9.99
C SER A 211 11.47 -32.70 10.56
N ASN A 212 11.73 -32.13 11.76
CA ASN A 212 13.00 -32.28 12.47
C ASN A 212 12.96 -33.59 13.27
N LEU A 213 12.11 -33.64 14.30
CA LEU A 213 11.98 -34.79 15.20
C LEU A 213 10.65 -34.71 15.96
N ASN A 214 10.04 -35.88 16.20
CA ASN A 214 8.79 -36.03 16.97
C ASN A 214 8.99 -37.09 18.10
N MET A 1 -3.42 -32.55 16.01
CA MET A 1 -3.05 -32.94 14.63
C MET A 1 -3.68 -31.96 13.61
N THR A 2 -4.94 -31.56 13.87
CA THR A 2 -5.68 -30.57 13.08
C THR A 2 -5.36 -29.15 13.66
N ARG A 3 -6.34 -28.19 13.59
CA ARG A 3 -6.28 -26.87 14.28
C ARG A 3 -5.40 -25.88 13.48
N LEU A 4 -4.09 -26.19 13.38
CA LEU A 4 -3.16 -25.49 12.47
C LEU A 4 -3.73 -25.45 11.05
N SER A 5 -4.17 -26.63 10.57
CA SER A 5 -4.73 -26.85 9.22
C SER A 5 -5.75 -25.76 8.82
N GLU A 6 -6.71 -25.50 9.73
CA GLU A 6 -7.73 -24.45 9.60
C GLU A 6 -7.06 -23.06 9.41
N ILE A 7 -6.18 -22.68 10.36
CA ILE A 7 -5.54 -21.35 10.44
C ILE A 7 -4.67 -21.08 9.19
N LEU A 8 -4.04 -22.16 8.67
CA LEU A 8 -3.14 -22.12 7.51
C LEU A 8 -3.93 -21.85 6.22
N ASP A 9 -5.05 -22.59 6.06
CA ASP A 9 -5.95 -22.45 4.90
C ASP A 9 -6.68 -21.09 4.91
N GLN A 10 -6.99 -20.60 6.13
CA GLN A 10 -7.54 -19.24 6.32
C GLN A 10 -6.52 -18.21 5.83
N MET A 11 -5.26 -18.38 6.30
CA MET A 11 -4.13 -17.52 5.92
C MET A 11 -4.00 -17.41 4.39
N THR A 12 -3.88 -18.57 3.70
CA THR A 12 -3.60 -18.60 2.25
C THR A 12 -4.80 -18.08 1.40
N THR A 13 -6.06 -18.33 1.85
CA THR A 13 -7.24 -17.82 1.10
C THR A 13 -7.34 -16.29 1.23
N VAL A 14 -7.03 -15.76 2.44
CA VAL A 14 -7.03 -14.30 2.69
C VAL A 14 -5.87 -13.63 1.92
N LEU A 15 -4.74 -14.34 1.79
CA LEU A 15 -3.59 -13.91 0.96
C LEU A 15 -3.99 -13.82 -0.52
N ASN A 16 -4.85 -14.76 -0.96
CA ASN A 16 -5.36 -14.84 -2.35
C ASN A 16 -6.38 -13.70 -2.63
N ASP A 17 -7.15 -13.33 -1.58
CA ASP A 17 -8.03 -12.15 -1.61
C ASP A 17 -7.17 -10.89 -1.78
N LEU A 18 -6.16 -10.75 -0.90
CA LEU A 18 -5.19 -9.63 -0.90
C LEU A 18 -4.39 -9.57 -2.20
N LYS A 19 -4.23 -10.73 -2.85
CA LYS A 19 -3.63 -10.84 -4.18
C LYS A 19 -4.48 -10.03 -5.15
N THR A 20 -5.78 -10.38 -5.23
CA THR A 20 -6.75 -9.66 -6.10
C THR A 20 -6.89 -8.15 -5.70
N VAL A 21 -6.99 -7.90 -4.38
CA VAL A 21 -7.19 -6.57 -3.79
C VAL A 21 -6.05 -5.62 -4.13
N MET A 22 -4.84 -5.96 -3.66
CA MET A 22 -3.66 -5.07 -3.76
C MET A 22 -3.06 -5.06 -5.19
N ASP A 23 -3.38 -6.08 -6.01
CA ASP A 23 -3.05 -6.07 -7.46
C ASP A 23 -3.91 -5.00 -8.19
N ALA A 24 -5.22 -5.00 -7.90
CA ALA A 24 -6.15 -3.99 -8.44
C ALA A 24 -5.82 -2.58 -7.92
N GLU A 25 -5.24 -2.55 -6.68
CA GLU A 25 -4.72 -1.32 -6.04
C GLU A 25 -3.51 -0.79 -6.82
N GLN A 26 -2.59 -1.72 -7.14
CA GLN A 26 -1.34 -1.44 -7.89
C GLN A 26 -1.69 -0.77 -9.24
N GLN A 27 -2.69 -1.36 -9.93
CA GLN A 27 -3.21 -0.82 -11.20
C GLN A 27 -3.80 0.60 -11.03
N GLN A 28 -4.62 0.76 -9.98
CA GLN A 28 -5.35 2.01 -9.70
C GLN A 28 -4.42 3.11 -9.14
N LEU A 29 -3.18 2.73 -8.75
CA LEU A 29 -2.12 3.68 -8.37
C LEU A 29 -1.22 3.97 -9.58
N SER A 30 -1.11 2.97 -10.48
CA SER A 30 -0.25 3.03 -11.70
C SER A 30 -0.85 3.97 -12.76
N VAL A 31 -2.12 4.33 -12.60
CA VAL A 31 -2.79 5.30 -13.47
C VAL A 31 -2.35 6.75 -13.10
N GLY A 32 -1.78 6.90 -11.88
CA GLY A 32 -1.34 8.20 -11.35
C GLY A 32 -2.46 9.03 -10.73
N GLN A 33 -3.70 8.74 -11.14
CA GLN A 33 -4.91 9.45 -10.70
C GLN A 33 -5.62 8.62 -9.62
N ILE A 34 -5.69 9.18 -8.40
CA ILE A 34 -6.36 8.53 -7.27
C ILE A 34 -7.88 8.53 -7.49
N ASN A 35 -8.45 7.32 -7.68
CA ASN A 35 -9.90 7.12 -7.78
C ASN A 35 -10.42 6.78 -6.38
N GLY A 36 -11.31 7.66 -5.87
CA GLY A 36 -11.73 7.65 -4.46
C GLY A 36 -12.44 6.39 -4.02
N SER A 37 -13.57 6.08 -4.69
CA SER A 37 -14.45 4.95 -4.32
C SER A 37 -13.77 3.60 -4.58
N GLN A 38 -12.98 3.53 -5.67
CA GLN A 38 -12.24 2.31 -6.06
C GLN A 38 -11.23 1.95 -4.97
N LEU A 39 -10.28 2.86 -4.71
CA LEU A 39 -9.22 2.65 -3.69
C LEU A 39 -9.80 2.60 -2.27
N GLN A 40 -10.99 3.19 -2.05
CA GLN A 40 -11.67 3.12 -0.73
C GLN A 40 -12.05 1.68 -0.43
N ARG A 41 -12.81 1.07 -1.37
CA ARG A 41 -13.24 -0.34 -1.27
C ARG A 41 -12.02 -1.28 -1.12
N ILE A 42 -10.99 -1.00 -1.94
CA ILE A 42 -9.76 -1.81 -1.98
C ILE A 42 -8.97 -1.73 -0.65
N THR A 43 -8.71 -0.49 -0.15
CA THR A 43 -7.84 -0.28 1.02
C THR A 43 -8.55 -0.76 2.32
N GLU A 44 -9.90 -0.68 2.31
CA GLU A 44 -10.76 -1.22 3.39
C GLU A 44 -10.65 -2.75 3.44
N GLU A 45 -10.82 -3.41 2.25
CA GLU A 45 -10.68 -4.87 2.12
C GLU A 45 -9.29 -5.30 2.64
N LYS A 46 -8.25 -4.58 2.17
CA LYS A 46 -6.85 -4.86 2.50
C LYS A 46 -6.63 -4.91 4.03
N SER A 47 -6.92 -3.79 4.70
CA SER A 47 -6.62 -3.62 6.13
C SER A 47 -7.46 -4.58 7.02
N SER A 48 -8.72 -4.84 6.61
CA SER A 48 -9.59 -5.82 7.31
C SER A 48 -9.03 -7.25 7.19
N LEU A 49 -8.55 -7.59 5.99
CA LEU A 49 -7.96 -8.90 5.67
C LEU A 49 -6.59 -9.07 6.36
N LEU A 50 -5.91 -7.96 6.65
CA LEU A 50 -4.62 -7.98 7.38
C LEU A 50 -4.82 -8.06 8.89
N ALA A 51 -5.98 -7.58 9.37
CA ALA A 51 -6.44 -7.82 10.75
C ALA A 51 -6.72 -9.32 10.94
N THR A 52 -7.31 -9.92 9.88
CA THR A 52 -7.55 -11.36 9.78
C THR A 52 -6.19 -12.10 9.87
N LEU A 53 -5.24 -11.70 8.99
CA LEU A 53 -3.88 -12.28 8.94
C LEU A 53 -3.11 -12.06 10.24
N ASP A 54 -3.46 -10.98 10.96
CA ASP A 54 -2.80 -10.62 12.22
C ASP A 54 -3.15 -11.63 13.31
N TYR A 55 -4.47 -11.95 13.47
CA TYR A 55 -4.90 -12.97 14.45
C TYR A 55 -4.50 -14.39 14.00
N LEU A 56 -4.45 -14.61 12.65
CA LEU A 56 -4.03 -15.89 12.06
C LEU A 56 -2.53 -16.11 12.29
N GLU A 57 -1.73 -15.03 12.17
CA GLU A 57 -0.29 -15.03 12.40
C GLU A 57 -0.02 -15.48 13.85
N GLN A 58 -0.61 -14.72 14.78
CA GLN A 58 -0.43 -14.91 16.23
C GLN A 58 -0.78 -16.35 16.66
N GLN A 59 -2.03 -16.76 16.34
CA GLN A 59 -2.58 -18.05 16.76
C GLN A 59 -1.79 -19.23 16.16
N ARG A 60 -1.47 -19.11 14.86
CA ARG A 60 -0.70 -20.15 14.12
C ARG A 60 0.71 -20.32 14.68
N ARG A 61 1.38 -19.20 15.00
CA ARG A 61 2.78 -19.23 15.49
C ARG A 61 2.84 -19.90 16.87
N LEU A 62 1.84 -19.60 17.72
CA LEU A 62 1.67 -20.23 19.05
C LEU A 62 1.30 -21.72 18.90
N GLU A 63 0.49 -22.02 17.88
CA GLU A 63 -0.04 -23.37 17.61
C GLU A 63 1.03 -24.24 16.91
N GLN A 64 2.00 -23.56 16.27
CA GLN A 64 3.17 -24.17 15.62
C GLN A 64 4.22 -24.50 16.69
N ASN A 65 4.30 -23.61 17.69
CA ASN A 65 5.11 -23.82 18.91
C ASN A 65 4.56 -25.03 19.70
N ALA A 66 3.21 -25.14 19.74
CA ALA A 66 2.50 -26.21 20.47
C ALA A 66 2.60 -27.57 19.75
N GLN A 67 2.33 -27.58 18.42
CA GLN A 67 2.27 -28.83 17.61
C GLN A 67 3.55 -29.04 16.79
N ARG A 68 3.77 -30.28 16.36
CA ARG A 68 4.92 -30.71 15.54
C ARG A 68 4.42 -31.28 14.20
N SER A 69 5.36 -31.75 13.35
CA SER A 69 5.04 -32.26 12.01
C SER A 69 4.64 -33.74 12.03
N ALA A 70 3.70 -34.06 11.14
CA ALA A 70 3.10 -35.39 10.94
C ALA A 70 2.12 -35.27 9.76
N ASN A 71 1.29 -34.23 9.83
CA ASN A 71 0.36 -33.83 8.76
C ASN A 71 1.09 -32.91 7.79
N ASP A 72 1.43 -33.46 6.61
CA ASP A 72 2.25 -32.79 5.57
C ASP A 72 1.48 -31.71 4.80
N ASP A 73 0.13 -31.69 4.98
CA ASP A 73 -0.75 -30.61 4.45
C ASP A 73 -0.29 -29.25 4.98
N ILE A 74 0.20 -29.25 6.24
CA ILE A 74 0.75 -28.06 6.91
C ILE A 74 1.92 -27.48 6.09
N ALA A 75 2.84 -28.37 5.66
CA ALA A 75 4.03 -28.01 4.86
C ALA A 75 3.62 -27.46 3.48
N GLU A 76 2.62 -28.13 2.84
CA GLU A 76 2.06 -27.68 1.54
C GLU A 76 1.41 -26.29 1.65
N ARG A 77 0.77 -26.05 2.81
CA ARG A 77 0.14 -24.77 3.14
C ARG A 77 1.21 -23.70 3.38
N TRP A 78 2.38 -24.09 3.94
CA TRP A 78 3.54 -23.18 4.11
C TRP A 78 4.08 -22.72 2.75
N GLN A 79 4.07 -23.63 1.76
CA GLN A 79 4.44 -23.31 0.36
C GLN A 79 3.48 -22.27 -0.23
N ALA A 80 2.17 -22.53 -0.03
CA ALA A 80 1.08 -21.64 -0.45
C ALA A 80 1.24 -20.24 0.18
N ILE A 81 1.51 -20.23 1.51
CA ILE A 81 1.70 -19.00 2.28
C ILE A 81 2.88 -18.21 1.71
N THR A 82 4.09 -18.82 1.65
CA THR A 82 5.33 -18.14 1.24
C THR A 82 5.25 -17.56 -0.19
N GLU A 83 4.63 -18.30 -1.13
CA GLU A 83 4.51 -17.83 -2.54
C GLU A 83 3.55 -16.63 -2.64
N LYS A 84 2.37 -16.74 -1.97
CA LYS A 84 1.37 -15.65 -1.91
C LYS A 84 1.99 -14.40 -1.26
N THR A 85 2.63 -14.59 -0.10
CA THR A 85 3.23 -13.50 0.71
C THR A 85 4.40 -12.83 -0.02
N GLN A 86 5.12 -13.62 -0.84
CA GLN A 86 6.22 -13.11 -1.69
C GLN A 86 5.65 -12.17 -2.76
N HIS A 87 4.57 -12.62 -3.42
CA HIS A 87 3.81 -11.82 -4.40
C HIS A 87 3.30 -10.51 -3.76
N LEU A 88 2.69 -10.64 -2.56
CA LEU A 88 2.02 -9.52 -1.85
C LEU A 88 3.03 -8.47 -1.40
N ARG A 89 4.13 -8.94 -0.77
CA ARG A 89 5.26 -8.11 -0.35
C ARG A 89 5.86 -7.32 -1.54
N ASP A 90 6.06 -8.03 -2.66
CA ASP A 90 6.65 -7.44 -3.88
C ASP A 90 5.75 -6.32 -4.41
N LEU A 91 4.49 -6.66 -4.73
CA LEU A 91 3.54 -5.70 -5.32
C LEU A 91 3.19 -4.57 -4.34
N ASN A 92 3.24 -4.83 -3.01
CA ASN A 92 3.06 -3.80 -1.96
C ASN A 92 4.18 -2.74 -2.04
N GLN A 93 5.41 -3.21 -2.29
CA GLN A 93 6.59 -2.33 -2.40
C GLN A 93 6.53 -1.55 -3.73
N HIS A 94 5.89 -2.17 -4.76
CA HIS A 94 5.57 -1.49 -6.02
C HIS A 94 4.43 -0.46 -5.83
N ASN A 95 3.47 -0.78 -4.93
CA ASN A 95 2.39 0.15 -4.50
C ASN A 95 3.03 1.34 -3.78
N GLY A 96 4.04 1.03 -2.93
CA GLY A 96 4.77 2.02 -2.15
C GLY A 96 5.57 2.96 -3.04
N TRP A 97 6.10 2.42 -4.15
CA TRP A 97 6.75 3.19 -5.21
C TRP A 97 5.75 4.21 -5.78
N LEU A 98 4.58 3.70 -6.18
CA LEU A 98 3.50 4.50 -6.77
C LEU A 98 2.99 5.57 -5.80
N LEU A 99 2.90 5.21 -4.50
CA LEU A 99 2.40 6.09 -3.44
C LEU A 99 3.33 7.30 -3.25
N GLU A 100 4.63 7.02 -3.04
CA GLU A 100 5.67 8.07 -2.90
C GLU A 100 5.77 8.91 -4.20
N GLY A 101 5.51 8.25 -5.34
CA GLY A 101 5.45 8.92 -6.64
C GLY A 101 4.28 9.88 -6.76
N GLN A 102 3.14 9.54 -6.13
CA GLN A 102 1.91 10.36 -6.15
C GLN A 102 1.98 11.53 -5.16
N ILE A 103 2.69 11.33 -4.03
CA ILE A 103 2.99 12.43 -3.07
C ILE A 103 3.98 13.43 -3.74
N GLU A 104 4.90 12.87 -4.55
CA GLU A 104 5.80 13.64 -5.43
C GLU A 104 4.99 14.50 -6.43
N ARG A 105 4.01 13.87 -7.12
CA ARG A 105 3.12 14.55 -8.09
C ARG A 105 2.28 15.66 -7.41
N ASN A 106 1.80 15.34 -6.19
CA ASN A 106 0.91 16.23 -5.40
C ASN A 106 1.66 17.50 -5.01
N GLN A 107 2.86 17.32 -4.41
CA GLN A 107 3.71 18.43 -3.96
C GLN A 107 4.16 19.29 -5.15
N GLN A 108 4.61 18.61 -6.22
CA GLN A 108 5.06 19.24 -7.48
C GLN A 108 4.01 20.22 -8.04
N ALA A 109 2.84 19.65 -8.39
CA ALA A 109 1.79 20.36 -9.12
C ALA A 109 1.20 21.48 -8.27
N LEU A 110 0.81 21.15 -7.01
CA LEU A 110 0.16 22.11 -6.10
C LEU A 110 1.16 23.21 -5.62
N GLU A 111 2.50 22.95 -5.71
CA GLU A 111 3.55 23.99 -5.47
C GLU A 111 3.56 25.01 -6.61
N VAL A 112 3.47 24.50 -7.85
CA VAL A 112 3.36 25.36 -9.06
C VAL A 112 2.03 26.16 -9.05
N LEU A 113 1.03 25.70 -8.27
CA LEU A 113 -0.31 26.35 -8.21
C LEU A 113 -0.42 27.47 -7.14
N LYS A 114 0.71 27.98 -6.62
CA LYS A 114 0.71 29.23 -5.81
C LYS A 114 0.88 30.48 -6.72
N PRO A 115 0.61 31.73 -6.19
CA PRO A 115 1.10 32.99 -6.81
C PRO A 115 2.64 33.03 -6.80
N HIS A 116 3.23 33.91 -7.64
CA HIS A 116 4.69 34.05 -7.76
C HIS A 116 5.27 34.51 -6.40
N GLN A 117 5.90 33.56 -5.69
CA GLN A 117 6.48 33.76 -4.34
C GLN A 117 7.12 32.43 -3.92
N GLU A 118 6.31 31.36 -4.00
CA GLU A 118 6.77 29.97 -3.85
C GLU A 118 7.49 29.53 -5.13
N PRO A 119 8.39 28.48 -5.09
CA PRO A 119 9.10 27.97 -6.30
C PRO A 119 8.11 27.40 -7.35
N THR A 120 7.54 28.32 -8.15
CA THR A 120 6.66 28.00 -9.27
C THR A 120 7.56 27.62 -10.46
N LEU A 121 8.16 26.41 -10.34
CA LEU A 121 9.26 25.97 -11.22
C LEU A 121 8.70 25.54 -12.59
N TYR A 122 8.77 26.50 -13.56
CA TYR A 122 8.36 26.31 -14.97
C TYR A 122 6.85 25.99 -15.12
N GLY A 123 6.48 24.73 -14.85
CA GLY A 123 5.10 24.29 -14.96
C GLY A 123 5.00 23.07 -15.86
N ALA A 124 5.06 21.88 -15.25
CA ALA A 124 4.99 20.59 -15.98
C ALA A 124 3.98 19.65 -15.31
N ASP A 125 3.74 18.49 -15.94
CA ASP A 125 2.76 17.50 -15.48
C ASP A 125 3.46 16.22 -14.97
N GLY A 126 3.64 15.21 -15.87
CA GLY A 126 4.11 13.89 -15.48
C GLY A 126 3.06 13.14 -14.63
N GLN A 127 2.60 11.98 -15.11
CA GLN A 127 1.62 11.14 -14.36
C GLN A 127 2.37 10.22 -13.38
N THR A 128 3.26 9.39 -13.95
CA THR A 128 4.04 8.38 -13.20
C THR A 128 5.05 7.72 -14.18
N SER A 129 5.73 6.65 -13.74
CA SER A 129 6.61 5.81 -14.58
C SER A 129 6.38 4.34 -14.21
N VAL A 130 7.19 3.42 -14.81
CA VAL A 130 7.12 1.98 -14.50
C VAL A 130 7.36 1.73 -13.01
N SER A 131 6.44 0.99 -12.38
CA SER A 131 6.45 0.70 -10.94
C SER A 131 7.58 -0.29 -10.60
N HIS A 132 8.55 0.16 -9.80
CA HIS A 132 9.68 -0.66 -9.33
C HIS A 132 9.57 -0.88 -7.82
N ARG A 133 10.62 -1.46 -7.21
CA ARG A 133 10.71 -1.59 -5.76
C ARG A 133 10.95 -0.19 -5.14
N GLY A 134 9.89 0.36 -4.52
CA GLY A 134 9.93 1.69 -3.91
C GLY A 134 10.70 1.73 -2.60
N GLY A 135 11.39 2.87 -2.37
CA GLY A 135 12.15 3.08 -1.15
C GLY A 135 11.27 3.22 0.08
N LYS A 136 10.32 4.18 0.00
CA LYS A 136 9.33 4.45 1.07
C LYS A 136 7.92 4.07 0.59
N LYS A 137 6.91 4.39 1.42
CA LYS A 137 5.49 4.17 1.10
C LYS A 137 4.87 5.52 0.71
N ILE A 138 4.44 6.32 1.72
CA ILE A 138 3.99 7.72 1.54
C ILE A 138 4.83 8.61 2.46
N SER A 139 4.39 9.86 2.68
CA SER A 139 4.92 10.74 3.72
C SER A 139 3.78 11.63 4.28
N ILE A 140 3.49 12.76 3.59
CA ILE A 140 2.41 13.69 3.97
C ILE A 140 2.22 14.75 2.86
N VAL A 141 1.09 15.45 2.88
CA VAL A 141 0.76 16.54 1.96
C VAL A 141 1.76 17.72 2.08
N LEU A 142 1.89 18.48 0.99
CA LEU A 142 2.81 19.63 0.90
C LEU A 142 2.40 20.82 1.81
N PHE A 143 1.12 20.85 2.26
CA PHE A 143 0.61 21.88 3.20
C PHE A 143 1.42 21.87 4.51
N GLN A 144 1.84 20.65 4.90
CA GLN A 144 2.86 20.43 5.93
C GLN A 144 3.98 19.60 5.27
N GLY A 145 4.74 20.28 4.38
CA GLY A 145 5.66 19.63 3.43
C GLY A 145 6.64 18.61 4.02
N PRO A 146 6.79 17.40 3.39
CA PRO A 146 7.71 16.34 3.88
C PRO A 146 9.17 16.52 3.41
N SER A 147 10.09 15.92 4.17
CA SER A 147 11.54 15.89 3.85
C SER A 147 12.00 14.44 3.65
N ALA A 148 11.02 13.53 3.39
CA ALA A 148 11.29 12.09 3.16
C ALA A 148 11.94 11.84 1.78
N GLY A 149 11.87 12.86 0.89
CA GLY A 149 12.41 12.76 -0.46
C GLY A 149 11.37 12.33 -1.48
N LEU A 150 11.84 11.96 -2.69
CA LEU A 150 10.98 11.46 -3.79
C LEU A 150 11.34 9.98 -4.05
N VAL A 151 10.70 9.35 -5.06
CA VAL A 151 11.03 7.96 -5.45
C VAL A 151 12.50 7.85 -5.91
N PRO A 152 13.25 6.76 -5.53
CA PRO A 152 14.66 6.52 -5.96
C PRO A 152 14.82 6.51 -7.50
N ARG A 153 13.72 6.22 -8.21
CA ARG A 153 13.65 6.23 -9.68
C ARG A 153 13.64 7.67 -10.22
N GLY A 154 12.96 8.58 -9.47
CA GLY A 154 12.65 9.95 -9.88
C GLY A 154 13.88 10.76 -10.33
N SER A 155 14.16 10.68 -11.64
CA SER A 155 15.29 11.37 -12.29
C SER A 155 15.12 12.90 -12.22
N GLY A 156 13.85 13.35 -12.22
CA GLY A 156 13.51 14.76 -12.10
C GLY A 156 12.15 15.05 -12.68
N GLY A 157 11.22 15.51 -11.82
CA GLY A 157 9.88 15.90 -12.25
C GLY A 157 9.92 17.13 -13.15
N ILE A 158 10.35 18.26 -12.57
CA ILE A 158 10.64 19.50 -13.31
C ILE A 158 12.13 19.91 -13.06
N GLU A 159 12.82 19.14 -12.19
CA GLU A 159 14.16 19.48 -11.67
C GLU A 159 15.11 18.26 -11.72
N GLY A 160 15.39 17.64 -10.54
CA GLY A 160 16.33 16.53 -10.44
C GLY A 160 16.59 16.21 -8.98
N MET A 161 15.52 15.75 -8.28
CA MET A 161 15.58 15.24 -6.88
C MET A 161 15.89 16.39 -5.89
N ALA A 162 15.32 17.58 -6.17
CA ALA A 162 15.44 18.77 -5.31
C ALA A 162 14.23 19.69 -5.52
N GLN A 163 13.11 19.34 -4.85
CA GLN A 163 11.85 20.13 -4.89
C GLN A 163 10.97 19.73 -3.70
N HIS A 164 11.15 20.44 -2.57
CA HIS A 164 10.38 20.23 -1.33
C HIS A 164 10.18 21.58 -0.64
N GLY A 165 8.93 21.89 -0.27
CA GLY A 165 8.58 23.11 0.44
C GLY A 165 7.09 23.22 0.67
N ALA A 166 6.50 24.34 0.19
CA ALA A 166 5.07 24.68 0.29
C ALA A 166 4.63 25.01 1.73
N LEU A 167 3.46 25.65 1.85
CA LEU A 167 2.82 26.00 3.13
C LEU A 167 1.34 25.59 3.08
N GLU A 168 0.65 25.74 4.23
CA GLU A 168 -0.81 25.54 4.33
C GLU A 168 -1.54 26.74 3.68
N THR A 169 -1.62 26.68 2.33
CA THR A 169 -2.18 27.76 1.49
C THR A 169 -3.70 27.52 1.24
N LEU A 170 -4.27 28.16 0.19
CA LEU A 170 -5.67 27.96 -0.24
C LEU A 170 -5.85 26.53 -0.80
N LYS A 171 -7.09 26.00 -0.71
CA LYS A 171 -7.43 24.64 -1.17
C LYS A 171 -8.93 24.56 -1.57
N ASP A 172 -9.21 24.26 -2.85
CA ASP A 172 -10.59 24.09 -3.36
C ASP A 172 -10.83 22.59 -3.69
N LEU A 173 -10.46 22.15 -4.91
CA LEU A 173 -10.51 20.73 -5.28
C LEU A 173 -9.38 19.97 -4.58
N ALA A 174 -8.27 20.72 -4.31
CA ALA A 174 -7.10 20.23 -3.57
C ALA A 174 -7.47 19.83 -2.14
N GLU A 175 -8.56 20.40 -1.58
CA GLU A 175 -9.08 20.01 -0.26
C GLU A 175 -9.49 18.53 -0.27
N LYS A 176 -10.46 18.20 -1.14
CA LYS A 176 -11.03 16.85 -1.24
C LYS A 176 -10.05 15.88 -1.90
N GLU A 177 -9.11 16.40 -2.71
CA GLU A 177 -8.04 15.60 -3.33
C GLU A 177 -7.11 15.05 -2.24
N VAL A 178 -6.56 15.98 -1.44
CA VAL A 178 -5.66 15.67 -0.33
C VAL A 178 -6.36 14.84 0.76
N ASP A 179 -7.63 15.20 1.09
CA ASP A 179 -8.40 14.60 2.19
C ASP A 179 -8.69 13.12 1.88
N ASP A 180 -9.29 12.89 0.69
CA ASP A 180 -9.60 11.54 0.17
C ASP A 180 -8.32 10.69 0.09
N ALA A 181 -7.28 11.23 -0.57
CA ALA A 181 -6.00 10.53 -0.75
C ALA A 181 -5.26 10.29 0.59
N ALA A 182 -5.50 11.14 1.60
CA ALA A 182 -4.91 10.95 2.94
C ALA A 182 -5.55 9.74 3.63
N ARG A 183 -6.88 9.62 3.45
CA ARG A 183 -7.65 8.47 3.96
C ARG A 183 -7.23 7.16 3.26
N LEU A 184 -7.16 7.20 1.92
CA LEU A 184 -6.88 6.01 1.08
C LEU A 184 -5.44 5.58 1.25
N LEU A 185 -4.50 6.49 0.89
CA LEU A 185 -3.06 6.21 0.87
C LEU A 185 -2.49 6.13 2.30
N GLY A 186 -3.19 6.76 3.28
CA GLY A 186 -2.86 6.62 4.69
C GLY A 186 -3.18 5.23 5.22
N GLU A 187 -4.42 4.76 4.94
CA GLU A 187 -4.84 3.37 5.28
C GLU A 187 -4.07 2.34 4.42
N MET A 188 -3.53 2.81 3.28
CA MET A 188 -2.72 1.98 2.36
C MET A 188 -1.29 1.88 2.87
N ARG A 189 -0.81 2.92 3.59
CA ARG A 189 0.49 2.86 4.28
C ARG A 189 0.38 1.85 5.44
N ARG A 190 -0.63 2.05 6.29
CA ARG A 190 -0.92 1.19 7.46
C ARG A 190 -1.04 -0.26 7.02
N GLY A 191 -1.95 -0.48 6.06
CA GLY A 191 -2.22 -1.81 5.54
C GLY A 191 -1.02 -2.44 4.84
N CYS A 192 -0.57 -1.84 3.72
CA CYS A 192 0.47 -2.46 2.86
C CYS A 192 1.81 -2.67 3.61
N GLN A 193 2.19 -1.72 4.50
CA GLN A 193 3.49 -1.79 5.21
C GLN A 193 3.40 -2.77 6.41
N GLN A 194 2.21 -2.89 7.05
CA GLN A 194 1.95 -3.93 8.06
C GLN A 194 2.03 -5.33 7.41
N ALA A 195 1.45 -5.42 6.19
CA ALA A 195 1.52 -6.62 5.36
C ALA A 195 2.98 -6.98 5.09
N GLU A 196 3.71 -6.03 4.50
CA GLU A 196 5.13 -6.13 4.12
C GLU A 196 5.96 -6.75 5.25
N GLU A 197 5.81 -6.17 6.46
CA GLU A 197 6.52 -6.57 7.67
C GLU A 197 6.20 -8.04 8.05
N GLN A 198 4.90 -8.34 8.27
CA GLN A 198 4.47 -9.65 8.81
C GLN A 198 4.66 -10.78 7.79
N LEU A 199 4.48 -10.47 6.48
CA LEU A 199 4.50 -11.47 5.39
C LEU A 199 5.94 -11.89 5.08
N LYS A 200 6.85 -10.89 5.05
CA LYS A 200 8.30 -11.11 4.92
C LYS A 200 8.77 -11.95 6.13
N MET A 201 8.21 -11.62 7.31
CA MET A 201 8.48 -12.36 8.56
C MET A 201 7.94 -13.81 8.50
N LEU A 202 6.80 -14.03 7.76
CA LEU A 202 6.23 -15.39 7.58
C LEU A 202 7.24 -16.26 6.87
N ILE A 203 7.73 -15.76 5.71
CA ILE A 203 8.78 -16.42 4.89
C ILE A 203 10.07 -16.64 5.72
N ASP A 204 10.37 -15.64 6.58
CA ASP A 204 11.58 -15.60 7.42
C ASP A 204 11.64 -16.79 8.40
N TYR A 205 10.60 -16.94 9.27
CA TYR A 205 10.61 -18.00 10.31
C TYR A 205 10.20 -19.38 9.72
N GLN A 206 9.46 -19.36 8.58
CA GLN A 206 8.88 -20.59 7.95
C GLN A 206 9.92 -21.68 7.69
N ASN A 207 11.20 -21.27 7.47
CA ASN A 207 12.32 -22.17 7.17
C ASN A 207 12.41 -23.29 8.22
N GLU A 208 11.93 -24.49 7.80
CA GLU A 208 11.72 -25.68 8.63
C GLU A 208 10.52 -25.49 9.60
N TYR A 209 9.43 -26.25 9.35
CA TYR A 209 8.27 -26.33 10.28
C TYR A 209 8.58 -27.31 11.42
N ARG A 210 9.16 -28.49 11.08
CA ARG A 210 9.47 -29.54 12.07
C ARG A 210 10.74 -29.15 12.86
N SER A 211 10.54 -28.44 13.96
CA SER A 211 11.62 -28.00 14.86
C SER A 211 11.81 -29.03 16.00
N ASN A 212 11.78 -30.33 15.62
CA ASN A 212 11.97 -31.48 16.54
C ASN A 212 12.11 -32.76 15.71
N LEU A 213 13.36 -33.22 15.55
CA LEU A 213 13.66 -34.50 14.93
C LEU A 213 14.98 -35.03 15.52
N ASN A 214 14.85 -35.96 16.48
CA ASN A 214 15.99 -36.63 17.15
C ASN A 214 16.19 -38.04 16.54
N MET A 1 -3.20 -31.81 13.01
CA MET A 1 -4.32 -31.89 12.04
C MET A 1 -5.34 -30.76 12.33
N THR A 2 -6.50 -30.81 11.62
CA THR A 2 -7.65 -29.86 11.65
C THR A 2 -7.28 -28.35 11.82
N ARG A 3 -6.77 -27.98 13.02
CA ARG A 3 -6.36 -26.61 13.38
C ARG A 3 -5.50 -25.94 12.29
N LEU A 4 -4.23 -26.39 12.14
CA LEU A 4 -3.29 -25.76 11.19
C LEU A 4 -3.78 -25.87 9.75
N SER A 5 -4.33 -27.02 9.35
CA SER A 5 -4.82 -27.22 7.97
C SER A 5 -5.83 -26.11 7.58
N GLU A 6 -6.72 -25.79 8.55
CA GLU A 6 -7.75 -24.75 8.41
C GLU A 6 -7.15 -23.33 8.44
N ILE A 7 -6.29 -23.04 9.45
CA ILE A 7 -5.74 -21.67 9.68
C ILE A 7 -4.76 -21.27 8.55
N LEU A 8 -4.04 -22.27 8.01
CA LEU A 8 -3.09 -22.09 6.90
C LEU A 8 -3.85 -21.97 5.57
N ASP A 9 -4.98 -22.70 5.48
CA ASP A 9 -5.95 -22.56 4.37
C ASP A 9 -6.57 -21.14 4.38
N GLN A 10 -6.88 -20.64 5.59
CA GLN A 10 -7.45 -19.30 5.79
C GLN A 10 -6.39 -18.22 5.55
N MET A 11 -5.13 -18.53 5.88
CA MET A 11 -3.99 -17.64 5.62
C MET A 11 -3.86 -17.45 4.11
N THR A 12 -3.67 -18.56 3.37
CA THR A 12 -3.39 -18.52 1.92
C THR A 12 -4.58 -17.95 1.10
N THR A 13 -5.85 -18.17 1.58
CA THR A 13 -7.04 -17.60 0.90
C THR A 13 -7.10 -16.06 1.10
N VAL A 14 -6.83 -15.59 2.35
CA VAL A 14 -6.80 -14.14 2.69
C VAL A 14 -5.65 -13.45 1.91
N LEU A 15 -4.53 -14.18 1.74
CA LEU A 15 -3.36 -13.71 0.97
C LEU A 15 -3.69 -13.59 -0.53
N ASN A 16 -4.50 -14.54 -1.05
CA ASN A 16 -4.96 -14.53 -2.46
C ASN A 16 -5.86 -13.32 -2.73
N ASP A 17 -6.76 -13.03 -1.77
CA ASP A 17 -7.65 -11.86 -1.84
C ASP A 17 -6.82 -10.56 -1.76
N LEU A 18 -5.79 -10.56 -0.88
CA LEU A 18 -4.81 -9.45 -0.77
C LEU A 18 -4.00 -9.28 -2.05
N LYS A 19 -3.79 -10.38 -2.80
CA LYS A 19 -3.08 -10.33 -4.08
C LYS A 19 -3.91 -9.56 -5.10
N THR A 20 -5.19 -9.94 -5.24
CA THR A 20 -6.14 -9.27 -6.14
C THR A 20 -6.33 -7.77 -5.76
N VAL A 21 -6.46 -7.51 -4.45
CA VAL A 21 -6.73 -6.18 -3.88
C VAL A 21 -5.53 -5.23 -4.01
N MET A 22 -4.37 -5.65 -3.49
CA MET A 22 -3.15 -4.81 -3.46
C MET A 22 -2.49 -4.73 -4.84
N ASP A 23 -2.82 -5.68 -5.76
CA ASP A 23 -2.43 -5.58 -7.18
C ASP A 23 -3.34 -4.57 -7.90
N ALA A 24 -4.64 -4.55 -7.53
CA ALA A 24 -5.60 -3.54 -8.05
C ALA A 24 -5.22 -2.12 -7.54
N GLU A 25 -4.63 -2.08 -6.33
CA GLU A 25 -4.04 -0.86 -5.73
C GLU A 25 -2.85 -0.41 -6.57
N GLN A 26 -1.89 -1.35 -6.73
CA GLN A 26 -0.65 -1.18 -7.53
C GLN A 26 -1.00 -0.69 -8.95
N GLN A 27 -2.10 -1.24 -9.49
CA GLN A 27 -2.63 -0.93 -10.82
C GLN A 27 -3.18 0.52 -10.86
N GLN A 28 -3.94 0.89 -9.81
CA GLN A 28 -4.56 2.23 -9.67
C GLN A 28 -3.51 3.33 -9.41
N LEU A 29 -2.34 2.92 -8.90
CA LEU A 29 -1.20 3.81 -8.68
C LEU A 29 -0.29 3.82 -9.92
N SER A 30 -0.37 2.75 -10.73
CA SER A 30 0.38 2.62 -11.98
C SER A 30 -0.34 3.35 -13.15
N VAL A 31 -1.66 3.64 -12.99
CA VAL A 31 -2.39 4.51 -13.94
C VAL A 31 -2.02 5.99 -13.70
N GLY A 32 -1.61 6.28 -12.44
CA GLY A 32 -1.13 7.60 -12.05
C GLY A 32 -2.22 8.50 -11.50
N GLN A 33 -3.50 8.19 -11.79
CA GLN A 33 -4.64 8.98 -11.31
C GLN A 33 -5.34 8.28 -10.14
N ILE A 34 -5.53 9.04 -9.06
CA ILE A 34 -6.12 8.54 -7.81
C ILE A 34 -7.65 8.67 -7.85
N ASN A 35 -8.33 7.51 -7.89
CA ASN A 35 -9.80 7.41 -7.81
C ASN A 35 -10.18 7.04 -6.37
N GLY A 36 -10.94 7.96 -5.73
CA GLY A 36 -11.27 7.87 -4.30
C GLY A 36 -12.01 6.58 -3.92
N SER A 37 -13.15 6.33 -4.58
CA SER A 37 -14.05 5.20 -4.25
C SER A 37 -13.37 3.84 -4.51
N GLN A 38 -12.52 3.79 -5.57
CA GLN A 38 -11.77 2.59 -5.96
C GLN A 38 -10.80 2.18 -4.83
N LEU A 39 -9.96 3.12 -4.41
CA LEU A 39 -8.97 2.89 -3.35
C LEU A 39 -9.60 2.83 -1.96
N GLN A 40 -10.83 3.37 -1.81
CA GLN A 40 -11.61 3.29 -0.56
C GLN A 40 -12.03 1.83 -0.31
N ARG A 41 -12.51 1.20 -1.40
CA ARG A 41 -12.86 -0.23 -1.44
C ARG A 41 -11.58 -1.06 -1.10
N ILE A 42 -10.48 -0.74 -1.82
CA ILE A 42 -9.19 -1.43 -1.71
C ILE A 42 -8.56 -1.31 -0.30
N THR A 43 -8.58 -0.10 0.30
CA THR A 43 -7.91 0.15 1.61
C THR A 43 -8.75 -0.46 2.75
N GLU A 44 -10.09 -0.57 2.55
CA GLU A 44 -10.98 -1.27 3.51
C GLU A 44 -10.66 -2.78 3.51
N GLU A 45 -10.48 -3.34 2.31
CA GLU A 45 -10.10 -4.76 2.13
C GLU A 45 -8.73 -5.02 2.76
N LYS A 46 -7.74 -4.16 2.44
CA LYS A 46 -6.36 -4.26 2.97
C LYS A 46 -6.38 -4.30 4.51
N SER A 47 -7.11 -3.34 5.12
CA SER A 47 -7.20 -3.18 6.58
C SER A 47 -7.79 -4.45 7.24
N SER A 48 -8.91 -4.93 6.67
CA SER A 48 -9.67 -6.09 7.18
C SER A 48 -8.85 -7.39 7.09
N LEU A 49 -8.22 -7.60 5.91
CA LEU A 49 -7.50 -8.84 5.57
C LEU A 49 -6.17 -8.95 6.35
N LEU A 50 -5.47 -7.80 6.53
CA LEU A 50 -4.21 -7.76 7.32
C LEU A 50 -4.50 -7.95 8.82
N ALA A 51 -5.64 -7.41 9.28
CA ALA A 51 -6.13 -7.63 10.66
C ALA A 51 -6.40 -9.13 10.88
N THR A 52 -6.93 -9.80 9.83
CA THR A 52 -7.13 -11.25 9.84
C THR A 52 -5.77 -11.99 9.81
N LEU A 53 -4.76 -11.45 9.08
CA LEU A 53 -3.39 -12.05 9.07
C LEU A 53 -2.73 -12.01 10.46
N ASP A 54 -3.03 -10.95 11.24
CA ASP A 54 -2.56 -10.79 12.64
C ASP A 54 -3.27 -11.81 13.55
N TYR A 55 -4.57 -12.00 13.29
CA TYR A 55 -5.41 -13.06 13.90
C TYR A 55 -4.83 -14.46 13.60
N LEU A 56 -4.52 -14.70 12.31
CA LEU A 56 -4.02 -16.00 11.80
C LEU A 56 -2.59 -16.25 12.30
N GLU A 57 -1.83 -15.16 12.46
CA GLU A 57 -0.49 -15.16 13.06
C GLU A 57 -0.56 -15.74 14.48
N GLN A 58 -1.35 -15.11 15.36
CA GLN A 58 -1.48 -15.51 16.77
C GLN A 58 -1.99 -16.97 16.89
N GLN A 59 -3.10 -17.28 16.20
CA GLN A 59 -3.76 -18.61 16.26
C GLN A 59 -2.81 -19.71 15.81
N ARG A 60 -2.30 -19.60 14.57
CA ARG A 60 -1.40 -20.60 13.97
C ARG A 60 -0.11 -20.76 14.78
N ARG A 61 0.38 -19.68 15.42
CA ARG A 61 1.61 -19.72 16.24
C ARG A 61 1.40 -20.62 17.48
N LEU A 62 0.23 -20.45 18.11
CA LEU A 62 -0.16 -21.27 19.28
C LEU A 62 -0.39 -22.73 18.86
N GLU A 63 -1.08 -22.91 17.72
CA GLU A 63 -1.46 -24.21 17.19
C GLU A 63 -0.26 -24.96 16.55
N GLN A 64 0.80 -24.24 16.15
CA GLN A 64 2.04 -24.86 15.60
C GLN A 64 2.94 -25.30 16.76
N ASN A 65 2.88 -24.53 17.87
CA ASN A 65 3.52 -24.91 19.13
C ASN A 65 2.81 -26.15 19.72
N ALA A 66 1.49 -26.27 19.44
CA ALA A 66 0.68 -27.45 19.79
C ALA A 66 0.91 -28.62 18.81
N GLN A 67 1.20 -28.28 17.54
CA GLN A 67 1.43 -29.29 16.47
C GLN A 67 2.86 -29.85 16.52
N ARG A 68 3.02 -31.10 16.05
CA ARG A 68 4.32 -31.83 16.05
C ARG A 68 4.73 -32.26 14.62
N SER A 69 4.42 -31.40 13.62
CA SER A 69 4.64 -31.68 12.17
C SER A 69 3.79 -32.91 11.76
N ALA A 70 4.24 -33.68 10.74
CA ALA A 70 3.68 -35.02 10.42
C ALA A 70 2.28 -34.95 9.77
N ASN A 71 1.96 -33.81 9.12
CA ASN A 71 0.72 -33.65 8.32
C ASN A 71 1.08 -32.99 7.00
N ASP A 72 0.58 -33.58 5.89
CA ASP A 72 0.88 -33.14 4.52
C ASP A 72 0.26 -31.76 4.24
N ASP A 73 -1.05 -31.61 4.57
CA ASP A 73 -1.85 -30.39 4.29
C ASP A 73 -1.24 -29.13 4.92
N ILE A 74 -0.51 -29.32 6.04
CA ILE A 74 0.26 -28.25 6.68
C ILE A 74 1.35 -27.77 5.72
N ALA A 75 2.22 -28.70 5.27
CA ALA A 75 3.36 -28.38 4.38
C ALA A 75 2.89 -27.88 2.99
N GLU A 76 1.71 -28.36 2.55
CA GLU A 76 1.09 -27.96 1.28
C GLU A 76 0.70 -26.47 1.33
N ARG A 77 -0.12 -26.14 2.34
CA ARG A 77 -0.58 -24.78 2.58
C ARG A 77 0.58 -23.86 3.01
N TRP A 78 1.62 -24.44 3.66
CA TRP A 78 2.78 -23.69 4.18
C TRP A 78 3.61 -23.14 3.01
N GLN A 79 3.83 -24.01 2.00
CA GLN A 79 4.46 -23.62 0.73
C GLN A 79 3.61 -22.54 0.04
N ALA A 80 2.28 -22.79 -0.02
CA ALA A 80 1.31 -21.85 -0.61
C ALA A 80 1.38 -20.45 0.04
N ILE A 81 1.57 -20.44 1.38
CA ILE A 81 1.70 -19.20 2.18
C ILE A 81 2.95 -18.43 1.78
N THR A 82 4.13 -19.10 1.83
CA THR A 82 5.43 -18.45 1.57
C THR A 82 5.46 -17.83 0.15
N GLU A 83 4.83 -18.54 -0.81
CA GLU A 83 4.67 -18.06 -2.20
C GLU A 83 3.80 -16.80 -2.27
N LYS A 84 2.62 -16.85 -1.60
CA LYS A 84 1.68 -15.70 -1.56
C LYS A 84 2.33 -14.49 -0.89
N THR A 85 2.75 -14.66 0.39
CA THR A 85 3.39 -13.63 1.22
C THR A 85 4.58 -12.95 0.53
N GLN A 86 5.37 -13.72 -0.24
CA GLN A 86 6.53 -13.19 -1.00
C GLN A 86 6.08 -12.34 -2.19
N HIS A 87 5.07 -12.84 -2.94
CA HIS A 87 4.47 -12.12 -4.07
C HIS A 87 3.73 -10.85 -3.61
N LEU A 88 3.17 -10.91 -2.38
CA LEU A 88 2.47 -9.78 -1.76
C LEU A 88 3.48 -8.73 -1.34
N ARG A 89 4.54 -9.20 -0.65
CA ARG A 89 5.66 -8.37 -0.17
C ARG A 89 6.25 -7.58 -1.37
N ASP A 90 6.35 -8.29 -2.52
CA ASP A 90 6.82 -7.73 -3.79
C ASP A 90 5.93 -6.57 -4.26
N LEU A 91 4.64 -6.87 -4.53
CA LEU A 91 3.70 -5.89 -5.11
C LEU A 91 3.35 -4.77 -4.11
N ASN A 92 3.51 -5.05 -2.80
CA ASN A 92 3.17 -4.12 -1.70
C ASN A 92 4.30 -3.10 -1.48
N GLN A 93 5.57 -3.53 -1.59
CA GLN A 93 6.71 -2.58 -1.54
C GLN A 93 6.73 -1.72 -2.82
N HIS A 94 6.38 -2.36 -3.96
CA HIS A 94 6.24 -1.66 -5.25
C HIS A 94 5.12 -0.60 -5.16
N ASN A 95 3.93 -0.98 -4.62
CA ASN A 95 2.78 -0.07 -4.51
C ASN A 95 2.99 0.96 -3.40
N GLY A 96 3.88 0.65 -2.43
CA GLY A 96 4.29 1.61 -1.39
C GLY A 96 5.13 2.74 -1.97
N TRP A 97 6.06 2.38 -2.87
CA TRP A 97 6.86 3.35 -3.66
C TRP A 97 5.94 4.20 -4.56
N LEU A 98 4.93 3.51 -5.16
CA LEU A 98 3.90 4.16 -5.99
C LEU A 98 3.11 5.19 -5.16
N LEU A 99 2.67 4.78 -3.92
CA LEU A 99 1.92 5.65 -2.97
C LEU A 99 2.68 6.96 -2.73
N GLU A 100 3.96 6.78 -2.33
CA GLU A 100 4.87 7.89 -2.00
C GLU A 100 4.95 8.90 -3.15
N GLY A 101 5.16 8.37 -4.37
CA GLY A 101 5.31 9.19 -5.57
C GLY A 101 4.01 9.78 -6.09
N GLN A 102 2.87 9.13 -5.78
CA GLN A 102 1.53 9.64 -6.17
C GLN A 102 1.16 10.85 -5.33
N ILE A 103 1.44 10.76 -4.01
CA ILE A 103 1.23 11.86 -3.06
C ILE A 103 2.16 13.02 -3.43
N GLU A 104 3.42 12.70 -3.79
CA GLU A 104 4.42 13.70 -4.25
C GLU A 104 3.92 14.48 -5.47
N ARG A 105 3.50 13.74 -6.53
CA ARG A 105 3.06 14.34 -7.80
C ARG A 105 1.78 15.19 -7.58
N ASN A 106 0.97 14.74 -6.61
CA ASN A 106 -0.22 15.45 -6.14
C ASN A 106 0.16 16.78 -5.46
N GLN A 107 1.17 16.72 -4.56
CA GLN A 107 1.68 17.88 -3.80
C GLN A 107 2.20 18.96 -4.77
N GLN A 108 3.07 18.51 -5.71
CA GLN A 108 3.62 19.34 -6.77
C GLN A 108 2.50 19.97 -7.62
N ALA A 109 1.46 19.17 -7.94
CA ALA A 109 0.29 19.64 -8.71
C ALA A 109 -0.45 20.76 -7.96
N LEU A 110 -0.63 20.60 -6.64
CA LEU A 110 -1.30 21.60 -5.78
C LEU A 110 -0.47 22.90 -5.70
N GLU A 111 0.85 22.72 -5.72
CA GLU A 111 1.83 23.80 -5.60
C GLU A 111 1.86 24.64 -6.88
N VAL A 112 2.08 23.98 -8.04
CA VAL A 112 2.40 24.66 -9.31
C VAL A 112 1.13 25.09 -10.06
N LEU A 113 0.06 24.25 -9.99
CA LEU A 113 -1.20 24.53 -10.70
C LEU A 113 -2.03 25.58 -9.97
N LYS A 114 -1.57 26.00 -8.77
CA LYS A 114 -2.16 27.08 -8.01
C LYS A 114 -1.99 28.41 -8.80
N PRO A 115 -3.10 29.15 -9.14
CA PRO A 115 -3.04 30.30 -10.07
C PRO A 115 -2.29 31.53 -9.50
N HIS A 116 -1.91 32.43 -10.43
CA HIS A 116 -1.18 33.66 -10.12
C HIS A 116 -2.07 34.67 -9.35
N GLN A 117 -1.76 34.83 -8.04
CA GLN A 117 -2.30 35.89 -7.15
C GLN A 117 -3.85 35.94 -7.17
N GLU A 118 -4.49 35.15 -6.30
CA GLU A 118 -5.96 35.04 -6.23
C GLU A 118 -6.44 34.73 -4.80
N PRO A 119 -7.67 35.21 -4.39
CA PRO A 119 -8.28 34.87 -3.07
C PRO A 119 -8.47 33.34 -2.88
N THR A 120 -9.26 32.72 -3.77
CA THR A 120 -9.51 31.26 -3.77
C THR A 120 -9.94 30.82 -5.19
N LEU A 121 -8.97 30.32 -5.96
CA LEU A 121 -9.19 29.74 -7.29
C LEU A 121 -8.40 28.43 -7.31
N TYR A 122 -9.08 27.33 -7.64
CA TYR A 122 -8.62 25.96 -7.39
C TYR A 122 -7.37 25.62 -8.23
N GLY A 123 -7.38 26.05 -9.50
CA GLY A 123 -6.21 25.91 -10.38
C GLY A 123 -6.21 24.60 -11.12
N ALA A 124 -6.16 23.50 -10.36
CA ALA A 124 -6.18 22.12 -10.88
C ALA A 124 -7.63 21.64 -11.11
N ASP A 125 -8.51 22.55 -11.60
CA ASP A 125 -9.94 22.28 -11.86
C ASP A 125 -10.09 21.16 -12.90
N GLY A 126 -10.80 20.09 -12.52
CA GLY A 126 -11.07 18.95 -13.41
C GLY A 126 -9.96 17.90 -13.40
N GLN A 127 -8.75 18.28 -12.95
CA GLN A 127 -7.60 17.37 -12.85
C GLN A 127 -7.33 17.01 -11.38
N THR A 128 -6.48 16.01 -11.19
CA THR A 128 -6.19 15.42 -9.88
C THR A 128 -4.70 15.07 -9.81
N SER A 129 -4.31 14.24 -8.82
CA SER A 129 -3.02 13.54 -8.81
C SER A 129 -2.85 12.76 -10.12
N VAL A 130 -2.08 13.33 -11.07
CA VAL A 130 -1.78 12.68 -12.36
C VAL A 130 -0.27 12.42 -12.43
N SER A 131 0.12 11.15 -12.25
CA SER A 131 1.50 10.68 -12.44
C SER A 131 1.52 9.63 -13.57
N HIS A 132 2.68 8.99 -13.80
CA HIS A 132 2.78 7.85 -14.73
C HIS A 132 3.01 6.55 -13.94
N ARG A 133 3.96 6.62 -12.98
CA ARG A 133 4.30 5.47 -12.10
C ARG A 133 4.82 5.98 -10.74
N GLY A 134 4.32 7.14 -10.32
CA GLY A 134 4.63 7.70 -9.00
C GLY A 134 6.11 7.99 -8.78
N GLY A 135 6.79 7.10 -8.04
CA GLY A 135 8.20 7.27 -7.69
C GLY A 135 8.69 6.18 -6.74
N LYS A 136 9.60 6.54 -5.83
CA LYS A 136 10.14 5.60 -4.81
C LYS A 136 10.08 6.28 -3.42
N LYS A 137 10.91 7.31 -3.24
CA LYS A 137 10.98 8.10 -2.00
C LYS A 137 11.11 9.58 -2.39
N ILE A 138 9.95 10.21 -2.60
CA ILE A 138 9.83 11.61 -2.98
C ILE A 138 8.61 12.22 -2.27
N SER A 139 8.82 13.41 -1.67
CA SER A 139 7.80 14.22 -1.01
C SER A 139 8.39 15.61 -0.65
N ILE A 140 8.33 16.57 -1.61
CA ILE A 140 8.76 17.97 -1.41
C ILE A 140 7.65 18.93 -1.90
N VAL A 141 7.28 19.89 -1.03
CA VAL A 141 6.18 20.84 -1.29
C VAL A 141 6.16 21.95 -0.22
N LEU A 142 5.45 23.06 -0.54
CA LEU A 142 5.24 24.21 0.36
C LEU A 142 4.44 23.82 1.64
N PHE A 143 3.61 22.76 1.56
CA PHE A 143 2.76 22.33 2.69
C PHE A 143 3.61 21.79 3.87
N GLN A 144 4.34 20.68 3.61
CA GLN A 144 5.10 19.97 4.68
C GLN A 144 6.18 19.03 4.06
N GLY A 145 6.58 19.32 2.80
CA GLY A 145 7.61 18.53 2.11
C GLY A 145 9.02 18.83 2.65
N PRO A 146 9.72 17.85 3.33
CA PRO A 146 11.07 18.08 3.92
C PRO A 146 12.17 18.29 2.85
N SER A 147 12.45 17.24 2.05
CA SER A 147 13.55 17.27 1.06
C SER A 147 13.40 16.09 0.06
N ALA A 148 13.28 16.42 -1.24
CA ALA A 148 13.25 15.42 -2.32
C ALA A 148 13.51 16.09 -3.68
N GLY A 149 13.94 15.28 -4.65
CA GLY A 149 14.11 15.70 -6.04
C GLY A 149 13.18 14.93 -6.95
N LEU A 150 12.33 15.65 -7.72
CA LEU A 150 11.33 15.05 -8.62
C LEU A 150 12.01 14.12 -9.67
N VAL A 151 11.87 12.81 -9.43
CA VAL A 151 12.42 11.77 -10.32
C VAL A 151 11.61 11.70 -11.66
N PRO A 152 12.27 11.32 -12.80
CA PRO A 152 11.61 11.18 -14.14
C PRO A 152 10.51 10.09 -14.17
N ARG A 153 10.50 9.20 -13.14
CA ARG A 153 9.43 8.20 -12.96
C ARG A 153 8.07 8.88 -12.67
N GLY A 154 8.13 10.09 -12.06
CA GLY A 154 6.96 10.92 -11.79
C GLY A 154 6.65 11.90 -12.92
N SER A 155 6.80 11.44 -14.19
CA SER A 155 6.38 12.21 -15.37
C SER A 155 4.86 12.08 -15.56
N GLY A 156 4.11 12.89 -14.82
CA GLY A 156 2.66 12.88 -14.87
C GLY A 156 2.11 14.15 -15.47
N GLY A 157 1.71 14.07 -16.75
CA GLY A 157 1.20 15.21 -17.51
C GLY A 157 0.02 15.91 -16.83
N ILE A 158 0.35 16.87 -15.98
CA ILE A 158 -0.61 17.82 -15.39
C ILE A 158 -0.63 19.08 -16.27
N GLU A 159 -1.64 19.93 -16.06
CA GLU A 159 -1.88 21.10 -16.94
C GLU A 159 -2.39 22.27 -16.10
N GLY A 160 -3.46 22.01 -15.32
CA GLY A 160 -4.13 23.05 -14.53
C GLY A 160 -5.04 23.89 -15.41
N MET A 161 -6.34 23.87 -15.11
CA MET A 161 -7.36 24.54 -15.93
C MET A 161 -7.21 26.06 -15.91
N ALA A 162 -6.80 26.60 -14.75
CA ALA A 162 -6.56 28.05 -14.56
C ALA A 162 -5.13 28.45 -14.96
N GLN A 163 -4.83 29.76 -14.80
CA GLN A 163 -3.51 30.34 -15.11
C GLN A 163 -2.52 30.02 -13.99
N HIS A 164 -1.96 28.79 -14.05
CA HIS A 164 -1.05 28.27 -13.02
C HIS A 164 0.21 29.16 -12.86
N GLY A 165 0.58 29.46 -11.60
CA GLY A 165 1.69 30.38 -11.30
C GLY A 165 2.42 30.05 -10.00
N ALA A 166 1.95 29.00 -9.29
CA ALA A 166 2.55 28.47 -8.04
C ALA A 166 2.43 29.44 -6.85
N LEU A 167 1.58 29.08 -5.84
CA LEU A 167 1.25 29.97 -4.69
C LEU A 167 0.92 29.10 -3.45
N GLU A 168 1.28 29.60 -2.25
CA GLU A 168 0.97 28.95 -0.96
C GLU A 168 -0.42 29.41 -0.46
N THR A 169 -1.48 28.74 -0.96
CA THR A 169 -2.88 28.97 -0.54
C THR A 169 -3.61 27.61 -0.50
N LEU A 170 -4.37 27.36 0.57
CA LEU A 170 -5.05 26.08 0.82
C LEU A 170 -6.46 26.31 1.40
N LYS A 171 -7.30 26.93 0.55
CA LYS A 171 -8.76 27.08 0.77
C LYS A 171 -9.50 26.49 -0.45
N ASP A 172 -8.82 25.56 -1.14
CA ASP A 172 -9.16 25.14 -2.52
C ASP A 172 -9.27 23.61 -2.58
N LEU A 173 -9.14 23.01 -3.80
CA LEU A 173 -9.07 21.54 -3.99
C LEU A 173 -7.91 20.90 -3.20
N ALA A 174 -6.96 21.76 -2.73
CA ALA A 174 -5.82 21.36 -1.91
C ALA A 174 -6.22 20.43 -0.75
N GLU A 175 -7.33 20.77 -0.03
CA GLU A 175 -7.78 19.98 1.13
C GLU A 175 -8.42 18.63 0.71
N LYS A 176 -9.09 18.59 -0.49
CA LYS A 176 -9.63 17.33 -1.06
C LYS A 176 -8.48 16.36 -1.29
N GLU A 177 -7.51 16.83 -2.08
CA GLU A 177 -6.37 16.03 -2.56
C GLU A 177 -5.51 15.51 -1.40
N VAL A 178 -5.12 16.43 -0.49
CA VAL A 178 -4.29 16.10 0.68
C VAL A 178 -5.02 15.11 1.61
N ASP A 179 -6.29 15.40 2.00
CA ASP A 179 -7.02 14.61 3.01
C ASP A 179 -7.45 13.22 2.48
N ASP A 180 -7.84 13.17 1.19
CA ASP A 180 -8.29 11.92 0.54
C ASP A 180 -7.10 10.97 0.36
N ALA A 181 -5.98 11.51 -0.18
CA ALA A 181 -4.73 10.74 -0.33
C ALA A 181 -4.13 10.37 1.04
N ALA A 182 -4.40 11.21 2.07
CA ALA A 182 -3.98 10.92 3.45
C ALA A 182 -4.69 9.67 3.98
N ARG A 183 -6.04 9.67 3.87
CA ARG A 183 -6.89 8.55 4.32
C ARG A 183 -6.51 7.25 3.57
N LEU A 184 -6.65 7.28 2.24
CA LEU A 184 -6.45 6.10 1.38
C LEU A 184 -4.98 5.67 1.39
N LEU A 185 -4.10 6.55 0.87
CA LEU A 185 -2.69 6.19 0.61
C LEU A 185 -1.88 6.14 1.92
N GLY A 186 -2.34 6.86 2.97
CA GLY A 186 -1.68 6.85 4.29
C GLY A 186 -2.00 5.58 5.08
N GLU A 187 -3.28 5.14 5.07
CA GLU A 187 -3.68 3.87 5.70
C GLU A 187 -3.17 2.67 4.89
N MET A 188 -2.89 2.88 3.59
CA MET A 188 -2.23 1.86 2.75
C MET A 188 -0.70 1.93 2.87
N ARG A 189 -0.15 3.09 3.34
CA ARG A 189 1.29 3.24 3.64
C ARG A 189 1.64 2.48 4.92
N ARG A 190 0.87 2.76 5.99
CA ARG A 190 0.97 2.05 7.28
C ARG A 190 0.50 0.59 7.09
N GLY A 191 -0.52 0.42 6.24
CA GLY A 191 -0.94 -0.91 5.78
C GLY A 191 0.19 -1.68 5.13
N CYS A 192 1.01 -0.98 4.31
CA CYS A 192 2.19 -1.56 3.63
C CYS A 192 3.30 -1.92 4.63
N GLN A 193 3.44 -1.06 5.67
CA GLN A 193 4.48 -1.19 6.70
C GLN A 193 4.24 -2.46 7.55
N GLN A 194 3.03 -2.56 8.15
CA GLN A 194 2.62 -3.71 8.96
C GLN A 194 2.52 -4.99 8.11
N ALA A 195 2.04 -4.85 6.84
CA ALA A 195 1.91 -6.00 5.92
C ALA A 195 3.27 -6.64 5.67
N GLU A 196 4.20 -5.85 5.10
CA GLU A 196 5.54 -6.32 4.73
C GLU A 196 6.32 -6.86 5.94
N GLU A 197 6.11 -6.23 7.12
CA GLU A 197 6.72 -6.69 8.39
C GLU A 197 6.22 -8.10 8.78
N GLN A 198 4.89 -8.30 8.68
CA GLN A 198 4.24 -9.62 8.95
C GLN A 198 4.78 -10.67 7.97
N LEU A 199 4.70 -10.36 6.66
CA LEU A 199 5.10 -11.27 5.57
C LEU A 199 6.60 -11.62 5.65
N LYS A 200 7.41 -10.64 6.13
CA LYS A 200 8.87 -10.80 6.33
C LYS A 200 9.13 -11.84 7.41
N MET A 201 8.58 -11.61 8.63
CA MET A 201 8.79 -12.52 9.78
C MET A 201 8.23 -13.93 9.47
N LEU A 202 7.14 -13.99 8.66
CA LEU A 202 6.55 -15.26 8.20
C LEU A 202 7.58 -16.08 7.42
N ILE A 203 8.10 -15.49 6.31
CA ILE A 203 9.08 -16.15 5.40
C ILE A 203 10.45 -16.37 6.11
N ASP A 204 10.71 -15.59 7.17
CA ASP A 204 11.94 -15.69 7.98
C ASP A 204 11.90 -16.94 8.89
N TYR A 205 10.84 -17.04 9.73
CA TYR A 205 10.77 -18.09 10.77
C TYR A 205 10.31 -19.44 10.18
N GLN A 206 9.52 -19.39 9.07
CA GLN A 206 8.74 -20.54 8.55
C GLN A 206 9.51 -21.86 8.39
N ASN A 207 10.86 -21.78 8.31
CA ASN A 207 11.74 -22.95 8.28
C ASN A 207 11.45 -23.87 9.48
N GLU A 208 10.52 -24.81 9.24
CA GLU A 208 9.94 -25.72 10.24
C GLU A 208 9.26 -26.88 9.49
N TYR A 209 8.75 -27.88 10.26
CA TYR A 209 8.05 -29.10 9.75
C TYR A 209 8.97 -30.01 8.90
N ARG A 210 10.27 -29.68 8.86
CA ARG A 210 11.28 -30.41 8.07
C ARG A 210 12.16 -31.27 8.99
N SER A 211 11.74 -31.40 10.27
CA SER A 211 12.40 -32.24 11.29
C SER A 211 12.22 -33.73 10.93
N ASN A 212 10.95 -34.16 10.96
CA ASN A 212 10.54 -35.52 10.54
C ASN A 212 9.00 -35.56 10.46
N LEU A 213 8.44 -36.70 10.02
CA LEU A 213 6.99 -36.95 10.05
C LEU A 213 6.67 -37.91 11.20
N ASN A 214 7.29 -37.66 12.38
CA ASN A 214 7.00 -38.38 13.62
C ASN A 214 5.68 -37.84 14.21
N MET A 1 -0.71 -30.47 13.82
CA MET A 1 -1.67 -31.44 13.28
C MET A 1 -2.98 -30.71 12.88
N THR A 2 -3.85 -30.44 13.89
CA THR A 2 -5.23 -29.98 13.68
C THR A 2 -5.29 -28.50 13.26
N ARG A 3 -4.94 -27.60 14.21
CA ARG A 3 -5.22 -26.16 14.08
C ARG A 3 -4.42 -25.51 12.94
N LEU A 4 -3.18 -25.97 12.71
CA LEU A 4 -2.35 -25.42 11.60
C LEU A 4 -3.07 -25.55 10.25
N SER A 5 -3.61 -26.74 9.91
CA SER A 5 -4.37 -26.97 8.65
C SER A 5 -5.50 -25.90 8.45
N GLU A 6 -6.25 -25.68 9.54
CA GLU A 6 -7.37 -24.73 9.60
C GLU A 6 -6.88 -23.27 9.34
N ILE A 7 -5.93 -22.81 10.20
CA ILE A 7 -5.43 -21.42 10.21
C ILE A 7 -4.72 -21.10 8.87
N LEU A 8 -3.83 -22.03 8.45
CA LEU A 8 -2.99 -21.86 7.24
C LEU A 8 -3.85 -21.78 5.97
N ASP A 9 -4.95 -22.59 5.90
CA ASP A 9 -5.90 -22.53 4.77
C ASP A 9 -6.57 -21.15 4.72
N GLN A 10 -7.00 -20.69 5.91
CA GLN A 10 -7.60 -19.36 6.07
C GLN A 10 -6.60 -18.24 5.73
N MET A 11 -5.31 -18.44 6.03
CA MET A 11 -4.27 -17.45 5.71
C MET A 11 -4.16 -17.30 4.19
N THR A 12 -3.92 -18.42 3.49
CA THR A 12 -3.63 -18.42 2.05
C THR A 12 -4.85 -18.01 1.20
N THR A 13 -6.10 -18.21 1.72
CA THR A 13 -7.30 -17.69 1.05
C THR A 13 -7.35 -16.16 1.20
N VAL A 14 -7.05 -15.64 2.43
CA VAL A 14 -7.01 -14.18 2.69
C VAL A 14 -5.86 -13.52 1.88
N LEU A 15 -4.74 -14.26 1.73
CA LEU A 15 -3.56 -13.84 0.95
C LEU A 15 -3.91 -13.70 -0.55
N ASN A 16 -4.73 -14.65 -1.04
CA ASN A 16 -5.23 -14.67 -2.44
C ASN A 16 -6.19 -13.49 -2.69
N ASP A 17 -7.04 -13.20 -1.69
CA ASP A 17 -7.97 -12.06 -1.73
C ASP A 17 -7.17 -10.74 -1.76
N LEU A 18 -6.12 -10.69 -0.94
CA LEU A 18 -5.19 -9.54 -0.85
C LEU A 18 -4.36 -9.38 -2.14
N LYS A 19 -4.13 -10.49 -2.85
CA LYS A 19 -3.48 -10.44 -4.17
C LYS A 19 -4.42 -9.69 -5.12
N THR A 20 -5.69 -10.11 -5.16
CA THR A 20 -6.72 -9.48 -6.04
C THR A 20 -6.90 -7.96 -5.73
N VAL A 21 -7.03 -7.64 -4.42
CA VAL A 21 -7.31 -6.28 -3.93
C VAL A 21 -6.10 -5.34 -4.21
N MET A 22 -4.89 -5.78 -3.79
CA MET A 22 -3.66 -4.97 -3.92
C MET A 22 -3.10 -4.97 -5.35
N ASP A 23 -3.52 -5.95 -6.18
CA ASP A 23 -3.20 -5.97 -7.62
C ASP A 23 -3.98 -4.84 -8.30
N ALA A 24 -5.31 -4.80 -8.02
CA ALA A 24 -6.21 -3.74 -8.51
C ALA A 24 -5.76 -2.35 -7.98
N GLU A 25 -5.24 -2.33 -6.74
CA GLU A 25 -4.71 -1.12 -6.07
C GLU A 25 -3.48 -0.58 -6.78
N GLN A 26 -2.52 -1.49 -7.03
CA GLN A 26 -1.23 -1.19 -7.67
C GLN A 26 -1.46 -0.62 -9.09
N GLN A 27 -2.33 -1.30 -9.84
CA GLN A 27 -2.71 -0.89 -11.21
C GLN A 27 -3.42 0.48 -11.21
N GLN A 28 -4.26 0.70 -10.18
CA GLN A 28 -5.00 1.96 -9.97
C GLN A 28 -4.03 3.13 -9.64
N LEU A 29 -2.94 2.83 -8.92
CA LEU A 29 -1.91 3.85 -8.56
C LEU A 29 -0.94 4.05 -9.74
N SER A 30 -0.91 3.04 -10.63
CA SER A 30 -0.07 3.02 -11.82
C SER A 30 -0.65 3.88 -12.97
N VAL A 31 -1.97 4.16 -12.94
CA VAL A 31 -2.64 4.93 -14.02
C VAL A 31 -2.31 6.44 -13.90
N GLY A 32 -2.04 6.90 -12.66
CA GLY A 32 -1.65 8.28 -12.38
C GLY A 32 -2.78 9.11 -11.76
N GLN A 33 -4.04 8.66 -11.93
CA GLN A 33 -5.22 9.36 -11.37
C GLN A 33 -5.85 8.52 -10.25
N ILE A 34 -6.18 9.18 -9.13
CA ILE A 34 -6.76 8.52 -7.95
C ILE A 34 -8.29 8.45 -8.04
N ASN A 35 -8.83 7.26 -7.74
CA ASN A 35 -10.26 6.96 -7.70
C ASN A 35 -10.64 6.76 -6.23
N GLY A 36 -11.46 7.67 -5.70
CA GLY A 36 -11.80 7.70 -4.27
C GLY A 36 -12.61 6.49 -3.81
N SER A 37 -13.70 6.18 -4.54
CA SER A 37 -14.62 5.08 -4.20
C SER A 37 -13.95 3.71 -4.41
N GLN A 38 -13.10 3.62 -5.45
CA GLN A 38 -12.34 2.40 -5.78
C GLN A 38 -11.38 2.08 -4.64
N LEU A 39 -10.54 3.07 -4.28
CA LEU A 39 -9.57 2.93 -3.18
C LEU A 39 -10.24 2.87 -1.82
N GLN A 40 -11.49 3.38 -1.69
CA GLN A 40 -12.27 3.24 -0.45
C GLN A 40 -12.55 1.76 -0.19
N ARG A 41 -13.09 1.08 -1.23
CA ARG A 41 -13.36 -0.35 -1.20
C ARG A 41 -12.05 -1.14 -1.00
N ILE A 42 -10.99 -0.72 -1.71
CA ILE A 42 -9.69 -1.40 -1.70
C ILE A 42 -9.01 -1.33 -0.31
N THR A 43 -8.88 -0.11 0.25
CA THR A 43 -8.23 0.09 1.58
C THR A 43 -9.07 -0.56 2.69
N GLU A 44 -10.41 -0.61 2.47
CA GLU A 44 -11.34 -1.29 3.37
C GLU A 44 -10.98 -2.78 3.46
N GLU A 45 -11.08 -3.47 2.30
CA GLU A 45 -10.82 -4.90 2.19
C GLU A 45 -9.40 -5.24 2.67
N LYS A 46 -8.42 -4.47 2.18
CA LYS A 46 -7.00 -4.73 2.40
C LYS A 46 -6.63 -4.67 3.88
N SER A 47 -7.02 -3.56 4.56
CA SER A 47 -6.68 -3.35 5.99
C SER A 47 -7.44 -4.36 6.88
N SER A 48 -8.71 -4.67 6.51
CA SER A 48 -9.52 -5.69 7.20
C SER A 48 -8.87 -7.08 7.13
N LEU A 49 -8.35 -7.41 5.94
CA LEU A 49 -7.76 -8.73 5.64
C LEU A 49 -6.32 -8.84 6.21
N LEU A 50 -5.65 -7.71 6.45
CA LEU A 50 -4.35 -7.68 7.16
C LEU A 50 -4.56 -7.91 8.66
N ALA A 51 -5.69 -7.39 9.19
CA ALA A 51 -6.14 -7.66 10.57
C ALA A 51 -6.51 -9.16 10.73
N THR A 52 -7.13 -9.71 9.67
CA THR A 52 -7.48 -11.13 9.60
C THR A 52 -6.19 -11.97 9.66
N LEU A 53 -5.26 -11.71 8.74
CA LEU A 53 -3.94 -12.35 8.69
C LEU A 53 -3.17 -12.16 10.00
N ASP A 54 -3.39 -11.01 10.69
CA ASP A 54 -2.68 -10.65 11.91
C ASP A 54 -3.02 -11.63 13.04
N TYR A 55 -4.34 -11.82 13.33
CA TYR A 55 -4.74 -12.80 14.35
C TYR A 55 -4.42 -14.24 13.90
N LEU A 56 -4.47 -14.48 12.57
CA LEU A 56 -4.11 -15.79 11.99
C LEU A 56 -2.60 -16.10 12.16
N GLU A 57 -1.71 -15.10 11.94
CA GLU A 57 -0.24 -15.32 12.00
C GLU A 57 0.20 -15.49 13.45
N GLN A 58 -0.57 -14.86 14.37
CA GLN A 58 -0.43 -15.08 15.83
C GLN A 58 -0.72 -16.55 16.18
N GLN A 59 -1.89 -17.03 15.73
CA GLN A 59 -2.35 -18.40 15.98
C GLN A 59 -1.34 -19.44 15.43
N ARG A 60 -1.04 -19.34 14.12
CA ARG A 60 -0.13 -20.27 13.43
C ARG A 60 1.33 -20.10 13.87
N ARG A 61 1.68 -18.95 14.50
CA ARG A 61 3.00 -18.78 15.18
C ARG A 61 3.09 -19.74 16.37
N LEU A 62 2.08 -19.62 17.26
CA LEU A 62 1.99 -20.45 18.47
C LEU A 62 1.78 -21.94 18.10
N GLU A 63 1.12 -22.17 16.96
CA GLU A 63 0.84 -23.53 16.44
C GLU A 63 2.02 -24.09 15.64
N GLN A 64 2.87 -23.24 15.06
CA GLN A 64 4.11 -23.71 14.38
C GLN A 64 5.11 -24.18 15.44
N ASN A 65 5.11 -23.49 16.60
CA ASN A 65 5.94 -23.83 17.76
C ASN A 65 5.38 -25.10 18.46
N ALA A 66 4.04 -25.15 18.65
CA ALA A 66 3.38 -26.17 19.48
C ALA A 66 3.04 -27.47 18.72
N GLN A 67 2.88 -27.41 17.40
CA GLN A 67 2.47 -28.58 16.59
C GLN A 67 3.62 -29.06 15.69
N ARG A 68 3.53 -30.33 15.28
CA ARG A 68 4.53 -31.02 14.46
C ARG A 68 3.88 -31.54 13.16
N SER A 69 4.65 -32.35 12.40
CA SER A 69 4.25 -32.91 11.10
C SER A 69 3.24 -34.08 11.26
N ALA A 70 3.29 -35.08 10.34
CA ALA A 70 2.34 -36.22 10.24
C ALA A 70 0.97 -35.78 9.66
N ASN A 71 0.95 -34.58 9.06
CA ASN A 71 -0.24 -33.99 8.42
C ASN A 71 0.22 -32.98 7.35
N ASP A 72 0.45 -33.48 6.12
CA ASP A 72 0.98 -32.69 4.99
C ASP A 72 0.03 -31.61 4.47
N ASP A 73 -1.25 -31.60 4.93
CA ASP A 73 -2.19 -30.48 4.67
C ASP A 73 -1.60 -29.16 5.13
N ILE A 74 -0.90 -29.22 6.28
CA ILE A 74 -0.15 -28.09 6.84
C ILE A 74 0.92 -27.62 5.83
N ALA A 75 1.65 -28.60 5.23
CA ALA A 75 2.77 -28.34 4.27
C ALA A 75 2.28 -27.79 2.92
N GLU A 76 1.10 -28.27 2.47
CA GLU A 76 0.46 -27.81 1.20
C GLU A 76 0.07 -26.34 1.32
N ARG A 77 -0.66 -26.05 2.42
CA ARG A 77 -1.15 -24.70 2.74
C ARG A 77 0.01 -23.76 3.08
N TRP A 78 1.08 -24.32 3.69
CA TRP A 78 2.31 -23.58 4.05
C TRP A 78 3.01 -23.09 2.77
N GLN A 79 3.21 -24.00 1.79
CA GLN A 79 3.80 -23.66 0.46
C GLN A 79 2.99 -22.56 -0.23
N ALA A 80 1.66 -22.76 -0.24
CA ALA A 80 0.71 -21.79 -0.79
C ALA A 80 0.94 -20.41 -0.15
N ILE A 81 1.05 -20.39 1.19
CA ILE A 81 1.35 -19.18 1.98
C ILE A 81 2.68 -18.54 1.54
N THR A 82 3.78 -19.34 1.41
CA THR A 82 5.14 -18.80 1.15
C THR A 82 5.16 -17.98 -0.17
N GLU A 83 4.53 -18.59 -1.19
CA GLU A 83 4.43 -18.00 -2.54
C GLU A 83 3.59 -16.71 -2.49
N LYS A 84 2.37 -16.81 -1.88
CA LYS A 84 1.43 -15.68 -1.75
C LYS A 84 2.08 -14.48 -1.00
N THR A 85 2.61 -14.75 0.20
CA THR A 85 3.21 -13.74 1.10
C THR A 85 4.40 -13.03 0.44
N GLN A 86 5.20 -13.80 -0.33
CA GLN A 86 6.36 -13.26 -1.08
C GLN A 86 5.91 -12.29 -2.18
N HIS A 87 4.85 -12.73 -2.92
CA HIS A 87 4.25 -11.93 -4.01
C HIS A 87 3.68 -10.63 -3.44
N LEU A 88 2.95 -10.75 -2.30
CA LEU A 88 2.26 -9.63 -1.65
C LEU A 88 3.26 -8.64 -1.09
N ARG A 89 4.28 -9.17 -0.40
CA ARG A 89 5.39 -8.39 0.19
C ARG A 89 6.00 -7.46 -0.89
N ASP A 90 6.32 -8.08 -2.04
CA ASP A 90 6.96 -7.42 -3.17
C ASP A 90 6.02 -6.38 -3.87
N LEU A 91 4.77 -6.79 -4.18
CA LEU A 91 3.85 -5.95 -4.98
C LEU A 91 3.27 -4.78 -4.15
N ASN A 92 3.08 -5.05 -2.85
CA ASN A 92 2.62 -4.05 -1.85
C ASN A 92 3.74 -3.05 -1.53
N GLN A 93 5.00 -3.54 -1.61
CA GLN A 93 6.20 -2.67 -1.55
C GLN A 93 6.25 -1.74 -2.78
N HIS A 94 5.97 -2.30 -3.97
CA HIS A 94 5.95 -1.56 -5.26
C HIS A 94 4.72 -0.62 -5.33
N ASN A 95 3.68 -1.01 -4.60
CA ASN A 95 2.46 -0.21 -4.39
C ASN A 95 2.79 1.00 -3.50
N GLY A 96 3.63 0.74 -2.47
CA GLY A 96 4.15 1.77 -1.58
C GLY A 96 5.09 2.71 -2.30
N TRP A 97 5.80 2.19 -3.33
CA TRP A 97 6.64 2.99 -4.23
C TRP A 97 5.74 3.95 -5.05
N LEU A 98 4.59 3.41 -5.51
CA LEU A 98 3.57 4.21 -6.23
C LEU A 98 2.90 5.25 -5.33
N LEU A 99 2.89 4.99 -4.00
CA LEU A 99 2.49 6.00 -3.01
C LEU A 99 3.54 7.14 -2.95
N GLU A 100 4.83 6.75 -2.80
CA GLU A 100 5.97 7.71 -2.83
C GLU A 100 5.89 8.57 -4.10
N GLY A 101 5.71 7.87 -5.23
CA GLY A 101 5.79 8.45 -6.56
C GLY A 101 4.65 9.40 -6.84
N GLN A 102 3.40 8.90 -6.70
CA GLN A 102 2.19 9.68 -7.05
C GLN A 102 2.00 10.88 -6.11
N ILE A 103 2.34 10.71 -4.81
CA ILE A 103 2.22 11.79 -3.81
C ILE A 103 3.30 12.87 -4.05
N GLU A 104 4.54 12.45 -4.42
CA GLU A 104 5.61 13.38 -4.86
C GLU A 104 5.09 14.25 -6.01
N ARG A 105 4.68 13.54 -7.07
CA ARG A 105 4.22 14.06 -8.36
C ARG A 105 3.02 15.01 -8.19
N ASN A 106 2.06 14.62 -7.33
CA ASN A 106 0.76 15.30 -7.19
C ASN A 106 0.90 16.58 -6.34
N GLN A 107 1.56 16.48 -5.16
CA GLN A 107 1.72 17.64 -4.25
C GLN A 107 2.62 18.71 -4.89
N GLN A 108 3.63 18.24 -5.64
CA GLN A 108 4.44 19.08 -6.54
C GLN A 108 3.54 19.82 -7.54
N ALA A 109 2.69 19.02 -8.24
CA ALA A 109 1.75 19.51 -9.25
C ALA A 109 0.70 20.46 -8.66
N LEU A 110 0.38 20.29 -7.35
CA LEU A 110 -0.58 21.17 -6.64
C LEU A 110 0.07 22.55 -6.42
N GLU A 111 1.37 22.55 -6.06
CA GLU A 111 2.15 23.79 -5.89
C GLU A 111 2.42 24.48 -7.25
N VAL A 112 2.34 23.69 -8.34
CA VAL A 112 2.33 24.21 -9.71
C VAL A 112 0.95 24.86 -10.04
N LEU A 113 -0.14 24.20 -9.61
CA LEU A 113 -1.51 24.72 -9.80
C LEU A 113 -1.76 25.94 -8.89
N LYS A 114 -0.93 26.06 -7.84
CA LYS A 114 -0.88 27.24 -6.97
C LYS A 114 -0.21 28.43 -7.69
N PRO A 115 -0.64 29.70 -7.38
CA PRO A 115 0.07 30.91 -7.85
C PRO A 115 1.52 30.95 -7.32
N HIS A 116 2.40 31.63 -8.08
CA HIS A 116 3.84 31.71 -7.77
C HIS A 116 4.05 32.43 -6.42
N GLN A 117 4.44 31.65 -5.40
CA GLN A 117 4.72 32.18 -4.06
C GLN A 117 6.25 32.40 -3.95
N GLU A 118 6.98 31.30 -3.66
CA GLU A 118 8.45 31.28 -3.65
C GLU A 118 9.00 30.66 -4.98
N PRO A 119 8.50 29.45 -5.46
CA PRO A 119 8.93 28.89 -6.77
C PRO A 119 8.06 29.38 -7.95
N THR A 120 8.48 29.04 -9.19
CA THR A 120 7.75 29.38 -10.43
C THR A 120 7.70 28.14 -11.34
N LEU A 121 6.95 27.13 -10.89
CA LEU A 121 6.94 25.77 -11.49
C LEU A 121 5.93 25.68 -12.66
N TYR A 122 6.09 24.64 -13.52
CA TYR A 122 5.13 24.35 -14.61
C TYR A 122 5.09 22.82 -14.88
N GLY A 123 3.87 22.26 -14.88
CA GLY A 123 3.63 20.81 -15.05
C GLY A 123 2.35 20.37 -14.33
N ALA A 124 1.98 19.08 -14.43
CA ALA A 124 0.77 18.51 -13.79
C ALA A 124 0.71 16.98 -14.00
N ASP A 125 -0.51 16.40 -13.86
CA ASP A 125 -0.78 14.97 -14.15
C ASP A 125 -0.77 14.73 -15.70
N GLY A 126 -1.11 13.51 -16.16
CA GLY A 126 -1.07 13.17 -17.59
C GLY A 126 0.08 12.21 -17.91
N GLN A 127 0.40 11.33 -16.95
CA GLN A 127 1.48 10.33 -17.03
C GLN A 127 0.96 9.03 -16.38
N THR A 128 1.44 7.88 -16.88
CA THR A 128 1.14 6.56 -16.29
C THR A 128 2.46 5.90 -15.83
N SER A 129 2.53 5.55 -14.54
CA SER A 129 3.74 4.99 -13.90
C SER A 129 3.85 3.47 -14.15
N VAL A 130 4.46 3.09 -15.30
CA VAL A 130 4.75 1.68 -15.65
C VAL A 130 5.91 1.15 -14.77
N SER A 131 6.79 2.07 -14.32
CA SER A 131 7.82 1.79 -13.32
C SER A 131 7.12 1.55 -11.96
N HIS A 132 7.50 0.44 -11.30
CA HIS A 132 6.93 0.00 -10.01
C HIS A 132 8.06 -0.41 -9.05
N ARG A 133 9.24 -0.78 -9.63
CA ARG A 133 10.41 -1.28 -8.87
C ARG A 133 10.91 -0.24 -7.84
N GLY A 134 11.58 -0.73 -6.80
CA GLY A 134 11.90 0.05 -5.61
C GLY A 134 10.89 -0.22 -4.52
N GLY A 135 10.71 0.75 -3.59
CA GLY A 135 9.68 0.62 -2.56
C GLY A 135 9.99 1.43 -1.32
N LYS A 136 9.48 2.67 -1.28
CA LYS A 136 9.45 3.48 -0.05
C LYS A 136 8.00 3.54 0.47
N LYS A 137 7.82 4.29 1.56
CA LYS A 137 6.50 4.61 2.14
C LYS A 137 6.54 6.10 2.51
N ILE A 138 6.29 6.96 1.51
CA ILE A 138 6.39 8.43 1.68
C ILE A 138 5.02 9.07 1.38
N SER A 139 4.62 10.00 2.27
CA SER A 139 3.43 10.85 2.08
C SER A 139 3.66 12.19 2.80
N ILE A 140 3.80 13.26 2.00
CA ILE A 140 4.02 14.63 2.53
C ILE A 140 3.33 15.64 1.58
N VAL A 141 2.77 16.71 2.14
CA VAL A 141 2.04 17.75 1.40
C VAL A 141 2.84 19.09 1.39
N LEU A 142 2.58 19.91 0.35
CA LEU A 142 3.11 21.29 0.20
C LEU A 142 2.61 22.26 1.31
N PHE A 143 1.56 21.86 2.06
CA PHE A 143 0.92 22.69 3.11
C PHE A 143 1.86 22.92 4.30
N GLN A 144 1.34 23.68 5.30
CA GLN A 144 2.09 24.08 6.49
C GLN A 144 2.57 22.84 7.28
N GLY A 145 3.89 22.73 7.41
CA GLY A 145 4.57 21.57 7.97
C GLY A 145 5.03 20.56 6.90
N PRO A 146 5.87 20.98 5.87
CA PRO A 146 6.43 20.05 4.87
C PRO A 146 7.88 19.59 5.23
N SER A 147 8.25 18.40 4.75
CA SER A 147 9.62 17.88 4.86
C SER A 147 10.41 18.37 3.63
N ALA A 148 11.33 19.34 3.83
CA ALA A 148 12.16 19.89 2.76
C ALA A 148 13.22 18.85 2.34
N GLY A 149 12.82 17.99 1.41
CA GLY A 149 13.67 16.92 0.89
C GLY A 149 13.39 16.68 -0.58
N LEU A 150 14.20 15.81 -1.18
CA LEU A 150 14.03 15.38 -2.58
C LEU A 150 14.07 13.84 -2.61
N VAL A 151 12.93 13.19 -2.93
CA VAL A 151 12.89 11.71 -3.05
C VAL A 151 13.58 11.26 -4.37
N PRO A 152 14.52 10.26 -4.30
CA PRO A 152 15.38 9.88 -5.47
C PRO A 152 14.62 9.17 -6.59
N ARG A 153 13.53 8.48 -6.25
CA ARG A 153 12.73 7.70 -7.22
C ARG A 153 11.62 8.57 -7.83
N GLY A 154 10.67 9.01 -6.97
CA GLY A 154 9.49 9.79 -7.40
C GLY A 154 8.70 9.12 -8.55
N SER A 155 8.20 9.93 -9.51
CA SER A 155 7.55 9.44 -10.74
C SER A 155 7.54 10.56 -11.80
N GLY A 156 6.72 11.59 -11.57
CA GLY A 156 6.57 12.73 -12.50
C GLY A 156 7.27 13.96 -11.95
N GLY A 157 8.55 13.76 -11.59
CA GLY A 157 9.38 14.81 -11.01
C GLY A 157 9.89 15.80 -12.05
N ILE A 158 8.99 16.74 -12.44
CA ILE A 158 9.29 17.82 -13.42
C ILE A 158 10.51 18.65 -12.97
N GLU A 159 10.65 18.82 -11.65
CA GLU A 159 11.90 19.28 -10.98
C GLU A 159 12.26 18.32 -9.83
N GLY A 160 11.26 17.56 -9.35
CA GLY A 160 11.45 16.51 -8.32
C GLY A 160 11.09 16.99 -6.93
N MET A 161 9.90 16.58 -6.44
CA MET A 161 9.42 16.78 -5.05
C MET A 161 9.41 18.27 -4.63
N ALA A 162 8.31 18.96 -4.95
CA ALA A 162 8.13 20.40 -4.62
C ALA A 162 7.15 20.55 -3.45
N GLN A 163 7.59 21.34 -2.46
CA GLN A 163 6.83 21.67 -1.24
C GLN A 163 7.37 23.00 -0.68
N HIS A 164 6.66 23.55 0.33
CA HIS A 164 7.10 24.70 1.15
C HIS A 164 6.82 26.07 0.49
N GLY A 165 6.62 26.10 -0.84
CA GLY A 165 6.36 27.35 -1.56
C GLY A 165 5.06 28.01 -1.13
N ALA A 166 3.97 27.22 -1.15
CA ALA A 166 2.61 27.70 -0.84
C ALA A 166 2.41 27.88 0.69
N LEU A 167 2.44 26.73 1.44
CA LEU A 167 2.18 26.68 2.92
C LEU A 167 0.79 27.21 3.32
N GLU A 168 -0.10 27.40 2.33
CA GLU A 168 -1.36 28.13 2.51
C GLU A 168 -2.52 27.19 2.92
N THR A 169 -3.53 27.80 3.57
CA THR A 169 -4.73 27.08 4.06
C THR A 169 -5.77 26.93 2.93
N LEU A 170 -5.71 27.84 1.91
CA LEU A 170 -6.55 27.75 0.71
C LEU A 170 -6.22 26.45 -0.06
N LYS A 171 -7.25 25.65 -0.32
CA LYS A 171 -7.15 24.37 -1.02
C LYS A 171 -8.49 24.05 -1.70
N ASP A 172 -8.46 23.86 -3.03
CA ASP A 172 -9.66 23.60 -3.86
C ASP A 172 -9.63 22.15 -4.37
N LEU A 173 -8.77 21.89 -5.37
CA LEU A 173 -8.48 20.53 -5.86
C LEU A 173 -7.71 19.75 -4.78
N ALA A 174 -6.82 20.49 -4.11
CA ALA A 174 -6.00 20.02 -2.99
C ALA A 174 -6.86 19.70 -1.77
N GLU A 175 -8.08 20.29 -1.68
CA GLU A 175 -9.04 19.94 -0.63
C GLU A 175 -9.43 18.46 -0.77
N LYS A 176 -10.02 18.14 -1.94
CA LYS A 176 -10.50 16.80 -2.26
C LYS A 176 -9.37 15.78 -2.22
N GLU A 177 -8.26 16.12 -2.90
CA GLU A 177 -7.12 15.21 -3.08
C GLU A 177 -6.45 14.93 -1.73
N VAL A 178 -5.96 15.98 -1.03
CA VAL A 178 -5.19 15.80 0.21
C VAL A 178 -6.04 15.13 1.31
N ASP A 179 -7.30 15.56 1.47
CA ASP A 179 -8.21 14.97 2.49
C ASP A 179 -8.46 13.46 2.21
N ASP A 180 -9.05 13.20 1.03
CA ASP A 180 -9.52 11.85 0.63
C ASP A 180 -8.35 10.88 0.49
N ALA A 181 -7.32 11.30 -0.29
CA ALA A 181 -6.15 10.47 -0.57
C ALA A 181 -5.28 10.23 0.67
N ALA A 182 -5.07 11.24 1.55
CA ALA A 182 -4.27 11.02 2.80
C ALA A 182 -4.96 9.98 3.71
N ARG A 183 -6.32 9.99 3.73
CA ARG A 183 -7.08 8.94 4.44
C ARG A 183 -6.78 7.55 3.81
N LEU A 184 -7.00 7.43 2.49
CA LEU A 184 -6.88 6.14 1.74
C LEU A 184 -5.41 5.66 1.70
N LEU A 185 -4.55 6.44 1.01
CA LEU A 185 -3.11 6.17 0.84
C LEU A 185 -2.40 6.09 2.21
N GLY A 186 -2.91 6.82 3.23
CA GLY A 186 -2.37 6.74 4.60
C GLY A 186 -2.59 5.38 5.25
N GLU A 187 -3.85 4.85 5.15
CA GLU A 187 -4.20 3.50 5.64
C GLU A 187 -3.46 2.42 4.84
N MET A 188 -3.17 2.72 3.57
CA MET A 188 -2.46 1.81 2.66
C MET A 188 -0.93 1.93 2.79
N ARG A 189 -0.46 3.04 3.39
CA ARG A 189 0.98 3.25 3.71
C ARG A 189 1.35 2.51 5.00
N ARG A 190 0.55 2.74 6.07
CA ARG A 190 0.66 1.96 7.33
C ARG A 190 0.23 0.50 7.08
N GLY A 191 -0.66 0.32 6.09
CA GLY A 191 -1.06 -1.02 5.60
C GLY A 191 0.03 -1.67 4.76
N CYS A 192 0.86 -0.85 4.08
CA CYS A 192 2.07 -1.33 3.40
C CYS A 192 3.09 -1.83 4.42
N GLN A 193 3.16 -1.12 5.56
CA GLN A 193 4.03 -1.49 6.70
C GLN A 193 3.50 -2.72 7.46
N GLN A 194 2.15 -2.84 7.55
CA GLN A 194 1.48 -4.01 8.16
C GLN A 194 1.80 -5.28 7.36
N ALA A 195 1.49 -5.22 6.04
CA ALA A 195 1.69 -6.33 5.10
C ALA A 195 3.16 -6.76 5.09
N GLU A 196 4.05 -5.78 4.82
CA GLU A 196 5.50 -6.00 4.77
C GLU A 196 6.01 -6.70 6.05
N GLU A 197 5.69 -6.13 7.23
CA GLU A 197 6.17 -6.65 8.54
C GLU A 197 5.78 -8.12 8.75
N GLN A 198 4.46 -8.39 8.76
CA GLN A 198 3.94 -9.72 9.14
C GLN A 198 4.33 -10.83 8.13
N LEU A 199 4.24 -10.52 6.82
CA LEU A 199 4.52 -11.50 5.76
C LEU A 199 6.03 -11.79 5.65
N LYS A 200 6.86 -10.76 5.91
CA LYS A 200 8.33 -10.88 5.95
C LYS A 200 8.75 -11.78 7.12
N MET A 201 8.14 -11.54 8.31
CA MET A 201 8.44 -12.30 9.54
C MET A 201 7.98 -13.77 9.39
N LEU A 202 6.88 -13.97 8.60
CA LEU A 202 6.38 -15.31 8.26
C LEU A 202 7.44 -16.09 7.48
N ILE A 203 7.88 -15.52 6.34
CA ILE A 203 8.93 -16.13 5.47
C ILE A 203 10.29 -16.27 6.23
N ASP A 204 10.48 -15.42 7.27
CA ASP A 204 11.70 -15.43 8.09
C ASP A 204 11.73 -16.61 9.09
N TYR A 205 10.65 -16.76 9.90
CA TYR A 205 10.62 -17.73 11.03
C TYR A 205 10.12 -19.14 10.59
N GLN A 206 9.46 -19.19 9.41
CA GLN A 206 8.70 -20.38 8.93
C GLN A 206 9.46 -21.72 9.00
N ASN A 207 10.80 -21.67 8.84
CA ASN A 207 11.66 -22.85 8.87
C ASN A 207 11.69 -23.41 10.29
N GLU A 208 10.78 -24.37 10.53
CA GLU A 208 10.56 -25.03 11.82
C GLU A 208 9.72 -26.28 11.55
N TYR A 209 8.67 -26.09 10.74
CA TYR A 209 7.85 -27.18 10.20
C TYR A 209 8.57 -27.79 8.97
N ARG A 210 8.50 -29.13 8.82
CA ARG A 210 9.12 -29.84 7.68
C ARG A 210 8.33 -31.13 7.37
N SER A 211 7.71 -31.15 6.17
CA SER A 211 6.99 -32.33 5.65
C SER A 211 7.22 -32.45 4.13
N ASN A 212 7.05 -33.67 3.60
CA ASN A 212 7.35 -34.00 2.19
C ASN A 212 6.08 -34.44 1.45
N LEU A 213 5.60 -35.64 1.80
CA LEU A 213 4.41 -36.25 1.19
C LEU A 213 4.06 -37.47 2.07
N ASN A 214 2.87 -37.45 2.70
CA ASN A 214 2.39 -38.56 3.57
C ASN A 214 2.19 -39.86 2.74
N MET A 1 -4.70 -32.06 8.48
CA MET A 1 -6.07 -31.90 9.00
C MET A 1 -6.00 -31.64 10.52
N THR A 2 -6.10 -30.36 10.91
CA THR A 2 -5.94 -29.92 12.32
C THR A 2 -6.25 -28.42 12.44
N ARG A 3 -6.08 -27.90 13.67
CA ARG A 3 -6.09 -26.48 14.01
C ARG A 3 -5.32 -25.65 12.96
N LEU A 4 -4.05 -26.03 12.71
CA LEU A 4 -3.18 -25.37 11.74
C LEU A 4 -3.76 -25.38 10.33
N SER A 5 -4.09 -26.58 9.80
CA SER A 5 -4.52 -26.76 8.39
C SER A 5 -5.68 -25.81 8.00
N GLU A 6 -6.61 -25.59 8.96
CA GLU A 6 -7.73 -24.63 8.82
C GLU A 6 -7.20 -23.18 8.79
N ILE A 7 -6.36 -22.81 9.79
CA ILE A 7 -5.80 -21.44 9.94
C ILE A 7 -4.97 -21.05 8.70
N LEU A 8 -4.23 -22.03 8.16
CA LEU A 8 -3.36 -21.86 6.99
C LEU A 8 -4.21 -21.67 5.72
N ASP A 9 -5.33 -22.43 5.65
CA ASP A 9 -6.37 -22.28 4.62
C ASP A 9 -6.95 -20.84 4.66
N GLN A 10 -7.16 -20.32 5.89
CA GLN A 10 -7.66 -18.96 6.11
C GLN A 10 -6.61 -17.91 5.68
N MET A 11 -5.32 -18.18 5.95
CA MET A 11 -4.24 -17.26 5.58
C MET A 11 -4.18 -17.15 4.06
N THR A 12 -4.04 -18.30 3.38
CA THR A 12 -3.81 -18.35 1.92
C THR A 12 -5.02 -17.82 1.12
N THR A 13 -6.26 -17.95 1.68
CA THR A 13 -7.46 -17.34 1.04
C THR A 13 -7.43 -15.80 1.20
N VAL A 14 -7.03 -15.31 2.40
CA VAL A 14 -6.86 -13.88 2.70
C VAL A 14 -5.76 -13.27 1.80
N LEU A 15 -4.70 -14.08 1.55
CA LEU A 15 -3.55 -13.70 0.70
C LEU A 15 -3.98 -13.58 -0.78
N ASN A 16 -4.88 -14.50 -1.21
CA ASN A 16 -5.46 -14.53 -2.58
C ASN A 16 -6.29 -13.26 -2.85
N ASP A 17 -7.12 -12.90 -1.85
CA ASP A 17 -7.95 -11.69 -1.92
C ASP A 17 -7.06 -10.44 -1.93
N LEU A 18 -6.02 -10.42 -1.06
CA LEU A 18 -5.02 -9.32 -1.01
C LEU A 18 -4.24 -9.19 -2.34
N LYS A 19 -4.11 -10.31 -3.08
CA LYS A 19 -3.51 -10.27 -4.43
C LYS A 19 -4.42 -9.43 -5.32
N THR A 20 -5.70 -9.83 -5.40
CA THR A 20 -6.70 -9.15 -6.25
C THR A 20 -6.82 -7.64 -5.90
N VAL A 21 -6.91 -7.36 -4.58
CA VAL A 21 -7.10 -6.02 -4.01
C VAL A 21 -5.92 -5.08 -4.31
N MET A 22 -4.72 -5.48 -3.85
CA MET A 22 -3.51 -4.63 -3.93
C MET A 22 -2.94 -4.58 -5.37
N ASP A 23 -3.33 -5.56 -6.21
CA ASP A 23 -3.06 -5.56 -7.67
C ASP A 23 -3.87 -4.43 -8.34
N ALA A 24 -5.20 -4.41 -8.05
CA ALA A 24 -6.13 -3.38 -8.56
C ALA A 24 -5.73 -1.98 -8.05
N GLU A 25 -5.21 -1.93 -6.82
CA GLU A 25 -4.71 -0.71 -6.16
C GLU A 25 -3.48 -0.15 -6.90
N GLN A 26 -2.48 -1.04 -7.06
CA GLN A 26 -1.20 -0.73 -7.72
C GLN A 26 -1.45 -0.22 -9.16
N GLN A 27 -2.49 -0.79 -9.82
CA GLN A 27 -2.95 -0.37 -11.15
C GLN A 27 -3.62 1.02 -11.10
N GLN A 28 -4.45 1.25 -10.06
CA GLN A 28 -5.20 2.52 -9.83
C GLN A 28 -4.23 3.70 -9.52
N LEU A 29 -3.00 3.35 -9.10
CA LEU A 29 -1.90 4.31 -8.88
C LEU A 29 -1.11 4.53 -10.18
N SER A 30 -1.03 3.45 -11.01
CA SER A 30 -0.36 3.47 -12.32
C SER A 30 -1.18 4.28 -13.35
N VAL A 31 -2.51 4.33 -13.17
CA VAL A 31 -3.40 5.18 -14.01
C VAL A 31 -3.32 6.64 -13.52
N GLY A 32 -2.93 6.81 -12.25
CA GLY A 32 -2.62 8.12 -11.67
C GLY A 32 -3.84 8.91 -11.19
N GLN A 33 -5.04 8.55 -11.66
CA GLN A 33 -6.29 9.15 -11.20
C GLN A 33 -6.83 8.33 -10.01
N ILE A 34 -6.86 8.97 -8.83
CA ILE A 34 -7.34 8.34 -7.60
C ILE A 34 -8.86 8.42 -7.56
N ASN A 35 -9.51 7.25 -7.67
CA ASN A 35 -10.96 7.12 -7.54
C ASN A 35 -11.27 6.71 -6.10
N GLY A 36 -11.93 7.63 -5.36
CA GLY A 36 -12.15 7.50 -3.92
C GLY A 36 -12.85 6.21 -3.52
N SER A 37 -13.97 5.91 -4.20
CA SER A 37 -14.81 4.73 -3.92
C SER A 37 -14.02 3.41 -4.11
N GLN A 38 -13.25 3.35 -5.23
CA GLN A 38 -12.45 2.18 -5.61
C GLN A 38 -11.42 1.85 -4.52
N LEU A 39 -10.57 2.85 -4.22
CA LEU A 39 -9.50 2.71 -3.22
C LEU A 39 -10.04 2.67 -1.79
N GLN A 40 -11.30 3.10 -1.57
CA GLN A 40 -11.93 3.02 -0.24
C GLN A 40 -12.27 1.57 0.07
N ARG A 41 -12.85 0.86 -0.92
CA ARG A 41 -13.14 -0.58 -0.77
C ARG A 41 -11.82 -1.37 -0.70
N ILE A 42 -10.80 -0.91 -1.46
CA ILE A 42 -9.46 -1.51 -1.49
C ILE A 42 -8.73 -1.34 -0.12
N THR A 43 -8.76 -0.14 0.48
CA THR A 43 -8.06 0.13 1.76
C THR A 43 -8.81 -0.51 2.93
N GLU A 44 -10.13 -0.72 2.74
CA GLU A 44 -11.00 -1.45 3.66
C GLU A 44 -10.55 -2.92 3.71
N GLU A 45 -10.39 -3.51 2.51
CA GLU A 45 -9.91 -4.89 2.36
C GLU A 45 -8.49 -5.04 2.89
N LYS A 46 -7.56 -4.16 2.47
CA LYS A 46 -6.15 -4.19 2.90
C LYS A 46 -6.03 -4.18 4.44
N SER A 47 -6.67 -3.17 5.06
CA SER A 47 -6.62 -2.97 6.52
C SER A 47 -7.13 -4.21 7.27
N SER A 48 -8.34 -4.68 6.88
CA SER A 48 -9.00 -5.82 7.54
C SER A 48 -8.21 -7.12 7.37
N LEU A 49 -7.79 -7.41 6.12
CA LEU A 49 -7.18 -8.69 5.74
C LEU A 49 -5.75 -8.84 6.32
N LEU A 50 -4.96 -7.73 6.29
CA LEU A 50 -3.60 -7.70 6.92
C LEU A 50 -3.70 -7.83 8.44
N ALA A 51 -4.70 -7.14 9.03
CA ALA A 51 -4.99 -7.24 10.48
C ALA A 51 -5.32 -8.69 10.85
N THR A 52 -6.06 -9.37 9.96
CA THR A 52 -6.43 -10.78 10.14
C THR A 52 -5.21 -11.69 9.93
N LEU A 53 -4.26 -11.32 9.04
CA LEU A 53 -2.99 -12.07 8.87
C LEU A 53 -2.12 -12.04 10.14
N ASP A 54 -2.13 -10.89 10.83
CA ASP A 54 -1.45 -10.72 12.14
C ASP A 54 -2.14 -11.60 13.20
N TYR A 55 -3.47 -11.58 13.17
CA TYR A 55 -4.35 -12.46 13.98
C TYR A 55 -4.04 -13.95 13.71
N LEU A 56 -3.93 -14.31 12.42
CA LEU A 56 -3.71 -15.68 11.95
C LEU A 56 -2.27 -16.12 12.21
N GLU A 57 -1.33 -15.16 12.19
CA GLU A 57 0.08 -15.38 12.54
C GLU A 57 0.17 -15.80 14.01
N GLN A 58 -0.57 -15.07 14.85
CA GLN A 58 -0.69 -15.35 16.29
C GLN A 58 -1.27 -16.75 16.51
N GLN A 59 -2.52 -16.97 16.03
CA GLN A 59 -3.28 -18.22 16.24
C GLN A 59 -2.49 -19.46 15.75
N ARG A 60 -1.95 -19.35 14.52
CA ARG A 60 -1.13 -20.40 13.89
C ARG A 60 0.08 -20.76 14.76
N ARG A 61 0.85 -19.75 15.21
CA ARG A 61 2.06 -19.96 16.04
C ARG A 61 1.70 -20.58 17.41
N LEU A 62 0.54 -20.18 17.96
CA LEU A 62 -0.01 -20.76 19.21
C LEU A 62 -0.32 -22.25 18.99
N GLU A 63 -0.87 -22.56 17.81
CA GLU A 63 -1.24 -23.94 17.44
C GLU A 63 -0.04 -24.74 16.92
N GLN A 64 1.08 -24.08 16.61
CA GLN A 64 2.35 -24.79 16.34
C GLN A 64 3.02 -25.18 17.66
N ASN A 65 2.79 -24.36 18.70
CA ASN A 65 3.22 -24.64 20.07
C ASN A 65 2.27 -25.70 20.72
N ALA A 66 0.97 -25.61 20.38
CA ALA A 66 -0.08 -26.45 20.99
C ALA A 66 -0.15 -27.83 20.31
N GLN A 67 -0.20 -27.83 18.97
CA GLN A 67 -0.17 -29.08 18.17
C GLN A 67 1.28 -29.50 17.92
N ARG A 68 1.43 -30.73 17.45
CA ARG A 68 2.72 -31.31 17.06
C ARG A 68 3.16 -30.80 15.67
N SER A 69 2.15 -30.33 14.87
CA SER A 69 2.33 -29.82 13.49
C SER A 69 2.74 -30.97 12.53
N ALA A 70 2.34 -32.21 12.88
CA ALA A 70 2.80 -33.45 12.23
C ALA A 70 2.04 -33.80 10.93
N ASN A 71 1.05 -32.98 10.49
CA ASN A 71 0.30 -33.25 9.24
C ASN A 71 1.08 -32.75 8.02
N ASP A 72 1.03 -33.55 6.95
CA ASP A 72 1.61 -33.24 5.63
C ASP A 72 0.93 -32.02 5.00
N ASP A 73 -0.39 -31.92 5.28
CA ASP A 73 -1.27 -30.84 4.84
C ASP A 73 -0.69 -29.47 5.24
N ILE A 74 -0.18 -29.41 6.48
CA ILE A 74 0.36 -28.18 7.08
C ILE A 74 1.55 -27.65 6.24
N ALA A 75 2.41 -28.58 5.77
CA ALA A 75 3.59 -28.25 4.94
C ALA A 75 3.21 -27.81 3.52
N GLU A 76 2.12 -28.40 2.96
CA GLU A 76 1.54 -27.95 1.67
C GLU A 76 1.13 -26.48 1.74
N ARG A 77 0.25 -26.17 2.73
CA ARG A 77 -0.27 -24.80 2.94
C ARG A 77 0.84 -23.86 3.44
N TRP A 78 1.92 -24.43 4.03
CA TRP A 78 3.12 -23.69 4.48
C TRP A 78 3.81 -23.04 3.26
N GLN A 79 4.08 -23.89 2.23
CA GLN A 79 4.63 -23.44 0.95
C GLN A 79 3.68 -22.47 0.25
N ALA A 80 2.36 -22.78 0.29
CA ALA A 80 1.32 -21.96 -0.35
C ALA A 80 1.29 -20.53 0.24
N ILE A 81 1.38 -20.44 1.57
CA ILE A 81 1.41 -19.15 2.30
C ILE A 81 2.65 -18.35 1.89
N THR A 82 3.84 -18.99 1.94
CA THR A 82 5.12 -18.30 1.64
C THR A 82 5.22 -17.83 0.17
N GLU A 83 4.56 -18.59 -0.74
CA GLU A 83 4.42 -18.21 -2.16
C GLU A 83 3.59 -16.92 -2.27
N LYS A 84 2.37 -16.97 -1.73
CA LYS A 84 1.42 -15.87 -1.79
C LYS A 84 1.96 -14.62 -1.08
N THR A 85 2.62 -14.80 0.08
CA THR A 85 3.17 -13.68 0.88
C THR A 85 4.35 -13.01 0.13
N GLN A 86 5.13 -13.82 -0.61
CA GLN A 86 6.26 -13.31 -1.44
C GLN A 86 5.76 -12.50 -2.65
N HIS A 87 4.72 -13.05 -3.32
CA HIS A 87 4.09 -12.39 -4.49
C HIS A 87 3.41 -11.09 -4.05
N LEU A 88 2.74 -11.14 -2.87
CA LEU A 88 2.11 -9.97 -2.25
C LEU A 88 3.16 -8.94 -1.91
N ARG A 89 4.26 -9.39 -1.27
CA ARG A 89 5.35 -8.52 -0.80
C ARG A 89 5.95 -7.74 -1.98
N ASP A 90 6.08 -8.42 -3.13
CA ASP A 90 6.57 -7.82 -4.40
C ASP A 90 5.63 -6.69 -4.88
N LEU A 91 4.35 -7.05 -5.15
CA LEU A 91 3.35 -6.07 -5.66
C LEU A 91 3.03 -4.98 -4.61
N ASN A 92 3.28 -5.29 -3.32
CA ASN A 92 3.10 -4.38 -2.17
C ASN A 92 4.23 -3.35 -2.10
N GLN A 93 5.49 -3.78 -2.35
CA GLN A 93 6.64 -2.86 -2.43
C GLN A 93 6.41 -1.85 -3.57
N HIS A 94 6.08 -2.41 -4.75
CA HIS A 94 5.75 -1.64 -5.97
C HIS A 94 4.55 -0.69 -5.70
N ASN A 95 3.55 -1.22 -4.98
CA ASN A 95 2.35 -0.47 -4.53
C ASN A 95 2.76 0.77 -3.72
N GLY A 96 3.63 0.54 -2.71
CA GLY A 96 4.07 1.59 -1.79
C GLY A 96 4.87 2.68 -2.49
N TRP A 97 5.66 2.30 -3.51
CA TRP A 97 6.47 3.27 -4.28
C TRP A 97 5.59 4.05 -5.27
N LEU A 98 4.46 3.44 -5.68
CA LEU A 98 3.43 4.12 -6.52
C LEU A 98 2.48 4.96 -5.66
N LEU A 99 2.38 4.64 -4.34
CA LEU A 99 1.68 5.50 -3.36
C LEU A 99 2.49 6.78 -3.18
N GLU A 100 3.80 6.61 -2.94
CA GLU A 100 4.76 7.72 -2.80
C GLU A 100 4.90 8.52 -4.11
N GLY A 101 4.81 7.82 -5.24
CA GLY A 101 4.84 8.44 -6.57
C GLY A 101 3.61 9.30 -6.84
N GLN A 102 2.42 8.78 -6.44
CA GLN A 102 1.15 9.48 -6.63
C GLN A 102 1.01 10.69 -5.68
N ILE A 103 1.47 10.51 -4.42
CA ILE A 103 1.54 11.59 -3.41
C ILE A 103 2.53 12.67 -3.88
N GLU A 104 3.65 12.23 -4.51
CA GLU A 104 4.65 13.14 -5.12
C GLU A 104 3.99 14.04 -6.15
N ARG A 105 3.25 13.42 -7.09
CA ARG A 105 2.58 14.12 -8.19
C ARG A 105 1.54 15.16 -7.70
N ASN A 106 0.62 14.71 -6.81
CA ASN A 106 -0.52 15.53 -6.34
C ASN A 106 -0.05 16.70 -5.45
N GLN A 107 0.83 16.39 -4.48
CA GLN A 107 1.37 17.38 -3.52
C GLN A 107 2.25 18.45 -4.22
N GLN A 108 3.11 17.98 -5.14
CA GLN A 108 3.95 18.87 -5.96
C GLN A 108 3.06 19.74 -6.86
N ALA A 109 1.96 19.16 -7.36
CA ALA A 109 0.97 19.89 -8.17
C ALA A 109 0.28 21.00 -7.34
N LEU A 110 0.06 20.76 -6.03
CA LEU A 110 -0.45 21.80 -5.09
C LEU A 110 0.55 22.96 -4.99
N GLU A 111 1.84 22.60 -5.06
CA GLU A 111 2.93 23.59 -5.05
C GLU A 111 3.11 24.33 -6.41
N VAL A 112 2.87 23.64 -7.55
CA VAL A 112 3.17 24.19 -8.91
C VAL A 112 1.99 25.00 -9.50
N LEU A 113 0.76 24.45 -9.36
CA LEU A 113 -0.43 24.91 -10.14
C LEU A 113 -1.07 26.18 -9.56
N LYS A 114 -0.60 26.60 -8.37
CA LYS A 114 -1.07 27.85 -7.74
C LYS A 114 -0.35 29.05 -8.40
N PRO A 115 -1.10 30.20 -8.67
CA PRO A 115 -0.50 31.43 -9.23
C PRO A 115 0.70 31.91 -8.39
N HIS A 116 1.87 31.96 -9.02
CA HIS A 116 3.11 32.41 -8.39
C HIS A 116 3.36 33.88 -8.79
N GLN A 117 3.15 34.79 -7.83
CA GLN A 117 3.42 36.25 -7.95
C GLN A 117 2.55 36.91 -9.03
N GLU A 118 2.94 36.70 -10.30
CA GLU A 118 2.26 37.26 -11.49
C GLU A 118 0.79 36.77 -11.59
N PRO A 119 -0.16 37.64 -12.10
CA PRO A 119 -1.60 37.30 -12.18
C PRO A 119 -1.88 36.18 -13.20
N THR A 120 -2.09 34.96 -12.67
CA THR A 120 -2.45 33.78 -13.47
C THR A 120 -3.41 32.91 -12.65
N LEU A 121 -4.68 33.34 -12.61
CA LEU A 121 -5.75 32.71 -11.78
C LEU A 121 -5.93 31.21 -12.12
N TYR A 122 -5.77 30.89 -13.41
CA TYR A 122 -5.83 29.51 -13.92
C TYR A 122 -4.44 28.83 -13.85
N GLY A 123 -4.43 27.55 -13.47
CA GLY A 123 -3.23 26.70 -13.49
C GLY A 123 -3.49 25.44 -14.30
N ALA A 124 -3.97 24.39 -13.62
CA ALA A 124 -4.48 23.15 -14.26
C ALA A 124 -5.80 22.76 -13.58
N ASP A 125 -6.66 23.77 -13.39
CA ASP A 125 -7.99 23.64 -12.76
C ASP A 125 -8.89 22.66 -13.53
N GLY A 126 -9.62 21.81 -12.79
CA GLY A 126 -10.53 20.84 -13.38
C GLY A 126 -10.68 19.57 -12.54
N GLN A 127 -10.28 18.42 -13.13
CA GLN A 127 -10.50 17.08 -12.55
C GLN A 127 -9.29 16.58 -11.74
N THR A 128 -8.09 17.14 -12.04
CA THR A 128 -6.77 16.71 -11.50
C THR A 128 -6.51 15.20 -11.79
N SER A 129 -7.06 14.74 -12.92
CA SER A 129 -6.94 13.35 -13.38
C SER A 129 -5.91 13.25 -14.53
N VAL A 130 -5.58 12.01 -14.92
CA VAL A 130 -4.49 11.72 -15.87
C VAL A 130 -4.61 10.25 -16.34
N SER A 131 -3.85 9.87 -17.39
CA SER A 131 -3.79 8.49 -17.88
C SER A 131 -2.64 7.69 -17.21
N HIS A 132 -1.66 8.39 -16.59
CA HIS A 132 -0.54 7.73 -15.85
C HIS A 132 0.19 8.70 -14.89
N ARG A 133 0.49 8.20 -13.66
CA ARG A 133 1.39 8.86 -12.68
C ARG A 133 2.22 7.79 -11.95
N GLY A 134 3.43 8.18 -11.54
CA GLY A 134 4.34 7.31 -10.78
C GLY A 134 5.71 7.96 -10.64
N GLY A 135 6.46 7.54 -9.60
CA GLY A 135 7.80 8.08 -9.36
C GLY A 135 8.30 7.81 -7.95
N LYS A 136 9.34 8.57 -7.56
CA LYS A 136 9.90 8.55 -6.19
C LYS A 136 9.87 9.97 -5.60
N LYS A 137 9.39 10.10 -4.36
CA LYS A 137 8.99 11.40 -3.78
C LYS A 137 10.15 12.13 -3.07
N ILE A 138 10.62 13.22 -3.72
CA ILE A 138 11.49 14.25 -3.11
C ILE A 138 10.62 15.49 -2.73
N SER A 139 9.55 15.70 -3.53
CA SER A 139 8.74 16.92 -3.49
C SER A 139 8.08 17.16 -2.11
N ILE A 140 8.17 18.42 -1.64
CA ILE A 140 7.51 18.89 -0.40
C ILE A 140 6.04 19.25 -0.69
N VAL A 141 5.34 19.78 0.34
CA VAL A 141 3.98 20.31 0.20
C VAL A 141 3.72 21.37 1.29
N LEU A 142 2.72 22.24 1.09
CA LEU A 142 2.38 23.33 2.03
C LEU A 142 1.83 22.82 3.37
N PHE A 143 1.43 21.54 3.42
CA PHE A 143 0.95 20.89 4.66
C PHE A 143 2.16 20.46 5.51
N GLN A 144 3.03 19.63 4.92
CA GLN A 144 4.18 18.97 5.60
C GLN A 144 5.37 18.78 4.63
N GLY A 145 6.44 18.12 5.10
CA GLY A 145 7.59 17.76 4.25
C GLY A 145 7.29 16.59 3.31
N PRO A 146 8.32 16.01 2.61
CA PRO A 146 8.12 14.92 1.63
C PRO A 146 7.70 13.59 2.26
N SER A 147 7.90 13.43 3.59
CA SER A 147 7.48 12.21 4.35
C SER A 147 8.21 10.93 3.83
N ALA A 148 9.37 11.14 3.20
CA ALA A 148 10.17 10.08 2.55
C ALA A 148 11.65 10.46 2.55
N GLY A 149 11.90 11.79 2.51
CA GLY A 149 13.26 12.35 2.48
C GLY A 149 13.75 12.52 1.05
N LEU A 150 15.08 12.65 0.91
CA LEU A 150 15.73 12.74 -0.41
C LEU A 150 15.99 11.31 -0.92
N VAL A 151 15.02 10.77 -1.66
CA VAL A 151 15.12 9.43 -2.28
C VAL A 151 16.14 9.44 -3.46
N PRO A 152 16.90 8.30 -3.67
CA PRO A 152 18.06 8.24 -4.63
C PRO A 152 17.75 8.74 -6.05
N ARG A 153 16.74 8.12 -6.70
CA ARG A 153 16.37 8.45 -8.09
C ARG A 153 15.60 9.79 -8.12
N GLY A 154 14.53 9.86 -7.32
CA GLY A 154 13.66 11.03 -7.27
C GLY A 154 12.65 11.10 -8.40
N SER A 155 12.02 12.27 -8.55
CA SER A 155 11.00 12.56 -9.57
C SER A 155 10.67 14.07 -9.57
N GLY A 156 9.91 14.53 -10.58
CA GLY A 156 9.56 15.95 -10.71
C GLY A 156 8.61 16.22 -11.88
N GLY A 157 9.21 16.51 -13.06
CA GLY A 157 8.45 16.87 -14.27
C GLY A 157 7.87 18.28 -14.18
N ILE A 158 6.72 18.40 -13.50
CA ILE A 158 6.13 19.69 -13.10
C ILE A 158 6.89 20.23 -11.87
N GLU A 159 7.92 21.06 -12.12
CA GLU A 159 8.83 21.52 -11.05
C GLU A 159 9.45 22.89 -11.37
N GLY A 160 9.80 23.64 -10.30
CA GLY A 160 10.40 24.98 -10.42
C GLY A 160 10.24 25.78 -9.12
N MET A 161 9.47 26.89 -9.19
CA MET A 161 9.22 27.79 -8.03
C MET A 161 8.04 27.27 -7.18
N ALA A 162 8.01 25.94 -6.99
CA ALA A 162 6.95 25.22 -6.27
C ALA A 162 7.31 25.14 -4.77
N GLN A 163 7.49 26.33 -4.18
CA GLN A 163 8.03 26.48 -2.81
C GLN A 163 7.13 27.42 -2.00
N HIS A 164 6.26 26.84 -1.16
CA HIS A 164 5.45 27.61 -0.18
C HIS A 164 4.94 26.68 0.95
N GLY A 165 4.30 27.27 1.98
CA GLY A 165 3.84 26.50 3.13
C GLY A 165 2.91 27.29 4.03
N ALA A 166 1.63 27.40 3.61
CA ALA A 166 0.59 28.07 4.39
C ALA A 166 -0.81 27.65 3.91
N LEU A 167 -1.51 26.85 4.72
CA LEU A 167 -2.94 26.56 4.56
C LEU A 167 -3.51 26.29 5.96
N GLU A 168 -4.29 27.25 6.46
CA GLU A 168 -4.99 27.15 7.74
C GLU A 168 -6.39 26.57 7.47
N THR A 169 -7.15 27.26 6.60
CA THR A 169 -8.48 26.82 6.14
C THR A 169 -8.73 27.35 4.71
N LEU A 170 -8.85 26.43 3.74
CA LEU A 170 -9.15 26.74 2.33
C LEU A 170 -9.96 25.58 1.73
N LYS A 171 -11.30 25.72 1.75
CA LYS A 171 -12.25 24.68 1.30
C LYS A 171 -12.46 24.77 -0.22
N ASP A 172 -11.53 24.14 -0.96
CA ASP A 172 -11.50 24.14 -2.44
C ASP A 172 -11.45 22.67 -2.95
N LEU A 173 -11.02 22.48 -4.23
CA LEU A 173 -10.84 21.13 -4.82
C LEU A 173 -9.83 20.30 -3.99
N ALA A 174 -8.72 20.97 -3.59
CA ALA A 174 -7.58 20.35 -2.88
C ALA A 174 -8.04 19.66 -1.58
N GLU A 175 -9.02 20.24 -0.88
CA GLU A 175 -9.59 19.62 0.34
C GLU A 175 -10.07 18.19 0.08
N LYS A 176 -10.96 18.01 -0.90
CA LYS A 176 -11.58 16.71 -1.19
C LYS A 176 -10.56 15.72 -1.78
N GLU A 177 -9.85 16.12 -2.85
CA GLU A 177 -8.93 15.21 -3.58
C GLU A 177 -7.72 14.77 -2.71
N VAL A 178 -7.17 15.71 -1.91
CA VAL A 178 -5.95 15.47 -1.12
C VAL A 178 -6.28 14.74 0.19
N ASP A 179 -7.38 15.13 0.89
CA ASP A 179 -7.82 14.42 2.12
C ASP A 179 -8.22 12.96 1.80
N ASP A 180 -8.83 12.79 0.61
CA ASP A 180 -9.16 11.48 0.07
C ASP A 180 -7.88 10.64 -0.10
N ALA A 181 -6.92 11.15 -0.90
CA ALA A 181 -5.65 10.46 -1.18
C ALA A 181 -4.75 10.36 0.07
N ALA A 182 -4.89 11.28 1.03
CA ALA A 182 -4.07 11.28 2.27
C ALA A 182 -4.53 10.14 3.18
N ARG A 183 -5.86 9.98 3.28
CA ARG A 183 -6.48 8.95 4.12
C ARG A 183 -6.24 7.57 3.48
N LEU A 184 -6.63 7.44 2.19
CA LEU A 184 -6.53 6.19 1.43
C LEU A 184 -5.06 5.76 1.32
N LEU A 185 -4.23 6.58 0.61
CA LEU A 185 -2.82 6.22 0.33
C LEU A 185 -2.00 6.20 1.64
N GLY A 186 -2.38 7.05 2.63
CA GLY A 186 -1.69 7.10 3.92
C GLY A 186 -1.82 5.80 4.71
N GLU A 187 -3.07 5.36 4.95
CA GLU A 187 -3.36 4.10 5.68
C GLU A 187 -2.98 2.87 4.84
N MET A 188 -2.89 3.04 3.50
CA MET A 188 -2.41 1.98 2.60
C MET A 188 -0.88 1.93 2.55
N ARG A 189 -0.20 3.04 2.92
CA ARG A 189 1.28 3.10 3.01
C ARG A 189 1.75 2.53 4.35
N ARG A 190 1.02 2.91 5.43
CA ARG A 190 1.18 2.31 6.76
C ARG A 190 0.93 0.80 6.65
N GLY A 191 -0.22 0.45 6.04
CA GLY A 191 -0.59 -0.93 5.75
C GLY A 191 0.42 -1.63 4.84
N CYS A 192 1.03 -0.87 3.90
CA CYS A 192 2.07 -1.39 2.98
C CYS A 192 3.32 -1.82 3.75
N GLN A 193 3.76 -0.98 4.70
CA GLN A 193 5.00 -1.23 5.46
C GLN A 193 4.80 -2.40 6.46
N GLN A 194 3.60 -2.41 7.09
CA GLN A 194 3.16 -3.51 7.97
C GLN A 194 3.12 -4.83 7.20
N ALA A 195 2.59 -4.77 5.95
CA ALA A 195 2.47 -5.93 5.05
C ALA A 195 3.87 -6.45 4.71
N GLU A 196 4.74 -5.53 4.25
CA GLU A 196 6.12 -5.84 3.80
C GLU A 196 6.84 -6.67 4.88
N GLU A 197 6.83 -6.12 6.11
CA GLU A 197 7.55 -6.70 7.25
C GLU A 197 6.87 -7.98 7.80
N GLN A 198 5.52 -8.08 7.73
CA GLN A 198 4.74 -9.23 8.29
C GLN A 198 4.88 -10.48 7.39
N LEU A 199 4.72 -10.26 6.08
CA LEU A 199 4.88 -11.30 5.05
C LEU A 199 6.35 -11.80 5.03
N LYS A 200 7.29 -10.82 5.04
CA LYS A 200 8.75 -11.10 5.13
C LYS A 200 9.10 -11.89 6.41
N MET A 201 8.43 -11.53 7.53
CA MET A 201 8.61 -12.21 8.84
C MET A 201 8.28 -13.70 8.70
N LEU A 202 7.12 -14.00 8.07
CA LEU A 202 6.68 -15.39 7.80
C LEU A 202 7.62 -16.15 6.83
N ILE A 203 8.23 -15.43 5.88
CA ILE A 203 9.20 -15.99 4.90
C ILE A 203 10.60 -16.21 5.57
N ASP A 204 10.85 -15.51 6.68
CA ASP A 204 12.05 -15.75 7.53
C ASP A 204 11.76 -16.86 8.59
N TYR A 205 10.48 -16.91 8.98
CA TYR A 205 9.93 -17.81 10.02
C TYR A 205 9.80 -19.25 9.51
N GLN A 206 9.50 -19.39 8.20
CA GLN A 206 9.30 -20.69 7.52
C GLN A 206 10.48 -21.66 7.68
N ASN A 207 11.70 -21.10 7.88
CA ASN A 207 12.95 -21.86 7.93
C ASN A 207 13.11 -22.54 9.31
N GLU A 208 12.28 -23.56 9.53
CA GLU A 208 12.22 -24.32 10.78
C GLU A 208 11.33 -25.55 10.54
N TYR A 209 10.02 -25.30 10.36
CA TYR A 209 9.05 -26.35 10.00
C TYR A 209 8.99 -26.53 8.48
N ARG A 210 9.06 -27.81 8.04
CA ARG A 210 8.82 -28.25 6.66
C ARG A 210 8.76 -29.81 6.65
N SER A 211 7.53 -30.40 6.72
CA SER A 211 7.39 -31.87 6.73
C SER A 211 7.58 -32.40 5.29
N ASN A 212 6.50 -32.49 4.48
CA ASN A 212 6.58 -32.82 3.03
C ASN A 212 5.43 -32.08 2.30
N LEU A 213 5.71 -31.62 1.07
CA LEU A 213 4.80 -30.71 0.32
C LEU A 213 3.48 -31.40 -0.08
N ASN A 214 3.55 -32.37 -1.02
CA ASN A 214 2.36 -33.07 -1.56
C ASN A 214 2.75 -34.44 -2.18
N MET A 1 -4.67 -33.12 14.35
CA MET A 1 -4.42 -32.56 12.99
C MET A 1 -5.70 -31.90 12.43
N THR A 2 -5.77 -30.55 12.56
CA THR A 2 -6.92 -29.73 12.07
C THR A 2 -6.66 -28.23 12.38
N ARG A 3 -5.97 -27.98 13.53
CA ARG A 3 -5.74 -26.64 14.11
C ARG A 3 -5.07 -25.68 13.12
N LEU A 4 -3.80 -25.98 12.75
CA LEU A 4 -3.06 -25.15 11.79
C LEU A 4 -3.76 -25.13 10.42
N SER A 5 -4.17 -26.33 9.93
CA SER A 5 -4.78 -26.50 8.59
C SER A 5 -5.86 -25.44 8.27
N GLU A 6 -6.74 -25.15 9.26
CA GLU A 6 -7.80 -24.13 9.13
C GLU A 6 -7.19 -22.71 9.06
N ILE A 7 -6.30 -22.40 10.03
CA ILE A 7 -5.59 -21.09 10.15
C ILE A 7 -4.84 -20.75 8.84
N LEU A 8 -4.32 -21.81 8.20
CA LEU A 8 -3.43 -21.70 7.05
C LEU A 8 -4.21 -21.59 5.74
N ASP A 9 -5.37 -22.27 5.66
CA ASP A 9 -6.31 -22.11 4.53
C ASP A 9 -6.93 -20.70 4.54
N GLN A 10 -7.18 -20.20 5.76
CA GLN A 10 -7.61 -18.80 5.96
C GLN A 10 -6.49 -17.83 5.59
N MET A 11 -5.23 -18.18 5.97
CA MET A 11 -4.04 -17.39 5.62
C MET A 11 -3.91 -17.25 4.10
N THR A 12 -3.86 -18.40 3.40
CA THR A 12 -3.59 -18.45 1.95
C THR A 12 -4.78 -17.94 1.10
N THR A 13 -6.04 -18.07 1.60
CA THR A 13 -7.21 -17.49 0.89
C THR A 13 -7.17 -15.96 0.98
N VAL A 14 -6.82 -15.44 2.19
CA VAL A 14 -6.71 -13.99 2.42
C VAL A 14 -5.54 -13.42 1.60
N LEU A 15 -4.46 -14.20 1.45
CA LEU A 15 -3.29 -13.84 0.60
C LEU A 15 -3.68 -13.78 -0.89
N ASN A 16 -4.56 -14.71 -1.32
CA ASN A 16 -5.08 -14.81 -2.69
C ASN A 16 -6.02 -13.62 -3.01
N ASP A 17 -6.88 -13.31 -2.02
CA ASP A 17 -7.80 -12.17 -2.08
C ASP A 17 -7.03 -10.85 -2.01
N LEU A 18 -5.88 -10.83 -1.30
CA LEU A 18 -4.98 -9.67 -1.24
C LEU A 18 -4.18 -9.51 -2.53
N LYS A 19 -3.95 -10.62 -3.26
CA LYS A 19 -3.34 -10.55 -4.60
C LYS A 19 -4.31 -9.76 -5.48
N THR A 20 -5.59 -10.17 -5.46
CA THR A 20 -6.67 -9.53 -6.25
C THR A 20 -6.87 -8.04 -5.86
N VAL A 21 -7.16 -7.79 -4.56
CA VAL A 21 -7.43 -6.45 -4.00
C VAL A 21 -6.25 -5.49 -4.26
N MET A 22 -5.04 -5.92 -3.87
CA MET A 22 -3.86 -5.05 -3.92
C MET A 22 -3.32 -4.90 -5.36
N ASP A 23 -3.64 -5.85 -6.25
CA ASP A 23 -3.40 -5.70 -7.71
C ASP A 23 -4.27 -4.55 -8.26
N ALA A 24 -5.54 -4.54 -7.81
CA ALA A 24 -6.52 -3.54 -8.19
C ALA A 24 -6.04 -2.12 -7.83
N GLU A 25 -5.65 -1.89 -6.55
CA GLU A 25 -5.10 -0.57 -6.13
C GLU A 25 -3.80 -0.24 -6.89
N GLN A 26 -2.86 -1.22 -6.99
CA GLN A 26 -1.53 -1.03 -7.61
C GLN A 26 -1.67 -0.43 -9.03
N GLN A 27 -2.63 -0.97 -9.80
CA GLN A 27 -2.93 -0.48 -11.16
C GLN A 27 -3.67 0.88 -11.13
N GLN A 28 -4.68 1.02 -10.24
CA GLN A 28 -5.50 2.26 -10.11
C GLN A 28 -4.69 3.45 -9.50
N LEU A 29 -3.48 3.18 -9.01
CA LEU A 29 -2.54 4.21 -8.51
C LEU A 29 -1.51 4.52 -9.59
N SER A 30 -1.18 3.50 -10.39
CA SER A 30 -0.22 3.58 -11.49
C SER A 30 -0.75 4.48 -12.63
N VAL A 31 -2.09 4.60 -12.72
CA VAL A 31 -2.75 5.38 -13.79
C VAL A 31 -2.64 6.91 -13.55
N GLY A 32 -2.43 7.32 -12.27
CA GLY A 32 -2.33 8.74 -11.91
C GLY A 32 -3.68 9.39 -11.62
N GLN A 33 -4.75 8.58 -11.69
CA GLN A 33 -6.13 8.98 -11.41
C GLN A 33 -6.60 8.33 -10.10
N ILE A 34 -6.85 9.15 -9.07
CA ILE A 34 -7.34 8.69 -7.76
C ILE A 34 -8.88 8.71 -7.76
N ASN A 35 -9.49 7.52 -7.78
CA ASN A 35 -10.95 7.38 -7.69
C ASN A 35 -11.32 7.04 -6.25
N GLY A 36 -12.14 7.91 -5.63
CA GLY A 36 -12.51 7.78 -4.22
C GLY A 36 -13.19 6.48 -3.90
N SER A 37 -14.28 6.19 -4.63
CA SER A 37 -15.14 5.02 -4.41
C SER A 37 -14.36 3.68 -4.59
N GLN A 38 -13.58 3.61 -5.69
CA GLN A 38 -12.83 2.42 -6.07
C GLN A 38 -11.76 2.10 -5.02
N LEU A 39 -10.89 3.08 -4.74
CA LEU A 39 -9.83 2.92 -3.75
C LEU A 39 -10.38 2.75 -2.33
N GLN A 40 -11.63 3.21 -2.09
CA GLN A 40 -12.29 3.07 -0.78
C GLN A 40 -12.62 1.61 -0.51
N ARG A 41 -13.29 0.95 -1.48
CA ARG A 41 -13.65 -0.48 -1.36
C ARG A 41 -12.36 -1.35 -1.27
N ILE A 42 -11.33 -0.96 -2.07
CA ILE A 42 -10.06 -1.70 -2.13
C ILE A 42 -9.29 -1.59 -0.80
N THR A 43 -9.03 -0.35 -0.33
CA THR A 43 -8.20 -0.09 0.87
C THR A 43 -8.90 -0.61 2.14
N GLU A 44 -10.25 -0.64 2.11
CA GLU A 44 -11.07 -1.26 3.15
C GLU A 44 -10.77 -2.76 3.24
N GLU A 45 -10.91 -3.45 2.08
CA GLU A 45 -10.64 -4.91 1.99
C GLU A 45 -9.17 -5.24 2.29
N LYS A 46 -8.26 -4.33 1.89
CA LYS A 46 -6.82 -4.50 2.08
C LYS A 46 -6.49 -4.56 3.57
N SER A 47 -6.86 -3.48 4.28
CA SER A 47 -6.55 -3.29 5.71
C SER A 47 -7.31 -4.31 6.58
N SER A 48 -8.52 -4.70 6.12
CA SER A 48 -9.36 -5.73 6.78
C SER A 48 -8.65 -7.09 6.73
N LEU A 49 -8.15 -7.45 5.54
CA LEU A 49 -7.49 -8.73 5.27
C LEU A 49 -6.09 -8.79 5.92
N LEU A 50 -5.41 -7.63 6.04
CA LEU A 50 -4.09 -7.52 6.71
C LEU A 50 -4.25 -7.64 8.24
N ALA A 51 -5.37 -7.10 8.77
CA ALA A 51 -5.76 -7.27 10.19
C ALA A 51 -6.10 -8.74 10.48
N THR A 52 -6.71 -9.40 9.47
CA THR A 52 -7.00 -10.83 9.53
C THR A 52 -5.68 -11.63 9.52
N LEU A 53 -4.71 -11.23 8.67
CA LEU A 53 -3.36 -11.86 8.63
C LEU A 53 -2.64 -11.71 9.97
N ASP A 54 -2.86 -10.57 10.65
CA ASP A 54 -2.29 -10.30 11.99
C ASP A 54 -2.84 -11.31 13.02
N TYR A 55 -4.19 -11.50 13.03
CA TYR A 55 -4.84 -12.46 13.95
C TYR A 55 -4.37 -13.90 13.61
N LEU A 56 -4.38 -14.23 12.30
CA LEU A 56 -3.97 -15.55 11.77
C LEU A 56 -2.49 -15.83 12.08
N GLU A 57 -1.66 -14.76 12.04
CA GLU A 57 -0.22 -14.86 12.31
C GLU A 57 -0.02 -15.27 13.76
N GLN A 58 -0.70 -14.55 14.67
CA GLN A 58 -0.63 -14.81 16.12
C GLN A 58 -1.06 -16.25 16.44
N GLN A 59 -2.15 -16.71 15.80
CA GLN A 59 -2.69 -18.06 16.02
C GLN A 59 -1.73 -19.15 15.50
N ARG A 60 -1.16 -18.95 14.30
CA ARG A 60 -0.22 -19.92 13.70
C ARG A 60 1.13 -19.91 14.43
N ARG A 61 1.47 -18.79 15.11
CA ARG A 61 2.68 -18.66 15.96
C ARG A 61 2.54 -19.52 17.24
N LEU A 62 1.48 -19.23 18.01
CA LEU A 62 1.15 -19.98 19.26
C LEU A 62 1.05 -21.48 18.98
N GLU A 63 0.41 -21.79 17.82
CA GLU A 63 0.17 -23.15 17.41
C GLU A 63 1.49 -23.86 17.09
N GLN A 64 2.30 -23.32 16.13
CA GLN A 64 3.56 -23.98 15.70
C GLN A 64 4.55 -24.15 16.88
N ASN A 65 4.43 -23.25 17.86
CA ASN A 65 5.15 -23.30 19.13
C ASN A 65 4.79 -24.58 19.92
N ALA A 66 3.48 -24.79 20.14
CA ALA A 66 2.96 -25.92 20.96
C ALA A 66 2.74 -27.22 20.13
N GLN A 67 2.74 -27.11 18.79
CA GLN A 67 2.29 -28.17 17.85
C GLN A 67 3.48 -28.74 17.07
N ARG A 68 3.41 -30.06 16.77
CA ARG A 68 4.39 -30.76 15.91
C ARG A 68 3.82 -30.83 14.48
N SER A 69 4.48 -31.57 13.56
CA SER A 69 3.96 -31.78 12.20
C SER A 69 2.70 -32.67 12.24
N ALA A 70 2.85 -34.02 12.09
CA ALA A 70 1.72 -34.99 12.16
C ALA A 70 0.50 -34.59 11.29
N ASN A 71 0.81 -33.84 10.22
CA ASN A 71 -0.15 -33.08 9.42
C ASN A 71 0.70 -32.31 8.38
N ASP A 72 1.05 -32.98 7.29
CA ASP A 72 1.99 -32.41 6.28
C ASP A 72 1.25 -31.50 5.29
N ASP A 73 -0.09 -31.49 5.40
CA ASP A 73 -0.95 -30.43 4.82
C ASP A 73 -0.43 -29.06 5.26
N ILE A 74 -0.05 -28.95 6.56
CA ILE A 74 0.57 -27.73 7.12
C ILE A 74 1.74 -27.26 6.24
N ALA A 75 2.68 -28.19 5.96
CA ALA A 75 3.89 -27.92 5.15
C ALA A 75 3.51 -27.41 3.74
N GLU A 76 2.53 -28.08 3.11
CA GLU A 76 2.00 -27.70 1.80
C GLU A 76 1.42 -26.28 1.79
N ARG A 77 0.62 -25.96 2.83
CA ARG A 77 0.03 -24.63 3.00
C ARG A 77 1.14 -23.58 3.19
N TRP A 78 2.18 -23.95 3.96
CA TRP A 78 3.32 -23.06 4.29
C TRP A 78 4.15 -22.70 3.05
N GLN A 79 4.20 -23.62 2.07
CA GLN A 79 4.84 -23.38 0.75
C GLN A 79 3.97 -22.44 -0.13
N ALA A 80 2.64 -22.66 -0.08
CA ALA A 80 1.66 -21.77 -0.75
C ALA A 80 1.68 -20.36 -0.12
N ILE A 81 1.99 -20.31 1.19
CA ILE A 81 2.12 -19.06 1.95
C ILE A 81 3.33 -18.29 1.44
N THR A 82 4.54 -18.91 1.44
CA THR A 82 5.78 -18.25 0.95
C THR A 82 5.60 -17.70 -0.47
N GLU A 83 4.92 -18.48 -1.33
CA GLU A 83 4.64 -18.10 -2.72
C GLU A 83 3.85 -16.77 -2.76
N LYS A 84 2.68 -16.77 -2.09
CA LYS A 84 1.78 -15.61 -2.06
C LYS A 84 2.42 -14.40 -1.37
N THR A 85 2.86 -14.60 -0.11
CA THR A 85 3.45 -13.54 0.74
C THR A 85 4.62 -12.82 0.05
N GLN A 86 5.46 -13.59 -0.67
CA GLN A 86 6.56 -13.04 -1.48
C GLN A 86 6.00 -12.15 -2.60
N HIS A 87 5.06 -12.72 -3.39
CA HIS A 87 4.41 -12.00 -4.50
C HIS A 87 3.69 -10.74 -4.00
N LEU A 88 3.14 -10.79 -2.77
CA LEU A 88 2.38 -9.68 -2.16
C LEU A 88 3.30 -8.60 -1.62
N ARG A 89 4.46 -9.00 -1.08
CA ARG A 89 5.46 -8.09 -0.55
C ARG A 89 6.00 -7.21 -1.68
N ASP A 90 6.31 -7.86 -2.83
CA ASP A 90 6.87 -7.18 -4.01
C ASP A 90 5.79 -6.34 -4.70
N LEU A 91 4.58 -6.91 -4.81
CA LEU A 91 3.38 -6.25 -5.34
C LEU A 91 3.13 -4.94 -4.58
N ASN A 92 3.17 -5.03 -3.23
CA ASN A 92 2.84 -3.90 -2.34
C ASN A 92 4.02 -2.92 -2.25
N GLN A 93 5.24 -3.41 -2.54
CA GLN A 93 6.46 -2.57 -2.65
C GLN A 93 6.31 -1.60 -3.86
N HIS A 94 5.86 -2.17 -5.00
CA HIS A 94 5.55 -1.39 -6.22
C HIS A 94 4.41 -0.42 -5.94
N ASN A 95 3.37 -0.91 -5.23
CA ASN A 95 2.19 -0.13 -4.82
C ASN A 95 2.58 1.09 -3.97
N GLY A 96 3.46 0.88 -2.97
CA GLY A 96 3.92 1.94 -2.06
C GLY A 96 4.79 2.97 -2.76
N TRP A 97 5.56 2.50 -3.75
CA TRP A 97 6.40 3.34 -4.63
C TRP A 97 5.51 4.26 -5.51
N LEU A 98 4.38 3.70 -5.98
CA LEU A 98 3.37 4.43 -6.77
C LEU A 98 2.57 5.39 -5.88
N LEU A 99 2.43 5.03 -4.58
CA LEU A 99 1.73 5.86 -3.59
C LEU A 99 2.50 7.16 -3.35
N GLU A 100 3.76 7.06 -2.90
CA GLU A 100 4.61 8.25 -2.66
C GLU A 100 5.01 8.93 -3.98
N GLY A 101 4.89 8.16 -5.09
CA GLY A 101 4.93 8.73 -6.43
C GLY A 101 3.77 9.67 -6.69
N GLN A 102 2.58 9.25 -6.24
CA GLN A 102 1.33 9.99 -6.38
C GLN A 102 1.31 11.21 -5.43
N ILE A 103 1.80 11.00 -4.18
CA ILE A 103 1.88 12.06 -3.16
C ILE A 103 2.85 13.17 -3.64
N GLU A 104 4.05 12.77 -4.15
CA GLU A 104 5.04 13.76 -4.65
C GLU A 104 4.48 14.51 -5.86
N ARG A 105 3.81 13.77 -6.77
CA ARG A 105 3.13 14.35 -7.95
C ARG A 105 2.16 15.46 -7.54
N ASN A 106 1.25 15.11 -6.61
CA ASN A 106 0.13 15.98 -6.20
C ASN A 106 0.61 17.21 -5.42
N GLN A 107 1.52 16.99 -4.44
CA GLN A 107 2.04 18.08 -3.58
C GLN A 107 2.85 19.11 -4.41
N GLN A 108 3.69 18.58 -5.32
CA GLN A 108 4.57 19.38 -6.17
C GLN A 108 3.72 20.17 -7.17
N ALA A 109 2.63 19.52 -7.63
CA ALA A 109 1.62 20.17 -8.47
C ALA A 109 0.90 21.29 -7.70
N LEU A 110 0.69 21.10 -6.36
CA LEU A 110 0.11 22.15 -5.49
C LEU A 110 1.01 23.39 -5.46
N GLU A 111 2.34 23.16 -5.30
CA GLU A 111 3.36 24.23 -5.34
C GLU A 111 3.37 24.96 -6.72
N VAL A 112 3.09 24.21 -7.81
CA VAL A 112 2.92 24.79 -9.16
C VAL A 112 1.54 25.50 -9.30
N LEU A 113 0.54 25.08 -8.50
CA LEU A 113 -0.82 25.70 -8.49
C LEU A 113 -0.89 26.87 -7.47
N LYS A 114 0.17 27.05 -6.66
CA LYS A 114 0.31 28.22 -5.76
C LYS A 114 0.63 29.48 -6.60
N PRO A 115 0.09 30.69 -6.23
CA PRO A 115 0.38 31.96 -6.96
C PRO A 115 1.88 32.34 -6.95
N HIS A 116 2.26 33.29 -7.84
CA HIS A 116 3.66 33.73 -8.03
C HIS A 116 4.27 34.23 -6.70
N GLN A 117 5.35 33.56 -6.24
CA GLN A 117 5.95 33.85 -4.94
C GLN A 117 7.49 33.92 -5.08
N GLU A 118 8.13 32.74 -5.18
CA GLU A 118 9.60 32.60 -5.33
C GLU A 118 9.95 31.61 -6.48
N PRO A 119 9.39 30.33 -6.52
CA PRO A 119 9.56 29.48 -7.71
C PRO A 119 8.58 29.89 -8.82
N THR A 120 9.13 30.29 -10.00
CA THR A 120 8.31 30.70 -11.15
C THR A 120 7.57 29.47 -11.71
N LEU A 121 6.31 29.31 -11.29
CA LEU A 121 5.46 28.18 -11.69
C LEU A 121 5.15 28.26 -13.21
N TYR A 122 5.64 27.26 -13.97
CA TYR A 122 5.39 27.15 -15.42
C TYR A 122 3.88 26.93 -15.66
N GLY A 123 3.28 26.09 -14.83
CA GLY A 123 1.89 25.70 -14.94
C GLY A 123 1.78 24.23 -15.32
N ALA A 124 1.02 23.47 -14.52
CA ALA A 124 0.79 22.03 -14.74
C ALA A 124 -0.61 21.67 -14.25
N ASP A 125 -1.32 20.83 -15.02
CA ASP A 125 -2.64 20.30 -14.67
C ASP A 125 -2.59 18.76 -14.62
N GLY A 126 -3.73 18.13 -14.34
CA GLY A 126 -3.84 16.67 -14.27
C GLY A 126 -4.57 16.23 -13.02
N GLN A 127 -5.61 17.00 -12.65
CA GLN A 127 -6.41 16.76 -11.44
C GLN A 127 -7.17 15.41 -11.55
N THR A 128 -6.67 14.40 -10.79
CA THR A 128 -7.12 12.99 -10.81
C THR A 128 -7.46 12.49 -12.25
N SER A 129 -6.42 12.36 -13.08
CA SER A 129 -6.55 11.96 -14.50
C SER A 129 -5.32 11.15 -14.92
N VAL A 130 -5.52 10.25 -15.91
CA VAL A 130 -4.43 9.50 -16.53
C VAL A 130 -3.71 10.42 -17.54
N SER A 131 -2.84 11.28 -16.99
CA SER A 131 -2.05 12.24 -17.76
C SER A 131 -0.85 11.50 -18.38
N HIS A 132 -0.11 10.81 -17.50
CA HIS A 132 1.06 10.01 -17.86
C HIS A 132 1.42 9.10 -16.67
N ARG A 133 1.62 7.80 -16.96
CA ARG A 133 2.01 6.80 -15.97
C ARG A 133 3.53 6.89 -15.70
N GLY A 134 3.91 7.42 -14.53
CA GLY A 134 5.33 7.62 -14.17
C GLY A 134 5.55 7.59 -12.68
N GLY A 135 5.38 6.40 -12.08
CA GLY A 135 5.55 6.21 -10.64
C GLY A 135 6.98 5.87 -10.27
N LYS A 136 7.83 6.90 -10.19
CA LYS A 136 9.23 6.79 -9.76
C LYS A 136 9.59 8.06 -8.98
N LYS A 137 8.80 8.31 -7.92
CA LYS A 137 8.91 9.51 -7.08
C LYS A 137 8.66 9.07 -5.62
N ILE A 138 9.37 9.68 -4.66
CA ILE A 138 9.22 9.39 -3.21
C ILE A 138 9.32 10.71 -2.44
N SER A 139 8.17 11.23 -1.97
CA SER A 139 8.11 12.37 -1.04
C SER A 139 6.83 12.30 -0.20
N ILE A 140 6.67 13.29 0.69
CA ILE A 140 5.53 13.40 1.61
C ILE A 140 4.96 14.83 1.58
N VAL A 141 3.62 14.94 1.44
CA VAL A 141 2.93 16.23 1.40
C VAL A 141 2.95 16.86 2.80
N LEU A 142 2.97 18.20 2.85
CA LEU A 142 2.98 18.98 4.11
C LEU A 142 1.71 18.72 4.97
N PHE A 143 0.63 18.20 4.32
CA PHE A 143 -0.62 17.82 5.00
C PHE A 143 -0.49 16.44 5.71
N GLN A 144 0.44 15.60 5.23
CA GLN A 144 0.67 14.25 5.79
C GLN A 144 1.69 14.32 6.95
N GLY A 145 2.87 14.91 6.67
CA GLY A 145 3.94 15.03 7.66
C GLY A 145 5.29 14.61 7.11
N PRO A 146 6.43 15.19 7.59
CA PRO A 146 7.79 14.89 7.08
C PRO A 146 8.30 13.49 7.53
N SER A 147 7.86 12.45 6.81
CA SER A 147 8.25 11.05 7.08
C SER A 147 8.01 10.22 5.82
N ALA A 148 9.00 10.22 4.90
CA ALA A 148 8.95 9.49 3.62
C ALA A 148 9.50 8.06 3.76
N GLY A 149 9.50 7.30 2.66
CA GLY A 149 10.00 5.94 2.62
C GLY A 149 10.74 5.69 1.33
N LEU A 150 12.01 6.11 1.29
CA LEU A 150 12.91 5.95 0.13
C LEU A 150 13.22 4.45 -0.08
N VAL A 151 12.34 3.78 -0.85
CA VAL A 151 12.48 2.37 -1.20
C VAL A 151 13.70 2.15 -2.14
N PRO A 152 14.35 0.93 -2.13
CA PRO A 152 15.50 0.61 -3.01
C PRO A 152 15.21 0.77 -4.52
N ARG A 153 13.90 0.88 -4.88
CA ARG A 153 13.43 1.01 -6.27
C ARG A 153 13.80 2.38 -6.91
N GLY A 154 14.19 3.35 -6.07
CA GLY A 154 14.68 4.66 -6.54
C GLY A 154 13.59 5.72 -6.59
N SER A 155 13.94 6.90 -7.16
CA SER A 155 13.04 8.07 -7.25
C SER A 155 13.65 9.13 -8.18
N GLY A 156 12.82 10.12 -8.58
CA GLY A 156 13.23 11.19 -9.47
C GLY A 156 12.07 12.15 -9.75
N GLY A 157 12.24 13.42 -9.34
CA GLY A 157 11.20 14.46 -9.52
C GLY A 157 11.20 15.08 -10.93
N ILE A 158 10.76 16.35 -11.04
CA ILE A 158 10.75 17.09 -12.33
C ILE A 158 12.02 17.98 -12.42
N GLU A 159 11.89 19.23 -12.94
CA GLU A 159 12.97 20.25 -12.91
C GLU A 159 13.52 20.45 -11.47
N GLY A 160 12.67 20.17 -10.48
CA GLY A 160 13.06 20.08 -9.07
C GLY A 160 12.06 19.23 -8.28
N MET A 161 12.14 19.31 -6.95
CA MET A 161 11.15 18.70 -6.01
C MET A 161 11.38 19.30 -4.61
N ALA A 162 10.31 19.36 -3.80
CA ALA A 162 10.37 19.98 -2.46
C ALA A 162 9.26 19.41 -1.56
N GLN A 163 9.57 19.29 -0.26
CA GLN A 163 8.67 18.70 0.74
C GLN A 163 8.99 19.26 2.15
N HIS A 164 8.21 20.29 2.56
CA HIS A 164 8.38 21.00 3.84
C HIS A 164 7.12 21.86 4.11
N GLY A 165 6.76 21.97 5.40
CA GLY A 165 5.60 22.74 5.86
C GLY A 165 4.69 21.91 6.76
N ALA A 166 3.73 22.58 7.40
CA ALA A 166 2.71 21.94 8.25
C ALA A 166 1.36 21.87 7.51
N LEU A 167 0.31 21.39 8.20
CA LEU A 167 -1.03 21.21 7.63
C LEU A 167 -1.71 22.59 7.49
N GLU A 168 -1.43 23.29 6.38
CA GLU A 168 -2.07 24.57 6.03
C GLU A 168 -3.03 24.32 4.85
N THR A 169 -4.19 23.76 5.20
CA THR A 169 -5.18 23.29 4.23
C THR A 169 -6.29 24.35 4.05
N LEU A 170 -6.28 25.03 2.89
CA LEU A 170 -7.28 26.06 2.53
C LEU A 170 -8.38 25.42 1.65
N LYS A 171 -9.47 26.20 1.39
CA LYS A 171 -10.54 25.80 0.48
C LYS A 171 -10.04 25.86 -0.98
N ASP A 172 -9.43 24.73 -1.39
CA ASP A 172 -8.92 24.50 -2.75
C ASP A 172 -9.21 23.04 -3.14
N LEU A 173 -8.71 22.62 -4.33
CA LEU A 173 -8.67 21.20 -4.70
C LEU A 173 -7.83 20.42 -3.66
N ALA A 174 -6.72 21.06 -3.24
CA ALA A 174 -5.74 20.52 -2.26
C ALA A 174 -6.43 19.88 -1.03
N GLU A 175 -7.49 20.54 -0.53
CA GLU A 175 -8.19 20.14 0.70
C GLU A 175 -8.70 18.69 0.62
N LYS A 176 -9.82 18.47 -0.07
CA LYS A 176 -10.51 17.16 -0.09
C LYS A 176 -9.89 16.19 -1.09
N GLU A 177 -9.04 16.68 -2.03
CA GLU A 177 -8.28 15.78 -2.92
C GLU A 177 -7.26 15.04 -2.06
N VAL A 178 -6.40 15.80 -1.33
CA VAL A 178 -5.31 15.21 -0.52
C VAL A 178 -5.86 14.69 0.85
N ASP A 179 -7.07 15.12 1.26
CA ASP A 179 -7.74 14.59 2.48
C ASP A 179 -8.30 13.18 2.24
N ASP A 180 -9.08 13.06 1.15
CA ASP A 180 -9.65 11.77 0.70
C ASP A 180 -8.51 10.80 0.36
N ALA A 181 -7.48 11.34 -0.32
CA ALA A 181 -6.26 10.60 -0.65
C ALA A 181 -5.45 10.25 0.61
N ALA A 182 -5.45 11.14 1.65
CA ALA A 182 -4.75 10.86 2.92
C ALA A 182 -5.31 9.59 3.56
N ARG A 183 -6.65 9.50 3.59
CA ARG A 183 -7.36 8.32 4.13
C ARG A 183 -7.03 7.06 3.31
N LEU A 184 -7.29 7.11 1.99
CA LEU A 184 -7.20 5.94 1.09
C LEU A 184 -5.74 5.49 0.95
N LEU A 185 -4.90 6.41 0.43
CA LEU A 185 -3.48 6.16 0.16
C LEU A 185 -2.72 5.91 1.47
N GLY A 186 -3.15 6.57 2.56
CA GLY A 186 -2.54 6.39 3.89
C GLY A 186 -2.82 5.03 4.51
N GLU A 187 -4.04 4.50 4.28
CA GLU A 187 -4.40 3.13 4.72
C GLU A 187 -3.65 2.10 3.87
N MET A 188 -3.43 2.42 2.59
CA MET A 188 -2.66 1.55 1.67
C MET A 188 -1.14 1.66 1.91
N ARG A 189 -0.68 2.80 2.47
CA ARG A 189 0.76 3.06 2.75
C ARG A 189 1.17 2.44 4.09
N ARG A 190 0.34 2.71 5.11
CA ARG A 190 0.40 2.04 6.42
C ARG A 190 0.26 0.53 6.19
N GLY A 191 -0.71 0.16 5.34
CA GLY A 191 -0.95 -1.22 4.94
C GLY A 191 0.18 -1.80 4.09
N CYS A 192 0.90 -0.95 3.34
CA CYS A 192 2.08 -1.38 2.54
C CYS A 192 3.21 -1.86 3.45
N GLN A 193 3.51 -1.03 4.45
CA GLN A 193 4.58 -1.28 5.42
C GLN A 193 4.20 -2.44 6.36
N GLN A 194 2.92 -2.50 6.75
CA GLN A 194 2.38 -3.57 7.60
C GLN A 194 2.35 -4.91 6.84
N ALA A 195 2.00 -4.86 5.53
CA ALA A 195 2.01 -6.05 4.66
C ALA A 195 3.42 -6.63 4.61
N GLU A 196 4.38 -5.79 4.16
CA GLU A 196 5.79 -6.15 4.03
C GLU A 196 6.35 -6.72 5.35
N GLU A 197 5.97 -6.09 6.49
CA GLU A 197 6.46 -6.46 7.84
C GLU A 197 5.96 -7.86 8.24
N GLN A 198 4.62 -8.06 8.19
CA GLN A 198 3.97 -9.32 8.60
C GLN A 198 4.46 -10.49 7.73
N LEU A 199 4.45 -10.26 6.41
CA LEU A 199 4.73 -11.31 5.41
C LEU A 199 6.23 -11.68 5.40
N LYS A 200 7.12 -10.68 5.62
CA LYS A 200 8.57 -10.92 5.75
C LYS A 200 8.86 -11.74 7.02
N MET A 201 8.19 -11.38 8.13
CA MET A 201 8.27 -12.10 9.42
C MET A 201 7.85 -13.58 9.22
N LEU A 202 6.75 -13.79 8.48
CA LEU A 202 6.25 -15.13 8.17
C LEU A 202 7.27 -15.94 7.35
N ILE A 203 7.76 -15.38 6.23
CA ILE A 203 8.77 -16.07 5.36
C ILE A 203 10.09 -16.30 6.14
N ASP A 204 10.37 -15.42 7.11
CA ASP A 204 11.60 -15.45 7.93
C ASP A 204 11.56 -16.64 8.91
N TYR A 205 10.40 -16.83 9.57
CA TYR A 205 10.19 -17.90 10.57
C TYR A 205 9.67 -19.20 9.89
N GLN A 206 9.24 -19.08 8.61
CA GLN A 206 8.55 -20.13 7.81
C GLN A 206 9.29 -21.49 7.77
N ASN A 207 10.57 -21.49 8.13
CA ASN A 207 11.43 -22.69 8.09
C ASN A 207 11.24 -23.53 9.39
N GLU A 208 9.97 -23.84 9.70
CA GLU A 208 9.57 -24.70 10.81
C GLU A 208 9.15 -26.08 10.28
N TYR A 209 8.14 -26.08 9.38
CA TYR A 209 7.50 -27.31 8.88
C TYR A 209 8.04 -27.74 7.53
N ARG A 210 8.18 -29.06 7.37
CA ARG A 210 8.58 -29.74 6.13
C ARG A 210 7.63 -30.93 5.90
N SER A 211 7.63 -31.48 4.67
CA SER A 211 6.94 -32.75 4.37
C SER A 211 7.70 -33.90 5.05
N ASN A 212 7.39 -34.12 6.33
CA ASN A 212 8.12 -35.04 7.22
C ASN A 212 7.49 -36.44 7.22
N LEU A 213 6.25 -36.52 7.70
CA LEU A 213 5.55 -37.80 7.93
C LEU A 213 4.82 -38.29 6.66
N ASN A 214 3.99 -39.35 6.81
CA ASN A 214 3.17 -39.93 5.72
C ASN A 214 1.95 -39.03 5.41
N MET A 1 -3.07 -33.59 11.70
CA MET A 1 -4.52 -33.25 11.73
C MET A 1 -4.72 -31.85 11.13
N THR A 2 -5.96 -31.55 10.72
CA THR A 2 -6.29 -30.40 9.85
C THR A 2 -6.08 -29.03 10.52
N ARG A 3 -5.87 -28.99 11.86
CA ARG A 3 -5.99 -27.76 12.66
C ARG A 3 -5.09 -26.61 12.15
N LEU A 4 -3.81 -26.91 11.85
CA LEU A 4 -2.92 -25.91 11.25
C LEU A 4 -3.28 -25.67 9.79
N SER A 5 -3.32 -26.75 8.98
CA SER A 5 -3.51 -26.68 7.51
C SER A 5 -4.79 -25.91 7.09
N GLU A 6 -5.79 -25.89 7.99
CA GLU A 6 -7.05 -25.14 7.83
C GLU A 6 -6.78 -23.63 8.00
N ILE A 7 -6.07 -23.27 9.10
CA ILE A 7 -5.67 -21.88 9.39
C ILE A 7 -4.73 -21.34 8.28
N LEU A 8 -3.85 -22.23 7.80
CA LEU A 8 -2.87 -21.92 6.74
C LEU A 8 -3.59 -21.74 5.38
N ASP A 9 -4.69 -22.52 5.21
CA ASP A 9 -5.60 -22.39 4.06
C ASP A 9 -6.34 -21.03 4.10
N GLN A 10 -6.74 -20.62 5.33
CA GLN A 10 -7.41 -19.32 5.55
C GLN A 10 -6.43 -18.16 5.29
N MET A 11 -5.16 -18.38 5.64
CA MET A 11 -4.10 -17.39 5.37
C MET A 11 -3.94 -17.20 3.88
N THR A 12 -3.69 -18.30 3.16
CA THR A 12 -3.35 -18.26 1.72
C THR A 12 -4.53 -17.75 0.86
N THR A 13 -5.79 -17.96 1.32
CA THR A 13 -6.98 -17.41 0.63
C THR A 13 -7.08 -15.88 0.88
N VAL A 14 -6.73 -15.44 2.12
CA VAL A 14 -6.60 -14.01 2.46
C VAL A 14 -5.44 -13.37 1.65
N LEU A 15 -4.38 -14.15 1.38
CA LEU A 15 -3.20 -13.70 0.59
C LEU A 15 -3.57 -13.54 -0.89
N ASN A 16 -4.46 -14.43 -1.38
CA ASN A 16 -5.04 -14.39 -2.75
C ASN A 16 -5.83 -13.10 -2.95
N ASP A 17 -6.69 -12.78 -1.97
CA ASP A 17 -7.50 -11.56 -1.96
C ASP A 17 -6.60 -10.31 -1.89
N LEU A 18 -5.58 -10.34 -1.00
CA LEU A 18 -4.58 -9.26 -0.87
C LEU A 18 -3.75 -9.09 -2.15
N LYS A 19 -3.58 -10.19 -2.89
CA LYS A 19 -2.89 -10.18 -4.20
C LYS A 19 -3.70 -9.33 -5.20
N THR A 20 -5.00 -9.63 -5.29
CA THR A 20 -5.93 -8.89 -6.15
C THR A 20 -6.04 -7.40 -5.73
N VAL A 21 -6.14 -7.18 -4.41
CA VAL A 21 -6.35 -5.86 -3.78
C VAL A 21 -5.14 -4.94 -3.98
N MET A 22 -3.94 -5.41 -3.59
CA MET A 22 -2.72 -4.59 -3.64
C MET A 22 -2.13 -4.52 -5.07
N ASP A 23 -2.50 -5.46 -5.95
CA ASP A 23 -2.22 -5.33 -7.40
C ASP A 23 -3.12 -4.23 -8.00
N ALA A 24 -4.37 -4.16 -7.50
CA ALA A 24 -5.34 -3.15 -7.93
C ALA A 24 -4.85 -1.72 -7.57
N GLU A 25 -4.23 -1.56 -6.36
CA GLU A 25 -3.61 -0.25 -5.99
C GLU A 25 -2.38 0.03 -6.86
N GLN A 26 -1.57 -1.04 -7.13
CA GLN A 26 -0.37 -0.95 -8.01
C GLN A 26 -0.74 -0.28 -9.35
N GLN A 27 -1.91 -0.69 -9.89
CA GLN A 27 -2.46 -0.14 -11.14
C GLN A 27 -2.79 1.36 -11.02
N GLN A 28 -3.53 1.76 -9.96
CA GLN A 28 -3.97 3.16 -9.75
C GLN A 28 -2.78 4.13 -9.51
N LEU A 29 -1.66 3.57 -9.02
CA LEU A 29 -0.42 4.31 -8.77
C LEU A 29 0.45 4.34 -10.05
N SER A 30 0.28 3.29 -10.89
CA SER A 30 0.99 3.13 -12.18
C SER A 30 0.37 4.04 -13.25
N VAL A 31 -0.96 4.30 -13.14
CA VAL A 31 -1.67 5.23 -14.04
C VAL A 31 -1.47 6.68 -13.56
N GLY A 32 -1.19 6.84 -12.25
CA GLY A 32 -0.94 8.15 -11.63
C GLY A 32 -2.21 8.85 -11.18
N GLN A 33 -3.36 8.48 -11.78
CA GLN A 33 -4.67 9.06 -11.47
C GLN A 33 -5.32 8.25 -10.34
N ILE A 34 -5.53 8.91 -9.19
CA ILE A 34 -6.08 8.27 -8.00
C ILE A 34 -7.62 8.18 -8.12
N ASN A 35 -8.09 6.94 -8.34
CA ASN A 35 -9.53 6.64 -8.35
C ASN A 35 -9.95 6.41 -6.90
N GLY A 36 -10.62 7.42 -6.32
CA GLY A 36 -10.95 7.45 -4.91
C GLY A 36 -11.69 6.21 -4.41
N SER A 37 -12.82 5.91 -5.06
CA SER A 37 -13.70 4.76 -4.70
C SER A 37 -12.94 3.42 -4.76
N GLN A 38 -12.09 3.28 -5.82
CA GLN A 38 -11.30 2.07 -6.06
C GLN A 38 -10.32 1.83 -4.90
N LEU A 39 -9.51 2.87 -4.56
CA LEU A 39 -8.51 2.77 -3.49
C LEU A 39 -9.16 2.70 -2.10
N GLN A 40 -10.41 3.17 -1.98
CA GLN A 40 -11.20 3.04 -0.74
C GLN A 40 -11.43 1.54 -0.49
N ARG A 41 -11.97 0.86 -1.52
CA ARG A 41 -12.23 -0.59 -1.51
C ARG A 41 -10.96 -1.37 -1.16
N ILE A 42 -9.88 -0.99 -1.84
CA ILE A 42 -8.56 -1.60 -1.70
C ILE A 42 -8.03 -1.49 -0.27
N THR A 43 -7.94 -0.25 0.27
CA THR A 43 -7.33 -0.02 1.58
C THR A 43 -8.20 -0.57 2.73
N GLU A 44 -9.52 -0.69 2.47
CA GLU A 44 -10.48 -1.27 3.41
C GLU A 44 -10.20 -2.77 3.59
N GLU A 45 -10.24 -3.53 2.46
CA GLU A 45 -9.93 -4.96 2.46
C GLU A 45 -8.49 -5.21 2.92
N LYS A 46 -7.55 -4.39 2.44
CA LYS A 46 -6.12 -4.52 2.72
C LYS A 46 -5.84 -4.53 4.23
N SER A 47 -6.28 -3.46 4.91
CA SER A 47 -6.10 -3.31 6.37
C SER A 47 -6.79 -4.46 7.14
N SER A 48 -8.03 -4.79 6.70
CA SER A 48 -8.86 -5.84 7.30
C SER A 48 -8.17 -7.23 7.24
N LEU A 49 -7.60 -7.53 6.07
CA LEU A 49 -7.04 -8.85 5.75
C LEU A 49 -5.67 -9.05 6.43
N LEU A 50 -4.87 -7.98 6.48
CA LEU A 50 -3.55 -7.99 7.15
C LEU A 50 -3.74 -8.12 8.68
N ALA A 51 -4.80 -7.47 9.20
CA ALA A 51 -5.23 -7.61 10.60
C ALA A 51 -5.62 -9.06 10.90
N THR A 52 -6.30 -9.70 9.92
CA THR A 52 -6.69 -11.10 10.03
C THR A 52 -5.48 -12.05 9.94
N LEU A 53 -4.43 -11.69 9.16
CA LEU A 53 -3.17 -12.48 9.09
C LEU A 53 -2.41 -12.47 10.44
N ASP A 54 -2.36 -11.30 11.08
CA ASP A 54 -1.82 -11.13 12.45
C ASP A 54 -2.58 -12.02 13.44
N TYR A 55 -3.92 -11.93 13.34
CA TYR A 55 -4.88 -12.78 14.06
C TYR A 55 -4.58 -14.28 13.79
N LEU A 56 -4.41 -14.63 12.51
CA LEU A 56 -4.19 -16.02 12.04
C LEU A 56 -2.80 -16.51 12.46
N GLU A 57 -1.87 -15.58 12.71
CA GLU A 57 -0.53 -15.88 13.22
C GLU A 57 -0.61 -16.31 14.69
N GLN A 58 -1.41 -15.58 15.50
CA GLN A 58 -1.61 -15.92 16.92
C GLN A 58 -2.43 -17.21 17.07
N GLN A 59 -3.44 -17.39 16.18
CA GLN A 59 -4.21 -18.64 16.08
C GLN A 59 -3.25 -19.81 15.82
N ARG A 60 -2.44 -19.64 14.75
CA ARG A 60 -1.48 -20.66 14.28
C ARG A 60 -0.42 -20.98 15.35
N ARG A 61 0.01 -19.94 16.11
CA ARG A 61 1.04 -20.06 17.16
C ARG A 61 0.54 -20.99 18.27
N LEU A 62 -0.62 -20.63 18.83
CA LEU A 62 -1.24 -21.39 19.92
C LEU A 62 -1.71 -22.77 19.44
N GLU A 63 -2.14 -22.83 18.17
CA GLU A 63 -2.62 -24.06 17.55
C GLU A 63 -1.47 -24.95 17.07
N GLN A 64 -0.21 -24.45 16.94
CA GLN A 64 0.96 -25.34 16.64
C GLN A 64 1.59 -25.84 17.95
N ASN A 65 1.35 -25.09 19.04
CA ASN A 65 1.63 -25.57 20.40
C ASN A 65 0.66 -26.72 20.77
N ALA A 66 -0.61 -26.56 20.35
CA ALA A 66 -1.69 -27.55 20.60
C ALA A 66 -1.60 -28.76 19.64
N GLN A 67 -1.44 -28.47 18.33
CA GLN A 67 -1.40 -29.49 17.26
C GLN A 67 -0.05 -30.20 17.22
N ARG A 68 -0.11 -31.52 17.03
CA ARG A 68 1.05 -32.35 16.66
C ARG A 68 1.38 -32.02 15.19
N SER A 69 2.22 -30.98 15.03
CA SER A 69 2.35 -30.20 13.78
C SER A 69 2.95 -30.98 12.59
N ALA A 70 3.61 -32.12 12.87
CA ALA A 70 4.31 -32.92 11.85
C ALA A 70 3.32 -33.60 10.87
N ASN A 71 2.85 -32.84 9.86
CA ASN A 71 1.97 -33.36 8.79
C ASN A 71 2.38 -32.74 7.45
N ASP A 72 2.32 -33.55 6.38
CA ASP A 72 2.79 -33.18 5.03
C ASP A 72 1.96 -32.00 4.46
N ASP A 73 0.63 -32.12 4.62
CA ASP A 73 -0.35 -31.15 4.08
C ASP A 73 -0.16 -29.75 4.71
N ILE A 74 0.18 -29.75 6.02
CA ILE A 74 0.47 -28.52 6.77
C ILE A 74 1.68 -27.77 6.13
N ALA A 75 2.74 -28.53 5.83
CA ALA A 75 3.97 -28.00 5.20
C ALA A 75 3.68 -27.41 3.80
N GLU A 76 2.78 -28.09 3.05
CA GLU A 76 2.35 -27.66 1.70
C GLU A 76 1.62 -26.31 1.75
N ARG A 77 0.65 -26.18 2.68
CA ARG A 77 -0.16 -24.96 2.84
C ARG A 77 0.71 -23.78 3.32
N TRP A 78 1.67 -24.10 4.19
CA TRP A 78 2.58 -23.12 4.82
C TRP A 78 3.62 -22.61 3.79
N GLN A 79 4.00 -23.50 2.84
CA GLN A 79 4.87 -23.13 1.72
C GLN A 79 4.10 -22.20 0.74
N ALA A 80 2.82 -22.52 0.51
CA ALA A 80 1.92 -21.67 -0.31
C ALA A 80 1.83 -20.26 0.27
N ILE A 81 1.79 -20.20 1.63
CA ILE A 81 1.87 -18.95 2.38
C ILE A 81 3.17 -18.19 2.01
N THR A 82 4.34 -18.84 2.19
CA THR A 82 5.65 -18.17 1.98
C THR A 82 5.86 -17.62 0.56
N GLU A 83 5.36 -18.36 -0.44
CA GLU A 83 5.42 -17.96 -1.86
C GLU A 83 4.56 -16.72 -2.10
N LYS A 84 3.29 -16.78 -1.63
CA LYS A 84 2.32 -15.68 -1.81
C LYS A 84 2.68 -14.45 -0.95
N THR A 85 3.29 -14.67 0.23
CA THR A 85 3.67 -13.57 1.15
C THR A 85 4.88 -12.82 0.60
N GLN A 86 5.83 -13.57 0.01
CA GLN A 86 6.99 -13.00 -0.71
C GLN A 86 6.52 -12.13 -1.88
N HIS A 87 5.55 -12.68 -2.62
CA HIS A 87 4.92 -12.03 -3.79
C HIS A 87 4.26 -10.71 -3.38
N LEU A 88 3.47 -10.75 -2.29
CA LEU A 88 2.74 -9.58 -1.76
C LEU A 88 3.70 -8.51 -1.27
N ARG A 89 4.72 -8.95 -0.52
CA ARG A 89 5.71 -8.10 0.12
C ARG A 89 6.49 -7.29 -0.93
N ASP A 90 6.89 -7.99 -2.01
CA ASP A 90 7.64 -7.41 -3.15
C ASP A 90 6.81 -6.37 -3.90
N LEU A 91 5.60 -6.79 -4.35
CA LEU A 91 4.73 -5.92 -5.16
C LEU A 91 4.32 -4.68 -4.35
N ASN A 92 4.08 -4.86 -3.03
CA ASN A 92 3.55 -3.79 -2.16
C ASN A 92 4.66 -2.85 -1.62
N GLN A 93 5.93 -3.32 -1.52
CA GLN A 93 7.06 -2.41 -1.17
C GLN A 93 7.34 -1.50 -2.38
N HIS A 94 7.22 -2.10 -3.59
CA HIS A 94 7.24 -1.36 -4.87
C HIS A 94 6.12 -0.31 -4.90
N ASN A 95 4.93 -0.70 -4.41
CA ASN A 95 3.77 0.22 -4.26
C ASN A 95 4.05 1.29 -3.22
N GLY A 96 4.82 0.95 -2.17
CA GLY A 96 5.22 1.93 -1.15
C GLY A 96 6.05 3.06 -1.74
N TRP A 97 6.96 2.68 -2.67
CA TRP A 97 7.74 3.64 -3.45
C TRP A 97 6.85 4.46 -4.41
N LEU A 98 5.82 3.79 -4.98
CA LEU A 98 4.81 4.46 -5.82
C LEU A 98 3.99 5.48 -5.02
N LEU A 99 3.69 5.15 -3.74
CA LEU A 99 2.92 6.00 -2.83
C LEU A 99 3.69 7.30 -2.56
N GLU A 100 4.88 7.15 -1.94
CA GLU A 100 5.71 8.30 -1.51
C GLU A 100 6.25 9.09 -2.70
N GLY A 101 6.51 8.37 -3.81
CA GLY A 101 6.95 8.99 -5.06
C GLY A 101 5.89 9.87 -5.67
N GLN A 102 4.65 9.37 -5.69
CA GLN A 102 3.50 10.08 -6.26
C GLN A 102 3.10 11.28 -5.39
N ILE A 103 3.05 11.08 -4.05
CA ILE A 103 2.75 12.16 -3.08
C ILE A 103 3.80 13.29 -3.21
N GLU A 104 5.06 12.89 -3.44
CA GLU A 104 6.17 13.84 -3.68
C GLU A 104 5.94 14.61 -5.00
N ARG A 105 5.50 13.90 -6.07
CA ARG A 105 5.24 14.52 -7.39
C ARG A 105 4.01 15.44 -7.38
N ASN A 106 3.01 15.09 -6.55
CA ASN A 106 1.76 15.85 -6.43
C ASN A 106 2.01 17.15 -5.66
N GLN A 107 2.75 17.07 -4.53
CA GLN A 107 3.08 18.26 -3.73
C GLN A 107 4.15 19.12 -4.45
N GLN A 108 4.97 18.46 -5.30
CA GLN A 108 5.94 19.13 -6.19
C GLN A 108 5.20 19.97 -7.23
N ALA A 109 4.13 19.35 -7.78
CA ALA A 109 3.25 20.00 -8.75
C ALA A 109 2.58 21.22 -8.14
N LEU A 110 2.01 21.03 -6.93
CA LEU A 110 1.33 22.10 -6.16
C LEU A 110 2.31 23.20 -5.73
N GLU A 111 3.57 22.80 -5.47
CA GLU A 111 4.68 23.70 -5.16
C GLU A 111 4.89 24.70 -6.33
N VAL A 112 4.98 24.15 -7.56
CA VAL A 112 5.15 24.98 -8.78
C VAL A 112 3.84 25.75 -9.10
N LEU A 113 2.69 25.15 -8.75
CA LEU A 113 1.36 25.72 -9.03
C LEU A 113 1.04 26.92 -8.13
N LYS A 114 1.74 27.06 -6.97
CA LYS A 114 1.59 28.26 -6.11
C LYS A 114 1.82 29.52 -6.94
N PRO A 115 0.88 30.52 -6.97
CA PRO A 115 1.06 31.76 -7.76
C PRO A 115 2.39 32.47 -7.40
N HIS A 116 3.27 32.61 -8.40
CA HIS A 116 4.62 33.17 -8.22
C HIS A 116 4.57 34.70 -8.31
N GLN A 117 5.54 35.35 -7.65
CA GLN A 117 5.74 36.82 -7.72
C GLN A 117 6.06 37.26 -9.18
N GLU A 118 6.72 36.35 -9.92
CA GLU A 118 6.90 36.44 -11.38
C GLU A 118 5.97 35.39 -12.05
N PRO A 119 4.79 35.81 -12.61
CA PRO A 119 3.82 34.88 -13.26
C PRO A 119 4.45 34.06 -14.40
N THR A 120 4.43 32.73 -14.26
CA THR A 120 5.06 31.80 -15.22
C THR A 120 4.32 30.44 -15.22
N LEU A 121 3.97 29.97 -16.44
CA LEU A 121 3.26 28.68 -16.64
C LEU A 121 4.01 27.86 -17.71
N TYR A 122 4.10 26.53 -17.50
CA TYR A 122 4.82 25.60 -18.42
C TYR A 122 3.91 24.42 -18.81
N GLY A 123 3.57 24.36 -20.11
CA GLY A 123 2.75 23.28 -20.66
C GLY A 123 3.58 22.07 -21.04
N ALA A 124 3.85 21.20 -20.05
CA ALA A 124 4.66 19.97 -20.22
C ALA A 124 3.90 18.77 -19.68
N ASP A 125 4.33 17.54 -20.06
CA ASP A 125 3.78 16.27 -19.51
C ASP A 125 4.69 15.08 -19.86
N GLY A 126 4.50 13.99 -19.11
CA GLY A 126 5.19 12.73 -19.35
C GLY A 126 4.37 11.55 -18.82
N GLN A 127 5.03 10.39 -18.61
CA GLN A 127 4.39 9.20 -18.04
C GLN A 127 4.94 8.96 -16.62
N THR A 128 4.03 8.61 -15.69
CA THR A 128 4.36 8.34 -14.28
C THR A 128 5.36 7.17 -14.16
N SER A 129 6.46 7.41 -13.44
CA SER A 129 7.52 6.40 -13.22
C SER A 129 6.97 5.22 -12.39
N VAL A 130 6.61 4.14 -13.10
CA VAL A 130 6.10 2.90 -12.49
C VAL A 130 7.24 2.17 -11.77
N SER A 131 8.45 2.26 -12.34
CA SER A 131 9.66 1.63 -11.79
C SER A 131 10.40 2.56 -10.81
N HIS A 132 9.65 3.52 -10.22
CA HIS A 132 10.17 4.41 -9.16
C HIS A 132 10.49 3.60 -7.90
N ARG A 133 11.67 3.85 -7.33
CA ARG A 133 12.08 3.34 -6.01
C ARG A 133 12.79 4.46 -5.25
N GLY A 134 13.11 4.22 -3.98
CA GLY A 134 13.76 5.23 -3.14
C GLY A 134 12.78 6.31 -2.65
N GLY A 135 13.19 7.04 -1.61
CA GLY A 135 12.35 8.05 -0.98
C GLY A 135 11.43 7.43 0.05
N LYS A 136 11.90 7.39 1.31
CA LYS A 136 11.17 6.77 2.44
C LYS A 136 9.85 7.50 2.69
N LYS A 137 9.97 8.82 2.89
CA LYS A 137 8.85 9.77 2.94
C LYS A 137 9.13 10.89 1.96
N ILE A 138 10.07 11.82 2.36
CA ILE A 138 10.44 13.08 1.64
C ILE A 138 9.22 13.88 1.08
N SER A 139 8.03 13.65 1.64
CA SER A 139 6.78 14.21 1.12
C SER A 139 5.93 14.79 2.27
N ILE A 140 6.34 15.97 2.77
CA ILE A 140 5.60 16.76 3.77
C ILE A 140 5.04 18.01 3.09
N VAL A 141 3.69 18.16 3.09
CA VAL A 141 3.01 19.31 2.47
C VAL A 141 2.05 19.95 3.50
N LEU A 142 1.77 21.26 3.34
CA LEU A 142 0.96 22.04 4.30
C LEU A 142 -0.51 21.53 4.38
N PHE A 143 -1.00 20.92 3.29
CA PHE A 143 -2.38 20.39 3.24
C PHE A 143 -2.50 19.09 4.07
N GLN A 144 -3.50 19.03 4.97
CA GLN A 144 -3.79 17.84 5.79
C GLN A 144 -5.22 17.93 6.36
N GLY A 145 -5.80 16.78 6.72
CA GLY A 145 -7.17 16.68 7.25
C GLY A 145 -8.02 15.78 6.37
N PRO A 146 -7.74 14.44 6.36
CA PRO A 146 -8.35 13.50 5.38
C PRO A 146 -9.84 13.21 5.66
N SER A 147 -10.67 13.43 4.65
CA SER A 147 -12.11 13.18 4.66
C SER A 147 -12.46 12.12 3.59
N ALA A 148 -11.50 11.88 2.67
CA ALA A 148 -11.62 10.95 1.54
C ALA A 148 -12.60 11.49 0.48
N GLY A 149 -12.10 12.46 -0.32
CA GLY A 149 -12.83 13.02 -1.46
C GLY A 149 -12.79 12.09 -2.66
N LEU A 150 -13.55 10.98 -2.56
CA LEU A 150 -13.50 9.87 -3.50
C LEU A 150 -14.00 10.27 -4.90
N VAL A 151 -13.07 10.37 -5.86
CA VAL A 151 -13.39 10.67 -7.27
C VAL A 151 -13.52 9.36 -8.09
N PRO A 152 -14.45 9.31 -9.11
CA PRO A 152 -14.60 8.14 -10.01
C PRO A 152 -13.39 7.98 -10.94
N ARG A 153 -12.99 9.11 -11.58
CA ARG A 153 -11.93 9.13 -12.60
C ARG A 153 -10.54 9.27 -11.99
N GLY A 154 -10.35 10.35 -11.22
CA GLY A 154 -9.05 10.69 -10.66
C GLY A 154 -8.73 12.17 -10.81
N SER A 155 -7.43 12.48 -10.82
CA SER A 155 -6.91 13.85 -10.94
C SER A 155 -5.55 13.83 -11.68
N GLY A 156 -4.83 14.95 -11.64
CA GLY A 156 -3.52 15.05 -12.28
C GLY A 156 -2.78 16.32 -11.86
N GLY A 157 -1.44 16.23 -11.82
CA GLY A 157 -0.59 17.35 -11.41
C GLY A 157 -0.46 18.45 -12.47
N ILE A 158 0.58 19.28 -12.33
CA ILE A 158 0.86 20.44 -13.23
C ILE A 158 1.00 19.99 -14.71
N GLU A 159 1.43 18.74 -14.90
CA GLU A 159 1.59 18.10 -16.22
C GLU A 159 0.29 18.16 -17.04
N GLY A 160 -0.78 17.62 -16.46
CA GLY A 160 -2.07 17.54 -17.14
C GLY A 160 -2.95 16.44 -16.56
N MET A 161 -4.17 16.31 -17.13
CA MET A 161 -5.15 15.29 -16.73
C MET A 161 -5.63 14.54 -17.98
N ALA A 162 -5.96 13.24 -17.83
CA ALA A 162 -6.49 12.40 -18.91
C ALA A 162 -8.03 12.59 -19.01
N GLN A 163 -8.80 11.51 -19.32
CA GLN A 163 -10.27 11.57 -19.29
C GLN A 163 -10.73 11.69 -17.81
N HIS A 164 -10.81 12.93 -17.34
CA HIS A 164 -11.05 13.28 -15.91
C HIS A 164 -12.53 13.63 -15.67
N GLY A 165 -12.94 13.58 -14.39
CA GLY A 165 -14.32 13.89 -14.00
C GLY A 165 -14.60 13.60 -12.53
N ALA A 166 -15.44 14.45 -11.90
CA ALA A 166 -15.97 14.26 -10.55
C ALA A 166 -17.46 13.92 -10.61
N LEU A 167 -18.07 13.60 -9.46
CA LEU A 167 -19.52 13.31 -9.37
C LEU A 167 -20.28 14.66 -9.40
N GLU A 168 -20.04 15.50 -8.37
CA GLU A 168 -20.71 16.81 -8.23
C GLU A 168 -19.83 17.94 -8.80
N THR A 169 -18.73 18.23 -8.10
CA THR A 169 -17.79 19.32 -8.45
C THR A 169 -16.49 19.19 -7.64
N LEU A 170 -15.50 20.04 -7.94
CA LEU A 170 -14.23 20.15 -7.19
C LEU A 170 -14.08 21.59 -6.69
N LYS A 171 -14.12 21.77 -5.36
CA LYS A 171 -13.98 23.09 -4.70
C LYS A 171 -12.54 23.60 -4.83
N ASP A 172 -11.59 22.67 -4.66
CA ASP A 172 -10.16 22.92 -4.84
C ASP A 172 -9.45 21.61 -5.16
N LEU A 173 -8.51 21.66 -6.13
CA LEU A 173 -7.77 20.48 -6.59
C LEU A 173 -6.82 20.01 -5.49
N ALA A 174 -6.00 20.94 -4.97
CA ALA A 174 -4.94 20.66 -3.98
C ALA A 174 -5.52 20.05 -2.69
N GLU A 175 -6.64 20.66 -2.24
CA GLU A 175 -7.38 20.23 -1.05
C GLU A 175 -7.81 18.78 -1.20
N LYS A 176 -8.71 18.52 -2.18
CA LYS A 176 -9.34 17.20 -2.37
C LYS A 176 -8.30 16.12 -2.71
N GLU A 177 -7.26 16.49 -3.48
CA GLU A 177 -6.25 15.54 -3.97
C GLU A 177 -5.40 15.02 -2.81
N VAL A 178 -4.83 15.95 -2.00
CA VAL A 178 -3.99 15.58 -0.84
C VAL A 178 -4.84 14.96 0.30
N ASP A 179 -6.09 15.42 0.44
CA ASP A 179 -7.08 14.90 1.42
C ASP A 179 -7.33 13.38 1.19
N ASP A 180 -7.78 13.12 -0.04
CA ASP A 180 -8.15 11.79 -0.53
C ASP A 180 -6.93 10.87 -0.50
N ALA A 181 -5.79 11.41 -0.98
CA ALA A 181 -4.50 10.68 -1.02
C ALA A 181 -3.95 10.43 0.40
N ALA A 182 -4.20 11.36 1.34
CA ALA A 182 -3.73 11.20 2.74
C ALA A 182 -4.38 9.96 3.35
N ARG A 183 -5.73 9.89 3.21
CA ARG A 183 -6.49 8.75 3.74
C ARG A 183 -6.13 7.44 2.99
N LEU A 184 -6.36 7.40 1.68
CA LEU A 184 -6.20 6.18 0.87
C LEU A 184 -4.73 5.69 0.86
N LEU A 185 -3.80 6.57 0.44
CA LEU A 185 -2.37 6.20 0.29
C LEU A 185 -1.73 6.02 1.69
N GLY A 186 -2.17 6.79 2.70
CA GLY A 186 -1.62 6.70 4.06
C GLY A 186 -1.96 5.39 4.76
N GLU A 187 -3.20 4.90 4.56
CA GLU A 187 -3.66 3.63 5.15
C GLU A 187 -3.08 2.43 4.38
N MET A 188 -2.87 2.59 3.05
CA MET A 188 -2.17 1.58 2.23
C MET A 188 -0.65 1.60 2.52
N ARG A 189 -0.13 2.74 3.00
CA ARG A 189 1.30 2.87 3.38
C ARG A 189 1.54 2.21 4.74
N ARG A 190 0.57 2.38 5.65
CA ARG A 190 0.59 1.69 6.95
C ARG A 190 0.46 0.18 6.72
N GLY A 191 -0.46 -0.18 5.82
CA GLY A 191 -0.63 -1.56 5.38
C GLY A 191 0.57 -2.10 4.62
N CYS A 192 1.33 -1.20 3.93
CA CYS A 192 2.56 -1.58 3.20
C CYS A 192 3.66 -1.98 4.19
N GLN A 193 3.82 -1.16 5.24
CA GLN A 193 4.83 -1.38 6.30
C GLN A 193 4.50 -2.65 7.11
N GLN A 194 3.22 -2.77 7.50
CA GLN A 194 2.73 -3.92 8.30
C GLN A 194 2.82 -5.23 7.49
N ALA A 195 2.44 -5.17 6.20
CA ALA A 195 2.53 -6.33 5.30
C ALA A 195 4.00 -6.76 5.11
N GLU A 196 4.87 -5.77 4.87
CA GLU A 196 6.31 -5.98 4.61
C GLU A 196 6.92 -6.83 5.75
N GLU A 197 6.79 -6.31 7.00
CA GLU A 197 7.36 -6.97 8.19
C GLU A 197 6.68 -8.31 8.50
N GLN A 198 5.32 -8.32 8.56
CA GLN A 198 4.51 -9.49 8.99
C GLN A 198 4.78 -10.70 8.05
N LEU A 199 4.69 -10.44 6.75
CA LEU A 199 4.81 -11.47 5.72
C LEU A 199 6.25 -12.01 5.62
N LYS A 200 7.25 -11.09 5.63
CA LYS A 200 8.68 -11.50 5.55
C LYS A 200 9.11 -12.36 6.76
N MET A 201 8.64 -11.97 7.96
CA MET A 201 8.97 -12.70 9.19
C MET A 201 8.32 -14.09 9.16
N LEU A 202 7.07 -14.19 8.61
CA LEU A 202 6.36 -15.49 8.42
C LEU A 202 7.19 -16.45 7.56
N ILE A 203 7.81 -15.91 6.50
CA ILE A 203 8.71 -16.68 5.62
C ILE A 203 9.89 -17.26 6.43
N ASP A 204 10.59 -16.38 7.19
CA ASP A 204 11.74 -16.80 8.03
C ASP A 204 11.29 -17.78 9.16
N TYR A 205 10.06 -17.60 9.62
CA TYR A 205 9.44 -18.35 10.74
C TYR A 205 8.94 -19.73 10.28
N GLN A 206 8.63 -19.87 8.99
CA GLN A 206 8.16 -21.12 8.37
C GLN A 206 9.34 -22.11 8.15
N ASN A 207 10.59 -21.61 8.30
CA ASN A 207 11.86 -22.37 8.05
C ASN A 207 11.80 -23.86 8.48
N GLU A 208 11.11 -24.12 9.60
CA GLU A 208 10.91 -25.47 10.13
C GLU A 208 9.72 -25.45 11.11
N TYR A 209 9.20 -26.65 11.48
CA TYR A 209 8.22 -26.79 12.58
C TYR A 209 8.84 -26.37 13.93
N ARG A 210 10.18 -26.33 13.96
CA ARG A 210 10.93 -25.52 14.92
C ARG A 210 10.84 -24.04 14.45
N SER A 211 9.64 -23.47 14.61
CA SER A 211 9.30 -22.13 14.14
C SER A 211 9.79 -21.09 15.15
N ASN A 212 9.28 -21.19 16.39
CA ASN A 212 9.69 -20.34 17.53
C ASN A 212 9.11 -20.93 18.82
N LEU A 213 9.90 -20.86 19.91
CA LEU A 213 9.48 -21.27 21.24
C LEU A 213 8.55 -20.21 21.85
N ASN A 214 7.35 -20.64 22.29
CA ASN A 214 6.33 -19.75 22.88
C ASN A 214 6.78 -19.24 24.27
N MET A 1 -4.50 -31.69 14.70
CA MET A 1 -3.82 -31.61 13.38
C MET A 1 -4.52 -30.59 12.46
N THR A 2 -5.87 -30.62 12.46
CA THR A 2 -6.71 -29.78 11.58
C THR A 2 -6.71 -28.31 12.02
N ARG A 3 -6.26 -28.05 13.27
CA ARG A 3 -6.13 -26.70 13.85
C ARG A 3 -5.32 -25.79 12.91
N LEU A 4 -4.08 -26.21 12.59
CA LEU A 4 -3.21 -25.49 11.66
C LEU A 4 -3.83 -25.46 10.28
N SER A 5 -4.24 -26.63 9.77
CA SER A 5 -4.76 -26.81 8.38
C SER A 5 -5.88 -25.79 8.04
N GLU A 6 -6.71 -25.47 9.06
CA GLU A 6 -7.83 -24.52 8.94
C GLU A 6 -7.31 -23.06 9.04
N ILE A 7 -6.32 -22.81 9.92
CA ILE A 7 -5.64 -21.50 10.04
C ILE A 7 -4.86 -21.16 8.73
N LEU A 8 -4.34 -22.22 8.09
CA LEU A 8 -3.55 -22.12 6.85
C LEU A 8 -4.50 -21.95 5.66
N ASP A 9 -5.70 -22.58 5.78
CA ASP A 9 -6.79 -22.43 4.81
C ASP A 9 -7.27 -20.97 4.82
N GLN A 10 -7.46 -20.42 6.03
CA GLN A 10 -7.88 -19.03 6.22
C GLN A 10 -6.78 -18.06 5.79
N MET A 11 -5.51 -18.43 6.03
CA MET A 11 -4.35 -17.66 5.58
C MET A 11 -4.38 -17.52 4.05
N THR A 12 -4.39 -18.67 3.33
CA THR A 12 -4.28 -18.69 1.85
C THR A 12 -5.51 -18.04 1.16
N THR A 13 -6.73 -18.17 1.75
CA THR A 13 -7.93 -17.54 1.16
C THR A 13 -7.84 -16.01 1.31
N VAL A 14 -7.39 -15.53 2.48
CA VAL A 14 -7.20 -14.10 2.73
C VAL A 14 -6.02 -13.55 1.90
N LEU A 15 -5.01 -14.41 1.59
CA LEU A 15 -3.89 -14.05 0.70
C LEU A 15 -4.37 -13.88 -0.76
N ASN A 16 -5.36 -14.71 -1.17
CA ASN A 16 -5.95 -14.66 -2.53
C ASN A 16 -6.83 -13.41 -2.71
N ASP A 17 -7.54 -13.05 -1.64
CA ASP A 17 -8.35 -11.82 -1.57
C ASP A 17 -7.42 -10.59 -1.67
N LEU A 18 -6.39 -10.55 -0.80
CA LEU A 18 -5.39 -9.45 -0.75
C LEU A 18 -4.51 -9.42 -2.01
N LYS A 19 -4.46 -10.55 -2.73
CA LYS A 19 -3.89 -10.61 -4.08
C LYS A 19 -4.71 -9.68 -4.96
N THR A 20 -6.02 -9.99 -5.04
CA THR A 20 -6.99 -9.19 -5.83
C THR A 20 -6.98 -7.68 -5.44
N VAL A 21 -6.95 -7.44 -4.11
CA VAL A 21 -7.06 -6.10 -3.50
C VAL A 21 -5.83 -5.23 -3.81
N MET A 22 -4.64 -5.68 -3.38
CA MET A 22 -3.40 -4.89 -3.50
C MET A 22 -2.88 -4.86 -4.96
N ASP A 23 -3.32 -5.82 -5.79
CA ASP A 23 -3.04 -5.83 -7.24
C ASP A 23 -3.86 -4.72 -7.94
N ALA A 24 -5.16 -4.64 -7.60
CA ALA A 24 -6.07 -3.59 -8.11
C ALA A 24 -5.62 -2.20 -7.61
N GLU A 25 -5.00 -2.19 -6.41
CA GLU A 25 -4.43 -0.98 -5.79
C GLU A 25 -3.26 -0.45 -6.63
N GLN A 26 -2.21 -1.29 -6.82
CA GLN A 26 -0.99 -0.91 -7.55
C GLN A 26 -1.32 -0.47 -9.00
N GLN A 27 -2.38 -1.05 -9.59
CA GLN A 27 -2.92 -0.58 -10.89
C GLN A 27 -3.45 0.86 -10.78
N GLN A 28 -4.37 1.08 -9.82
CA GLN A 28 -5.06 2.36 -9.57
C GLN A 28 -4.08 3.53 -9.27
N LEU A 29 -2.92 3.17 -8.68
CA LEU A 29 -1.86 4.13 -8.32
C LEU A 29 -0.92 4.39 -9.53
N SER A 30 -0.74 3.34 -10.36
CA SER A 30 0.14 3.38 -11.54
C SER A 30 -0.50 4.22 -12.68
N VAL A 31 -1.84 4.17 -12.77
CA VAL A 31 -2.60 4.87 -13.85
C VAL A 31 -2.64 6.39 -13.60
N GLY A 32 -2.30 6.81 -12.35
CA GLY A 32 -2.22 8.23 -11.99
C GLY A 32 -3.55 8.81 -11.53
N GLN A 33 -4.66 8.16 -11.94
CA GLN A 33 -6.01 8.58 -11.60
C GLN A 33 -6.43 7.91 -10.30
N ILE A 34 -6.60 8.70 -9.24
CA ILE A 34 -7.02 8.23 -7.91
C ILE A 34 -8.55 8.30 -7.82
N ASN A 35 -9.20 7.12 -7.80
CA ASN A 35 -10.66 7.00 -7.65
C ASN A 35 -10.98 6.61 -6.21
N GLY A 36 -11.71 7.50 -5.52
CA GLY A 36 -12.06 7.33 -4.11
C GLY A 36 -12.87 6.07 -3.84
N SER A 37 -13.81 5.76 -4.74
CA SER A 37 -14.71 4.59 -4.61
C SER A 37 -13.92 3.27 -4.61
N GLN A 38 -13.04 3.14 -5.62
CA GLN A 38 -12.25 1.91 -5.84
C GLN A 38 -11.29 1.68 -4.69
N LEU A 39 -10.55 2.74 -4.33
CA LEU A 39 -9.57 2.69 -3.24
C LEU A 39 -10.25 2.61 -1.87
N GLN A 40 -11.55 2.98 -1.77
CA GLN A 40 -12.32 2.81 -0.52
C GLN A 40 -12.61 1.33 -0.29
N ARG A 41 -13.03 0.64 -1.36
CA ARG A 41 -13.25 -0.83 -1.33
C ARG A 41 -11.93 -1.57 -1.06
N ILE A 42 -10.84 -1.04 -1.67
CA ILE A 42 -9.49 -1.58 -1.52
C ILE A 42 -8.97 -1.39 -0.10
N THR A 43 -9.05 -0.17 0.46
CA THR A 43 -8.50 0.12 1.81
C THR A 43 -9.35 -0.56 2.89
N GLU A 44 -10.64 -0.77 2.60
CA GLU A 44 -11.57 -1.54 3.47
C GLU A 44 -11.07 -2.99 3.61
N GLU A 45 -10.98 -3.68 2.44
CA GLU A 45 -10.52 -5.07 2.38
C GLU A 45 -9.07 -5.21 2.85
N LYS A 46 -8.23 -4.23 2.51
CA LYS A 46 -6.79 -4.28 2.80
C LYS A 46 -6.57 -4.30 4.32
N SER A 47 -7.11 -3.28 5.01
CA SER A 47 -6.93 -3.12 6.46
C SER A 47 -7.57 -4.31 7.23
N SER A 48 -8.81 -4.70 6.84
CA SER A 48 -9.57 -5.79 7.50
C SER A 48 -8.84 -7.14 7.40
N LEU A 49 -8.48 -7.52 6.17
CA LEU A 49 -7.90 -8.83 5.86
C LEU A 49 -6.45 -8.96 6.36
N LEU A 50 -5.71 -7.84 6.40
CA LEU A 50 -4.32 -7.81 6.98
C LEU A 50 -4.35 -7.86 8.50
N ALA A 51 -5.42 -7.31 9.09
CA ALA A 51 -5.71 -7.46 10.53
C ALA A 51 -5.97 -8.94 10.85
N THR A 52 -6.67 -9.63 9.92
CA THR A 52 -6.91 -11.07 10.02
C THR A 52 -5.61 -11.87 9.78
N LEU A 53 -4.71 -11.39 8.87
CA LEU A 53 -3.37 -12.02 8.69
C LEU A 53 -2.51 -11.92 9.96
N ASP A 54 -2.65 -10.80 10.69
CA ASP A 54 -1.92 -10.57 11.96
C ASP A 54 -2.43 -11.55 13.03
N TYR A 55 -3.76 -11.65 13.07
CA TYR A 55 -4.50 -12.68 13.84
C TYR A 55 -3.99 -14.09 13.49
N LEU A 56 -3.95 -14.41 12.18
CA LEU A 56 -3.58 -15.74 11.64
C LEU A 56 -2.09 -16.00 11.79
N GLU A 57 -1.29 -14.92 11.90
CA GLU A 57 0.16 -15.00 12.13
C GLU A 57 0.40 -15.53 13.55
N GLN A 58 -0.29 -14.90 14.52
CA GLN A 58 -0.25 -15.29 15.94
C GLN A 58 -0.70 -16.75 16.11
N GLN A 59 -1.88 -17.08 15.53
CA GLN A 59 -2.51 -18.41 15.66
C GLN A 59 -1.63 -19.49 15.03
N ARG A 60 -1.10 -19.20 13.82
CA ARG A 60 -0.20 -20.11 13.09
C ARG A 60 1.04 -20.46 13.94
N ARG A 61 1.75 -19.43 14.40
CA ARG A 61 3.03 -19.58 15.13
C ARG A 61 2.86 -20.37 16.44
N LEU A 62 1.87 -19.96 17.26
CA LEU A 62 1.62 -20.57 18.58
C LEU A 62 1.17 -22.04 18.44
N GLU A 63 0.23 -22.30 17.52
CA GLU A 63 -0.34 -23.63 17.34
C GLU A 63 0.65 -24.60 16.66
N GLN A 64 1.57 -24.12 15.79
CA GLN A 64 2.59 -25.00 15.17
C GLN A 64 3.71 -25.33 16.16
N ASN A 65 3.99 -24.37 17.05
CA ASN A 65 5.03 -24.49 18.08
C ASN A 65 4.57 -25.45 19.19
N ALA A 66 3.27 -25.40 19.53
CA ALA A 66 2.67 -26.24 20.59
C ALA A 66 2.37 -27.66 20.09
N GLN A 67 1.76 -27.75 18.91
CA GLN A 67 1.32 -29.04 18.31
C GLN A 67 2.47 -29.68 17.52
N ARG A 68 2.28 -30.96 17.17
CA ARG A 68 3.29 -31.79 16.48
C ARG A 68 3.51 -31.30 15.04
N SER A 69 2.41 -30.82 14.40
CA SER A 69 2.39 -30.29 13.02
C SER A 69 2.78 -31.36 11.97
N ALA A 70 2.70 -32.65 12.35
CA ALA A 70 3.25 -33.77 11.56
C ALA A 70 2.58 -33.97 10.18
N ASN A 71 1.31 -33.52 10.07
CA ASN A 71 0.52 -33.58 8.83
C ASN A 71 1.28 -32.87 7.69
N ASP A 72 1.55 -33.62 6.60
CA ASP A 72 2.36 -33.15 5.44
C ASP A 72 1.70 -31.97 4.73
N ASP A 73 0.35 -32.02 4.69
CA ASP A 73 -0.49 -30.98 4.09
C ASP A 73 -0.25 -29.59 4.72
N ILE A 74 0.15 -29.60 6.00
CA ILE A 74 0.51 -28.39 6.75
C ILE A 74 1.78 -27.74 6.16
N ALA A 75 2.82 -28.56 5.87
CA ALA A 75 4.12 -28.07 5.31
C ALA A 75 4.00 -27.66 3.84
N GLU A 76 3.21 -28.42 3.09
CA GLU A 76 2.96 -28.18 1.65
C GLU A 76 2.18 -26.87 1.47
N ARG A 77 1.13 -26.69 2.29
CA ARG A 77 0.30 -25.48 2.27
C ARG A 77 1.09 -24.29 2.85
N TRP A 78 1.97 -24.57 3.82
CA TRP A 78 2.86 -23.55 4.42
C TRP A 78 3.84 -23.00 3.38
N GLN A 79 4.39 -23.89 2.54
CA GLN A 79 5.28 -23.50 1.44
C GLN A 79 4.50 -22.65 0.42
N ALA A 80 3.28 -23.11 0.08
CA ALA A 80 2.37 -22.40 -0.83
C ALA A 80 2.05 -20.97 -0.30
N ILE A 81 1.89 -20.86 1.04
CA ILE A 81 1.65 -19.60 1.75
C ILE A 81 2.83 -18.65 1.57
N THR A 82 4.07 -19.16 1.77
CA THR A 82 5.28 -18.33 1.68
C THR A 82 5.54 -17.85 0.23
N GLU A 83 5.06 -18.64 -0.76
CA GLU A 83 5.08 -18.24 -2.18
C GLU A 83 4.13 -17.04 -2.40
N LYS A 84 2.91 -17.16 -1.86
CA LYS A 84 1.87 -16.12 -1.97
C LYS A 84 2.30 -14.84 -1.26
N THR A 85 2.88 -14.98 -0.05
CA THR A 85 3.30 -13.85 0.80
C THR A 85 4.54 -13.17 0.20
N GLN A 86 5.39 -13.95 -0.52
CA GLN A 86 6.54 -13.41 -1.27
C GLN A 86 6.03 -12.47 -2.38
N HIS A 87 5.07 -12.97 -3.18
CA HIS A 87 4.50 -12.22 -4.31
C HIS A 87 3.69 -11.01 -3.81
N LEU A 88 2.98 -11.19 -2.67
CA LEU A 88 2.20 -10.11 -2.05
C LEU A 88 3.12 -9.03 -1.51
N ARG A 89 4.29 -9.44 -1.01
CA ARG A 89 5.30 -8.51 -0.46
C ARG A 89 5.98 -7.72 -1.59
N ASP A 90 6.09 -8.37 -2.77
CA ASP A 90 6.56 -7.73 -4.01
C ASP A 90 5.60 -6.60 -4.43
N LEU A 91 4.33 -6.95 -4.71
CA LEU A 91 3.31 -5.97 -5.16
C LEU A 91 2.96 -4.94 -4.05
N ASN A 92 3.25 -5.32 -2.79
CA ASN A 92 3.16 -4.43 -1.62
C ASN A 92 4.21 -3.31 -1.70
N GLN A 93 5.46 -3.71 -1.99
CA GLN A 93 6.58 -2.78 -2.25
C GLN A 93 6.21 -1.84 -3.40
N HIS A 94 5.63 -2.42 -4.47
CA HIS A 94 5.27 -1.66 -5.68
C HIS A 94 4.20 -0.60 -5.39
N ASN A 95 3.10 -0.99 -4.71
CA ASN A 95 1.98 -0.06 -4.41
C ASN A 95 2.42 1.05 -3.43
N GLY A 96 3.28 0.67 -2.47
CA GLY A 96 3.85 1.63 -1.51
C GLY A 96 4.79 2.65 -2.16
N TRP A 97 5.61 2.17 -3.10
CA TRP A 97 6.54 2.98 -3.90
C TRP A 97 5.75 4.02 -4.72
N LEU A 98 4.65 3.53 -5.32
CA LEU A 98 3.71 4.35 -6.08
C LEU A 98 3.00 5.36 -5.18
N LEU A 99 2.83 5.03 -3.87
CA LEU A 99 2.24 5.97 -2.89
C LEU A 99 3.17 7.17 -2.62
N GLU A 100 4.44 6.94 -2.21
CA GLU A 100 5.43 8.04 -2.00
C GLU A 100 5.54 8.94 -3.26
N GLY A 101 5.79 8.28 -4.40
CA GLY A 101 5.96 8.98 -5.68
C GLY A 101 4.75 9.80 -6.10
N GLN A 102 3.57 9.16 -6.15
CA GLN A 102 2.34 9.76 -6.72
C GLN A 102 1.88 10.95 -5.85
N ILE A 103 1.87 10.75 -4.51
CA ILE A 103 1.44 11.77 -3.55
C ILE A 103 2.35 12.99 -3.64
N GLU A 104 3.67 12.80 -3.41
CA GLU A 104 4.62 13.91 -3.26
C GLU A 104 4.78 14.72 -4.58
N ARG A 105 4.64 14.06 -5.75
CA ARG A 105 4.69 14.74 -7.05
C ARG A 105 3.37 15.49 -7.34
N ASN A 106 2.25 14.90 -6.88
CA ASN A 106 0.93 15.58 -6.89
C ASN A 106 0.98 16.84 -6.02
N GLN A 107 1.69 16.75 -4.87
CA GLN A 107 1.82 17.87 -3.90
C GLN A 107 2.56 19.06 -4.54
N GLN A 108 3.77 18.78 -5.07
CA GLN A 108 4.60 19.81 -5.71
C GLN A 108 3.84 20.44 -6.89
N ALA A 109 3.11 19.61 -7.67
CA ALA A 109 2.33 20.09 -8.83
C ALA A 109 1.28 21.13 -8.41
N LEU A 110 0.49 20.79 -7.38
CA LEU A 110 -0.57 21.67 -6.83
C LEU A 110 0.03 23.00 -6.32
N GLU A 111 1.28 22.94 -5.81
CA GLU A 111 1.99 24.13 -5.28
C GLU A 111 2.60 25.01 -6.42
N VAL A 112 3.17 24.36 -7.46
CA VAL A 112 3.85 25.07 -8.60
C VAL A 112 2.82 25.81 -9.47
N LEU A 113 1.60 25.23 -9.57
CA LEU A 113 0.50 25.83 -10.33
C LEU A 113 0.07 27.18 -9.74
N LYS A 114 0.21 27.32 -8.40
CA LYS A 114 -0.20 28.51 -7.67
C LYS A 114 0.82 29.67 -7.92
N PRO A 115 0.38 30.81 -8.55
CA PRO A 115 1.26 31.97 -8.84
C PRO A 115 1.55 32.84 -7.58
N HIS A 116 2.80 33.35 -7.52
CA HIS A 116 3.32 34.12 -6.38
C HIS A 116 2.53 35.44 -6.20
N GLN A 117 1.67 35.48 -5.14
CA GLN A 117 0.75 36.61 -4.80
C GLN A 117 0.18 37.30 -6.06
N GLU A 118 -0.52 36.51 -6.89
CA GLU A 118 -1.02 36.93 -8.20
C GLU A 118 -2.45 36.35 -8.39
N PRO A 119 -3.52 37.22 -8.48
CA PRO A 119 -4.93 36.76 -8.66
C PRO A 119 -5.14 35.90 -9.92
N THR A 120 -4.98 34.58 -9.75
CA THR A 120 -5.16 33.57 -10.82
C THR A 120 -5.73 32.28 -10.20
N LEU A 121 -6.92 31.86 -10.67
CA LEU A 121 -7.58 30.60 -10.24
C LEU A 121 -6.94 29.39 -10.96
N TYR A 122 -7.44 28.17 -10.64
CA TYR A 122 -6.98 26.85 -11.18
C TYR A 122 -5.45 26.61 -11.06
N GLY A 123 -4.67 27.34 -11.87
CA GLY A 123 -3.21 27.30 -11.81
C GLY A 123 -2.56 27.80 -13.09
N ALA A 124 -1.30 27.38 -13.30
CA ALA A 124 -0.56 27.67 -14.53
C ALA A 124 -1.20 26.91 -15.71
N ASP A 125 -1.24 25.57 -15.58
CA ASP A 125 -1.81 24.64 -16.59
C ASP A 125 -2.56 23.49 -15.89
N GLY A 126 -3.43 22.81 -16.65
CA GLY A 126 -4.18 21.65 -16.18
C GLY A 126 -3.62 20.33 -16.73
N GLN A 127 -2.60 20.43 -17.58
CA GLN A 127 -1.96 19.28 -18.23
C GLN A 127 -1.00 18.56 -17.25
N THR A 128 -1.01 17.21 -17.26
CA THR A 128 -0.16 16.37 -16.40
C THR A 128 0.32 15.16 -17.21
N SER A 129 1.65 14.99 -17.33
CA SER A 129 2.28 13.91 -18.10
C SER A 129 3.11 13.04 -17.15
N VAL A 130 3.06 11.71 -17.37
CA VAL A 130 3.78 10.72 -16.57
C VAL A 130 4.84 10.03 -17.45
N SER A 131 6.08 10.55 -17.41
CA SER A 131 7.24 9.92 -18.04
C SER A 131 7.92 8.97 -17.04
N HIS A 132 8.98 8.27 -17.47
CA HIS A 132 9.72 7.33 -16.62
C HIS A 132 11.22 7.31 -16.96
N ARG A 133 11.69 8.31 -17.75
CA ARG A 133 13.10 8.40 -18.19
C ARG A 133 13.92 9.24 -17.18
N GLY A 134 13.97 8.75 -15.92
CA GLY A 134 14.68 9.45 -14.85
C GLY A 134 13.90 10.63 -14.33
N GLY A 135 14.12 11.82 -14.91
CA GLY A 135 13.41 13.04 -14.49
C GLY A 135 13.83 13.53 -13.10
N LYS A 136 12.99 14.38 -12.49
CA LYS A 136 13.26 14.98 -11.15
C LYS A 136 11.98 15.43 -10.44
N LYS A 137 12.08 15.54 -9.10
CA LYS A 137 11.03 16.13 -8.25
C LYS A 137 11.66 16.54 -6.91
N ILE A 138 11.18 17.65 -6.32
CA ILE A 138 11.70 18.16 -5.01
C ILE A 138 10.65 17.97 -3.89
N SER A 139 9.36 18.06 -4.29
CA SER A 139 8.18 17.92 -3.39
C SER A 139 8.09 19.07 -2.37
N ILE A 140 7.55 20.21 -2.82
CA ILE A 140 7.25 21.38 -1.97
C ILE A 140 5.72 21.56 -1.92
N VAL A 141 5.16 21.71 -0.71
CA VAL A 141 3.74 22.04 -0.52
C VAL A 141 3.49 22.47 0.94
N LEU A 142 2.45 23.29 1.16
CA LEU A 142 2.10 23.79 2.50
C LEU A 142 1.51 22.70 3.42
N PHE A 143 0.94 21.61 2.84
CA PHE A 143 0.37 20.48 3.61
C PHE A 143 1.03 19.13 3.25
N GLN A 144 2.36 19.03 3.53
CA GLN A 144 3.14 17.80 3.22
C GLN A 144 2.64 16.59 4.05
N GLY A 145 2.47 15.44 3.38
CA GLY A 145 1.86 14.24 3.97
C GLY A 145 2.91 13.20 4.40
N PRO A 146 3.59 12.50 3.42
CA PRO A 146 4.72 11.58 3.72
C PRO A 146 5.97 12.30 4.29
N SER A 147 7.02 11.52 4.61
CA SER A 147 8.29 12.04 5.14
C SER A 147 9.13 12.64 3.99
N ALA A 148 9.78 11.77 3.20
CA ALA A 148 10.64 12.18 2.07
C ALA A 148 11.02 10.94 1.23
N GLY A 149 10.06 10.48 0.40
CA GLY A 149 10.32 9.42 -0.58
C GLY A 149 10.87 10.05 -1.85
N LEU A 150 12.14 10.46 -1.79
CA LEU A 150 12.79 11.37 -2.77
C LEU A 150 13.20 10.67 -4.10
N VAL A 151 12.38 9.73 -4.58
CA VAL A 151 12.60 9.02 -5.85
C VAL A 151 12.12 9.88 -7.06
N PRO A 152 13.05 10.25 -8.00
CA PRO A 152 12.69 11.05 -9.19
C PRO A 152 12.21 10.21 -10.39
N ARG A 153 12.56 8.88 -10.41
CA ARG A 153 12.48 8.01 -11.61
C ARG A 153 11.11 8.02 -12.30
N GLY A 154 10.03 8.05 -11.51
CA GLY A 154 8.68 8.25 -12.03
C GLY A 154 8.44 9.72 -12.28
N SER A 155 8.66 10.16 -13.53
CA SER A 155 8.63 11.58 -13.92
C SER A 155 7.17 12.05 -14.20
N GLY A 156 6.31 11.90 -13.18
CA GLY A 156 4.87 12.18 -13.30
C GLY A 156 4.47 13.51 -12.68
N GLY A 157 4.39 14.56 -13.52
CA GLY A 157 3.95 15.89 -13.09
C GLY A 157 5.10 16.78 -12.64
N ILE A 158 5.22 17.96 -13.30
CA ILE A 158 6.29 18.96 -13.09
C ILE A 158 7.65 18.41 -13.58
N GLU A 159 7.92 18.66 -14.87
CA GLU A 159 9.21 18.38 -15.53
C GLU A 159 9.71 19.64 -16.26
N GLY A 160 10.87 19.51 -16.96
CA GLY A 160 11.55 20.65 -17.58
C GLY A 160 12.31 21.47 -16.54
N MET A 161 11.61 22.44 -15.94
CA MET A 161 12.14 23.31 -14.87
C MET A 161 11.03 23.54 -13.82
N ALA A 162 11.44 23.60 -12.54
CA ALA A 162 10.57 24.07 -11.46
C ALA A 162 10.48 25.61 -11.60
N GLN A 163 9.31 26.09 -12.04
CA GLN A 163 9.10 27.52 -12.33
C GLN A 163 9.09 28.34 -11.03
N HIS A 164 7.96 28.28 -10.30
CA HIS A 164 7.80 28.91 -8.98
C HIS A 164 6.57 28.30 -8.27
N GLY A 165 6.79 27.75 -7.07
CA GLY A 165 5.71 27.33 -6.17
C GLY A 165 5.44 28.39 -5.12
N ALA A 166 4.16 28.68 -4.84
CA ALA A 166 3.76 29.79 -3.96
C ALA A 166 2.65 29.37 -3.00
N LEU A 167 2.97 29.37 -1.70
CA LEU A 167 2.06 28.88 -0.63
C LEU A 167 0.87 29.84 -0.47
N GLU A 168 -0.27 29.28 -0.08
CA GLU A 168 -1.56 29.99 -0.02
C GLU A 168 -2.50 29.30 0.99
N THR A 169 -3.52 30.04 1.46
CA THR A 169 -4.60 29.54 2.33
C THR A 169 -5.12 28.15 1.88
N LEU A 170 -5.50 28.07 0.60
CA LEU A 170 -5.88 26.81 -0.04
C LEU A 170 -5.82 26.96 -1.56
N LYS A 171 -6.03 25.82 -2.23
CA LYS A 171 -6.20 25.75 -3.70
C LYS A 171 -7.48 24.94 -4.04
N ASP A 172 -8.42 24.90 -3.04
CA ASP A 172 -9.79 24.34 -3.17
C ASP A 172 -9.78 22.83 -3.50
N LEU A 173 -9.55 22.52 -4.80
CA LEU A 173 -9.44 21.16 -5.33
C LEU A 173 -8.32 20.41 -4.59
N ALA A 174 -7.12 21.05 -4.59
CA ALA A 174 -5.90 20.53 -3.96
C ALA A 174 -6.14 20.08 -2.51
N GLU A 175 -6.88 20.91 -1.76
CA GLU A 175 -7.18 20.69 -0.34
C GLU A 175 -7.96 19.37 -0.14
N LYS A 176 -9.08 19.23 -0.89
CA LYS A 176 -9.99 18.08 -0.76
C LYS A 176 -9.30 16.79 -1.29
N GLU A 177 -8.65 16.89 -2.46
CA GLU A 177 -8.00 15.75 -3.14
C GLU A 177 -6.90 15.13 -2.26
N VAL A 178 -6.11 15.99 -1.60
CA VAL A 178 -5.03 15.56 -0.68
C VAL A 178 -5.61 15.00 0.63
N ASP A 179 -6.73 15.59 1.10
CA ASP A 179 -7.45 15.12 2.32
C ASP A 179 -8.01 13.68 2.12
N ASP A 180 -8.62 13.48 0.95
CA ASP A 180 -9.23 12.20 0.52
C ASP A 180 -8.13 11.15 0.30
N ALA A 181 -7.07 11.59 -0.39
CA ALA A 181 -5.88 10.77 -0.65
C ALA A 181 -5.16 10.43 0.66
N ALA A 182 -5.20 11.34 1.63
CA ALA A 182 -4.60 11.11 2.95
C ALA A 182 -5.33 9.93 3.64
N ARG A 183 -6.67 9.95 3.56
CA ARG A 183 -7.52 8.84 4.08
C ARG A 183 -7.10 7.48 3.46
N LEU A 184 -7.27 7.39 2.13
CA LEU A 184 -7.09 6.14 1.37
C LEU A 184 -5.63 5.70 1.38
N LEU A 185 -4.78 6.54 0.77
CA LEU A 185 -3.36 6.23 0.54
C LEU A 185 -2.56 6.16 1.86
N GLY A 186 -2.98 6.96 2.87
CA GLY A 186 -2.32 6.93 4.19
C GLY A 186 -2.58 5.64 4.95
N GLU A 187 -3.87 5.20 4.98
CA GLU A 187 -4.26 3.95 5.67
C GLU A 187 -3.88 2.70 4.86
N MET A 188 -3.65 2.88 3.54
CA MET A 188 -3.13 1.80 2.68
C MET A 188 -1.60 1.75 2.75
N ARG A 189 -0.93 2.85 3.15
CA ARG A 189 0.54 2.83 3.34
C ARG A 189 0.89 2.22 4.71
N ARG A 190 0.04 2.48 5.71
CA ARG A 190 0.08 1.79 7.01
C ARG A 190 -0.27 0.31 6.83
N GLY A 191 -1.32 0.06 6.04
CA GLY A 191 -1.71 -1.30 5.66
C GLY A 191 -0.61 -2.00 4.87
N CYS A 192 0.09 -1.25 4.00
CA CYS A 192 1.19 -1.76 3.17
C CYS A 192 2.36 -2.21 4.05
N GLN A 193 2.78 -1.32 4.96
CA GLN A 193 3.93 -1.53 5.84
C GLN A 193 3.68 -2.72 6.78
N GLN A 194 2.46 -2.76 7.34
CA GLN A 194 2.05 -3.80 8.29
C GLN A 194 1.79 -5.15 7.57
N ALA A 195 1.39 -5.07 6.28
CA ALA A 195 1.24 -6.28 5.43
C ALA A 195 2.58 -6.99 5.36
N GLU A 196 3.58 -6.25 4.83
CA GLU A 196 4.96 -6.72 4.70
C GLU A 196 5.52 -7.17 6.05
N GLU A 197 5.11 -6.50 7.15
CA GLU A 197 5.52 -6.86 8.52
C GLU A 197 5.14 -8.33 8.85
N GLN A 198 3.86 -8.70 8.63
CA GLN A 198 3.38 -10.09 8.84
C GLN A 198 4.06 -11.07 7.87
N LEU A 199 4.25 -10.65 6.61
CA LEU A 199 4.81 -11.51 5.54
C LEU A 199 6.32 -11.79 5.81
N LYS A 200 7.00 -10.79 6.40
CA LYS A 200 8.42 -10.88 6.80
C LYS A 200 8.56 -11.88 7.96
N MET A 201 7.67 -11.75 8.97
CA MET A 201 7.66 -12.64 10.16
C MET A 201 7.53 -14.10 9.70
N LEU A 202 6.52 -14.36 8.85
CA LEU A 202 6.19 -15.72 8.38
C LEU A 202 7.33 -16.35 7.55
N ILE A 203 7.81 -15.65 6.52
CA ILE A 203 8.88 -16.16 5.62
C ILE A 203 10.22 -16.38 6.40
N ASP A 204 10.48 -15.53 7.40
CA ASP A 204 11.69 -15.67 8.26
C ASP A 204 11.55 -16.87 9.23
N TYR A 205 10.38 -16.99 9.87
CA TYR A 205 10.13 -18.02 10.90
C TYR A 205 9.91 -19.42 10.28
N GLN A 206 9.67 -19.45 8.94
CA GLN A 206 9.62 -20.68 8.11
C GLN A 206 10.80 -21.63 8.41
N ASN A 207 11.97 -21.03 8.71
CA ASN A 207 13.22 -21.76 9.02
C ASN A 207 13.11 -22.47 10.39
N GLU A 208 12.39 -23.62 10.37
CA GLU A 208 12.12 -24.47 11.55
C GLU A 208 11.35 -25.73 11.11
N TYR A 209 10.11 -25.53 10.62
CA TYR A 209 9.18 -26.63 10.28
C TYR A 209 9.27 -26.97 8.77
N ARG A 210 9.34 -28.28 8.47
CA ARG A 210 9.44 -28.80 7.09
C ARG A 210 9.24 -30.34 7.09
N SER A 211 8.22 -30.86 6.34
CA SER A 211 7.98 -32.31 6.23
C SER A 211 8.90 -32.94 5.14
N ASN A 212 8.59 -32.67 3.85
CA ASN A 212 9.34 -33.23 2.69
C ASN A 212 8.89 -32.53 1.39
N LEU A 213 9.86 -32.27 0.48
CA LEU A 213 9.60 -31.73 -0.88
C LEU A 213 10.03 -32.76 -1.94
N ASN A 214 10.08 -32.34 -3.20
CA ASN A 214 10.55 -33.15 -4.34
C ASN A 214 12.04 -33.57 -4.16
N MET A 1 -7.38 -33.32 13.69
CA MET A 1 -6.48 -32.29 13.12
C MET A 1 -7.30 -31.34 12.22
N THR A 2 -7.94 -30.33 12.85
CA THR A 2 -8.76 -29.31 12.13
C THR A 2 -8.27 -27.89 12.47
N ARG A 3 -7.61 -27.74 13.64
CA ARG A 3 -7.23 -26.43 14.22
C ARG A 3 -6.34 -25.64 13.24
N LEU A 4 -5.13 -26.16 12.96
CA LEU A 4 -4.21 -25.53 11.99
C LEU A 4 -4.82 -25.53 10.57
N SER A 5 -5.43 -26.65 10.15
CA SER A 5 -6.00 -26.83 8.80
C SER A 5 -6.88 -25.63 8.36
N GLU A 6 -7.78 -25.21 9.28
CA GLU A 6 -8.75 -24.12 9.06
C GLU A 6 -8.04 -22.75 8.98
N ILE A 7 -7.17 -22.47 9.98
CA ILE A 7 -6.48 -21.16 10.13
C ILE A 7 -5.58 -20.88 8.90
N LEU A 8 -4.83 -21.93 8.52
CA LEU A 8 -3.87 -21.88 7.40
C LEU A 8 -4.60 -21.77 6.05
N ASP A 9 -5.77 -22.43 5.95
CA ASP A 9 -6.70 -22.29 4.80
C ASP A 9 -7.11 -20.82 4.63
N GLN A 10 -7.48 -20.20 5.78
CA GLN A 10 -7.89 -18.79 5.82
C GLN A 10 -6.72 -17.87 5.44
N MET A 11 -5.48 -18.25 5.83
CA MET A 11 -4.29 -17.45 5.47
C MET A 11 -4.14 -17.42 3.95
N THR A 12 -3.98 -18.61 3.33
CA THR A 12 -3.66 -18.73 1.90
C THR A 12 -4.75 -18.12 0.98
N THR A 13 -6.04 -18.21 1.41
CA THR A 13 -7.15 -17.58 0.65
C THR A 13 -7.10 -16.05 0.78
N VAL A 14 -6.80 -15.53 2.01
CA VAL A 14 -6.65 -14.09 2.27
C VAL A 14 -5.48 -13.51 1.45
N LEU A 15 -4.39 -14.30 1.37
CA LEU A 15 -3.16 -13.94 0.64
C LEU A 15 -3.43 -13.85 -0.88
N ASN A 16 -4.30 -14.75 -1.38
CA ASN A 16 -4.76 -14.76 -2.79
C ASN A 16 -5.58 -13.49 -3.11
N ASP A 17 -6.48 -13.13 -2.18
CA ASP A 17 -7.29 -11.91 -2.29
C ASP A 17 -6.38 -10.67 -2.26
N LEU A 18 -5.38 -10.67 -1.34
CA LEU A 18 -4.37 -9.59 -1.21
C LEU A 18 -3.52 -9.45 -2.47
N LYS A 19 -3.32 -10.58 -3.19
CA LYS A 19 -2.64 -10.56 -4.49
C LYS A 19 -3.47 -9.72 -5.45
N THR A 20 -4.77 -10.05 -5.56
CA THR A 20 -5.73 -9.34 -6.44
C THR A 20 -5.87 -7.84 -6.07
N VAL A 21 -5.97 -7.56 -4.75
CA VAL A 21 -6.22 -6.22 -4.18
C VAL A 21 -5.01 -5.32 -4.41
N MET A 22 -3.83 -5.76 -3.92
CA MET A 22 -2.58 -4.98 -3.98
C MET A 22 -2.02 -4.93 -5.42
N ASP A 23 -2.46 -5.87 -6.29
CA ASP A 23 -2.14 -5.82 -7.74
C ASP A 23 -2.87 -4.65 -8.38
N ALA A 24 -4.21 -4.58 -8.18
CA ALA A 24 -5.06 -3.47 -8.68
C ALA A 24 -4.64 -2.12 -8.08
N GLU A 25 -4.11 -2.18 -6.85
CA GLU A 25 -3.59 -1.02 -6.11
C GLU A 25 -2.36 -0.44 -6.81
N GLN A 26 -1.29 -1.26 -6.91
CA GLN A 26 -0.01 -0.85 -7.50
C GLN A 26 -0.15 -0.56 -9.01
N GLN A 27 -1.19 -1.14 -9.63
CA GLN A 27 -1.58 -0.87 -11.03
C GLN A 27 -2.03 0.61 -11.17
N GLN A 28 -2.96 1.03 -10.28
CA GLN A 28 -3.50 2.42 -10.22
C GLN A 28 -2.42 3.41 -9.70
N LEU A 29 -1.43 2.88 -8.97
CA LEU A 29 -0.29 3.67 -8.46
C LEU A 29 0.89 3.65 -9.46
N SER A 30 0.78 2.82 -10.51
CA SER A 30 1.72 2.80 -11.64
C SER A 30 1.30 3.82 -12.72
N VAL A 31 -0.02 4.15 -12.79
CA VAL A 31 -0.55 5.01 -13.88
C VAL A 31 -0.18 6.49 -13.66
N GLY A 32 -0.10 6.91 -12.39
CA GLY A 32 0.26 8.30 -12.04
C GLY A 32 -0.91 9.12 -11.54
N GLN A 33 -2.14 8.71 -11.89
CA GLN A 33 -3.36 9.39 -11.43
C GLN A 33 -4.02 8.56 -10.32
N ILE A 34 -4.39 9.24 -9.22
CA ILE A 34 -5.07 8.62 -8.10
C ILE A 34 -6.60 8.69 -8.31
N ASN A 35 -7.28 7.55 -8.12
CA ASN A 35 -8.75 7.49 -8.06
C ASN A 35 -9.16 7.15 -6.62
N GLY A 36 -9.97 8.02 -6.01
CA GLY A 36 -10.31 7.95 -4.60
C GLY A 36 -11.07 6.68 -4.23
N SER A 37 -12.24 6.48 -4.88
CA SER A 37 -13.13 5.34 -4.60
C SER A 37 -12.44 3.99 -4.85
N GLN A 38 -11.56 3.96 -5.88
CA GLN A 38 -10.77 2.78 -6.27
C GLN A 38 -9.87 2.33 -5.11
N LEU A 39 -8.95 3.23 -4.70
CA LEU A 39 -7.98 2.94 -3.64
C LEU A 39 -8.66 2.83 -2.27
N GLN A 40 -9.86 3.41 -2.12
CA GLN A 40 -10.67 3.35 -0.89
C GLN A 40 -11.11 1.90 -0.64
N ARG A 41 -11.82 1.31 -1.64
CA ARG A 41 -12.34 -0.06 -1.53
C ARG A 41 -11.18 -1.08 -1.47
N ILE A 42 -10.07 -0.74 -2.15
CA ILE A 42 -8.83 -1.53 -2.13
C ILE A 42 -8.21 -1.58 -0.71
N THR A 43 -7.87 -0.40 -0.15
CA THR A 43 -7.21 -0.32 1.17
C THR A 43 -8.15 -0.75 2.31
N GLU A 44 -9.47 -0.72 2.07
CA GLU A 44 -10.48 -1.20 3.02
C GLU A 44 -10.45 -2.74 3.09
N GLU A 45 -10.52 -3.38 1.90
CA GLU A 45 -10.50 -4.84 1.78
C GLU A 45 -9.18 -5.38 2.33
N LYS A 46 -8.09 -4.70 1.93
CA LYS A 46 -6.73 -5.03 2.33
C LYS A 46 -6.53 -4.90 3.85
N SER A 47 -7.02 -3.78 4.44
CA SER A 47 -6.88 -3.50 5.89
C SER A 47 -7.55 -4.60 6.73
N SER A 48 -8.75 -5.01 6.26
CA SER A 48 -9.51 -6.12 6.86
C SER A 48 -8.69 -7.44 6.81
N LEU A 49 -8.16 -7.74 5.62
CA LEU A 49 -7.43 -8.99 5.34
C LEU A 49 -6.07 -9.09 6.10
N LEU A 50 -5.37 -7.94 6.22
CA LEU A 50 -4.05 -7.86 6.90
C LEU A 50 -4.23 -7.98 8.41
N ALA A 51 -5.26 -7.30 8.95
CA ALA A 51 -5.66 -7.42 10.36
C ALA A 51 -6.00 -8.88 10.71
N THR A 52 -6.67 -9.55 9.74
CA THR A 52 -6.99 -10.98 9.86
C THR A 52 -5.69 -11.82 9.79
N LEU A 53 -4.67 -11.41 8.99
CA LEU A 53 -3.35 -12.13 8.94
C LEU A 53 -2.62 -12.08 10.30
N ASP A 54 -2.72 -10.94 11.00
CA ASP A 54 -2.16 -10.77 12.36
C ASP A 54 -2.87 -11.74 13.33
N TYR A 55 -4.21 -11.76 13.20
CA TYR A 55 -5.12 -12.70 13.90
C TYR A 55 -4.72 -14.17 13.62
N LEU A 56 -4.51 -14.48 12.33
CA LEU A 56 -4.24 -15.83 11.84
C LEU A 56 -2.86 -16.32 12.31
N GLU A 57 -1.85 -15.43 12.26
CA GLU A 57 -0.49 -15.73 12.70
C GLU A 57 -0.44 -16.04 14.21
N GLN A 58 -0.98 -15.12 15.03
CA GLN A 58 -0.98 -15.28 16.51
C GLN A 58 -1.68 -16.61 16.91
N GLN A 59 -2.86 -16.82 16.32
CA GLN A 59 -3.72 -17.99 16.58
C GLN A 59 -3.00 -19.30 16.16
N ARG A 60 -2.50 -19.32 14.90
CA ARG A 60 -1.85 -20.52 14.32
C ARG A 60 -0.52 -20.81 15.02
N ARG A 61 0.08 -19.77 15.64
CA ARG A 61 1.36 -19.88 16.32
C ARG A 61 1.17 -20.63 17.64
N LEU A 62 0.07 -20.31 18.33
CA LEU A 62 -0.39 -21.08 19.50
C LEU A 62 -0.73 -22.55 19.07
N GLU A 63 -1.36 -22.69 17.89
CA GLU A 63 -1.77 -24.01 17.35
C GLU A 63 -0.62 -24.81 16.70
N GLN A 64 0.52 -24.17 16.33
CA GLN A 64 1.69 -24.92 15.77
C GLN A 64 2.58 -25.36 16.92
N ASN A 65 2.53 -24.59 18.02
CA ASN A 65 3.11 -24.98 19.32
C ASN A 65 2.35 -26.20 19.88
N ALA A 66 1.01 -26.16 19.74
CA ALA A 66 0.11 -27.24 20.19
C ALA A 66 0.27 -28.51 19.32
N GLN A 67 0.21 -28.33 17.98
CA GLN A 67 0.33 -29.43 17.01
C GLN A 67 1.81 -29.62 16.62
N ARG A 68 2.47 -30.57 17.31
CA ARG A 68 3.85 -30.97 17.01
C ARG A 68 3.87 -31.82 15.72
N SER A 69 4.06 -31.13 14.58
CA SER A 69 4.00 -31.71 13.24
C SER A 69 2.54 -32.08 12.84
N ALA A 70 2.02 -33.16 13.44
CA ALA A 70 0.63 -33.64 13.27
C ALA A 70 0.38 -34.28 11.89
N ASN A 71 0.39 -33.46 10.82
CA ASN A 71 0.08 -33.90 9.44
C ASN A 71 0.84 -33.05 8.41
N ASP A 72 1.21 -33.68 7.27
CA ASP A 72 1.98 -33.02 6.17
C ASP A 72 1.12 -32.01 5.38
N ASP A 73 -0.22 -32.15 5.45
CA ASP A 73 -1.17 -31.17 4.86
C ASP A 73 -0.99 -29.77 5.46
N ILE A 74 -0.55 -29.72 6.73
CA ILE A 74 -0.20 -28.47 7.42
C ILE A 74 1.00 -27.81 6.70
N ALA A 75 2.04 -28.63 6.38
CA ALA A 75 3.26 -28.17 5.64
C ALA A 75 2.93 -27.70 4.22
N GLU A 76 1.93 -28.36 3.60
CA GLU A 76 1.38 -27.99 2.28
C GLU A 76 0.72 -26.59 2.34
N ARG A 77 0.00 -26.35 3.44
CA ARG A 77 -0.64 -25.05 3.70
C ARG A 77 0.42 -23.96 3.94
N TRP A 78 1.44 -24.27 4.77
CA TRP A 78 2.58 -23.35 5.05
C TRP A 78 3.36 -23.05 3.75
N GLN A 79 3.41 -24.03 2.83
CA GLN A 79 4.07 -23.90 1.51
C GLN A 79 3.32 -22.88 0.64
N ALA A 80 1.99 -23.06 0.57
CA ALA A 80 1.08 -22.15 -0.15
C ALA A 80 1.18 -20.72 0.41
N ILE A 81 1.28 -20.63 1.75
CA ILE A 81 1.40 -19.37 2.49
C ILE A 81 2.73 -18.66 2.15
N THR A 82 3.86 -19.39 2.13
CA THR A 82 5.19 -18.79 1.91
C THR A 82 5.35 -18.26 0.48
N GLU A 83 4.82 -19.01 -0.51
CA GLU A 83 4.85 -18.61 -1.94
C GLU A 83 3.95 -17.39 -2.20
N LYS A 84 2.76 -17.38 -1.57
CA LYS A 84 1.83 -16.24 -1.64
C LYS A 84 2.46 -14.98 -1.00
N THR A 85 2.91 -15.11 0.27
CA THR A 85 3.55 -14.01 1.04
C THR A 85 4.83 -13.50 0.35
N GLN A 86 5.50 -14.39 -0.41
CA GLN A 86 6.68 -14.04 -1.23
C GLN A 86 6.29 -13.09 -2.37
N HIS A 87 5.25 -13.51 -3.13
CA HIS A 87 4.74 -12.73 -4.27
C HIS A 87 4.12 -11.40 -3.79
N LEU A 88 3.45 -11.44 -2.61
CA LEU A 88 2.83 -10.27 -1.99
C LEU A 88 3.90 -9.28 -1.60
N ARG A 89 4.89 -9.76 -0.81
CA ARG A 89 6.00 -8.93 -0.29
C ARG A 89 6.77 -8.26 -1.44
N ASP A 90 6.89 -9.01 -2.56
CA ASP A 90 7.56 -8.53 -3.77
C ASP A 90 6.82 -7.30 -4.35
N LEU A 91 5.53 -7.50 -4.71
CA LEU A 91 4.69 -6.43 -5.31
C LEU A 91 4.39 -5.32 -4.30
N ASN A 92 4.49 -5.64 -2.99
CA ASN A 92 4.26 -4.73 -1.85
C ASN A 92 5.39 -3.71 -1.74
N GLN A 93 6.62 -4.22 -1.90
CA GLN A 93 7.85 -3.42 -1.88
C GLN A 93 7.90 -2.50 -3.11
N HIS A 94 7.58 -3.08 -4.28
CA HIS A 94 7.46 -2.33 -5.54
C HIS A 94 6.34 -1.27 -5.44
N ASN A 95 5.25 -1.63 -4.77
CA ASN A 95 4.11 -0.74 -4.52
C ASN A 95 4.51 0.40 -3.57
N GLY A 96 5.45 0.09 -2.65
CA GLY A 96 6.03 1.10 -1.76
C GLY A 96 6.77 2.18 -2.53
N TRP A 97 7.59 1.75 -3.51
CA TRP A 97 8.33 2.66 -4.41
C TRP A 97 7.36 3.48 -5.30
N LEU A 98 6.27 2.84 -5.75
CA LEU A 98 5.21 3.49 -6.57
C LEU A 98 4.49 4.56 -5.76
N LEU A 99 4.16 4.24 -4.49
CA LEU A 99 3.52 5.17 -3.55
C LEU A 99 4.36 6.43 -3.36
N GLU A 100 5.64 6.26 -3.01
CA GLU A 100 6.59 7.37 -2.77
C GLU A 100 6.76 8.23 -4.05
N GLY A 101 6.72 7.55 -5.22
CA GLY A 101 6.72 8.23 -6.52
C GLY A 101 5.48 9.09 -6.74
N GLN A 102 4.31 8.60 -6.27
CA GLN A 102 3.01 9.30 -6.42
C GLN A 102 2.77 10.37 -5.34
N ILE A 103 3.42 10.23 -4.17
CA ILE A 103 3.32 11.23 -3.07
C ILE A 103 4.24 12.42 -3.42
N GLU A 104 5.38 12.11 -4.08
CA GLU A 104 6.27 13.12 -4.68
C GLU A 104 5.56 13.80 -5.86
N ARG A 105 4.91 13.00 -6.74
CA ARG A 105 4.19 13.54 -7.92
C ARG A 105 3.01 14.43 -7.48
N ASN A 106 2.37 14.05 -6.36
CA ASN A 106 1.31 14.84 -5.72
C ASN A 106 1.88 16.21 -5.24
N GLN A 107 3.04 16.13 -4.54
CA GLN A 107 3.80 17.31 -4.04
C GLN A 107 4.11 18.27 -5.20
N GLN A 108 4.81 17.73 -6.21
CA GLN A 108 5.33 18.48 -7.37
C GLN A 108 4.20 19.16 -8.14
N ALA A 109 3.18 18.37 -8.51
CA ALA A 109 2.08 18.82 -9.36
C ALA A 109 1.29 19.94 -8.69
N LEU A 110 0.90 19.73 -7.43
CA LEU A 110 0.11 20.72 -6.67
C LEU A 110 0.95 21.95 -6.30
N GLU A 111 2.29 21.79 -6.22
CA GLU A 111 3.22 22.91 -6.00
C GLU A 111 3.15 23.87 -7.20
N VAL A 112 3.22 23.27 -8.41
CA VAL A 112 3.23 23.99 -9.70
C VAL A 112 1.86 24.63 -9.99
N LEU A 113 0.79 23.87 -9.73
CA LEU A 113 -0.61 24.28 -9.99
C LEU A 113 -1.04 25.43 -9.07
N LYS A 114 -0.46 25.45 -7.86
CA LYS A 114 -0.79 26.42 -6.82
C LYS A 114 -0.41 27.86 -7.28
N PRO A 115 -1.39 28.83 -7.20
CA PRO A 115 -1.23 30.22 -7.72
C PRO A 115 0.03 30.93 -7.19
N HIS A 116 0.90 31.37 -8.13
CA HIS A 116 2.25 31.91 -7.83
C HIS A 116 2.19 33.14 -6.91
N GLN A 117 2.94 33.06 -5.77
CA GLN A 117 3.09 34.08 -4.68
C GLN A 117 1.75 34.61 -4.10
N GLU A 118 0.93 35.25 -4.96
CA GLU A 118 -0.45 35.63 -4.66
C GLU A 118 -1.34 34.36 -4.58
N PRO A 119 -1.79 33.95 -3.35
CA PRO A 119 -2.60 32.73 -3.17
C PRO A 119 -4.11 33.01 -3.33
N THR A 120 -4.72 32.39 -4.34
CA THR A 120 -6.14 32.51 -4.62
C THR A 120 -6.96 31.56 -3.73
N LEU A 121 -8.24 31.93 -3.50
CA LEU A 121 -9.21 31.12 -2.72
C LEU A 121 -9.45 29.75 -3.40
N TYR A 122 -9.30 29.73 -4.73
CA TYR A 122 -9.26 28.50 -5.55
C TYR A 122 -8.45 28.83 -6.83
N GLY A 123 -7.16 28.43 -6.83
CA GLY A 123 -6.23 28.79 -7.91
C GLY A 123 -6.42 27.96 -9.18
N ALA A 124 -5.85 26.74 -9.18
CA ALA A 124 -5.87 25.84 -10.35
C ALA A 124 -7.15 24.97 -10.38
N ASP A 125 -7.29 24.15 -11.44
CA ASP A 125 -8.43 23.24 -11.63
C ASP A 125 -8.03 22.09 -12.57
N GLY A 126 -8.94 21.13 -12.74
CA GLY A 126 -8.73 19.98 -13.63
C GLY A 126 -9.66 18.81 -13.30
N GLN A 127 -9.23 17.59 -13.64
CA GLN A 127 -10.01 16.35 -13.41
C GLN A 127 -9.04 15.15 -13.48
N THR A 128 -9.53 13.95 -13.14
CA THR A 128 -8.77 12.69 -13.29
C THR A 128 -8.32 12.50 -14.77
N SER A 129 -7.02 12.27 -14.95
CA SER A 129 -6.40 12.03 -16.26
C SER A 129 -6.17 10.52 -16.46
N VAL A 130 -6.17 10.05 -17.72
CA VAL A 130 -5.77 8.68 -18.08
C VAL A 130 -4.24 8.63 -18.28
N SER A 131 -3.52 9.08 -17.23
CA SER A 131 -2.06 9.08 -17.19
C SER A 131 -1.53 7.64 -17.15
N HIS A 132 -0.37 7.41 -17.77
CA HIS A 132 0.31 6.09 -17.78
C HIS A 132 1.80 6.26 -17.40
N ARG A 133 2.30 7.50 -17.58
CA ARG A 133 3.71 7.86 -17.33
C ARG A 133 4.13 7.61 -15.87
N GLY A 134 3.25 7.97 -14.91
CA GLY A 134 3.51 7.75 -13.49
C GLY A 134 4.60 8.67 -12.93
N GLY A 135 5.55 8.07 -12.19
CA GLY A 135 6.64 8.80 -11.54
C GLY A 135 7.44 7.90 -10.60
N LYS A 136 8.77 8.12 -10.53
CA LYS A 136 9.67 7.32 -9.67
C LYS A 136 10.70 8.24 -8.97
N LYS A 137 10.24 8.86 -7.87
CA LYS A 137 11.09 9.67 -6.97
C LYS A 137 10.62 9.40 -5.53
N ILE A 138 11.52 8.84 -4.70
CA ILE A 138 11.24 8.51 -3.29
C ILE A 138 11.20 9.82 -2.46
N SER A 139 9.98 10.26 -2.07
CA SER A 139 9.77 11.45 -1.24
C SER A 139 8.30 11.55 -0.77
N ILE A 140 8.03 12.50 0.15
CA ILE A 140 6.67 12.78 0.66
C ILE A 140 6.26 14.22 0.29
N VAL A 141 4.97 14.55 0.51
CA VAL A 141 4.42 15.89 0.26
C VAL A 141 4.81 16.86 1.41
N LEU A 142 5.12 18.13 1.03
CA LEU A 142 5.63 19.18 1.95
C LEU A 142 4.67 19.45 3.15
N PHE A 143 3.35 19.28 2.91
CA PHE A 143 2.31 19.46 3.94
C PHE A 143 1.46 18.19 4.07
N GLN A 144 0.91 17.94 5.27
CA GLN A 144 0.04 16.76 5.53
C GLN A 144 -1.37 16.98 4.94
N GLY A 145 -1.74 18.26 4.76
CA GLY A 145 -3.06 18.68 4.28
C GLY A 145 -3.47 19.99 4.94
N PRO A 146 -3.88 21.06 4.19
CA PRO A 146 -4.33 22.33 4.80
C PRO A 146 -5.67 22.14 5.53
N SER A 147 -6.62 21.48 4.81
CA SER A 147 -7.96 21.12 5.31
C SER A 147 -8.69 22.35 5.89
N ALA A 148 -8.73 23.41 5.07
CA ALA A 148 -9.38 24.69 5.39
C ALA A 148 -10.85 24.70 4.92
N GLY A 149 -11.16 23.80 3.96
CA GLY A 149 -12.48 23.67 3.38
C GLY A 149 -12.39 22.84 2.12
N LEU A 150 -12.37 21.50 2.30
CA LEU A 150 -12.13 20.51 1.24
C LEU A 150 -13.07 20.76 0.04
N VAL A 151 -12.52 21.40 -1.00
CA VAL A 151 -13.21 21.65 -2.25
C VAL A 151 -13.41 20.30 -3.00
N PRO A 152 -14.69 19.87 -3.28
CA PRO A 152 -14.99 18.63 -4.05
C PRO A 152 -14.38 18.62 -5.46
N ARG A 153 -14.21 19.83 -6.00
CA ARG A 153 -13.73 20.07 -7.37
C ARG A 153 -12.19 20.16 -7.41
N GLY A 154 -11.55 20.15 -6.22
CA GLY A 154 -10.11 20.40 -6.08
C GLY A 154 -9.22 19.20 -6.40
N SER A 155 -9.21 18.83 -7.68
CA SER A 155 -8.43 17.69 -8.20
C SER A 155 -8.02 17.98 -9.63
N GLY A 156 -6.98 17.28 -10.12
CA GLY A 156 -6.54 17.40 -11.50
C GLY A 156 -5.09 17.00 -11.69
N GLY A 157 -4.39 17.77 -12.53
CA GLY A 157 -2.99 17.54 -12.84
C GLY A 157 -2.40 18.69 -13.63
N ILE A 158 -1.14 18.55 -14.06
CA ILE A 158 -0.42 19.56 -14.84
C ILE A 158 -0.99 19.62 -16.28
N GLU A 159 -2.03 20.46 -16.45
CA GLU A 159 -2.72 20.66 -17.73
C GLU A 159 -3.69 21.84 -17.60
N GLY A 160 -3.78 22.67 -18.66
CA GLY A 160 -4.63 23.86 -18.69
C GLY A 160 -4.00 25.03 -17.93
N MET A 161 -3.90 24.86 -16.61
CA MET A 161 -3.22 25.82 -15.73
C MET A 161 -1.71 25.66 -15.85
N ALA A 162 -1.11 26.40 -16.81
CA ALA A 162 0.36 26.54 -16.93
C ALA A 162 0.84 27.57 -15.90
N GLN A 163 0.74 27.18 -14.63
CA GLN A 163 1.07 28.03 -13.48
C GLN A 163 2.52 27.77 -13.06
N HIS A 164 3.18 28.83 -12.54
CA HIS A 164 4.60 28.79 -12.16
C HIS A 164 4.80 27.99 -10.85
N GLY A 165 3.91 28.24 -9.87
CA GLY A 165 3.96 27.58 -8.56
C GLY A 165 4.14 28.57 -7.42
N ALA A 166 3.90 28.12 -6.16
CA ALA A 166 4.02 28.98 -4.97
C ALA A 166 4.55 28.21 -3.77
N LEU A 167 4.64 28.89 -2.63
CA LEU A 167 4.94 28.29 -1.31
C LEU A 167 3.68 28.31 -0.43
N GLU A 168 2.95 29.45 -0.48
CA GLU A 168 1.74 29.70 0.33
C GLU A 168 0.56 28.86 -0.17
N THR A 169 0.07 27.96 0.71
CA THR A 169 -1.05 27.04 0.42
C THR A 169 -2.25 27.39 1.30
N LEU A 170 -3.32 27.95 0.70
CA LEU A 170 -4.55 28.29 1.44
C LEU A 170 -5.54 27.12 1.40
N LYS A 171 -6.16 26.93 0.21
CA LYS A 171 -7.32 26.04 0.05
C LYS A 171 -7.58 25.84 -1.47
N ASP A 172 -6.61 25.21 -2.13
CA ASP A 172 -6.58 25.01 -3.60
C ASP A 172 -6.90 23.53 -3.93
N LEU A 173 -6.36 23.00 -5.05
CA LEU A 173 -6.48 21.56 -5.40
C LEU A 173 -5.91 20.66 -4.29
N ALA A 174 -4.98 21.24 -3.49
CA ALA A 174 -4.33 20.61 -2.32
C ALA A 174 -5.33 19.92 -1.37
N GLU A 175 -6.55 20.48 -1.25
CA GLU A 175 -7.62 19.98 -0.36
C GLU A 175 -8.00 18.53 -0.70
N LYS A 176 -8.79 18.35 -1.79
CA LYS A 176 -9.28 17.04 -2.24
C LYS A 176 -8.11 16.12 -2.60
N GLU A 177 -7.14 16.65 -3.36
CA GLU A 177 -6.05 15.84 -3.92
C GLU A 177 -5.16 15.22 -2.81
N VAL A 178 -4.68 16.03 -1.83
CA VAL A 178 -3.79 15.51 -0.74
C VAL A 178 -4.58 14.71 0.31
N ASP A 179 -5.78 15.20 0.70
CA ASP A 179 -6.60 14.48 1.69
C ASP A 179 -6.91 13.07 1.18
N ASP A 180 -7.56 13.02 0.01
CA ASP A 180 -8.05 11.77 -0.60
C ASP A 180 -6.84 10.87 -0.93
N ALA A 181 -5.93 11.36 -1.82
CA ALA A 181 -4.79 10.55 -2.27
C ALA A 181 -3.88 10.21 -1.11
N ALA A 182 -3.25 11.22 -0.49
CA ALA A 182 -2.12 10.99 0.43
C ALA A 182 -2.54 10.30 1.75
N ARG A 183 -3.82 10.47 2.20
CA ARG A 183 -4.30 9.70 3.38
C ARG A 183 -4.52 8.24 2.95
N LEU A 184 -5.10 8.00 1.73
CA LEU A 184 -5.21 6.63 1.18
C LEU A 184 -3.82 5.99 1.02
N LEU A 185 -2.85 6.81 0.53
CA LEU A 185 -1.47 6.38 0.29
C LEU A 185 -0.75 6.12 1.63
N GLY A 186 -1.20 6.83 2.68
CA GLY A 186 -0.68 6.66 4.04
C GLY A 186 -1.18 5.39 4.73
N GLU A 187 -2.49 5.09 4.55
CA GLU A 187 -3.11 3.85 5.10
C GLU A 187 -2.52 2.63 4.37
N MET A 188 -2.28 2.80 3.07
CA MET A 188 -1.73 1.76 2.20
C MET A 188 -0.23 1.57 2.46
N ARG A 189 0.49 2.67 2.76
CA ARG A 189 1.93 2.60 3.04
C ARG A 189 2.15 1.87 4.37
N ARG A 190 1.52 2.39 5.44
CA ARG A 190 1.63 1.83 6.81
C ARG A 190 1.17 0.37 6.84
N GLY A 191 -0.02 0.13 6.25
CA GLY A 191 -0.62 -1.19 6.20
C GLY A 191 0.26 -2.20 5.47
N CYS A 192 0.76 -1.82 4.28
CA CYS A 192 1.59 -2.70 3.43
C CYS A 192 2.96 -3.01 4.06
N GLN A 193 3.61 -2.00 4.66
CA GLN A 193 4.99 -2.13 5.19
C GLN A 193 5.00 -2.92 6.50
N GLN A 194 3.97 -2.74 7.33
CA GLN A 194 3.80 -3.48 8.59
C GLN A 194 3.41 -4.94 8.28
N ALA A 195 2.54 -5.11 7.26
CA ALA A 195 2.19 -6.41 6.70
C ALA A 195 3.42 -7.11 6.16
N GLU A 196 4.29 -6.33 5.46
CA GLU A 196 5.55 -6.82 4.87
C GLU A 196 6.48 -7.37 5.95
N GLU A 197 6.57 -6.63 7.08
CA GLU A 197 7.29 -7.05 8.30
C GLU A 197 6.81 -8.46 8.74
N GLN A 198 5.47 -8.63 8.75
CA GLN A 198 4.85 -9.92 9.10
C GLN A 198 5.13 -11.00 8.03
N LEU A 199 5.09 -10.62 6.73
CA LEU A 199 5.32 -11.57 5.62
C LEU A 199 6.77 -12.08 5.64
N LYS A 200 7.69 -11.20 6.09
CA LYS A 200 9.12 -11.49 6.17
C LYS A 200 9.41 -12.47 7.32
N MET A 201 8.83 -12.21 8.53
CA MET A 201 8.99 -13.15 9.68
C MET A 201 8.32 -14.50 9.40
N LEU A 202 7.29 -14.51 8.51
CA LEU A 202 6.65 -15.76 8.05
C LEU A 202 7.64 -16.58 7.20
N ILE A 203 8.18 -15.97 6.12
CA ILE A 203 9.11 -16.63 5.18
C ILE A 203 10.47 -16.95 5.85
N ASP A 204 10.75 -16.29 6.98
CA ASP A 204 11.95 -16.59 7.80
C ASP A 204 11.68 -17.83 8.68
N TYR A 205 10.63 -17.77 9.52
CA TYR A 205 10.41 -18.74 10.63
C TYR A 205 9.76 -20.07 10.12
N GLN A 206 9.25 -20.05 8.88
CA GLN A 206 8.54 -21.19 8.22
C GLN A 206 9.31 -22.53 8.13
N ASN A 207 10.62 -22.56 8.52
CA ASN A 207 11.43 -23.81 8.57
C ASN A 207 10.64 -24.92 9.28
N GLU A 208 10.64 -26.12 8.66
CA GLU A 208 9.67 -27.19 8.94
C GLU A 208 9.59 -27.51 10.45
N TYR A 209 8.36 -27.65 10.90
CA TYR A 209 7.92 -27.55 12.32
C TYR A 209 7.88 -28.95 12.98
N ARG A 210 8.81 -29.85 12.57
CA ARG A 210 8.97 -31.22 13.11
C ARG A 210 8.98 -31.21 14.65
N SER A 211 9.97 -30.50 15.22
CA SER A 211 10.12 -30.22 16.68
C SER A 211 10.21 -31.51 17.53
N ASN A 212 9.05 -32.16 17.74
CA ASN A 212 8.97 -33.46 18.40
C ASN A 212 9.02 -34.56 17.34
N LEU A 213 10.17 -35.26 17.26
CA LEU A 213 10.36 -36.39 16.33
C LEU A 213 9.60 -37.64 16.84
N ASN A 214 9.71 -37.88 18.15
CA ASN A 214 9.08 -39.04 18.82
C ASN A 214 8.44 -38.57 20.14
#